data_4BS2
#
_entry.id   4BS2
#
_cell.length_a   1.000
_cell.length_b   1.000
_cell.length_c   1.000
_cell.angle_alpha   90.00
_cell.angle_beta   90.00
_cell.angle_gamma   90.00
#
_symmetry.space_group_name_H-M   'P 1'
#
loop_
_entity.id
_entity.type
_entity.pdbx_description
1 polymer 'TAR DNA-BINDING PROTEIN 43'
2 polymer "5'-R(*GP*UP*GP*UP*GP*AP*AP*UP*GP*AP*AP*UP)-3'"
#
loop_
_entity_poly.entity_id
_entity_poly.type
_entity_poly.pdbx_seq_one_letter_code
_entity_poly.pdbx_strand_id
1 'polypeptide(L)'
;GSHMASKTSDLIVLGLPWKTTEQDLKEYFSTFGEVLMVQVKKDLKTGHSKGFGFVRFTEYETQVKVMSQRHMIDGRWCDC
KLPNSKQSQDEPLRSRKVFVGRCTEDMTEDELREFFSQYGDVMDVFIPKPFRAFAFVTFADDQIAQSLCGEDLIIKGISV
HISNAEPKHNSNRQ
;
A
2 'polyribonucleotide' GUGUGAAUGAAU B
#
loop_
_chem_comp.id
_chem_comp.type
_chem_comp.name
_chem_comp.formula
A RNA linking ADENOSINE-5'-MONOPHOSPHATE 'C10 H14 N5 O7 P'
G RNA linking GUANOSINE-5'-MONOPHOSPHATE 'C10 H14 N5 O8 P'
U RNA linking URIDINE-5'-MONOPHOSPHATE 'C9 H13 N2 O9 P'
#
# COMPACT_ATOMS: atom_id res chain seq x y z
N GLY A 1 -12.34 27.08 -1.54
CA GLY A 1 -13.11 25.83 -1.64
C GLY A 1 -14.23 25.79 -0.60
N SER A 2 -14.76 24.60 -0.33
CA SER A 2 -15.85 24.41 0.62
C SER A 2 -15.71 23.09 1.38
N HIS A 3 -14.57 22.41 1.21
CA HIS A 3 -14.29 21.14 1.87
C HIS A 3 -12.78 20.96 2.01
N MET A 4 -12.34 19.83 2.55
CA MET A 4 -10.94 19.56 2.80
C MET A 4 -10.62 18.08 2.61
N ALA A 5 -9.32 17.76 2.59
CA ALA A 5 -8.84 16.39 2.45
C ALA A 5 -7.40 16.29 2.95
N SER A 6 -6.84 15.08 2.91
CA SER A 6 -5.48 14.81 3.34
C SER A 6 -4.93 13.61 2.56
N LYS A 7 -3.67 13.24 2.78
CA LYS A 7 -3.06 12.10 2.12
C LYS A 7 -3.87 10.84 2.38
N THR A 8 -3.84 9.90 1.44
CA THR A 8 -4.63 8.68 1.54
C THR A 8 -3.77 7.50 1.95
N SER A 9 -4.42 6.49 2.53
CA SER A 9 -3.77 5.30 3.06
C SER A 9 -4.78 4.17 3.10
N ASP A 10 -4.36 2.98 3.54
CA ASP A 10 -5.30 1.87 3.69
C ASP A 10 -5.83 1.85 5.11
N LEU A 11 -7.10 1.48 5.29
CA LEU A 11 -7.63 1.26 6.62
C LEU A 11 -7.25 -0.15 7.05
N ILE A 12 -6.78 -0.29 8.29
CA ILE A 12 -6.62 -1.62 8.87
C ILE A 12 -8.01 -2.12 9.21
N VAL A 13 -8.18 -3.45 9.21
CA VAL A 13 -9.45 -4.08 9.53
C VAL A 13 -9.21 -5.07 10.66
N LEU A 14 -9.13 -4.53 11.88
CA LEU A 14 -8.83 -5.28 13.08
C LEU A 14 -10.06 -6.03 13.58
N GLY A 15 -9.85 -7.17 14.25
CA GLY A 15 -10.95 -7.88 14.90
C GLY A 15 -11.61 -8.94 14.02
N LEU A 16 -10.98 -9.32 12.91
CA LEU A 16 -11.53 -10.35 12.04
C LEU A 16 -11.71 -11.66 12.80
N PRO A 17 -12.67 -12.50 12.39
CA PRO A 17 -12.93 -13.81 12.97
C PRO A 17 -11.85 -14.84 12.61
N TRP A 18 -10.73 -14.38 12.05
CA TRP A 18 -9.60 -15.22 11.65
C TRP A 18 -9.99 -16.29 10.61
N LYS A 19 -11.17 -16.16 9.99
CA LYS A 19 -11.64 -17.14 9.00
C LYS A 19 -12.29 -16.51 7.77
N THR A 20 -12.72 -15.24 7.86
CA THR A 20 -13.28 -14.54 6.70
C THR A 20 -12.24 -14.43 5.59
N THR A 21 -12.68 -14.56 4.34
CA THR A 21 -11.80 -14.42 3.19
C THR A 21 -11.53 -12.94 2.91
N GLU A 22 -10.76 -12.64 1.87
CA GLU A 22 -10.35 -11.28 1.56
C GLU A 22 -11.43 -10.52 0.79
N GLN A 23 -12.05 -11.20 -0.18
CA GLN A 23 -13.05 -10.53 -0.98
C GLN A 23 -14.22 -10.13 -0.10
N ASP A 24 -14.67 -11.01 0.80
CA ASP A 24 -15.79 -10.72 1.69
C ASP A 24 -15.64 -9.37 2.40
N LEU A 25 -14.41 -8.91 2.60
CA LEU A 25 -14.20 -7.57 3.12
C LEU A 25 -14.60 -6.55 2.07
N LYS A 26 -14.14 -6.71 0.82
CA LYS A 26 -14.53 -5.74 -0.22
C LYS A 26 -16.03 -5.81 -0.53
N GLU A 27 -16.63 -6.99 -0.39
CA GLU A 27 -18.06 -7.20 -0.60
C GLU A 27 -18.93 -6.36 0.32
N TYR A 28 -18.32 -5.73 1.34
CA TYR A 28 -19.07 -4.88 2.25
C TYR A 28 -18.48 -3.48 2.33
N PHE A 29 -17.16 -3.34 2.13
CA PHE A 29 -16.54 -2.02 2.12
C PHE A 29 -17.04 -1.17 0.95
N SER A 30 -17.66 -1.80 -0.04
CA SER A 30 -18.27 -1.10 -1.17
C SER A 30 -19.43 -0.21 -0.72
N THR A 31 -19.83 -0.30 0.56
CA THR A 31 -20.90 0.51 1.10
C THR A 31 -20.49 1.98 1.29
N PHE A 32 -19.20 2.30 1.10
CA PHE A 32 -18.70 3.64 1.32
C PHE A 32 -18.18 4.29 0.04
N GLY A 33 -17.63 3.50 -0.87
CA GLY A 33 -17.08 4.01 -2.12
C GLY A 33 -17.07 2.93 -3.20
N GLU A 34 -15.89 2.71 -3.80
CA GLU A 34 -15.73 1.77 -4.90
C GLU A 34 -14.64 0.73 -4.64
N VAL A 35 -13.97 0.85 -3.49
CA VAL A 35 -12.93 -0.08 -3.02
C VAL A 35 -11.96 -0.50 -4.11
N LEU A 36 -10.86 0.24 -4.27
CA LEU A 36 -9.84 -0.08 -5.25
C LEU A 36 -9.31 -1.50 -5.02
N MET A 37 -9.18 -1.91 -3.75
CA MET A 37 -8.73 -3.25 -3.42
C MET A 37 -8.84 -3.54 -1.92
N VAL A 38 -8.55 -4.80 -1.58
CA VAL A 38 -8.47 -5.30 -0.22
C VAL A 38 -7.30 -6.29 -0.14
N GLN A 39 -6.75 -6.49 1.06
CA GLN A 39 -5.63 -7.39 1.24
C GLN A 39 -5.58 -7.85 2.69
N VAL A 40 -6.03 -9.07 2.98
CA VAL A 40 -5.97 -9.63 4.31
C VAL A 40 -4.51 -9.83 4.68
N LYS A 41 -4.16 -9.52 5.92
CA LYS A 41 -2.79 -9.62 6.39
C LYS A 41 -2.68 -10.40 7.70
N LYS A 42 -1.62 -11.19 7.79
CA LYS A 42 -1.34 -12.09 8.90
C LYS A 42 0.17 -12.41 8.95
N ASP A 43 0.53 -13.44 9.72
CA ASP A 43 1.91 -13.79 9.99
C ASP A 43 2.63 -14.29 8.73
N LEU A 44 3.91 -14.65 8.88
CA LEU A 44 4.76 -15.06 7.77
C LEU A 44 5.26 -16.49 7.96
N LYS A 45 5.24 -16.99 9.20
CA LYS A 45 5.64 -18.34 9.51
C LYS A 45 4.51 -19.16 10.14
N THR A 46 3.43 -18.49 10.57
CA THR A 46 2.26 -19.16 11.13
C THR A 46 1.02 -18.91 10.26
N GLY A 47 1.02 -17.79 9.54
CA GLY A 47 -0.12 -17.37 8.75
C GLY A 47 -1.33 -17.06 9.62
N HIS A 48 -1.12 -16.87 10.94
CA HIS A 48 -2.22 -16.81 11.89
C HIS A 48 -2.01 -15.82 13.06
N SER A 49 -1.24 -14.74 12.88
CA SER A 49 -0.87 -13.92 14.03
C SER A 49 -1.05 -12.41 13.87
N LYS A 50 -1.81 -11.91 12.88
CA LYS A 50 -2.14 -10.49 12.89
C LYS A 50 -3.65 -10.28 12.83
N GLY A 51 -4.40 -11.34 12.46
CA GLY A 51 -5.86 -11.36 12.49
C GLY A 51 -6.53 -10.10 11.94
N PHE A 52 -5.97 -9.50 10.89
CA PHE A 52 -6.52 -8.25 10.38
C PHE A 52 -6.42 -8.17 8.86
N GLY A 53 -6.84 -7.03 8.30
CA GLY A 53 -6.78 -6.83 6.87
C GLY A 53 -6.51 -5.38 6.52
N PHE A 54 -6.48 -5.14 5.21
CA PHE A 54 -6.37 -3.80 4.67
C PHE A 54 -7.38 -3.61 3.56
N VAL A 55 -7.90 -2.39 3.49
CA VAL A 55 -8.78 -1.95 2.41
C VAL A 55 -8.36 -0.56 1.95
N ARG A 56 -8.57 -0.26 0.66
CA ARG A 56 -8.16 1.01 0.07
C ARG A 56 -9.24 1.50 -0.90
N PHE A 57 -9.42 2.83 -0.93
CA PHE A 57 -10.50 3.47 -1.66
C PHE A 57 -9.96 4.53 -2.64
N THR A 58 -10.85 5.04 -3.49
CA THR A 58 -10.54 6.00 -4.53
C THR A 58 -10.34 7.42 -4.00
N GLU A 59 -10.82 7.68 -2.78
CA GLU A 59 -10.71 8.99 -2.15
C GLU A 59 -10.41 8.92 -0.65
N TYR A 60 -10.12 10.08 -0.07
CA TYR A 60 -9.74 10.18 1.33
C TYR A 60 -10.96 10.16 2.25
N GLU A 61 -12.04 10.81 1.84
CA GLU A 61 -13.26 10.85 2.63
C GLU A 61 -13.73 9.44 2.94
N THR A 62 -13.62 8.55 1.95
CA THR A 62 -14.04 7.17 2.10
C THR A 62 -13.14 6.40 3.08
N GLN A 63 -12.13 7.08 3.63
CA GLN A 63 -11.20 6.46 4.56
C GLN A 63 -11.32 7.13 5.92
N VAL A 64 -12.27 8.07 6.08
CA VAL A 64 -12.46 8.74 7.36
C VAL A 64 -13.88 8.56 7.89
N LYS A 65 -14.80 8.04 7.07
CA LYS A 65 -16.16 7.77 7.52
C LYS A 65 -16.31 6.33 8.02
N VAL A 66 -15.48 5.40 7.56
CA VAL A 66 -15.52 4.02 8.05
C VAL A 66 -14.98 3.96 9.47
N MET A 67 -13.94 4.73 9.76
CA MET A 67 -13.31 4.74 11.08
C MET A 67 -14.17 5.48 12.10
N SER A 68 -15.30 6.04 11.69
CA SER A 68 -16.20 6.75 12.59
C SER A 68 -16.94 5.78 13.51
N GLN A 69 -16.95 4.49 13.19
CA GLN A 69 -17.62 3.49 14.01
C GLN A 69 -17.17 2.06 13.63
N ARG A 70 -17.69 1.07 14.35
CA ARG A 70 -17.39 -0.34 14.13
C ARG A 70 -18.20 -0.91 12.96
N HIS A 71 -17.96 -2.17 12.63
CA HIS A 71 -18.65 -2.84 11.54
C HIS A 71 -18.80 -4.33 11.85
N MET A 72 -19.78 -4.98 11.22
CA MET A 72 -20.01 -6.40 11.41
C MET A 72 -19.60 -7.15 10.14
N ILE A 73 -18.61 -8.04 10.28
CA ILE A 73 -18.13 -8.87 9.18
C ILE A 73 -18.28 -10.34 9.54
N ASP A 74 -18.98 -11.07 8.66
CA ASP A 74 -19.23 -12.50 8.78
C ASP A 74 -19.90 -12.89 10.10
N GLY A 75 -20.40 -11.89 10.84
CA GLY A 75 -21.07 -12.10 12.11
C GLY A 75 -20.16 -11.79 13.29
N ARG A 76 -19.12 -10.99 13.06
CA ARG A 76 -18.14 -10.64 14.08
C ARG A 76 -17.88 -9.14 14.04
N TRP A 77 -17.90 -8.51 15.22
CA TRP A 77 -17.61 -7.09 15.32
C TRP A 77 -16.13 -6.85 15.11
N CYS A 78 -15.84 -5.89 14.24
CA CYS A 78 -14.49 -5.48 13.88
C CYS A 78 -14.38 -3.96 13.86
N ASP A 79 -13.19 -3.43 13.63
CA ASP A 79 -12.95 -2.00 13.60
C ASP A 79 -12.09 -1.64 12.40
N CYS A 80 -12.16 -0.38 11.98
CA CYS A 80 -11.33 0.12 10.90
C CYS A 80 -10.75 1.47 11.30
N LYS A 81 -9.47 1.70 10.97
CA LYS A 81 -8.76 2.92 11.36
C LYS A 81 -7.48 3.10 10.56
N LEU A 82 -6.71 4.14 10.89
CA LEU A 82 -5.48 4.47 10.20
C LEU A 82 -4.31 3.78 10.92
N PRO A 83 -3.50 2.99 10.21
CA PRO A 83 -2.35 2.30 10.78
C PRO A 83 -1.25 3.23 11.25
N ASN A 84 -0.29 2.65 11.99
CA ASN A 84 0.83 3.32 12.63
C ASN A 84 2.02 3.56 11.68
N SER A 85 1.81 3.50 10.37
CA SER A 85 2.91 3.63 9.42
C SER A 85 2.57 4.57 8.25
N LYS A 86 1.45 5.29 8.31
CA LYS A 86 1.04 6.20 7.25
C LYS A 86 0.41 7.48 7.84
N GLN A 87 -0.10 8.36 6.98
CA GLN A 87 -0.67 9.64 7.36
C GLN A 87 0.35 10.48 8.15
N SER A 88 1.64 10.27 7.85
CA SER A 88 2.77 10.92 8.52
C SER A 88 3.87 11.25 7.53
N GLN A 89 3.50 11.89 6.42
CA GLN A 89 4.43 12.27 5.36
C GLN A 89 4.22 13.72 4.94
N ASP A 90 5.11 14.24 4.09
CA ASP A 90 5.03 15.60 3.61
C ASP A 90 5.59 15.71 2.20
N GLU A 91 6.79 15.13 2.00
CA GLU A 91 7.46 15.16 0.71
C GLU A 91 8.67 14.23 0.68
N PRO A 92 8.92 13.60 -0.48
CA PRO A 92 10.10 12.78 -0.75
C PRO A 92 11.28 13.66 -1.19
N LEU A 93 12.32 13.04 -1.77
CA LEU A 93 13.50 13.72 -2.26
C LEU A 93 13.78 13.32 -3.72
N ARG A 94 14.75 14.00 -4.35
CA ARG A 94 15.07 13.77 -5.75
C ARG A 94 15.94 12.53 -5.94
N SER A 95 15.66 11.76 -6.99
CA SER A 95 16.40 10.55 -7.33
C SER A 95 15.89 9.95 -8.62
N ARG A 96 16.55 8.88 -9.11
CA ARG A 96 16.06 8.07 -10.22
C ARG A 96 15.73 6.68 -9.70
N LYS A 97 15.88 6.46 -8.39
CA LYS A 97 15.52 5.20 -7.75
C LYS A 97 14.49 5.44 -6.67
N VAL A 98 13.72 4.40 -6.37
CA VAL A 98 12.72 4.43 -5.31
C VAL A 98 12.77 3.09 -4.57
N PHE A 99 12.15 3.04 -3.39
CA PHE A 99 12.13 1.86 -2.54
C PHE A 99 10.68 1.46 -2.28
N VAL A 100 10.47 0.18 -1.97
CA VAL A 100 9.14 -0.37 -1.79
C VAL A 100 9.04 -1.08 -0.44
N GLY A 101 7.84 -1.13 0.13
CA GLY A 101 7.59 -1.76 1.42
C GLY A 101 6.28 -2.54 1.44
N ARG A 102 6.07 -3.34 2.50
CA ARG A 102 4.91 -4.21 2.66
C ARG A 102 4.79 -5.19 1.49
N CYS A 103 5.89 -5.42 0.77
CA CYS A 103 5.93 -6.29 -0.38
C CYS A 103 5.47 -7.70 -0.01
N THR A 104 5.08 -8.49 -1.03
CA THR A 104 4.59 -9.85 -0.84
C THR A 104 5.14 -10.75 -1.93
N GLU A 105 4.98 -12.07 -1.76
CA GLU A 105 5.46 -13.04 -2.73
C GLU A 105 4.50 -13.15 -3.92
N ASP A 106 3.35 -12.47 -3.87
CA ASP A 106 2.36 -12.51 -4.93
C ASP A 106 2.85 -11.78 -6.18
N MET A 107 3.78 -10.83 -6.02
CA MET A 107 4.37 -10.10 -7.13
C MET A 107 5.84 -10.46 -7.34
N THR A 108 6.45 -9.89 -8.39
CA THR A 108 7.85 -10.10 -8.70
C THR A 108 8.42 -8.96 -9.54
N GLU A 109 9.74 -8.95 -9.71
CA GLU A 109 10.50 -7.87 -10.34
C GLU A 109 9.87 -7.33 -11.61
N ASP A 110 9.58 -8.21 -12.56
CA ASP A 110 8.99 -7.85 -13.83
C ASP A 110 7.62 -7.22 -13.64
N GLU A 111 6.80 -7.76 -12.73
CA GLU A 111 5.44 -7.25 -12.53
C GLU A 111 5.46 -5.85 -11.93
N LEU A 112 6.46 -5.56 -11.08
CA LEU A 112 6.64 -4.22 -10.57
C LEU A 112 6.95 -3.26 -11.71
N ARG A 113 7.95 -3.57 -12.54
CA ARG A 113 8.34 -2.73 -13.65
C ARG A 113 7.20 -2.56 -14.65
N GLU A 114 6.33 -3.56 -14.77
CA GLU A 114 5.22 -3.51 -15.70
C GLU A 114 4.11 -2.58 -15.19
N PHE A 115 4.11 -2.33 -13.89
CA PHE A 115 3.15 -1.45 -13.26
C PHE A 115 3.72 -0.04 -13.09
N PHE A 116 5.03 0.07 -12.83
CA PHE A 116 5.67 1.37 -12.66
C PHE A 116 5.78 2.12 -13.99
N SER A 117 5.75 1.40 -15.12
CA SER A 117 5.89 2.01 -16.44
C SER A 117 4.70 2.87 -16.84
N GLN A 118 3.60 2.86 -16.06
CA GLN A 118 2.44 3.66 -16.39
C GLN A 118 2.68 5.13 -16.06
N TYR A 119 3.58 5.39 -15.10
CA TYR A 119 3.86 6.74 -14.64
C TYR A 119 4.94 7.41 -15.48
N GLY A 120 5.66 6.65 -16.31
CA GLY A 120 6.64 7.20 -17.22
C GLY A 120 7.40 6.08 -17.93
N ASP A 121 8.63 5.82 -17.49
CA ASP A 121 9.44 4.73 -18.02
C ASP A 121 10.32 4.18 -16.91
N VAL A 122 10.51 2.86 -16.89
CA VAL A 122 11.25 2.16 -15.86
C VAL A 122 12.55 1.60 -16.44
N MET A 123 13.64 1.76 -15.71
CA MET A 123 14.93 1.23 -16.14
C MET A 123 15.10 -0.19 -15.65
N ASP A 124 14.67 -0.47 -14.41
CA ASP A 124 14.81 -1.80 -13.81
C ASP A 124 14.08 -1.86 -12.47
N VAL A 125 14.05 -3.06 -11.90
CA VAL A 125 13.52 -3.34 -10.57
C VAL A 125 14.45 -4.36 -9.92
N PHE A 126 14.60 -4.27 -8.61
CA PHE A 126 15.50 -5.19 -7.89
C PHE A 126 14.86 -5.68 -6.60
N ILE A 127 15.08 -6.96 -6.30
CA ILE A 127 14.58 -7.61 -5.10
C ILE A 127 15.62 -8.65 -4.65
N PRO A 128 16.27 -8.43 -3.50
CA PRO A 128 17.25 -9.36 -2.95
C PRO A 128 16.56 -10.60 -2.39
N LYS A 129 17.36 -11.60 -1.98
CA LYS A 129 16.82 -12.85 -1.45
C LYS A 129 17.42 -13.14 -0.07
N PRO A 130 16.70 -13.91 0.76
CA PRO A 130 15.37 -14.42 0.48
C PRO A 130 14.33 -13.30 0.53
N PHE A 131 13.10 -13.61 0.11
CA PHE A 131 12.03 -12.62 0.03
C PHE A 131 11.79 -11.93 1.36
N ARG A 132 11.58 -10.61 1.32
CA ARG A 132 11.34 -9.77 2.50
C ARG A 132 10.30 -8.71 2.14
N ALA A 133 9.91 -7.91 3.12
CA ALA A 133 8.85 -6.92 2.99
C ALA A 133 9.22 -5.72 2.11
N PHE A 134 10.26 -5.81 1.27
CA PHE A 134 10.73 -4.65 0.52
C PHE A 134 11.26 -4.98 -0.87
N ALA A 135 11.59 -3.93 -1.62
CA ALA A 135 12.13 -3.99 -2.96
C ALA A 135 12.65 -2.61 -3.38
N PHE A 136 13.13 -2.49 -4.62
CA PHE A 136 13.58 -1.24 -5.20
C PHE A 136 13.13 -1.14 -6.65
N VAL A 137 13.22 0.05 -7.23
CA VAL A 137 12.92 0.29 -8.63
C VAL A 137 13.73 1.48 -9.13
N THR A 138 14.04 1.50 -10.43
CA THR A 138 14.71 2.63 -11.05
C THR A 138 13.85 3.19 -12.18
N PHE A 139 13.85 4.52 -12.32
CA PHE A 139 13.08 5.23 -13.33
C PHE A 139 14.00 5.93 -14.33
N ALA A 140 13.41 6.37 -15.45
CA ALA A 140 14.15 7.00 -16.53
C ALA A 140 14.33 8.50 -16.30
N ASP A 141 13.60 9.05 -15.33
CA ASP A 141 13.68 10.48 -15.03
C ASP A 141 13.84 10.74 -13.55
N ASP A 142 14.48 11.86 -13.22
CA ASP A 142 14.74 12.22 -11.83
C ASP A 142 13.53 12.88 -11.19
N GLN A 143 12.40 12.95 -11.92
CA GLN A 143 11.19 13.58 -11.42
C GLN A 143 10.08 12.55 -11.21
N ILE A 144 10.11 11.44 -11.93
CA ILE A 144 9.11 10.40 -11.75
C ILE A 144 9.35 9.69 -10.41
N ALA A 145 10.62 9.43 -10.08
CA ALA A 145 11.00 8.80 -8.83
C ALA A 145 11.00 9.81 -7.66
N GLN A 146 10.55 11.04 -7.93
CA GLN A 146 10.43 12.09 -6.94
C GLN A 146 8.97 12.54 -6.84
N SER A 147 8.10 11.88 -7.62
CA SER A 147 6.67 12.18 -7.68
C SER A 147 5.86 10.90 -7.53
N LEU A 148 6.51 9.82 -7.10
CA LEU A 148 5.87 8.53 -6.87
C LEU A 148 6.18 7.96 -5.49
N CYS A 149 7.12 8.58 -4.77
CA CYS A 149 7.50 8.10 -3.45
C CYS A 149 6.44 8.48 -2.41
N GLY A 150 6.25 7.61 -1.41
CA GLY A 150 5.29 7.80 -0.34
C GLY A 150 3.83 7.74 -0.81
N GLU A 151 3.56 7.31 -2.04
CA GLU A 151 2.21 7.37 -2.60
C GLU A 151 1.33 6.16 -2.26
N ASP A 152 1.81 5.23 -1.43
CA ASP A 152 1.04 4.04 -1.05
C ASP A 152 0.38 3.39 -2.27
N LEU A 153 1.22 2.91 -3.20
CA LEU A 153 0.80 2.36 -4.48
C LEU A 153 0.10 1.00 -4.33
N ILE A 154 -0.31 0.42 -5.45
CA ILE A 154 -1.01 -0.86 -5.51
C ILE A 154 -0.48 -1.67 -6.68
N ILE A 155 -0.30 -2.99 -6.49
CA ILE A 155 0.21 -3.87 -7.52
C ILE A 155 -0.63 -5.15 -7.58
N LYS A 156 -1.41 -5.30 -8.66
CA LYS A 156 -2.33 -6.42 -8.90
C LYS A 156 -3.36 -6.62 -7.79
N GLY A 157 -3.42 -5.68 -6.84
CA GLY A 157 -4.33 -5.76 -5.70
C GLY A 157 -3.56 -5.78 -4.38
N ILE A 158 -2.23 -5.68 -4.45
CA ILE A 158 -1.38 -5.64 -3.28
C ILE A 158 -0.93 -4.21 -3.05
N SER A 159 -1.51 -3.55 -2.05
CA SER A 159 -1.09 -2.21 -1.69
C SER A 159 0.34 -2.28 -1.15
N VAL A 160 1.26 -1.57 -1.80
CA VAL A 160 2.64 -1.50 -1.33
C VAL A 160 3.02 -0.06 -1.01
N HIS A 161 3.78 0.08 0.08
CA HIS A 161 4.32 1.37 0.49
C HIS A 161 5.51 1.69 -0.39
N ILE A 162 5.86 2.97 -0.48
CA ILE A 162 6.98 3.42 -1.28
C ILE A 162 7.75 4.45 -0.45
N SER A 163 9.08 4.48 -0.59
CA SER A 163 9.88 5.41 0.20
C SER A 163 11.16 5.78 -0.54
N ASN A 164 11.94 6.67 0.08
CA ASN A 164 13.17 7.21 -0.49
C ASN A 164 14.30 6.20 -0.43
N ALA A 165 14.64 5.57 -1.56
CA ALA A 165 15.77 4.69 -1.63
C ALA A 165 17.03 5.45 -1.24
N GLU A 166 18.03 4.71 -0.77
CA GLU A 166 19.28 5.27 -0.31
C GLU A 166 20.44 4.48 -0.92
N PRO A 167 21.48 5.16 -1.41
CA PRO A 167 22.56 4.54 -2.14
C PRO A 167 23.49 3.72 -1.25
N LYS A 168 23.62 2.43 -1.56
CA LYS A 168 24.63 1.56 -0.96
C LYS A 168 25.89 1.56 -1.82
N HIS A 169 25.83 2.29 -2.95
CA HIS A 169 26.95 2.55 -3.84
C HIS A 169 26.61 3.78 -4.67
N ASN A 170 27.61 4.43 -5.27
CA ASN A 170 27.44 5.66 -6.03
C ASN A 170 26.73 6.73 -5.18
N SER A 171 26.31 7.83 -5.81
CA SER A 171 25.63 8.94 -5.14
C SER A 171 24.61 9.57 -6.07
N ASN A 172 23.84 10.54 -5.56
CA ASN A 172 22.87 11.30 -6.34
C ASN A 172 23.59 12.19 -7.37
N ARG A 173 22.81 12.94 -8.16
CA ARG A 173 23.35 13.81 -9.21
C ARG A 173 22.67 15.18 -9.19
N GLN A 174 21.99 15.52 -8.09
CA GLN A 174 21.34 16.80 -7.92
C GLN A 174 22.33 17.97 -8.09
N GLY A 1 -12.61 28.21 -1.94
CA GLY A 1 -13.23 26.93 -1.58
C GLY A 1 -14.08 27.06 -0.33
N SER A 2 -14.57 25.93 0.18
CA SER A 2 -15.41 25.90 1.37
C SER A 2 -15.21 24.60 2.16
N HIS A 3 -14.24 23.77 1.77
CA HIS A 3 -13.96 22.48 2.40
C HIS A 3 -12.46 22.18 2.33
N MET A 4 -12.06 21.08 2.95
CA MET A 4 -10.67 20.65 2.97
C MET A 4 -10.58 19.13 3.01
N ALA A 5 -9.37 18.60 2.86
CA ALA A 5 -9.12 17.16 2.87
C ALA A 5 -7.68 16.86 3.28
N SER A 6 -7.33 15.57 3.31
CA SER A 6 -6.00 15.12 3.70
C SER A 6 -5.60 13.91 2.85
N LYS A 7 -4.32 13.54 2.91
CA LYS A 7 -3.79 12.39 2.18
C LYS A 7 -4.58 11.13 2.53
N THR A 8 -4.61 10.18 1.60
CA THR A 8 -5.31 8.92 1.78
C THR A 8 -4.33 7.80 2.11
N SER A 9 -4.86 6.70 2.65
CA SER A 9 -4.07 5.55 3.08
C SER A 9 -4.95 4.31 3.08
N ASP A 10 -4.42 3.15 3.47
CA ASP A 10 -5.23 1.94 3.54
C ASP A 10 -5.60 1.71 5.01
N LEU A 11 -6.90 1.63 5.31
CA LEU A 11 -7.33 1.35 6.67
C LEU A 11 -7.03 -0.10 6.97
N ILE A 12 -6.84 -0.37 8.27
CA ILE A 12 -6.61 -1.72 8.76
C ILE A 12 -7.94 -2.27 9.27
N VAL A 13 -8.07 -3.58 9.24
CA VAL A 13 -9.30 -4.27 9.63
C VAL A 13 -8.97 -5.29 10.71
N LEU A 14 -8.85 -4.80 11.95
CA LEU A 14 -8.47 -5.62 13.09
C LEU A 14 -9.66 -6.46 13.56
N GLY A 15 -9.40 -7.49 14.36
CA GLY A 15 -10.46 -8.30 14.95
C GLY A 15 -11.01 -9.36 14.00
N LEU A 16 -10.37 -9.53 12.84
CA LEU A 16 -10.74 -10.52 11.85
C LEU A 16 -10.88 -11.89 12.52
N PRO A 17 -11.95 -12.65 12.24
CA PRO A 17 -12.22 -13.95 12.83
C PRO A 17 -11.23 -15.04 12.39
N TRP A 18 -10.10 -14.65 11.78
CA TRP A 18 -9.05 -15.55 11.32
C TRP A 18 -9.55 -16.59 10.32
N LYS A 19 -10.75 -16.41 9.75
CA LYS A 19 -11.31 -17.36 8.79
C LYS A 19 -12.02 -16.70 7.62
N THR A 20 -12.39 -15.43 7.75
CA THR A 20 -13.03 -14.69 6.66
C THR A 20 -12.03 -14.47 5.53
N THR A 21 -12.49 -14.59 4.28
CA THR A 21 -11.63 -14.37 3.13
C THR A 21 -11.46 -12.88 2.86
N GLU A 22 -10.61 -12.54 1.89
CA GLU A 22 -10.25 -11.16 1.60
C GLU A 22 -11.38 -10.44 0.86
N GLN A 23 -11.98 -11.10 -0.12
CA GLN A 23 -13.05 -10.46 -0.87
C GLN A 23 -14.20 -10.16 0.07
N ASP A 24 -14.57 -11.08 0.96
CA ASP A 24 -15.69 -10.87 1.87
C ASP A 24 -15.58 -9.54 2.62
N LEU A 25 -14.36 -9.02 2.81
CA LEU A 25 -14.20 -7.69 3.38
C LEU A 25 -14.70 -6.67 2.38
N LYS A 26 -14.29 -6.76 1.10
CA LYS A 26 -14.78 -5.79 0.11
C LYS A 26 -16.28 -5.93 -0.14
N GLU A 27 -16.81 -7.16 -0.02
CA GLU A 27 -18.23 -7.44 -0.20
C GLU A 27 -19.11 -6.68 0.80
N TYR A 28 -18.50 -6.07 1.83
CA TYR A 28 -19.26 -5.32 2.82
C TYR A 28 -18.77 -3.88 2.92
N PHE A 29 -17.48 -3.64 2.67
CA PHE A 29 -16.93 -2.29 2.69
C PHE A 29 -17.55 -1.44 1.57
N SER A 30 -18.17 -2.07 0.57
CA SER A 30 -18.85 -1.37 -0.49
C SER A 30 -20.04 -0.54 0.01
N THR A 31 -20.39 -0.67 1.29
CA THR A 31 -21.48 0.10 1.90
C THR A 31 -21.08 1.54 2.19
N PHE A 32 -19.79 1.88 2.00
CA PHE A 32 -19.29 3.23 2.31
C PHE A 32 -18.83 3.97 1.05
N GLY A 33 -18.37 3.23 0.04
CA GLY A 33 -17.91 3.81 -1.21
C GLY A 33 -17.93 2.77 -2.33
N GLU A 34 -16.79 2.60 -2.99
CA GLU A 34 -16.67 1.70 -4.14
C GLU A 34 -15.51 0.71 -3.98
N VAL A 35 -14.76 0.85 -2.88
CA VAL A 35 -13.65 -0.03 -2.49
C VAL A 35 -12.72 -0.37 -3.65
N LEU A 36 -11.67 0.45 -3.84
CA LEU A 36 -10.69 0.20 -4.89
C LEU A 36 -10.10 -1.20 -4.74
N MET A 37 -9.81 -1.63 -3.50
CA MET A 37 -9.26 -2.96 -3.29
C MET A 37 -9.28 -3.35 -1.80
N VAL A 38 -8.86 -4.59 -1.53
CA VAL A 38 -8.69 -5.14 -0.19
C VAL A 38 -7.48 -6.07 -0.22
N GLN A 39 -6.83 -6.26 0.94
CA GLN A 39 -5.65 -7.10 1.04
C GLN A 39 -5.49 -7.61 2.46
N VAL A 40 -5.80 -8.89 2.72
CA VAL A 40 -5.67 -9.46 4.03
C VAL A 40 -4.19 -9.59 4.37
N LYS A 41 -3.85 -9.31 5.64
CA LYS A 41 -2.47 -9.40 6.10
C LYS A 41 -2.35 -10.24 7.37
N LYS A 42 -1.22 -10.92 7.46
CA LYS A 42 -0.88 -11.90 8.49
C LYS A 42 0.62 -12.17 8.45
N ASP A 43 1.08 -13.19 9.18
CA ASP A 43 2.49 -13.51 9.28
C ASP A 43 3.06 -13.95 7.93
N LEU A 44 4.38 -14.11 7.87
CA LEU A 44 5.09 -14.45 6.64
C LEU A 44 5.62 -15.88 6.71
N LYS A 45 5.55 -16.45 7.91
CA LYS A 45 6.06 -17.79 8.21
C LYS A 45 5.00 -18.70 8.82
N THR A 46 3.86 -18.12 9.21
CA THR A 46 2.71 -18.86 9.74
C THR A 46 1.44 -18.55 8.97
N GLY A 47 1.37 -17.34 8.40
CA GLY A 47 0.17 -16.88 7.74
C GLY A 47 -0.99 -16.72 8.73
N HIS A 48 -0.68 -16.63 10.03
CA HIS A 48 -1.68 -16.71 11.07
C HIS A 48 -1.36 -15.87 12.32
N SER A 49 -0.66 -14.73 12.20
CA SER A 49 -0.22 -14.01 13.39
C SER A 49 -0.46 -12.50 13.38
N LYS A 50 -1.26 -11.95 12.46
CA LYS A 50 -1.65 -10.53 12.58
C LYS A 50 -3.17 -10.38 12.55
N GLY A 51 -3.89 -11.43 12.14
CA GLY A 51 -5.35 -11.49 12.20
C GLY A 51 -6.05 -10.21 11.74
N PHE A 52 -5.59 -9.58 10.66
CA PHE A 52 -6.19 -8.34 10.20
C PHE A 52 -6.16 -8.21 8.69
N GLY A 53 -6.62 -7.08 8.16
CA GLY A 53 -6.61 -6.83 6.74
C GLY A 53 -6.42 -5.37 6.42
N PHE A 54 -6.44 -5.07 5.12
CA PHE A 54 -6.39 -3.72 4.61
C PHE A 54 -7.49 -3.54 3.59
N VAL A 55 -8.04 -2.34 3.58
CA VAL A 55 -9.03 -1.90 2.60
C VAL A 55 -8.68 -0.51 2.10
N ARG A 56 -9.10 -0.19 0.86
CA ARG A 56 -8.82 1.09 0.24
C ARG A 56 -10.02 1.56 -0.57
N PHE A 57 -10.22 2.87 -0.61
CA PHE A 57 -11.39 3.51 -1.20
C PHE A 57 -10.98 4.60 -2.18
N THR A 58 -11.95 5.09 -2.96
CA THR A 58 -11.73 6.08 -4.00
C THR A 58 -11.52 7.49 -3.46
N GLU A 59 -11.91 7.72 -2.20
CA GLU A 59 -11.79 9.01 -1.56
C GLU A 59 -11.38 8.92 -0.10
N TYR A 60 -11.05 10.07 0.49
CA TYR A 60 -10.59 10.15 1.86
C TYR A 60 -11.76 10.13 2.84
N GLU A 61 -12.87 10.76 2.48
CA GLU A 61 -14.05 10.76 3.33
C GLU A 61 -14.49 9.34 3.66
N THR A 62 -14.44 8.46 2.66
CA THR A 62 -14.83 7.07 2.83
C THR A 62 -13.85 6.33 3.75
N GLN A 63 -12.81 7.02 4.18
CA GLN A 63 -11.76 6.44 5.00
C GLN A 63 -11.82 7.02 6.40
N VAL A 64 -12.77 7.94 6.65
CA VAL A 64 -12.90 8.56 7.97
C VAL A 64 -14.29 8.34 8.57
N LYS A 65 -15.25 7.84 7.78
CA LYS A 65 -16.57 7.50 8.30
C LYS A 65 -16.64 6.04 8.73
N VAL A 66 -15.77 5.19 8.17
CA VAL A 66 -15.67 3.80 8.57
C VAL A 66 -15.14 3.67 9.99
N MET A 67 -14.11 4.44 10.32
CA MET A 67 -13.46 4.41 11.62
C MET A 67 -14.32 5.12 12.68
N SER A 68 -15.48 5.66 12.28
CA SER A 68 -16.37 6.32 13.22
C SER A 68 -17.05 5.29 14.13
N GLN A 69 -17.07 4.01 13.72
CA GLN A 69 -17.69 2.96 14.51
C GLN A 69 -17.19 1.58 14.08
N ARG A 70 -17.70 0.54 14.74
CA ARG A 70 -17.34 -0.85 14.49
C ARG A 70 -18.13 -1.40 13.31
N HIS A 71 -17.86 -2.66 12.97
CA HIS A 71 -18.52 -3.33 11.86
C HIS A 71 -18.66 -4.82 12.13
N MET A 72 -19.65 -5.46 11.50
CA MET A 72 -19.86 -6.89 11.66
C MET A 72 -19.47 -7.60 10.37
N ILE A 73 -18.47 -8.47 10.50
CA ILE A 73 -17.94 -9.25 9.38
C ILE A 73 -18.08 -10.73 9.66
N ASP A 74 -18.80 -11.42 8.76
CA ASP A 74 -19.04 -12.86 8.84
C ASP A 74 -19.68 -13.30 10.15
N GLY A 75 -20.19 -12.33 10.92
CA GLY A 75 -20.84 -12.60 12.20
C GLY A 75 -19.92 -12.32 13.38
N ARG A 76 -18.89 -11.49 13.16
CA ARG A 76 -17.88 -11.16 14.16
C ARG A 76 -17.68 -9.65 14.16
N TRP A 77 -17.64 -9.05 15.36
CA TRP A 77 -17.38 -7.63 15.50
C TRP A 77 -15.90 -7.35 15.28
N CYS A 78 -15.63 -6.40 14.40
CA CYS A 78 -14.28 -6.00 14.03
C CYS A 78 -14.19 -4.48 14.04
N ASP A 79 -12.98 -3.94 13.85
CA ASP A 79 -12.75 -2.50 13.89
C ASP A 79 -11.95 -2.06 12.67
N CYS A 80 -12.05 -0.79 12.32
CA CYS A 80 -11.26 -0.20 11.25
C CYS A 80 -10.70 1.13 11.71
N LYS A 81 -9.43 1.39 11.35
CA LYS A 81 -8.71 2.59 11.74
C LYS A 81 -7.52 2.82 10.82
N LEU A 82 -6.73 3.87 11.08
CA LEU A 82 -5.56 4.20 10.30
C LEU A 82 -4.34 3.48 10.91
N PRO A 83 -3.55 2.76 10.11
CA PRO A 83 -2.34 2.11 10.56
C PRO A 83 -1.26 3.09 11.00
N ASN A 84 -0.10 2.55 11.37
CA ASN A 84 1.00 3.30 11.97
C ASN A 84 2.11 3.63 10.99
N SER A 85 1.85 3.53 9.68
CA SER A 85 2.90 3.69 8.67
C SER A 85 2.51 4.63 7.54
N LYS A 86 1.36 5.31 7.65
CA LYS A 86 0.86 6.21 6.63
C LYS A 86 0.16 7.42 7.27
N GLN A 87 -0.49 8.26 6.47
CA GLN A 87 -1.09 9.51 6.93
C GLN A 87 -0.03 10.36 7.66
N SER A 88 1.24 10.25 7.23
CA SER A 88 2.37 10.90 7.88
C SER A 88 3.43 11.29 6.84
N GLN A 89 3.02 12.00 5.80
CA GLN A 89 3.91 12.44 4.73
C GLN A 89 3.65 13.90 4.37
N ASP A 90 4.52 14.44 3.51
CA ASP A 90 4.41 15.82 3.06
C ASP A 90 5.00 15.96 1.67
N GLU A 91 6.20 15.42 1.47
CA GLU A 91 6.90 15.47 0.20
C GLU A 91 8.12 14.54 0.18
N PRO A 92 8.43 13.96 -0.98
CA PRO A 92 9.62 13.17 -1.22
C PRO A 92 10.81 14.07 -1.61
N LEU A 93 11.87 13.45 -2.14
CA LEU A 93 13.06 14.13 -2.64
C LEU A 93 13.38 13.64 -4.06
N ARG A 94 14.46 14.12 -4.66
CA ARG A 94 14.76 13.81 -6.06
C ARG A 94 15.83 12.72 -6.20
N SER A 95 15.64 11.89 -7.22
CA SER A 95 16.57 10.83 -7.63
C SER A 95 15.96 10.06 -8.80
N ARG A 96 16.65 9.03 -9.29
CA ARG A 96 16.09 8.11 -10.29
C ARG A 96 15.81 6.75 -9.68
N LYS A 97 16.32 6.51 -8.46
CA LYS A 97 16.03 5.29 -7.73
C LYS A 97 15.05 5.58 -6.61
N VAL A 98 14.14 4.64 -6.37
CA VAL A 98 13.21 4.71 -5.25
C VAL A 98 13.05 3.34 -4.61
N PHE A 99 12.48 3.33 -3.41
CA PHE A 99 12.35 2.14 -2.59
C PHE A 99 10.88 1.73 -2.56
N VAL A 100 10.62 0.46 -2.23
CA VAL A 100 9.26 -0.06 -2.17
C VAL A 100 9.07 -0.77 -0.84
N GLY A 101 7.87 -0.66 -0.25
CA GLY A 101 7.57 -1.28 1.04
C GLY A 101 6.26 -2.05 1.02
N ARG A 102 6.05 -2.85 2.07
CA ARG A 102 4.91 -3.75 2.23
C ARG A 102 4.82 -4.74 1.07
N CYS A 103 5.95 -4.96 0.40
CA CYS A 103 6.04 -5.85 -0.75
C CYS A 103 5.55 -7.25 -0.37
N THR A 104 5.16 -8.05 -1.36
CA THR A 104 4.63 -9.38 -1.15
C THR A 104 5.12 -10.32 -2.24
N GLU A 105 5.06 -11.62 -1.99
CA GLU A 105 5.49 -12.62 -2.96
C GLU A 105 4.48 -12.74 -4.11
N ASP A 106 3.35 -12.01 -4.01
CA ASP A 106 2.33 -12.02 -5.06
C ASP A 106 2.83 -11.29 -6.31
N MET A 107 3.81 -10.40 -6.14
CA MET A 107 4.43 -9.70 -7.27
C MET A 107 5.91 -10.08 -7.40
N THR A 108 6.58 -9.52 -8.41
CA THR A 108 7.99 -9.79 -8.67
C THR A 108 8.63 -8.65 -9.45
N GLU A 109 9.92 -8.79 -9.74
CA GLU A 109 10.74 -7.77 -10.38
C GLU A 109 10.15 -7.27 -11.69
N ASP A 110 9.86 -8.19 -12.60
CA ASP A 110 9.29 -7.87 -13.89
C ASP A 110 7.91 -7.23 -13.77
N GLU A 111 7.08 -7.75 -12.87
CA GLU A 111 5.73 -7.22 -12.70
C GLU A 111 5.76 -5.80 -12.14
N LEU A 112 6.79 -5.47 -11.36
CA LEU A 112 6.97 -4.13 -10.84
C LEU A 112 7.32 -3.18 -11.97
N ARG A 113 8.33 -3.52 -12.79
CA ARG A 113 8.70 -2.70 -13.92
C ARG A 113 7.55 -2.56 -14.90
N GLU A 114 6.66 -3.55 -14.95
CA GLU A 114 5.52 -3.54 -15.88
C GLU A 114 4.41 -2.63 -15.38
N PHE A 115 4.41 -2.32 -14.08
CA PHE A 115 3.45 -1.42 -13.48
C PHE A 115 4.07 -0.02 -13.35
N PHE A 116 5.39 0.07 -13.16
CA PHE A 116 6.06 1.36 -13.02
C PHE A 116 6.22 2.06 -14.37
N SER A 117 6.18 1.31 -15.47
CA SER A 117 6.37 1.87 -16.80
C SER A 117 5.21 2.74 -17.26
N GLN A 118 4.07 2.73 -16.55
CA GLN A 118 2.93 3.53 -16.94
C GLN A 118 3.18 5.02 -16.64
N TYR A 119 4.07 5.31 -15.68
CA TYR A 119 4.36 6.67 -15.26
C TYR A 119 5.47 7.31 -16.09
N GLY A 120 6.20 6.50 -16.88
CA GLY A 120 7.22 7.03 -17.78
C GLY A 120 8.00 5.88 -18.42
N ASP A 121 9.23 5.66 -17.93
CA ASP A 121 10.07 4.58 -18.40
C ASP A 121 10.90 4.03 -17.24
N VAL A 122 11.07 2.71 -17.21
CA VAL A 122 11.77 2.03 -16.13
C VAL A 122 13.08 1.44 -16.66
N MET A 123 14.15 1.58 -15.88
CA MET A 123 15.45 1.05 -16.27
C MET A 123 15.61 -0.37 -15.73
N ASP A 124 15.17 -0.61 -14.49
CA ASP A 124 15.29 -1.90 -13.85
C ASP A 124 14.55 -1.93 -12.53
N VAL A 125 14.48 -3.12 -11.92
CA VAL A 125 13.90 -3.36 -10.60
C VAL A 125 14.82 -4.34 -9.88
N PHE A 126 14.93 -4.19 -8.56
CA PHE A 126 15.82 -5.06 -7.79
C PHE A 126 15.15 -5.54 -6.51
N ILE A 127 15.38 -6.82 -6.20
CA ILE A 127 14.85 -7.48 -5.02
C ILE A 127 15.87 -8.53 -4.58
N PRO A 128 16.46 -8.38 -3.38
CA PRO A 128 17.41 -9.34 -2.85
C PRO A 128 16.67 -10.59 -2.37
N LYS A 129 17.42 -11.63 -1.99
CA LYS A 129 16.82 -12.89 -1.55
C LYS A 129 17.37 -13.32 -0.20
N PRO A 130 16.59 -14.08 0.57
CA PRO A 130 15.22 -14.46 0.26
C PRO A 130 14.27 -13.27 0.37
N PHE A 131 13.03 -13.47 -0.08
CA PHE A 131 12.03 -12.43 -0.16
C PHE A 131 11.85 -11.69 1.16
N ARG A 132 11.62 -10.37 1.08
CA ARG A 132 11.40 -9.50 2.23
C ARG A 132 10.34 -8.45 1.86
N ALA A 133 9.90 -7.68 2.86
CA ALA A 133 8.83 -6.70 2.74
C ALA A 133 9.17 -5.48 1.89
N PHE A 134 10.23 -5.53 1.07
CA PHE A 134 10.69 -4.37 0.34
C PHE A 134 11.28 -4.71 -1.03
N ALA A 135 11.76 -3.67 -1.72
CA ALA A 135 12.33 -3.74 -3.06
C ALA A 135 12.84 -2.36 -3.48
N PHE A 136 13.36 -2.27 -4.71
CA PHE A 136 13.78 -1.02 -5.32
C PHE A 136 13.41 -1.01 -6.79
N VAL A 137 13.44 0.17 -7.40
CA VAL A 137 13.23 0.33 -8.83
C VAL A 137 13.99 1.56 -9.32
N THR A 138 14.42 1.53 -10.58
CA THR A 138 15.11 2.65 -11.19
C THR A 138 14.31 3.18 -12.37
N PHE A 139 14.23 4.51 -12.49
CA PHE A 139 13.51 5.18 -13.56
C PHE A 139 14.47 5.86 -14.52
N ALA A 140 13.95 6.27 -15.68
CA ALA A 140 14.74 6.90 -16.74
C ALA A 140 14.93 8.39 -16.47
N ASP A 141 14.14 8.95 -15.56
CA ASP A 141 14.21 10.39 -15.29
C ASP A 141 14.21 10.68 -13.80
N ASP A 142 14.81 11.82 -13.43
CA ASP A 142 14.92 12.25 -12.05
C ASP A 142 13.65 12.98 -11.60
N GLN A 143 12.62 13.03 -12.45
CA GLN A 143 11.39 13.72 -12.13
C GLN A 143 10.22 12.74 -12.00
N ILE A 144 10.32 11.56 -12.62
CA ILE A 144 9.29 10.53 -12.49
C ILE A 144 9.36 9.91 -11.10
N ALA A 145 10.57 9.59 -10.63
CA ALA A 145 10.76 9.02 -9.30
C ALA A 145 10.47 10.09 -8.22
N GLN A 146 10.80 11.35 -8.50
CA GLN A 146 10.52 12.46 -7.61
C GLN A 146 9.03 12.76 -7.58
N SER A 147 8.24 12.08 -8.42
CA SER A 147 6.80 12.28 -8.54
C SER A 147 6.06 10.96 -8.38
N LEU A 148 6.76 9.92 -7.91
CA LEU A 148 6.16 8.63 -7.63
C LEU A 148 6.47 8.17 -6.20
N CYS A 149 7.50 8.73 -5.57
CA CYS A 149 7.84 8.38 -4.20
C CYS A 149 6.79 8.90 -3.23
N GLY A 150 6.43 8.06 -2.23
CA GLY A 150 5.46 8.40 -1.21
C GLY A 150 4.04 8.58 -1.75
N GLU A 151 3.80 8.26 -3.03
CA GLU A 151 2.51 8.52 -3.63
C GLU A 151 1.48 7.45 -3.27
N ASP A 152 1.87 6.42 -2.49
CA ASP A 152 0.99 5.35 -2.04
C ASP A 152 0.15 4.74 -3.16
N LEU A 153 0.63 3.63 -3.73
CA LEU A 153 0.07 3.08 -4.95
C LEU A 153 -0.33 1.61 -4.79
N ILE A 154 -0.82 0.98 -5.86
CA ILE A 154 -1.36 -0.37 -5.80
C ILE A 154 -0.82 -1.19 -6.98
N ILE A 155 -0.56 -2.48 -6.75
CA ILE A 155 -0.06 -3.40 -7.76
C ILE A 155 -0.82 -4.72 -7.68
N LYS A 156 -1.69 -4.97 -8.66
CA LYS A 156 -2.56 -6.14 -8.75
C LYS A 156 -3.46 -6.35 -7.53
N GLY A 157 -3.44 -5.39 -6.59
CA GLY A 157 -4.22 -5.49 -5.37
C GLY A 157 -3.34 -5.32 -4.13
N ILE A 158 -2.03 -5.11 -4.31
CA ILE A 158 -1.11 -4.89 -3.20
C ILE A 158 -0.81 -3.40 -3.12
N SER A 159 -1.36 -2.73 -2.10
CA SER A 159 -1.13 -1.31 -1.85
C SER A 159 0.29 -1.05 -1.39
N VAL A 160 1.23 -0.98 -2.34
CA VAL A 160 2.64 -0.74 -2.04
C VAL A 160 2.84 0.66 -1.49
N HIS A 161 4.01 0.90 -0.91
CA HIS A 161 4.35 2.20 -0.35
C HIS A 161 5.77 2.58 -0.78
N ILE A 162 5.87 3.30 -1.90
CA ILE A 162 7.16 3.76 -2.39
C ILE A 162 7.75 4.76 -1.40
N SER A 163 9.08 4.80 -1.29
CA SER A 163 9.74 5.71 -0.36
C SER A 163 11.10 6.15 -0.90
N ASN A 164 11.74 7.06 -0.18
CA ASN A 164 12.98 7.70 -0.58
C ASN A 164 14.14 6.71 -0.49
N ALA A 165 14.56 6.13 -1.61
CA ALA A 165 15.68 5.22 -1.62
C ALA A 165 16.94 5.93 -1.15
N GLU A 166 17.90 5.13 -0.71
CA GLU A 166 19.19 5.56 -0.24
C GLU A 166 20.24 4.64 -0.85
N PRO A 167 21.13 5.17 -1.69
CA PRO A 167 22.08 4.35 -2.43
C PRO A 167 23.13 3.77 -1.49
N LYS A 168 23.53 2.52 -1.77
CA LYS A 168 24.63 1.87 -1.07
C LYS A 168 25.88 2.75 -0.97
N HIS A 169 26.06 3.71 -1.88
CA HIS A 169 27.22 4.59 -1.86
C HIS A 169 26.93 5.90 -2.59
N ASN A 170 27.77 6.91 -2.31
CA ASN A 170 27.67 8.25 -2.86
C ASN A 170 26.32 8.92 -2.54
N SER A 171 26.18 10.19 -2.89
CA SER A 171 24.94 10.94 -2.68
C SER A 171 23.86 10.49 -3.67
N ASN A 172 22.68 11.11 -3.59
CA ASN A 172 21.60 10.82 -4.53
C ASN A 172 22.05 11.05 -5.97
N ARG A 173 21.30 10.48 -6.92
CA ARG A 173 21.60 10.59 -8.35
C ARG A 173 21.04 11.89 -8.91
N GLN A 174 20.75 12.86 -8.03
CA GLN A 174 20.23 14.18 -8.39
C GLN A 174 21.10 14.87 -9.44
N GLY A 1 -11.81 28.79 -1.08
CA GLY A 1 -11.91 27.39 -0.63
C GLY A 1 -13.25 27.13 0.04
N SER A 2 -13.78 25.92 -0.17
CA SER A 2 -15.08 25.52 0.38
C SER A 2 -15.08 24.06 0.81
N HIS A 3 -13.90 23.42 0.82
CA HIS A 3 -13.77 22.02 1.20
C HIS A 3 -12.35 21.75 1.68
N MET A 4 -12.11 20.55 2.21
CA MET A 4 -10.80 20.13 2.70
C MET A 4 -10.63 18.64 2.49
N ALA A 5 -9.41 18.14 2.68
CA ALA A 5 -9.09 16.73 2.58
C ALA A 5 -7.65 16.47 3.02
N SER A 6 -7.24 15.20 3.04
CA SER A 6 -5.90 14.80 3.43
C SER A 6 -5.45 13.59 2.61
N LYS A 7 -4.16 13.24 2.73
CA LYS A 7 -3.59 12.10 2.03
C LYS A 7 -4.34 10.81 2.39
N THR A 8 -4.36 9.85 1.47
CA THR A 8 -5.11 8.61 1.64
C THR A 8 -4.18 7.44 1.89
N SER A 9 -4.73 6.40 2.52
CA SER A 9 -4.03 5.17 2.88
C SER A 9 -5.07 4.08 3.14
N ASP A 10 -4.63 2.84 3.31
CA ASP A 10 -5.58 1.77 3.57
C ASP A 10 -6.03 1.82 5.02
N LEU A 11 -7.26 1.35 5.27
CA LEU A 11 -7.72 1.11 6.64
C LEU A 11 -7.26 -0.28 7.02
N ILE A 12 -6.71 -0.40 8.22
CA ILE A 12 -6.40 -1.69 8.79
C ILE A 12 -7.71 -2.28 9.27
N VAL A 13 -7.85 -3.60 9.22
CA VAL A 13 -9.06 -4.31 9.60
C VAL A 13 -8.71 -5.29 10.72
N LEU A 14 -8.79 -4.81 11.96
CA LEU A 14 -8.35 -5.56 13.13
C LEU A 14 -9.43 -6.54 13.60
N GLY A 15 -9.02 -7.54 14.38
CA GLY A 15 -9.96 -8.44 15.06
C GLY A 15 -10.65 -9.45 14.15
N LEU A 16 -10.09 -9.71 12.96
CA LEU A 16 -10.67 -10.70 12.05
C LEU A 16 -10.79 -12.06 12.73
N PRO A 17 -11.75 -12.90 12.32
CA PRO A 17 -11.99 -14.22 12.88
C PRO A 17 -10.95 -15.25 12.43
N TRP A 18 -9.86 -14.79 11.80
CA TRP A 18 -8.76 -15.63 11.32
C TRP A 18 -9.20 -16.69 10.30
N LYS A 19 -10.41 -16.56 9.74
CA LYS A 19 -10.93 -17.51 8.78
C LYS A 19 -11.57 -16.85 7.55
N THR A 20 -12.08 -15.62 7.70
CA THR A 20 -12.69 -14.89 6.60
C THR A 20 -11.68 -14.67 5.47
N THR A 21 -12.14 -14.80 4.22
CA THR A 21 -11.29 -14.59 3.05
C THR A 21 -11.13 -13.10 2.77
N GLU A 22 -10.33 -12.75 1.77
CA GLU A 22 -9.99 -11.37 1.46
C GLU A 22 -11.13 -10.67 0.72
N GLN A 23 -11.73 -11.35 -0.26
CA GLN A 23 -12.79 -10.74 -1.02
C GLN A 23 -13.96 -10.42 -0.08
N ASP A 24 -14.32 -11.35 0.82
CA ASP A 24 -15.43 -11.13 1.74
C ASP A 24 -15.33 -9.78 2.47
N LEU A 25 -14.12 -9.26 2.65
CA LEU A 25 -13.96 -7.93 3.20
C LEU A 25 -14.47 -6.91 2.17
N LYS A 26 -14.04 -7.03 0.90
CA LYS A 26 -14.50 -6.07 -0.11
C LYS A 26 -15.99 -6.21 -0.39
N GLU A 27 -16.53 -7.42 -0.26
CA GLU A 27 -17.96 -7.71 -0.45
C GLU A 27 -18.84 -6.94 0.53
N TYR A 28 -18.25 -6.31 1.55
CA TYR A 28 -19.01 -5.54 2.52
C TYR A 28 -18.50 -4.10 2.61
N PHE A 29 -17.21 -3.88 2.37
CA PHE A 29 -16.65 -2.54 2.37
C PHE A 29 -17.22 -1.69 1.23
N SER A 30 -17.84 -2.34 0.24
CA SER A 30 -18.52 -1.64 -0.85
C SER A 30 -19.71 -0.82 -0.35
N THR A 31 -20.07 -0.95 0.92
CA THR A 31 -21.17 -0.19 1.51
C THR A 31 -20.82 1.28 1.74
N PHE A 32 -19.55 1.67 1.52
CA PHE A 32 -19.11 3.03 1.76
C PHE A 32 -18.66 3.74 0.48
N GLY A 33 -18.11 2.99 -0.47
CA GLY A 33 -17.62 3.56 -1.72
C GLY A 33 -17.57 2.50 -2.83
N GLU A 34 -16.42 2.35 -3.46
CA GLU A 34 -16.26 1.44 -4.59
C GLU A 34 -15.10 0.45 -4.40
N VAL A 35 -14.38 0.60 -3.27
CA VAL A 35 -13.28 -0.28 -2.85
C VAL A 35 -12.31 -0.61 -3.99
N LEU A 36 -11.25 0.20 -4.13
CA LEU A 36 -10.24 -0.05 -5.15
C LEU A 36 -9.63 -1.43 -4.98
N MET A 37 -9.44 -1.87 -3.72
CA MET A 37 -8.88 -3.18 -3.44
C MET A 37 -8.96 -3.54 -1.95
N VAL A 38 -8.59 -4.78 -1.66
CA VAL A 38 -8.46 -5.32 -0.31
C VAL A 38 -7.24 -6.24 -0.28
N GLN A 39 -6.66 -6.45 0.89
CA GLN A 39 -5.49 -7.29 1.04
C GLN A 39 -5.38 -7.79 2.48
N VAL A 40 -5.79 -9.03 2.75
CA VAL A 40 -5.67 -9.61 4.07
C VAL A 40 -4.19 -9.79 4.37
N LYS A 41 -3.79 -9.49 5.60
CA LYS A 41 -2.39 -9.53 5.97
C LYS A 41 -2.14 -10.34 7.24
N LYS A 42 -1.07 -11.12 7.19
CA LYS A 42 -0.63 -12.05 8.22
C LYS A 42 0.88 -12.26 8.12
N ASP A 43 1.42 -13.19 8.91
CA ASP A 43 2.86 -13.38 9.02
C ASP A 43 3.45 -13.96 7.73
N LEU A 44 4.77 -13.96 7.64
CA LEU A 44 5.49 -14.41 6.46
C LEU A 44 6.06 -15.80 6.70
N LYS A 45 6.09 -16.23 7.96
CA LYS A 45 6.63 -17.51 8.37
C LYS A 45 5.59 -18.42 9.03
N THR A 46 4.43 -17.87 9.37
CA THR A 46 3.32 -18.62 9.93
C THR A 46 2.04 -18.46 9.12
N GLY A 47 1.90 -17.31 8.45
CA GLY A 47 0.68 -16.96 7.73
C GLY A 47 -0.50 -16.84 8.69
N HIS A 48 -0.23 -16.61 9.98
CA HIS A 48 -1.26 -16.68 11.02
C HIS A 48 -1.02 -15.74 12.20
N SER A 49 -0.26 -14.65 12.05
CA SER A 49 0.14 -13.88 13.22
C SER A 49 0.01 -12.36 13.12
N LYS A 50 -0.76 -11.82 12.16
CA LYS A 50 -1.07 -10.39 12.21
C LYS A 50 -2.58 -10.16 12.35
N GLY A 51 -3.38 -11.22 12.14
CA GLY A 51 -4.80 -11.23 12.42
C GLY A 51 -5.57 -10.04 11.86
N PHE A 52 -5.14 -9.46 10.74
CA PHE A 52 -5.77 -8.25 10.25
C PHE A 52 -5.81 -8.19 8.73
N GLY A 53 -6.30 -7.08 8.19
CA GLY A 53 -6.41 -6.90 6.76
C GLY A 53 -6.28 -5.45 6.37
N PHE A 54 -6.39 -5.23 5.07
CA PHE A 54 -6.36 -3.89 4.50
C PHE A 54 -7.46 -3.75 3.46
N VAL A 55 -8.01 -2.54 3.41
CA VAL A 55 -8.96 -2.11 2.40
C VAL A 55 -8.62 -0.68 1.97
N ARG A 56 -8.88 -0.35 0.70
CA ARG A 56 -8.59 0.96 0.16
C ARG A 56 -9.71 1.41 -0.77
N PHE A 57 -9.96 2.72 -0.79
CA PHE A 57 -11.09 3.32 -1.50
C PHE A 57 -10.64 4.41 -2.46
N THR A 58 -11.56 4.89 -3.29
CA THR A 58 -11.31 5.88 -4.34
C THR A 58 -11.14 7.29 -3.78
N GLU A 59 -11.58 7.52 -2.53
CA GLU A 59 -11.49 8.81 -1.90
C GLU A 59 -11.13 8.72 -0.42
N TYR A 60 -10.84 9.87 0.18
CA TYR A 60 -10.41 9.95 1.57
C TYR A 60 -11.59 9.89 2.53
N GLU A 61 -12.72 10.50 2.16
CA GLU A 61 -13.91 10.47 3.00
C GLU A 61 -14.30 9.03 3.31
N THR A 62 -14.20 8.15 2.31
CA THR A 62 -14.54 6.76 2.46
C THR A 62 -13.57 6.02 3.40
N GLN A 63 -12.58 6.75 3.92
CA GLN A 63 -11.58 6.18 4.81
C GLN A 63 -11.70 6.83 6.19
N VAL A 64 -12.68 7.72 6.37
CA VAL A 64 -12.87 8.37 7.67
C VAL A 64 -14.27 8.11 8.23
N LYS A 65 -15.17 7.52 7.44
CA LYS A 65 -16.50 7.17 7.94
C LYS A 65 -16.57 5.72 8.40
N VAL A 66 -15.71 4.83 7.90
CA VAL A 66 -15.67 3.43 8.34
C VAL A 66 -15.07 3.38 9.74
N MET A 67 -14.02 4.17 10.00
CA MET A 67 -13.37 4.21 11.30
C MET A 67 -14.24 4.91 12.34
N SER A 68 -15.41 5.43 11.94
CA SER A 68 -16.31 6.10 12.87
C SER A 68 -16.93 5.10 13.86
N GLN A 69 -16.90 3.81 13.53
CA GLN A 69 -17.47 2.77 14.38
C GLN A 69 -16.98 1.38 13.96
N ARG A 70 -17.44 0.36 14.69
CA ARG A 70 -17.08 -1.03 14.43
C ARG A 70 -17.92 -1.62 13.31
N HIS A 71 -17.65 -2.87 12.96
CA HIS A 71 -18.37 -3.57 11.90
C HIS A 71 -18.43 -5.06 12.20
N MET A 72 -19.40 -5.76 11.61
CA MET A 72 -19.55 -7.19 11.80
C MET A 72 -19.20 -7.92 10.50
N ILE A 73 -18.17 -8.77 10.59
CA ILE A 73 -17.74 -9.57 9.45
C ILE A 73 -17.80 -11.05 9.80
N ASP A 74 -18.52 -11.81 8.98
CA ASP A 74 -18.70 -13.25 9.11
C ASP A 74 -19.25 -13.66 10.48
N GLY A 75 -19.76 -12.69 11.24
CA GLY A 75 -20.32 -12.93 12.56
C GLY A 75 -19.32 -12.60 13.67
N ARG A 76 -18.33 -11.75 13.37
CA ARG A 76 -17.29 -11.36 14.31
C ARG A 76 -17.13 -9.86 14.27
N TRP A 77 -17.12 -9.24 15.45
CA TRP A 77 -16.90 -7.80 15.56
C TRP A 77 -15.44 -7.48 15.28
N CYS A 78 -15.25 -6.50 14.39
CA CYS A 78 -13.93 -6.00 13.99
C CYS A 78 -13.94 -4.48 14.03
N ASP A 79 -12.77 -3.88 13.78
CA ASP A 79 -12.62 -2.44 13.76
C ASP A 79 -11.80 -2.03 12.55
N CYS A 80 -11.97 -0.77 12.13
CA CYS A 80 -11.19 -0.22 11.03
C CYS A 80 -10.65 1.14 11.45
N LYS A 81 -9.40 1.42 11.07
CA LYS A 81 -8.72 2.65 11.47
C LYS A 81 -7.48 2.88 10.60
N LEU A 82 -6.70 3.91 10.91
CA LEU A 82 -5.50 4.26 10.17
C LEU A 82 -4.27 3.69 10.90
N PRO A 83 -3.42 2.91 10.22
CA PRO A 83 -2.23 2.30 10.82
C PRO A 83 -1.19 3.33 11.26
N ASN A 84 -0.25 2.85 12.08
CA ASN A 84 0.79 3.63 12.73
C ASN A 84 1.94 4.02 11.79
N SER A 85 1.76 3.90 10.48
CA SER A 85 2.84 4.07 9.52
C SER A 85 2.50 5.03 8.38
N LYS A 86 1.30 5.61 8.41
CA LYS A 86 0.81 6.41 7.29
C LYS A 86 0.05 7.64 7.77
N GLN A 87 -0.53 8.41 6.85
CA GLN A 87 -1.18 9.68 7.16
C GLN A 87 -0.22 10.62 7.89
N SER A 88 1.09 10.45 7.65
CA SER A 88 2.13 11.23 8.31
C SER A 88 3.31 11.42 7.36
N GLN A 89 3.24 12.48 6.54
CA GLN A 89 4.27 12.81 5.56
C GLN A 89 4.36 14.33 5.41
N ASP A 90 5.32 14.79 4.61
CA ASP A 90 5.52 16.21 4.37
C ASP A 90 6.02 16.44 2.94
N GLU A 91 7.07 15.71 2.57
CA GLU A 91 7.68 15.84 1.24
C GLU A 91 8.78 14.80 1.00
N PRO A 92 8.92 14.32 -0.24
CA PRO A 92 10.00 13.48 -0.71
C PRO A 92 11.20 14.34 -1.16
N LEU A 93 12.12 13.73 -1.91
CA LEU A 93 13.28 14.41 -2.48
C LEU A 93 13.45 13.96 -3.94
N ARG A 94 14.42 14.56 -4.65
CA ARG A 94 14.64 14.23 -6.06
C ARG A 94 15.61 13.06 -6.22
N SER A 95 15.34 12.19 -7.18
CA SER A 95 16.20 11.07 -7.51
C SER A 95 15.64 10.31 -8.71
N ARG A 96 16.36 9.28 -9.18
CA ARG A 96 15.85 8.34 -10.17
C ARG A 96 15.60 6.97 -9.53
N LYS A 97 16.27 6.70 -8.41
CA LYS A 97 16.02 5.49 -7.63
C LYS A 97 15.03 5.82 -6.52
N VAL A 98 14.08 4.92 -6.29
CA VAL A 98 13.13 5.03 -5.20
C VAL A 98 12.94 3.68 -4.54
N PHE A 99 12.36 3.70 -3.35
CA PHE A 99 12.20 2.53 -2.50
C PHE A 99 10.75 2.09 -2.53
N VAL A 100 10.51 0.83 -2.16
CA VAL A 100 9.16 0.28 -2.11
C VAL A 100 8.94 -0.36 -0.75
N GLY A 101 7.71 -0.27 -0.22
CA GLY A 101 7.39 -0.81 1.09
C GLY A 101 6.10 -1.62 1.08
N ARG A 102 5.88 -2.36 2.17
CA ARG A 102 4.78 -3.31 2.35
C ARG A 102 4.67 -4.29 1.18
N CYS A 103 5.81 -4.53 0.51
CA CYS A 103 5.88 -5.43 -0.62
C CYS A 103 5.38 -6.84 -0.26
N THR A 104 5.02 -7.64 -1.27
CA THR A 104 4.50 -8.98 -1.07
C THR A 104 5.03 -9.92 -2.14
N GLU A 105 4.80 -11.22 -1.95
CA GLU A 105 5.20 -12.24 -2.91
C GLU A 105 4.22 -12.31 -4.08
N ASP A 106 3.11 -11.57 -4.01
CA ASP A 106 2.09 -11.56 -5.06
C ASP A 106 2.62 -10.89 -6.33
N MET A 107 3.68 -10.09 -6.21
CA MET A 107 4.31 -9.42 -7.34
C MET A 107 5.77 -9.82 -7.48
N THR A 108 6.44 -9.27 -8.51
CA THR A 108 7.85 -9.54 -8.76
C THR A 108 8.50 -8.39 -9.53
N GLU A 109 9.80 -8.52 -9.79
CA GLU A 109 10.63 -7.49 -10.41
C GLU A 109 10.04 -6.95 -11.71
N ASP A 110 9.75 -7.86 -12.64
CA ASP A 110 9.20 -7.51 -13.93
C ASP A 110 7.83 -6.86 -13.80
N GLU A 111 6.97 -7.37 -12.92
CA GLU A 111 5.63 -6.83 -12.76
C GLU A 111 5.66 -5.42 -12.18
N LEU A 112 6.67 -5.13 -11.36
CA LEU A 112 6.84 -3.79 -10.82
C LEU A 112 7.27 -2.85 -11.93
N ARG A 113 8.29 -3.22 -12.71
CA ARG A 113 8.75 -2.40 -13.82
C ARG A 113 7.63 -2.19 -14.84
N GLU A 114 6.73 -3.17 -14.97
CA GLU A 114 5.65 -3.08 -15.95
C GLU A 114 4.55 -2.16 -15.46
N PHE A 115 4.47 -1.97 -14.14
CA PHE A 115 3.50 -1.09 -13.52
C PHE A 115 4.10 0.31 -13.34
N PHE A 116 5.41 0.42 -13.11
CA PHE A 116 6.09 1.69 -12.95
C PHE A 116 6.25 2.40 -14.30
N SER A 117 6.24 1.66 -15.42
CA SER A 117 6.39 2.24 -16.75
C SER A 117 5.21 3.11 -17.14
N GLN A 118 4.12 3.10 -16.37
CA GLN A 118 2.97 3.94 -16.70
C GLN A 118 3.26 5.41 -16.40
N TYR A 119 4.17 5.68 -15.47
CA TYR A 119 4.50 7.04 -15.08
C TYR A 119 5.53 7.67 -16.02
N GLY A 120 6.24 6.84 -16.81
CA GLY A 120 7.16 7.34 -17.81
C GLY A 120 7.98 6.19 -18.41
N ASP A 121 9.18 5.98 -17.90
CA ASP A 121 10.04 4.90 -18.34
C ASP A 121 10.87 4.37 -17.17
N VAL A 122 11.08 3.05 -17.13
CA VAL A 122 11.78 2.39 -16.04
C VAL A 122 13.07 1.77 -16.57
N MET A 123 14.15 1.86 -15.78
CA MET A 123 15.44 1.31 -16.17
C MET A 123 15.58 -0.11 -15.64
N ASP A 124 15.13 -0.33 -14.39
CA ASP A 124 15.23 -1.63 -13.75
C ASP A 124 14.46 -1.65 -12.43
N VAL A 125 14.36 -2.84 -11.84
CA VAL A 125 13.76 -3.07 -10.54
C VAL A 125 14.64 -4.06 -9.80
N PHE A 126 14.70 -3.95 -8.47
CA PHE A 126 15.51 -4.85 -7.67
C PHE A 126 14.78 -5.30 -6.42
N ILE A 127 14.97 -6.59 -6.07
CA ILE A 127 14.37 -7.21 -4.91
C ILE A 127 15.36 -8.27 -4.40
N PRO A 128 15.78 -8.19 -3.13
CA PRO A 128 16.67 -9.18 -2.54
C PRO A 128 15.89 -10.46 -2.23
N LYS A 129 16.59 -11.54 -1.88
CA LYS A 129 15.93 -12.80 -1.57
C LYS A 129 16.36 -13.34 -0.21
N PRO A 130 15.46 -14.06 0.47
CA PRO A 130 14.07 -14.27 0.05
C PRO A 130 13.27 -12.98 0.21
N PHE A 131 12.00 -13.01 -0.20
CA PHE A 131 11.12 -11.84 -0.15
C PHE A 131 11.05 -11.22 1.23
N ARG A 132 10.89 -9.89 1.26
CA ARG A 132 10.73 -9.10 2.47
C ARG A 132 9.79 -7.93 2.18
N ALA A 133 9.51 -7.12 3.20
CA ALA A 133 8.55 -6.02 3.13
C ALA A 133 8.98 -4.86 2.21
N PHE A 134 10.00 -5.02 1.37
CA PHE A 134 10.53 -3.91 0.59
C PHE A 134 11.14 -4.34 -0.75
N ALA A 135 11.54 -3.32 -1.52
CA ALA A 135 12.11 -3.46 -2.86
C ALA A 135 12.63 -2.10 -3.32
N PHE A 136 13.12 -2.04 -4.57
CA PHE A 136 13.65 -0.83 -5.18
C PHE A 136 13.30 -0.78 -6.67
N VAL A 137 13.41 0.40 -7.27
CA VAL A 137 13.21 0.58 -8.70
C VAL A 137 14.00 1.80 -9.17
N THR A 138 14.40 1.81 -10.46
CA THR A 138 15.10 2.94 -11.06
C THR A 138 14.33 3.45 -12.27
N PHE A 139 14.25 4.78 -12.40
CA PHE A 139 13.55 5.43 -13.49
C PHE A 139 14.52 6.11 -14.46
N ALA A 140 13.99 6.49 -15.62
CA ALA A 140 14.76 7.12 -16.69
C ALA A 140 14.93 8.62 -16.45
N ASP A 141 14.15 9.19 -15.52
CA ASP A 141 14.20 10.61 -15.26
C ASP A 141 14.15 10.91 -13.76
N ASP A 142 14.72 12.05 -13.38
CA ASP A 142 14.77 12.48 -11.99
C ASP A 142 13.49 13.19 -11.57
N GLN A 143 12.50 13.28 -12.47
CA GLN A 143 11.25 13.94 -12.17
C GLN A 143 10.11 12.93 -12.04
N ILE A 144 10.20 11.78 -12.71
CA ILE A 144 9.19 10.75 -12.61
C ILE A 144 9.25 10.11 -11.23
N ALA A 145 10.47 9.80 -10.77
CA ALA A 145 10.70 9.21 -9.46
C ALA A 145 10.64 10.28 -8.35
N GLN A 146 10.18 11.49 -8.71
CA GLN A 146 9.99 12.58 -7.77
C GLN A 146 8.53 13.05 -7.83
N SER A 147 7.71 12.40 -8.67
CA SER A 147 6.31 12.73 -8.84
C SER A 147 5.39 11.56 -8.49
N LEU A 148 5.96 10.46 -8.00
CA LEU A 148 5.18 9.32 -7.51
C LEU A 148 5.70 8.81 -6.17
N CYS A 149 6.83 9.35 -5.70
CA CYS A 149 7.41 8.95 -4.43
C CYS A 149 6.56 9.48 -3.27
N GLY A 150 6.38 8.65 -2.23
CA GLY A 150 5.59 8.99 -1.06
C GLY A 150 4.09 9.16 -1.36
N GLU A 151 3.65 8.89 -2.60
CA GLU A 151 2.26 9.14 -2.97
C GLU A 151 1.34 7.98 -2.62
N ASP A 152 1.91 6.85 -2.19
CA ASP A 152 1.19 5.60 -1.95
C ASP A 152 0.58 5.05 -3.24
N LEU A 153 0.83 3.77 -3.54
CA LEU A 153 0.50 3.17 -4.82
C LEU A 153 -0.15 1.80 -4.64
N ILE A 154 -0.63 1.21 -5.75
CA ILE A 154 -1.31 -0.08 -5.73
C ILE A 154 -0.83 -0.89 -6.94
N ILE A 155 -0.61 -2.19 -6.75
CA ILE A 155 -0.10 -3.08 -7.79
C ILE A 155 -0.88 -4.39 -7.78
N LYS A 156 -1.73 -4.58 -8.81
CA LYS A 156 -2.63 -5.72 -8.97
C LYS A 156 -3.55 -5.94 -7.77
N GLY A 157 -3.54 -5.02 -6.80
CA GLY A 157 -4.32 -5.16 -5.58
C GLY A 157 -3.45 -5.08 -4.33
N ILE A 158 -2.15 -4.82 -4.50
CA ILE A 158 -1.23 -4.69 -3.37
C ILE A 158 -0.87 -3.22 -3.20
N SER A 159 -1.40 -2.61 -2.14
CA SER A 159 -1.17 -1.21 -1.78
C SER A 159 0.25 -0.97 -1.28
N VAL A 160 1.20 -0.82 -2.20
CA VAL A 160 2.59 -0.57 -1.83
C VAL A 160 2.76 0.90 -1.45
N HIS A 161 3.95 1.27 -0.97
CA HIS A 161 4.24 2.65 -0.61
C HIS A 161 5.64 3.00 -1.06
N ILE A 162 5.74 3.81 -2.12
CA ILE A 162 7.04 4.26 -2.60
C ILE A 162 7.60 5.28 -1.63
N SER A 163 8.94 5.31 -1.50
CA SER A 163 9.61 6.26 -0.62
C SER A 163 10.99 6.59 -1.17
N ASN A 164 11.77 7.36 -0.41
CA ASN A 164 13.05 7.88 -0.88
C ASN A 164 14.15 6.85 -0.67
N ALA A 165 14.67 6.28 -1.77
CA ALA A 165 15.74 5.32 -1.69
C ALA A 165 17.01 5.96 -1.14
N GLU A 166 17.89 5.10 -0.65
CA GLU A 166 19.16 5.45 -0.05
C GLU A 166 20.21 4.46 -0.56
N PRO A 167 20.88 4.79 -1.66
CA PRO A 167 21.88 3.94 -2.28
C PRO A 167 22.90 3.37 -1.30
N LYS A 168 23.33 2.14 -1.55
CA LYS A 168 24.36 1.46 -0.77
C LYS A 168 25.66 2.27 -0.63
N HIS A 169 25.80 3.39 -1.36
CA HIS A 169 27.05 4.15 -1.36
C HIS A 169 26.82 5.65 -1.55
N ASN A 170 25.56 6.11 -1.51
CA ASN A 170 25.23 7.52 -1.72
C ASN A 170 23.88 7.83 -1.07
N SER A 171 23.33 9.01 -1.32
CA SER A 171 22.05 9.43 -0.73
C SER A 171 21.06 9.91 -1.79
N ASN A 172 21.42 9.81 -3.08
CA ASN A 172 20.55 10.19 -4.17
C ASN A 172 21.03 9.52 -5.47
N ARG A 173 20.23 9.65 -6.54
CA ARG A 173 20.58 9.14 -7.86
C ARG A 173 20.00 10.06 -8.94
N GLN A 174 19.88 11.34 -8.63
CA GLN A 174 19.40 12.35 -9.58
C GLN A 174 20.24 12.36 -10.85
N GLY A 1 -18.30 21.75 1.22
CA GLY A 1 -17.63 22.82 1.98
C GLY A 1 -17.62 22.51 3.47
N SER A 2 -17.09 23.43 4.28
CA SER A 2 -16.95 23.27 5.72
C SER A 2 -16.24 21.97 6.10
N HIS A 3 -15.34 21.49 5.23
CA HIS A 3 -14.61 20.25 5.45
C HIS A 3 -13.17 20.35 4.93
N MET A 4 -12.40 19.28 5.10
CA MET A 4 -11.01 19.22 4.67
C MET A 4 -10.64 17.79 4.28
N ALA A 5 -9.41 17.60 3.78
CA ALA A 5 -8.92 16.29 3.37
C ALA A 5 -7.40 16.22 3.52
N SER A 6 -6.84 15.04 3.29
CA SER A 6 -5.40 14.81 3.38
C SER A 6 -5.01 13.66 2.46
N LYS A 7 -3.74 13.22 2.52
CA LYS A 7 -3.24 12.13 1.70
C LYS A 7 -4.03 10.84 1.99
N THR A 8 -3.98 9.87 1.09
CA THR A 8 -4.75 8.64 1.25
C THR A 8 -3.85 7.45 1.57
N SER A 9 -4.44 6.48 2.26
CA SER A 9 -3.75 5.27 2.70
C SER A 9 -4.75 4.15 2.96
N ASP A 10 -4.27 2.95 3.29
CA ASP A 10 -5.17 1.84 3.56
C ASP A 10 -5.61 1.87 5.02
N LEU A 11 -6.88 1.54 5.29
CA LEU A 11 -7.35 1.37 6.66
C LEU A 11 -6.96 -0.02 7.10
N ILE A 12 -6.51 -0.16 8.34
CA ILE A 12 -6.32 -1.48 8.92
C ILE A 12 -7.70 -2.02 9.28
N VAL A 13 -7.85 -3.34 9.25
CA VAL A 13 -9.09 -4.00 9.59
C VAL A 13 -8.81 -4.95 10.74
N LEU A 14 -8.93 -4.43 11.97
CA LEU A 14 -8.59 -5.16 13.18
C LEU A 14 -9.80 -5.94 13.70
N GLY A 15 -9.56 -7.00 14.47
CA GLY A 15 -10.64 -7.73 15.12
C GLY A 15 -11.30 -8.77 14.22
N LEU A 16 -10.67 -9.12 13.10
CA LEU A 16 -11.21 -10.14 12.21
C LEU A 16 -11.34 -11.47 12.95
N PRO A 17 -12.27 -12.34 12.52
CA PRO A 17 -12.51 -13.66 13.09
C PRO A 17 -11.42 -14.67 12.70
N TRP A 18 -10.31 -14.18 12.14
CA TRP A 18 -9.18 -15.01 11.71
C TRP A 18 -9.56 -16.08 10.68
N LYS A 19 -10.76 -15.97 10.06
CA LYS A 19 -11.22 -16.95 9.09
C LYS A 19 -11.90 -16.32 7.88
N THR A 20 -12.35 -15.07 7.97
CA THR A 20 -12.94 -14.38 6.83
C THR A 20 -11.90 -14.22 5.72
N THR A 21 -12.31 -14.43 4.47
CA THR A 21 -11.40 -14.27 3.33
C THR A 21 -11.25 -12.80 2.97
N GLU A 22 -10.39 -12.51 1.99
CA GLU A 22 -10.01 -11.15 1.64
C GLU A 22 -11.14 -10.45 0.87
N GLN A 23 -11.75 -11.14 -0.09
CA GLN A 23 -12.80 -10.52 -0.85
C GLN A 23 -13.97 -10.19 0.07
N ASP A 24 -14.35 -11.11 0.96
CA ASP A 24 -15.46 -10.88 1.90
C ASP A 24 -15.31 -9.57 2.68
N LEU A 25 -14.10 -9.00 2.74
CA LEU A 25 -13.95 -7.66 3.29
C LEU A 25 -14.42 -6.64 2.26
N LYS A 26 -14.00 -6.77 1.00
CA LYS A 26 -14.41 -5.79 -0.02
C LYS A 26 -15.91 -5.89 -0.31
N GLU A 27 -16.49 -7.09 -0.17
CA GLU A 27 -17.91 -7.32 -0.38
C GLU A 27 -18.79 -6.49 0.56
N TYR A 28 -18.20 -5.88 1.59
CA TYR A 28 -18.96 -5.05 2.52
C TYR A 28 -18.40 -3.63 2.58
N PHE A 29 -17.09 -3.46 2.36
CA PHE A 29 -16.50 -2.13 2.33
C PHE A 29 -17.05 -1.29 1.17
N SER A 30 -17.68 -1.95 0.19
CA SER A 30 -18.33 -1.27 -0.93
C SER A 30 -19.49 -0.39 -0.46
N THR A 31 -19.87 -0.47 0.82
CA THR A 31 -20.95 0.33 1.38
C THR A 31 -20.55 1.80 1.54
N PHE A 32 -19.28 2.13 1.35
CA PHE A 32 -18.79 3.49 1.55
C PHE A 32 -18.35 4.16 0.26
N GLY A 33 -17.83 3.39 -0.70
CA GLY A 33 -17.35 3.90 -1.97
C GLY A 33 -17.32 2.83 -3.05
N GLU A 34 -16.15 2.60 -3.65
CA GLU A 34 -16.01 1.65 -4.74
C GLU A 34 -14.89 0.64 -4.49
N VAL A 35 -14.16 0.81 -3.37
CA VAL A 35 -13.10 -0.06 -2.90
C VAL A 35 -12.12 -0.45 -4.02
N LEU A 36 -11.05 0.33 -4.18
CA LEU A 36 -10.03 0.04 -5.18
C LEU A 36 -9.47 -1.36 -4.97
N MET A 37 -9.25 -1.76 -3.70
CA MET A 37 -8.73 -3.10 -3.42
C MET A 37 -8.82 -3.44 -1.94
N VAL A 38 -8.44 -4.68 -1.63
CA VAL A 38 -8.33 -5.19 -0.27
C VAL A 38 -7.14 -6.16 -0.22
N GLN A 39 -6.54 -6.31 0.96
CA GLN A 39 -5.40 -7.20 1.13
C GLN A 39 -5.30 -7.64 2.59
N VAL A 40 -5.73 -8.87 2.89
CA VAL A 40 -5.64 -9.41 4.23
C VAL A 40 -4.17 -9.58 4.56
N LYS A 41 -3.79 -9.23 5.79
CA LYS A 41 -2.40 -9.25 6.21
C LYS A 41 -2.19 -10.08 7.48
N LYS A 42 -1.14 -10.89 7.44
CA LYS A 42 -0.76 -11.85 8.46
C LYS A 42 0.72 -12.20 8.33
N ASP A 43 1.18 -13.19 9.09
CA ASP A 43 2.59 -13.57 9.16
C ASP A 43 3.06 -14.19 7.84
N LEU A 44 4.37 -14.38 7.69
CA LEU A 44 4.95 -14.94 6.48
C LEU A 44 5.33 -16.40 6.70
N LYS A 45 5.39 -16.82 7.98
CA LYS A 45 5.77 -18.17 8.35
C LYS A 45 4.66 -18.93 9.07
N THR A 46 3.62 -18.21 9.49
CA THR A 46 2.45 -18.80 10.13
C THR A 46 1.16 -18.47 9.39
N GLY A 47 1.13 -17.30 8.73
CA GLY A 47 -0.07 -16.81 8.09
C GLY A 47 -1.18 -16.57 9.11
N HIS A 48 -0.80 -16.40 10.39
CA HIS A 48 -1.77 -16.37 11.48
C HIS A 48 -1.37 -15.46 12.65
N SER A 49 -0.56 -14.41 12.43
CA SER A 49 -0.04 -13.65 13.56
C SER A 49 -0.21 -12.13 13.46
N LYS A 50 -1.00 -11.60 12.51
CA LYS A 50 -1.32 -10.18 12.54
C LYS A 50 -2.83 -9.97 12.61
N GLY A 51 -3.62 -11.01 12.34
CA GLY A 51 -5.06 -11.03 12.55
C GLY A 51 -5.81 -9.83 11.97
N PHE A 52 -5.32 -9.26 10.86
CA PHE A 52 -5.93 -8.04 10.34
C PHE A 52 -5.91 -7.98 8.82
N GLY A 53 -6.37 -6.86 8.28
CA GLY A 53 -6.41 -6.66 6.83
C GLY A 53 -6.20 -5.21 6.46
N PHE A 54 -6.24 -4.97 5.15
CA PHE A 54 -6.14 -3.64 4.60
C PHE A 54 -7.20 -3.47 3.51
N VAL A 55 -7.78 -2.28 3.47
CA VAL A 55 -8.71 -1.87 2.43
C VAL A 55 -8.36 -0.46 1.94
N ARG A 56 -8.68 -0.16 0.68
CA ARG A 56 -8.36 1.11 0.06
C ARG A 56 -9.49 1.56 -0.85
N PHE A 57 -9.69 2.88 -0.92
CA PHE A 57 -10.81 3.48 -1.64
C PHE A 57 -10.32 4.54 -2.63
N THR A 58 -11.23 5.01 -3.48
CA THR A 58 -10.96 5.96 -4.56
C THR A 58 -10.75 7.38 -4.04
N GLU A 59 -11.18 7.65 -2.82
CA GLU A 59 -11.04 8.96 -2.21
C GLU A 59 -10.70 8.90 -0.73
N TYR A 60 -10.38 10.07 -0.16
CA TYR A 60 -9.96 10.18 1.23
C TYR A 60 -11.15 10.16 2.17
N GLU A 61 -12.25 10.81 1.79
CA GLU A 61 -13.45 10.82 2.60
C GLU A 61 -13.87 9.40 2.94
N THR A 62 -13.80 8.51 1.94
CA THR A 62 -14.23 7.14 2.09
C THR A 62 -13.32 6.36 3.05
N GLN A 63 -12.26 7.00 3.55
CA GLN A 63 -11.34 6.35 4.46
C GLN A 63 -11.44 6.99 5.85
N VAL A 64 -12.30 8.02 6.00
CA VAL A 64 -12.42 8.69 7.29
C VAL A 64 -13.81 8.50 7.90
N LYS A 65 -14.76 7.96 7.12
CA LYS A 65 -16.08 7.67 7.64
C LYS A 65 -16.20 6.22 8.15
N VAL A 66 -15.36 5.31 7.65
CA VAL A 66 -15.35 3.93 8.13
C VAL A 66 -14.72 3.89 9.53
N MET A 67 -13.64 4.64 9.74
CA MET A 67 -12.97 4.70 11.04
C MET A 67 -13.81 5.46 12.06
N SER A 68 -14.96 6.01 11.66
CA SER A 68 -15.82 6.75 12.57
C SER A 68 -16.48 5.81 13.58
N GLN A 69 -16.55 4.51 13.28
CA GLN A 69 -17.18 3.54 14.15
C GLN A 69 -16.79 2.10 13.78
N ARG A 70 -17.30 1.13 14.55
CA ARG A 70 -17.06 -0.30 14.34
C ARG A 70 -17.92 -0.85 13.21
N HIS A 71 -17.71 -2.13 12.87
CA HIS A 71 -18.45 -2.81 11.81
C HIS A 71 -18.59 -4.29 12.13
N MET A 72 -19.55 -4.96 11.49
CA MET A 72 -19.74 -6.39 11.68
C MET A 72 -19.37 -7.13 10.40
N ILE A 73 -18.40 -8.04 10.52
CA ILE A 73 -17.96 -8.89 9.41
C ILE A 73 -18.07 -10.35 9.78
N ASP A 74 -18.77 -11.10 8.93
CA ASP A 74 -18.97 -12.55 9.07
C ASP A 74 -19.60 -12.92 10.41
N GLY A 75 -20.14 -11.93 11.12
CA GLY A 75 -20.78 -12.14 12.41
C GLY A 75 -19.83 -11.84 13.57
N ARG A 76 -18.80 -11.03 13.31
CA ARG A 76 -17.80 -10.66 14.32
C ARG A 76 -17.57 -9.16 14.27
N TRP A 77 -17.58 -8.53 15.44
CA TRP A 77 -17.31 -7.11 15.54
C TRP A 77 -15.84 -6.85 15.30
N CYS A 78 -15.58 -5.89 14.42
CA CYS A 78 -14.24 -5.48 14.04
C CYS A 78 -14.15 -3.94 14.04
N ASP A 79 -12.96 -3.42 13.74
CA ASP A 79 -12.73 -1.99 13.70
C ASP A 79 -11.86 -1.63 12.50
N CYS A 80 -11.94 -0.37 12.08
CA CYS A 80 -11.11 0.13 10.99
C CYS A 80 -10.53 1.47 11.41
N LYS A 81 -9.28 1.73 11.04
CA LYS A 81 -8.60 2.96 11.44
C LYS A 81 -7.32 3.19 10.65
N LEU A 82 -6.58 4.25 10.99
CA LEU A 82 -5.34 4.62 10.33
C LEU A 82 -4.17 3.86 10.98
N PRO A 83 -3.34 3.17 10.20
CA PRO A 83 -2.15 2.48 10.70
C PRO A 83 -1.08 3.45 11.22
N ASN A 84 -0.01 2.88 11.76
CA ASN A 84 1.06 3.59 12.44
C ASN A 84 2.18 4.07 11.50
N SER A 85 1.94 4.10 10.19
CA SER A 85 2.98 4.42 9.21
C SER A 85 2.50 5.33 8.09
N LYS A 86 1.32 5.92 8.22
CA LYS A 86 0.74 6.79 7.19
C LYS A 86 0.09 8.03 7.80
N GLN A 87 -0.49 8.87 6.93
CA GLN A 87 -1.13 10.13 7.32
C GLN A 87 -0.14 11.05 8.06
N SER A 88 1.16 10.87 7.81
CA SER A 88 2.22 11.58 8.52
C SER A 88 3.43 11.81 7.61
N GLN A 89 3.19 12.40 6.44
CA GLN A 89 4.23 12.72 5.47
C GLN A 89 3.94 14.07 4.81
N ASP A 90 4.83 14.54 3.93
CA ASP A 90 4.65 15.84 3.29
C ASP A 90 5.20 15.85 1.86
N GLU A 91 6.46 15.42 1.71
CA GLU A 91 7.11 15.42 0.41
C GLU A 91 8.30 14.46 0.36
N PRO A 92 8.55 13.87 -0.82
CA PRO A 92 9.70 13.01 -1.10
C PRO A 92 10.93 13.85 -1.48
N LEU A 93 11.94 13.20 -2.06
CA LEU A 93 13.14 13.86 -2.54
C LEU A 93 13.47 13.44 -3.97
N ARG A 94 14.46 14.07 -4.59
CA ARG A 94 14.79 13.83 -5.99
C ARG A 94 15.72 12.63 -6.16
N SER A 95 15.46 11.85 -7.22
CA SER A 95 16.26 10.71 -7.65
C SER A 95 15.57 10.03 -8.83
N ARG A 96 16.21 9.00 -9.40
CA ARG A 96 15.58 8.12 -10.39
C ARG A 96 15.28 6.76 -9.77
N LYS A 97 15.92 6.46 -8.64
CA LYS A 97 15.67 5.23 -7.90
C LYS A 97 14.70 5.50 -6.77
N VAL A 98 13.83 4.54 -6.51
CA VAL A 98 12.90 4.60 -5.38
C VAL A 98 12.80 3.23 -4.71
N PHE A 99 12.20 3.21 -3.53
CA PHE A 99 12.10 2.02 -2.70
C PHE A 99 10.65 1.59 -2.63
N VAL A 100 10.43 0.30 -2.35
CA VAL A 100 9.09 -0.26 -2.22
C VAL A 100 9.00 -1.03 -0.91
N GLY A 101 7.84 -1.00 -0.25
CA GLY A 101 7.67 -1.69 1.01
C GLY A 101 6.29 -2.35 1.12
N ARG A 102 6.11 -3.15 2.17
CA ARG A 102 4.90 -3.94 2.43
C ARG A 102 4.64 -4.93 1.29
N CYS A 103 5.69 -5.20 0.49
CA CYS A 103 5.62 -6.05 -0.69
C CYS A 103 5.16 -7.47 -0.36
N THR A 104 4.80 -8.23 -1.40
CA THR A 104 4.34 -9.60 -1.25
C THR A 104 4.89 -10.46 -2.38
N GLU A 105 4.77 -11.78 -2.24
CA GLU A 105 5.26 -12.71 -3.24
C GLU A 105 4.32 -12.79 -4.45
N ASP A 106 3.19 -12.08 -4.40
CA ASP A 106 2.23 -12.06 -5.51
C ASP A 106 2.77 -11.28 -6.70
N MET A 107 3.79 -10.43 -6.47
CA MET A 107 4.47 -9.69 -7.53
C MET A 107 5.95 -10.05 -7.58
N THR A 108 6.65 -9.46 -8.55
CA THR A 108 8.08 -9.68 -8.77
C THR A 108 8.66 -8.55 -9.63
N GLU A 109 9.95 -8.67 -9.98
CA GLU A 109 10.70 -7.65 -10.69
C GLU A 109 10.02 -7.19 -11.98
N ASP A 110 9.71 -8.14 -12.85
CA ASP A 110 9.06 -7.87 -14.12
C ASP A 110 7.67 -7.27 -13.91
N GLU A 111 6.90 -7.81 -12.95
CA GLU A 111 5.55 -7.33 -12.69
C GLU A 111 5.55 -5.89 -12.21
N LEU A 112 6.62 -5.48 -11.53
CA LEU A 112 6.77 -4.13 -11.04
C LEU A 112 7.05 -3.20 -12.20
N ARG A 113 8.05 -3.50 -13.05
CA ARG A 113 8.37 -2.67 -14.19
C ARG A 113 7.20 -2.59 -15.18
N GLU A 114 6.38 -3.64 -15.22
CA GLU A 114 5.24 -3.70 -16.13
C GLU A 114 4.09 -2.84 -15.64
N PHE A 115 4.16 -2.39 -14.38
CA PHE A 115 3.18 -1.54 -13.76
C PHE A 115 3.73 -0.13 -13.54
N PHE A 116 5.04 0.00 -13.32
CA PHE A 116 5.66 1.30 -13.13
C PHE A 116 5.78 2.06 -14.45
N SER A 117 5.75 1.35 -15.59
CA SER A 117 5.88 1.96 -16.90
C SER A 117 4.69 2.84 -17.27
N GLN A 118 3.60 2.79 -16.50
CA GLN A 118 2.43 3.61 -16.80
C GLN A 118 2.69 5.08 -16.48
N TYR A 119 3.60 5.35 -15.54
CA TYR A 119 3.91 6.70 -15.10
C TYR A 119 4.98 7.36 -15.97
N GLY A 120 5.66 6.59 -16.83
CA GLY A 120 6.63 7.13 -17.76
C GLY A 120 7.40 6.00 -18.43
N ASP A 121 8.63 5.76 -17.96
CA ASP A 121 9.46 4.68 -18.46
C ASP A 121 10.34 4.14 -17.33
N VAL A 122 10.54 2.82 -17.33
CA VAL A 122 11.31 2.14 -16.29
C VAL A 122 12.64 1.66 -16.87
N MET A 123 13.72 1.75 -16.09
CA MET A 123 15.03 1.29 -16.51
C MET A 123 15.24 -0.14 -16.02
N ASP A 124 14.84 -0.43 -14.78
CA ASP A 124 15.02 -1.75 -14.18
C ASP A 124 14.33 -1.84 -12.83
N VAL A 125 14.27 -3.05 -12.27
CA VAL A 125 13.73 -3.32 -10.95
C VAL A 125 14.65 -4.34 -10.28
N PHE A 126 14.79 -4.24 -8.95
CA PHE A 126 15.65 -5.16 -8.23
C PHE A 126 15.00 -5.60 -6.91
N ILE A 127 15.24 -6.87 -6.56
CA ILE A 127 14.74 -7.48 -5.34
C ILE A 127 15.81 -8.47 -4.85
N PRO A 128 16.33 -8.29 -3.63
CA PRO A 128 17.33 -9.17 -3.06
C PRO A 128 16.72 -10.50 -2.65
N LYS A 129 17.57 -11.45 -2.26
CA LYS A 129 17.11 -12.79 -1.91
C LYS A 129 17.55 -13.16 -0.49
N PRO A 130 16.76 -14.01 0.18
CA PRO A 130 15.47 -14.49 -0.28
C PRO A 130 14.42 -13.38 -0.21
N PHE A 131 13.22 -13.66 -0.72
CA PHE A 131 12.13 -12.69 -0.78
C PHE A 131 11.87 -12.02 0.56
N ARG A 132 11.62 -10.71 0.53
CA ARG A 132 11.27 -9.91 1.69
C ARG A 132 10.25 -8.84 1.28
N ALA A 133 9.68 -8.14 2.27
CA ALA A 133 8.59 -7.20 2.08
C ALA A 133 9.00 -5.88 1.43
N PHE A 134 10.10 -5.86 0.66
CA PHE A 134 10.58 -4.62 0.04
C PHE A 134 11.24 -4.88 -1.31
N ALA A 135 11.70 -3.80 -1.95
CA ALA A 135 12.26 -3.84 -3.29
C ALA A 135 12.75 -2.45 -3.70
N PHE A 136 13.27 -2.37 -4.93
CA PHE A 136 13.73 -1.13 -5.54
C PHE A 136 13.33 -1.11 -7.02
N VAL A 137 13.31 0.08 -7.60
CA VAL A 137 13.06 0.27 -9.03
C VAL A 137 13.76 1.54 -9.49
N THR A 138 14.17 1.58 -10.77
CA THR A 138 14.78 2.75 -11.36
C THR A 138 13.92 3.27 -12.51
N PHE A 139 13.72 4.59 -12.58
CA PHE A 139 12.94 5.23 -13.61
C PHE A 139 13.87 5.93 -14.63
N ALA A 140 13.29 6.35 -15.75
CA ALA A 140 14.01 6.99 -16.83
C ALA A 140 14.24 8.47 -16.57
N ASP A 141 13.53 9.03 -15.58
CA ASP A 141 13.63 10.45 -15.29
C ASP A 141 13.69 10.71 -13.78
N ASP A 142 14.31 11.82 -13.39
CA ASP A 142 14.46 12.20 -12.01
C ASP A 142 13.22 12.93 -11.48
N GLN A 143 12.15 12.98 -12.28
CA GLN A 143 10.93 13.65 -11.90
C GLN A 143 9.76 12.67 -11.77
N ILE A 144 9.82 11.54 -12.48
CA ILE A 144 8.77 10.53 -12.39
C ILE A 144 8.86 9.87 -11.02
N ALA A 145 10.08 9.55 -10.57
CA ALA A 145 10.31 8.94 -9.27
C ALA A 145 10.01 9.93 -8.15
N GLN A 146 10.42 11.18 -8.32
CA GLN A 146 10.20 12.24 -7.34
C GLN A 146 8.72 12.63 -7.27
N SER A 147 7.88 12.05 -8.15
CA SER A 147 6.45 12.32 -8.18
C SER A 147 5.65 11.02 -8.03
N LEU A 148 6.33 9.92 -7.69
CA LEU A 148 5.69 8.64 -7.41
C LEU A 148 6.01 8.18 -5.99
N CYS A 149 7.01 8.80 -5.36
CA CYS A 149 7.40 8.49 -4.00
C CYS A 149 6.29 8.90 -3.02
N GLY A 150 6.11 8.08 -1.98
CA GLY A 150 5.10 8.32 -0.96
C GLY A 150 3.65 8.22 -1.46
N GLU A 151 3.44 7.80 -2.71
CA GLU A 151 2.10 7.75 -3.29
C GLU A 151 1.31 6.51 -2.86
N ASP A 152 1.93 5.62 -2.08
CA ASP A 152 1.29 4.39 -1.58
C ASP A 152 0.45 3.71 -2.66
N LEU A 153 1.14 3.20 -3.69
CA LEU A 153 0.55 2.63 -4.90
C LEU A 153 -0.19 1.32 -4.62
N ILE A 154 -0.69 0.70 -5.70
CA ILE A 154 -1.37 -0.59 -5.68
C ILE A 154 -0.89 -1.40 -6.87
N ILE A 155 -0.63 -2.69 -6.67
CA ILE A 155 -0.13 -3.57 -7.72
C ILE A 155 -0.93 -4.87 -7.74
N LYS A 156 -1.78 -5.03 -8.76
CA LYS A 156 -2.64 -6.19 -8.97
C LYS A 156 -3.54 -6.51 -7.79
N GLY A 157 -3.61 -5.61 -6.80
CA GLY A 157 -4.38 -5.82 -5.59
C GLY A 157 -3.51 -5.78 -4.34
N ILE A 158 -2.23 -5.44 -4.49
CA ILE A 158 -1.29 -5.35 -3.38
C ILE A 158 -0.85 -3.90 -3.23
N SER A 159 -1.39 -3.22 -2.22
CA SER A 159 -0.95 -1.87 -1.91
C SER A 159 0.50 -1.91 -1.46
N VAL A 160 1.39 -1.20 -2.17
CA VAL A 160 2.77 -1.08 -1.76
C VAL A 160 3.12 0.38 -1.49
N HIS A 161 3.93 0.60 -0.45
CA HIS A 161 4.28 1.93 0.00
C HIS A 161 5.64 2.31 -0.55
N ILE A 162 5.64 3.13 -1.60
CA ILE A 162 6.88 3.63 -2.18
C ILE A 162 7.52 4.60 -1.20
N SER A 163 8.86 4.65 -1.18
CA SER A 163 9.59 5.55 -0.31
C SER A 163 10.89 5.97 -0.96
N ASN A 164 11.67 6.81 -0.25
CA ASN A 164 12.87 7.41 -0.80
C ASN A 164 14.03 6.43 -0.70
N ALA A 165 14.43 5.83 -1.84
CA ALA A 165 15.56 4.94 -1.87
C ALA A 165 16.81 5.69 -1.42
N GLU A 166 17.77 4.90 -0.93
CA GLU A 166 19.04 5.37 -0.45
C GLU A 166 20.11 4.42 -0.96
N PRO A 167 21.11 4.90 -1.69
CA PRO A 167 22.12 4.06 -2.29
C PRO A 167 23.00 3.40 -1.22
N LYS A 168 23.47 2.18 -1.52
CA LYS A 168 24.40 1.44 -0.68
C LYS A 168 25.62 2.27 -0.27
N HIS A 169 25.90 3.37 -0.97
CA HIS A 169 26.99 4.29 -0.62
C HIS A 169 26.64 5.67 -1.15
N ASN A 170 27.34 6.71 -0.66
CA ASN A 170 27.01 8.10 -0.97
C ASN A 170 25.55 8.40 -0.64
N SER A 171 25.00 9.50 -1.18
CA SER A 171 23.62 9.87 -0.95
C SER A 171 23.04 10.63 -2.15
N ASN A 172 21.72 10.82 -2.15
CA ASN A 172 20.97 11.46 -3.21
C ASN A 172 21.36 10.96 -4.60
N ARG A 173 21.08 11.75 -5.63
CA ARG A 173 21.36 11.42 -7.02
C ARG A 173 21.84 12.66 -7.77
N GLN A 174 22.32 13.66 -7.01
CA GLN A 174 22.73 14.95 -7.54
C GLN A 174 24.04 15.38 -6.90
N GLY A 1 -19.45 14.44 1.37
CA GLY A 1 -19.36 15.90 1.18
C GLY A 1 -18.44 16.53 2.21
N SER A 2 -17.52 17.38 1.75
CA SER A 2 -16.53 18.03 2.61
C SER A 2 -16.10 19.38 2.03
N HIS A 3 -15.14 20.03 2.70
CA HIS A 3 -14.59 21.31 2.28
C HIS A 3 -13.07 21.30 2.37
N MET A 4 -12.50 20.19 2.84
CA MET A 4 -11.08 20.01 3.06
C MET A 4 -10.70 18.55 2.90
N ALA A 5 -9.41 18.25 2.89
CA ALA A 5 -8.93 16.87 2.80
C ALA A 5 -7.46 16.79 3.25
N SER A 6 -6.91 15.57 3.26
CA SER A 6 -5.53 15.33 3.66
C SER A 6 -4.96 14.13 2.92
N LYS A 7 -3.70 13.79 3.20
CA LYS A 7 -2.99 12.67 2.59
C LYS A 7 -3.78 11.37 2.78
N THR A 8 -3.64 10.44 1.85
CA THR A 8 -4.36 9.18 1.86
C THR A 8 -3.42 8.01 2.08
N SER A 9 -3.95 6.95 2.69
CA SER A 9 -3.24 5.72 3.02
C SER A 9 -4.25 4.59 3.17
N ASP A 10 -3.79 3.36 3.38
CA ASP A 10 -4.71 2.25 3.59
C ASP A 10 -5.17 2.26 5.05
N LEU A 11 -6.41 1.84 5.30
CA LEU A 11 -6.87 1.62 6.66
C LEU A 11 -6.59 0.18 7.04
N ILE A 12 -6.31 -0.02 8.32
CA ILE A 12 -6.15 -1.34 8.89
C ILE A 12 -7.53 -1.85 9.27
N VAL A 13 -7.68 -3.16 9.34
CA VAL A 13 -8.93 -3.80 9.69
C VAL A 13 -8.64 -4.78 10.82
N LEU A 14 -9.30 -4.61 11.95
CA LEU A 14 -9.00 -5.38 13.15
C LEU A 14 -10.21 -6.24 13.53
N GLY A 15 -10.01 -7.19 14.45
CA GLY A 15 -11.11 -8.01 14.93
C GLY A 15 -11.39 -9.22 14.05
N LEU A 16 -10.48 -9.55 13.12
CA LEU A 16 -10.65 -10.68 12.21
C LEU A 16 -11.11 -11.91 13.01
N PRO A 17 -12.22 -12.55 12.60
CA PRO A 17 -12.76 -13.76 13.22
C PRO A 17 -11.93 -14.98 12.84
N TRP A 18 -10.78 -14.77 12.20
CA TRP A 18 -9.86 -15.82 11.78
C TRP A 18 -10.50 -16.81 10.79
N LYS A 19 -11.66 -16.45 10.22
CA LYS A 19 -12.36 -17.28 9.25
C LYS A 19 -12.83 -16.49 8.03
N THR A 20 -12.95 -15.17 8.14
CA THR A 20 -13.25 -14.31 7.00
C THR A 20 -12.06 -14.32 6.03
N THR A 21 -12.23 -13.74 4.84
CA THR A 21 -11.18 -13.66 3.83
C THR A 21 -11.06 -12.25 3.29
N GLU A 22 -10.05 -12.02 2.46
CA GLU A 22 -9.68 -10.71 1.98
C GLU A 22 -10.77 -10.10 1.10
N GLN A 23 -11.29 -10.91 0.17
CA GLN A 23 -12.35 -10.43 -0.70
C GLN A 23 -13.54 -10.02 0.15
N ASP A 24 -13.96 -10.89 1.09
CA ASP A 24 -15.14 -10.64 1.91
C ASP A 24 -15.06 -9.31 2.66
N LEU A 25 -13.87 -8.75 2.85
CA LEU A 25 -13.75 -7.40 3.39
C LEU A 25 -14.19 -6.39 2.33
N LYS A 26 -13.75 -6.56 1.07
CA LYS A 26 -14.12 -5.59 0.04
C LYS A 26 -15.62 -5.67 -0.29
N GLU A 27 -16.18 -6.88 -0.19
CA GLU A 27 -17.59 -7.13 -0.47
C GLU A 27 -18.53 -6.32 0.40
N TYR A 28 -18.01 -5.67 1.44
CA TYR A 28 -18.82 -4.84 2.32
C TYR A 28 -18.27 -3.41 2.41
N PHE A 29 -16.95 -3.24 2.27
CA PHE A 29 -16.35 -1.91 2.29
C PHE A 29 -16.87 -1.06 1.13
N SER A 30 -17.45 -1.68 0.09
CA SER A 30 -18.01 -0.97 -1.04
C SER A 30 -19.20 -0.10 -0.64
N THR A 31 -19.67 -0.19 0.61
CA THR A 31 -20.79 0.61 1.09
C THR A 31 -20.39 2.06 1.38
N PHE A 32 -19.10 2.39 1.30
CA PHE A 32 -18.62 3.73 1.60
C PHE A 32 -18.04 4.44 0.37
N GLY A 33 -17.52 3.67 -0.60
CA GLY A 33 -16.93 4.21 -1.80
C GLY A 33 -16.90 3.16 -2.91
N GLU A 34 -15.71 2.90 -3.46
CA GLU A 34 -15.55 1.96 -4.57
C GLU A 34 -14.44 0.94 -4.33
N VAL A 35 -13.76 1.06 -3.20
CA VAL A 35 -12.69 0.14 -2.76
C VAL A 35 -11.71 -0.21 -3.87
N LEU A 36 -10.64 0.58 -3.98
CA LEU A 36 -9.60 0.31 -4.97
C LEU A 36 -9.03 -1.09 -4.77
N MET A 37 -8.83 -1.50 -3.51
CA MET A 37 -8.33 -2.85 -3.22
C MET A 37 -8.44 -3.19 -1.74
N VAL A 38 -8.06 -4.43 -1.42
CA VAL A 38 -7.98 -4.96 -0.07
C VAL A 38 -6.79 -5.93 -0.01
N GLN A 39 -6.18 -6.07 1.16
CA GLN A 39 -5.00 -6.91 1.30
C GLN A 39 -4.87 -7.36 2.76
N VAL A 40 -5.22 -8.62 3.05
CA VAL A 40 -5.09 -9.15 4.39
C VAL A 40 -3.62 -9.31 4.73
N LYS A 41 -3.25 -9.05 5.98
CA LYS A 41 -1.88 -9.19 6.43
C LYS A 41 -1.76 -10.06 7.68
N LYS A 42 -0.69 -10.87 7.68
CA LYS A 42 -0.36 -11.83 8.72
C LYS A 42 1.11 -12.26 8.53
N ASP A 43 1.54 -13.29 9.27
CA ASP A 43 2.92 -13.75 9.24
C ASP A 43 3.23 -14.52 7.95
N LEU A 44 4.45 -15.04 7.83
CA LEU A 44 4.87 -15.81 6.67
C LEU A 44 5.24 -17.23 7.06
N LYS A 45 5.39 -17.46 8.38
CA LYS A 45 5.76 -18.73 8.95
C LYS A 45 4.69 -19.29 9.88
N THR A 46 3.69 -18.47 10.21
CA THR A 46 2.55 -18.88 11.02
C THR A 46 1.22 -18.63 10.31
N GLY A 47 1.20 -17.60 9.46
CA GLY A 47 -0.02 -17.19 8.77
C GLY A 47 -1.06 -16.66 9.76
N HIS A 48 -0.64 -16.29 10.97
CA HIS A 48 -1.58 -16.00 12.06
C HIS A 48 -1.13 -14.87 12.99
N SER A 49 0.06 -14.30 12.80
CA SER A 49 0.63 -13.40 13.80
C SER A 49 0.24 -11.92 13.69
N LYS A 50 -0.55 -11.49 12.69
CA LYS A 50 -0.94 -10.09 12.65
C LYS A 50 -2.47 -9.92 12.69
N GLY A 51 -3.22 -10.98 12.38
CA GLY A 51 -4.67 -11.03 12.52
C GLY A 51 -5.39 -9.77 12.05
N PHE A 52 -4.94 -9.14 10.97
CA PHE A 52 -5.54 -7.88 10.54
C PHE A 52 -5.53 -7.78 9.02
N GLY A 53 -6.14 -6.73 8.48
CA GLY A 53 -6.18 -6.52 7.04
C GLY A 53 -5.96 -5.08 6.66
N PHE A 54 -5.98 -4.84 5.35
CA PHE A 54 -5.92 -3.51 4.79
C PHE A 54 -6.98 -3.34 3.72
N VAL A 55 -7.49 -2.11 3.65
CA VAL A 55 -8.40 -1.67 2.62
C VAL A 55 -8.00 -0.27 2.16
N ARG A 56 -8.30 0.06 0.90
CA ARG A 56 -7.93 1.35 0.31
C ARG A 56 -9.05 1.83 -0.62
N PHE A 57 -9.28 3.14 -0.62
CA PHE A 57 -10.36 3.77 -1.35
C PHE A 57 -9.85 4.85 -2.32
N THR A 58 -10.74 5.31 -3.18
CA THR A 58 -10.43 6.28 -4.23
C THR A 58 -10.26 7.70 -3.69
N GLU A 59 -10.72 7.95 -2.47
CA GLU A 59 -10.64 9.26 -1.85
C GLU A 59 -10.32 9.19 -0.36
N TYR A 60 -10.04 10.36 0.23
CA TYR A 60 -9.67 10.47 1.63
C TYR A 60 -10.91 10.45 2.52
N GLU A 61 -11.99 11.09 2.09
CA GLU A 61 -13.22 11.12 2.86
C GLU A 61 -13.67 9.71 3.20
N THR A 62 -13.56 8.79 2.24
CA THR A 62 -13.97 7.40 2.43
C THR A 62 -13.06 6.68 3.41
N GLN A 63 -12.06 7.38 3.93
CA GLN A 63 -11.10 6.82 4.87
C GLN A 63 -11.25 7.49 6.24
N VAL A 64 -12.23 8.40 6.37
CA VAL A 64 -12.45 9.09 7.64
C VAL A 64 -13.89 8.92 8.13
N LYS A 65 -14.79 8.39 7.29
CA LYS A 65 -16.14 8.11 7.72
C LYS A 65 -16.28 6.65 8.18
N VAL A 66 -15.42 5.77 7.69
CA VAL A 66 -15.39 4.38 8.13
C VAL A 66 -14.94 4.27 9.58
N MET A 67 -13.89 5.00 9.94
CA MET A 67 -13.33 4.98 11.28
C MET A 67 -14.24 5.71 12.27
N SER A 68 -15.33 6.32 11.79
CA SER A 68 -16.25 7.05 12.66
C SER A 68 -17.04 6.08 13.54
N GLN A 69 -17.05 4.78 13.20
CA GLN A 69 -17.74 3.79 13.99
C GLN A 69 -17.29 2.37 13.60
N ARG A 70 -17.84 1.37 14.29
CA ARG A 70 -17.54 -0.03 14.04
C ARG A 70 -18.43 -0.56 12.92
N HIS A 71 -18.22 -1.83 12.56
CA HIS A 71 -18.99 -2.47 11.49
C HIS A 71 -19.15 -3.96 11.78
N MET A 72 -20.18 -4.58 11.21
CA MET A 72 -20.42 -6.00 11.39
C MET A 72 -20.07 -6.74 10.11
N ILE A 73 -19.12 -7.67 10.22
CA ILE A 73 -18.67 -8.50 9.11
C ILE A 73 -18.77 -9.96 9.50
N ASP A 74 -19.46 -10.75 8.66
CA ASP A 74 -19.63 -12.18 8.82
C ASP A 74 -20.26 -12.55 10.17
N GLY A 75 -20.86 -11.57 10.84
CA GLY A 75 -21.48 -11.77 12.14
C GLY A 75 -20.51 -11.52 13.28
N ARG A 76 -19.51 -10.66 13.03
CA ARG A 76 -18.51 -10.26 14.00
C ARG A 76 -18.37 -8.76 13.95
N TRP A 77 -17.94 -8.18 15.07
CA TRP A 77 -17.64 -6.77 15.17
C TRP A 77 -16.16 -6.55 14.88
N CYS A 78 -15.89 -5.63 13.96
CA CYS A 78 -14.55 -5.22 13.59
C CYS A 78 -14.32 -3.74 13.90
N ASP A 79 -13.10 -3.27 13.61
CA ASP A 79 -12.75 -1.86 13.70
C ASP A 79 -11.93 -1.50 12.48
N CYS A 80 -11.99 -0.23 12.07
CA CYS A 80 -11.21 0.27 10.95
C CYS A 80 -10.62 1.62 11.34
N LYS A 81 -9.33 1.80 11.07
CA LYS A 81 -8.60 2.98 11.47
C LYS A 81 -7.32 3.11 10.65
N LEU A 82 -6.51 4.13 10.95
CA LEU A 82 -5.23 4.34 10.29
C LEU A 82 -4.12 3.80 11.20
N PRO A 83 -3.09 3.17 10.62
CA PRO A 83 -2.03 2.49 11.34
C PRO A 83 -0.99 3.47 11.91
N ASN A 84 -0.06 2.90 12.68
CA ASN A 84 1.00 3.61 13.38
C ASN A 84 2.13 4.08 12.46
N SER A 85 1.91 4.07 11.15
CA SER A 85 2.95 4.35 10.17
C SER A 85 2.47 5.22 9.02
N LYS A 86 1.27 5.79 9.15
CA LYS A 86 0.63 6.49 8.04
C LYS A 86 -0.02 7.79 8.51
N GLN A 87 -0.56 8.55 7.57
CA GLN A 87 -1.17 9.85 7.83
C GLN A 87 -0.20 10.78 8.57
N SER A 88 1.11 10.60 8.36
CA SER A 88 2.13 11.38 9.03
C SER A 88 3.34 11.66 8.13
N GLN A 89 3.05 11.86 6.85
CA GLN A 89 4.05 12.19 5.84
C GLN A 89 4.16 13.72 5.69
N ASP A 90 5.10 14.17 4.86
CA ASP A 90 5.27 15.58 4.59
C ASP A 90 5.74 15.78 3.15
N GLU A 91 6.77 15.02 2.76
CA GLU A 91 7.34 15.10 1.42
C GLU A 91 8.42 14.02 1.22
N PRO A 92 8.52 13.48 0.00
CA PRO A 92 9.60 12.59 -0.42
C PRO A 92 10.83 13.42 -0.84
N LEU A 93 11.80 12.79 -1.49
CA LEU A 93 13.00 13.44 -2.00
C LEU A 93 13.22 13.08 -3.47
N ARG A 94 14.26 13.68 -4.09
CA ARG A 94 14.52 13.51 -5.51
C ARG A 94 15.48 12.36 -5.78
N SER A 95 15.20 11.60 -6.84
CA SER A 95 16.06 10.53 -7.33
C SER A 95 15.44 9.90 -8.58
N ARG A 96 16.16 8.97 -9.23
CA ARG A 96 15.59 8.15 -10.29
C ARG A 96 15.32 6.75 -9.77
N LYS A 97 15.88 6.40 -8.62
CA LYS A 97 15.57 5.14 -7.97
C LYS A 97 14.45 5.35 -6.95
N VAL A 98 13.69 4.29 -6.69
CA VAL A 98 12.62 4.30 -5.70
C VAL A 98 12.62 2.97 -4.97
N PHE A 99 11.97 2.92 -3.81
CA PHE A 99 11.92 1.73 -2.97
C PHE A 99 10.47 1.29 -2.83
N VAL A 100 10.27 0.02 -2.49
CA VAL A 100 8.94 -0.57 -2.36
C VAL A 100 8.87 -1.31 -1.03
N GLY A 101 7.69 -1.33 -0.41
CA GLY A 101 7.51 -1.98 0.88
C GLY A 101 6.15 -2.69 0.98
N ARG A 102 5.98 -3.45 2.08
CA ARG A 102 4.80 -4.28 2.35
C ARG A 102 4.61 -5.31 1.23
N CYS A 103 5.66 -5.53 0.44
CA CYS A 103 5.65 -6.38 -0.75
C CYS A 103 5.20 -7.81 -0.43
N THR A 104 4.88 -8.58 -1.48
CA THR A 104 4.43 -9.95 -1.35
C THR A 104 5.03 -10.80 -2.46
N GLU A 105 4.93 -12.13 -2.32
CA GLU A 105 5.46 -13.05 -3.31
C GLU A 105 4.51 -13.18 -4.50
N ASP A 106 3.36 -12.50 -4.46
CA ASP A 106 2.38 -12.53 -5.53
C ASP A 106 2.87 -11.77 -6.76
N MET A 107 3.77 -10.80 -6.56
CA MET A 107 4.36 -10.04 -7.65
C MET A 107 5.85 -10.37 -7.84
N THR A 108 6.46 -9.76 -8.86
CA THR A 108 7.88 -9.98 -9.16
C THR A 108 8.45 -8.80 -9.94
N GLU A 109 9.75 -8.89 -10.27
CA GLU A 109 10.51 -7.82 -10.91
C GLU A 109 9.85 -7.32 -12.19
N ASP A 110 9.57 -8.23 -13.12
CA ASP A 110 8.97 -7.89 -14.40
C ASP A 110 7.59 -7.27 -14.21
N GLU A 111 6.78 -7.82 -13.30
CA GLU A 111 5.43 -7.33 -13.07
C GLU A 111 5.44 -5.92 -12.47
N LEU A 112 6.49 -5.61 -11.71
CA LEU A 112 6.65 -4.28 -11.14
C LEU A 112 6.96 -3.29 -12.25
N ARG A 113 7.95 -3.57 -13.10
CA ARG A 113 8.31 -2.71 -14.21
C ARG A 113 7.16 -2.56 -15.19
N GLU A 114 6.30 -3.58 -15.29
CA GLU A 114 5.18 -3.60 -16.22
C GLU A 114 4.02 -2.76 -15.71
N PHE A 115 4.08 -2.38 -14.44
CA PHE A 115 3.09 -1.54 -13.80
C PHE A 115 3.67 -0.15 -13.54
N PHE A 116 4.98 -0.04 -13.32
CA PHE A 116 5.65 1.23 -13.13
C PHE A 116 5.77 1.99 -14.45
N SER A 117 5.71 1.28 -15.58
CA SER A 117 5.86 1.90 -16.90
C SER A 117 4.67 2.78 -17.29
N GLN A 118 3.57 2.72 -16.54
CA GLN A 118 2.41 3.55 -16.85
C GLN A 118 2.67 5.02 -16.53
N TYR A 119 3.59 5.27 -15.58
CA TYR A 119 3.90 6.61 -15.11
C TYR A 119 4.95 7.30 -16.00
N GLY A 120 5.65 6.54 -16.84
CA GLY A 120 6.61 7.11 -17.76
C GLY A 120 7.44 6.01 -18.43
N ASP A 121 8.67 5.81 -17.97
CA ASP A 121 9.55 4.76 -18.49
C ASP A 121 10.38 4.20 -17.33
N VAL A 122 10.59 2.88 -17.35
CA VAL A 122 11.31 2.17 -16.30
C VAL A 122 12.61 1.61 -16.86
N MET A 123 13.70 1.76 -16.12
CA MET A 123 14.99 1.25 -16.52
C MET A 123 15.17 -0.18 -16.05
N ASP A 124 14.73 -0.46 -14.82
CA ASP A 124 14.86 -1.78 -14.22
C ASP A 124 14.11 -1.87 -12.90
N VAL A 125 14.06 -3.09 -12.34
CA VAL A 125 13.51 -3.39 -11.04
C VAL A 125 14.44 -4.42 -10.39
N PHE A 126 14.59 -4.33 -9.06
CA PHE A 126 15.47 -5.26 -8.36
C PHE A 126 14.85 -5.71 -7.05
N ILE A 127 15.12 -6.97 -6.69
CA ILE A 127 14.62 -7.60 -5.47
C ILE A 127 15.70 -8.53 -4.95
N PRO A 128 16.21 -8.28 -3.73
CA PRO A 128 17.24 -9.11 -3.11
C PRO A 128 16.64 -10.43 -2.65
N LYS A 129 17.44 -11.28 -1.99
CA LYS A 129 16.99 -12.59 -1.59
C LYS A 129 17.52 -12.98 -0.20
N PRO A 130 16.82 -13.90 0.48
CA PRO A 130 15.57 -14.50 0.05
C PRO A 130 14.45 -13.45 0.08
N PHE A 131 13.29 -13.81 -0.47
CA PHE A 131 12.17 -12.89 -0.59
C PHE A 131 11.84 -12.20 0.75
N ARG A 132 11.56 -10.89 0.69
CA ARG A 132 11.22 -10.08 1.85
C ARG A 132 10.20 -9.02 1.45
N ALA A 133 9.72 -8.26 2.45
CA ALA A 133 8.64 -7.30 2.31
C ALA A 133 9.02 -6.02 1.53
N PHE A 134 10.08 -6.05 0.72
CA PHE A 134 10.52 -4.84 0.03
C PHE A 134 11.15 -5.13 -1.33
N ALA A 135 11.61 -4.07 -2.00
CA ALA A 135 12.14 -4.11 -3.35
C ALA A 135 12.60 -2.71 -3.78
N PHE A 136 13.07 -2.60 -5.02
CA PHE A 136 13.50 -1.34 -5.62
C PHE A 136 13.07 -1.26 -7.08
N VAL A 137 13.15 -0.05 -7.65
CA VAL A 137 12.87 0.19 -9.05
C VAL A 137 13.67 1.40 -9.51
N THR A 138 14.00 1.46 -10.80
CA THR A 138 14.68 2.61 -11.38
C THR A 138 13.88 3.16 -12.55
N PHE A 139 13.78 4.49 -12.62
CA PHE A 139 13.05 5.18 -13.67
C PHE A 139 14.00 5.95 -14.59
N ALA A 140 13.47 6.41 -15.72
CA ALA A 140 14.23 7.11 -16.74
C ALA A 140 14.35 8.58 -16.41
N ASP A 141 13.55 9.08 -15.46
CA ASP A 141 13.55 10.48 -15.11
C ASP A 141 13.56 10.68 -13.60
N ASP A 142 14.11 11.82 -13.16
CA ASP A 142 14.23 12.14 -11.75
C ASP A 142 12.95 12.79 -11.22
N GLN A 143 11.93 12.91 -12.07
CA GLN A 143 10.67 13.51 -11.68
C GLN A 143 9.57 12.46 -11.53
N ILE A 144 9.68 11.36 -12.28
CA ILE A 144 8.70 10.27 -12.17
C ILE A 144 8.91 9.54 -10.84
N ALA A 145 10.18 9.34 -10.47
CA ALA A 145 10.58 8.68 -9.24
C ALA A 145 10.51 9.63 -8.04
N GLN A 146 9.92 10.81 -8.24
CA GLN A 146 9.76 11.82 -7.21
C GLN A 146 8.29 12.31 -7.17
N SER A 147 7.45 11.75 -8.03
CA SER A 147 6.06 12.18 -8.17
C SER A 147 5.05 11.07 -7.85
N LEU A 148 5.52 9.87 -7.48
CA LEU A 148 4.62 8.81 -7.03
C LEU A 148 5.11 8.12 -5.76
N CYS A 149 6.27 8.55 -5.26
CA CYS A 149 6.81 8.05 -4.02
C CYS A 149 5.96 8.52 -2.83
N GLY A 150 5.83 7.66 -1.81
CA GLY A 150 5.05 7.94 -0.62
C GLY A 150 3.53 7.92 -0.86
N GLU A 151 3.07 7.43 -2.02
CA GLU A 151 1.65 7.46 -2.36
C GLU A 151 0.93 6.12 -2.14
N ASP A 152 1.62 5.12 -1.60
CA ASP A 152 1.07 3.77 -1.39
C ASP A 152 0.32 3.26 -2.63
N LEU A 153 1.08 2.83 -3.64
CA LEU A 153 0.52 2.34 -4.90
C LEU A 153 -0.16 0.98 -4.70
N ILE A 154 -0.67 0.40 -5.79
CA ILE A 154 -1.35 -0.89 -5.78
C ILE A 154 -0.90 -1.69 -6.99
N ILE A 155 -0.62 -2.98 -6.81
CA ILE A 155 -0.16 -3.86 -7.88
C ILE A 155 -0.95 -5.16 -7.85
N LYS A 156 -1.78 -5.36 -8.88
CA LYS A 156 -2.68 -6.51 -9.03
C LYS A 156 -3.62 -6.72 -7.84
N GLY A 157 -3.63 -5.78 -6.91
CA GLY A 157 -4.45 -5.88 -5.70
C GLY A 157 -3.59 -5.84 -4.43
N ILE A 158 -2.27 -5.72 -4.59
CA ILE A 158 -1.34 -5.64 -3.47
C ILE A 158 -0.91 -4.20 -3.30
N SER A 159 -1.41 -3.54 -2.27
CA SER A 159 -0.97 -2.20 -1.95
C SER A 159 0.48 -2.24 -1.52
N VAL A 160 1.35 -1.54 -2.25
CA VAL A 160 2.76 -1.46 -1.90
C VAL A 160 3.15 -0.05 -1.47
N HIS A 161 3.90 0.03 -0.37
CA HIS A 161 4.36 1.29 0.20
C HIS A 161 5.61 1.75 -0.51
N ILE A 162 5.45 2.48 -1.61
CA ILE A 162 6.58 3.09 -2.29
C ILE A 162 7.20 4.13 -1.35
N SER A 163 8.53 4.23 -1.35
CA SER A 163 9.22 5.14 -0.46
C SER A 163 10.55 5.59 -1.06
N ASN A 164 11.32 6.37 -0.30
CA ASN A 164 12.52 7.02 -0.80
C ASN A 164 13.71 6.06 -0.74
N ALA A 165 14.13 5.56 -1.90
CA ALA A 165 15.30 4.69 -1.96
C ALA A 165 16.52 5.45 -1.47
N GLU A 166 17.50 4.68 -1.00
CA GLU A 166 18.74 5.16 -0.43
C GLU A 166 19.87 4.32 -1.00
N PRO A 167 20.54 4.80 -2.05
CA PRO A 167 21.62 4.08 -2.70
C PRO A 167 22.63 3.49 -1.73
N LYS A 168 23.14 2.31 -2.08
CA LYS A 168 24.19 1.62 -1.33
C LYS A 168 25.43 2.50 -1.08
N HIS A 169 25.51 3.68 -1.72
CA HIS A 169 26.69 4.54 -1.62
C HIS A 169 26.33 6.03 -1.73
N ASN A 170 25.05 6.37 -1.68
CA ASN A 170 24.59 7.75 -1.84
C ASN A 170 23.22 7.92 -1.17
N SER A 171 22.58 9.08 -1.34
CA SER A 171 21.30 9.36 -0.70
C SER A 171 20.29 10.03 -1.64
N ASN A 172 20.65 10.26 -2.90
CA ASN A 172 19.73 10.84 -3.87
C ASN A 172 20.10 10.49 -5.31
N ARG A 173 21.41 10.34 -5.58
CA ARG A 173 21.95 10.08 -6.91
C ARG A 173 21.28 10.94 -7.98
N GLN A 174 20.92 12.17 -7.62
CA GLN A 174 20.28 13.13 -8.54
C GLN A 174 21.17 13.42 -9.76
N GLY A 1 -2.92 24.47 9.82
CA GLY A 1 -3.12 23.17 9.17
C GLY A 1 -4.50 23.07 8.53
N SER A 2 -5.10 21.88 8.56
CA SER A 2 -6.42 21.64 8.00
C SER A 2 -7.08 20.45 8.70
N HIS A 3 -8.39 20.27 8.47
CA HIS A 3 -9.14 19.18 9.08
C HIS A 3 -10.32 18.77 8.18
N MET A 4 -10.62 19.56 7.14
CA MET A 4 -11.71 19.25 6.22
C MET A 4 -11.38 18.05 5.35
N ALA A 5 -10.09 17.76 5.23
CA ALA A 5 -9.61 16.74 4.32
C ALA A 5 -8.12 16.48 4.54
N SER A 6 -7.61 15.38 3.97
CA SER A 6 -6.20 15.04 4.08
C SER A 6 -5.82 14.04 2.98
N LYS A 7 -4.55 13.63 2.96
CA LYS A 7 -4.04 12.63 2.04
C LYS A 7 -4.75 11.28 2.24
N THR A 8 -4.64 10.39 1.25
CA THR A 8 -5.34 9.11 1.27
C THR A 8 -4.36 7.96 1.45
N SER A 9 -4.87 6.85 2.00
CA SER A 9 -4.10 5.66 2.28
C SER A 9 -5.04 4.51 2.59
N ASP A 10 -4.50 3.30 2.81
CA ASP A 10 -5.33 2.17 3.18
C ASP A 10 -5.68 2.25 4.66
N LEU A 11 -6.87 1.77 5.02
CA LEU A 11 -7.24 1.59 6.42
C LEU A 11 -6.98 0.15 6.80
N ILE A 12 -6.50 -0.06 8.03
CA ILE A 12 -6.36 -1.40 8.56
C ILE A 12 -7.74 -1.89 8.95
N VAL A 13 -7.93 -3.20 8.91
CA VAL A 13 -9.17 -3.83 9.34
C VAL A 13 -8.77 -4.80 10.45
N LEU A 14 -9.33 -4.60 11.65
CA LEU A 14 -8.86 -5.30 12.84
C LEU A 14 -10.01 -6.03 13.51
N GLY A 15 -9.70 -7.17 14.15
CA GLY A 15 -10.70 -7.94 14.87
C GLY A 15 -11.30 -9.06 14.02
N LEU A 16 -10.70 -9.35 12.86
CA LEU A 16 -11.20 -10.41 11.98
C LEU A 16 -11.40 -11.71 12.77
N PRO A 17 -12.43 -12.49 12.43
CA PRO A 17 -12.79 -13.75 13.08
C PRO A 17 -11.82 -14.88 12.75
N TRP A 18 -10.66 -14.55 12.16
CA TRP A 18 -9.62 -15.51 11.79
C TRP A 18 -10.12 -16.55 10.77
N LYS A 19 -11.29 -16.34 10.17
CA LYS A 19 -11.85 -17.26 9.20
C LYS A 19 -12.46 -16.57 7.97
N THR A 20 -12.72 -15.27 8.05
CA THR A 20 -13.15 -14.48 6.91
C THR A 20 -12.03 -14.43 5.87
N THR A 21 -12.33 -13.90 4.67
CA THR A 21 -11.36 -13.80 3.60
C THR A 21 -11.30 -12.38 3.06
N GLU A 22 -10.44 -12.17 2.05
CA GLU A 22 -10.13 -10.86 1.52
C GLU A 22 -11.30 -10.27 0.75
N GLN A 23 -11.92 -11.05 -0.15
CA GLN A 23 -13.04 -10.53 -0.89
C GLN A 23 -14.18 -10.22 0.08
N ASP A 24 -14.48 -11.11 1.01
CA ASP A 24 -15.56 -10.92 1.97
C ASP A 24 -15.46 -9.58 2.69
N LEU A 25 -14.27 -8.97 2.74
CA LEU A 25 -14.16 -7.60 3.21
C LEU A 25 -14.77 -6.65 2.18
N LYS A 26 -14.34 -6.76 0.92
CA LYS A 26 -14.86 -5.84 -0.11
C LYS A 26 -16.37 -6.01 -0.31
N GLU A 27 -16.88 -7.23 -0.10
CA GLU A 27 -18.29 -7.54 -0.21
C GLU A 27 -19.15 -6.75 0.78
N TYR A 28 -18.52 -6.08 1.75
CA TYR A 28 -19.25 -5.29 2.72
C TYR A 28 -18.72 -3.85 2.78
N PHE A 29 -17.43 -3.65 2.49
CA PHE A 29 -16.86 -2.31 2.46
C PHE A 29 -17.49 -1.47 1.35
N SER A 30 -18.14 -2.11 0.38
CA SER A 30 -18.85 -1.42 -0.70
C SER A 30 -20.03 -0.59 -0.18
N THR A 31 -20.36 -0.72 1.10
CA THR A 31 -21.46 0.04 1.70
C THR A 31 -21.08 1.51 1.94
N PHE A 32 -19.81 1.87 1.71
CA PHE A 32 -19.33 3.23 1.96
C PHE A 32 -18.89 3.93 0.68
N GLY A 33 -18.41 3.16 -0.30
CA GLY A 33 -17.97 3.71 -1.58
C GLY A 33 -18.02 2.65 -2.67
N GLU A 34 -16.89 2.45 -3.37
CA GLU A 34 -16.82 1.51 -4.49
C GLU A 34 -15.65 0.53 -4.33
N VAL A 35 -14.88 0.68 -3.25
CA VAL A 35 -13.76 -0.19 -2.88
C VAL A 35 -12.89 -0.57 -4.07
N LEU A 36 -11.86 0.25 -4.34
CA LEU A 36 -10.94 -0.02 -5.41
C LEU A 36 -10.32 -1.40 -5.25
N MET A 37 -9.96 -1.78 -4.01
CA MET A 37 -9.43 -3.12 -3.74
C MET A 37 -9.33 -3.41 -2.25
N VAL A 38 -8.91 -4.63 -1.93
CA VAL A 38 -8.69 -5.11 -0.56
C VAL A 38 -7.48 -6.03 -0.56
N GLN A 39 -6.82 -6.14 0.60
CA GLN A 39 -5.62 -6.96 0.73
C GLN A 39 -5.44 -7.40 2.18
N VAL A 40 -5.78 -8.66 2.47
CA VAL A 40 -5.60 -9.22 3.80
C VAL A 40 -4.11 -9.30 4.09
N LYS A 41 -3.74 -8.97 5.33
CA LYS A 41 -2.36 -8.99 5.75
C LYS A 41 -2.18 -9.89 6.98
N LYS A 42 -1.10 -10.68 6.94
CA LYS A 42 -0.84 -11.76 7.88
C LYS A 42 0.65 -12.00 8.08
N ASP A 43 0.98 -13.03 8.86
CA ASP A 43 2.35 -13.36 9.26
C ASP A 43 3.09 -14.05 8.10
N LEU A 44 4.41 -14.21 8.22
CA LEU A 44 5.25 -14.77 7.17
C LEU A 44 6.10 -15.92 7.70
N LYS A 45 6.32 -15.97 9.02
CA LYS A 45 7.08 -17.04 9.65
C LYS A 45 6.13 -18.05 10.29
N THR A 46 4.85 -17.66 10.44
CA THR A 46 3.81 -18.55 10.94
C THR A 46 2.67 -18.66 9.93
N GLY A 47 2.41 -17.57 9.19
CA GLY A 47 1.35 -17.51 8.19
C GLY A 47 -0.03 -17.75 8.80
N HIS A 48 -0.12 -17.72 10.15
CA HIS A 48 -1.38 -17.95 10.83
C HIS A 48 -2.31 -16.76 10.61
N SER A 49 -1.71 -15.56 10.69
CA SER A 49 -2.29 -14.25 10.47
C SER A 49 -2.14 -13.40 11.71
N LYS A 50 -1.80 -12.12 11.51
CA LYS A 50 -1.81 -11.14 12.59
C LYS A 50 -3.27 -10.78 12.88
N GLY A 51 -4.16 -11.14 11.97
CA GLY A 51 -5.59 -10.95 12.14
C GLY A 51 -6.08 -9.67 11.50
N PHE A 52 -5.45 -9.17 10.43
CA PHE A 52 -5.88 -7.89 9.91
C PHE A 52 -5.91 -7.83 8.39
N GLY A 53 -6.47 -6.73 7.87
CA GLY A 53 -6.52 -6.51 6.43
C GLY A 53 -6.31 -5.05 6.09
N PHE A 54 -6.34 -4.77 4.79
CA PHE A 54 -6.27 -3.42 4.27
C PHE A 54 -7.33 -3.28 3.18
N VAL A 55 -7.93 -2.10 3.15
CA VAL A 55 -8.92 -1.72 2.15
C VAL A 55 -8.58 -0.36 1.54
N ARG A 56 -8.99 -0.15 0.29
CA ARG A 56 -8.72 1.07 -0.46
C ARG A 56 -9.98 1.55 -1.16
N PHE A 57 -10.21 2.86 -1.13
CA PHE A 57 -11.41 3.49 -1.67
C PHE A 57 -11.05 4.54 -2.71
N THR A 58 -12.06 5.02 -3.44
CA THR A 58 -11.90 5.98 -4.52
C THR A 58 -11.70 7.41 -4.02
N GLU A 59 -12.05 7.66 -2.76
CA GLU A 59 -11.93 8.98 -2.15
C GLU A 59 -11.51 8.93 -0.70
N TYR A 60 -11.17 10.11 -0.14
CA TYR A 60 -10.71 10.23 1.22
C TYR A 60 -11.87 10.19 2.21
N GLU A 61 -12.99 10.80 1.85
CA GLU A 61 -14.18 10.81 2.71
C GLU A 61 -14.59 9.39 3.07
N THR A 62 -14.53 8.49 2.09
CA THR A 62 -14.90 7.10 2.32
C THR A 62 -13.92 6.40 3.26
N GLN A 63 -12.87 7.11 3.67
CA GLN A 63 -11.82 6.57 4.48
C GLN A 63 -11.88 7.20 5.88
N VAL A 64 -12.84 8.11 6.10
CA VAL A 64 -12.98 8.77 7.40
C VAL A 64 -14.36 8.56 8.01
N LYS A 65 -15.31 8.02 7.24
CA LYS A 65 -16.62 7.69 7.77
C LYS A 65 -16.69 6.24 8.24
N VAL A 66 -15.81 5.39 7.70
CA VAL A 66 -15.69 4.00 8.14
C VAL A 66 -15.17 3.93 9.58
N MET A 67 -14.14 4.71 9.88
CA MET A 67 -13.51 4.73 11.18
C MET A 67 -14.38 5.46 12.21
N SER A 68 -15.52 6.01 11.78
CA SER A 68 -16.43 6.70 12.68
C SER A 68 -17.10 5.71 13.63
N GLN A 69 -17.12 4.42 13.28
CA GLN A 69 -17.73 3.39 14.11
C GLN A 69 -17.24 2.00 13.74
N ARG A 70 -17.74 0.98 14.44
CA ARG A 70 -17.39 -0.41 14.24
C ARG A 70 -18.19 -1.00 13.09
N HIS A 71 -17.94 -2.27 12.77
CA HIS A 71 -18.61 -2.97 11.69
C HIS A 71 -18.78 -4.44 12.02
N MET A 72 -19.80 -5.08 11.43
CA MET A 72 -20.04 -6.50 11.66
C MET A 72 -19.66 -7.27 10.40
N ILE A 73 -18.66 -8.14 10.54
CA ILE A 73 -18.15 -8.95 9.45
C ILE A 73 -18.33 -10.42 9.78
N ASP A 74 -19.09 -11.12 8.93
CA ASP A 74 -19.38 -12.54 9.04
C ASP A 74 -19.99 -12.93 10.40
N GLY A 75 -20.41 -11.93 11.17
CA GLY A 75 -21.03 -12.13 12.46
C GLY A 75 -20.09 -11.78 13.62
N ARG A 76 -19.05 -10.99 13.34
CA ARG A 76 -18.04 -10.61 14.32
C ARG A 76 -17.79 -9.10 14.24
N TRP A 77 -17.80 -8.44 15.40
CA TRP A 77 -17.53 -7.02 15.48
C TRP A 77 -16.05 -6.76 15.24
N CYS A 78 -15.77 -5.86 14.29
CA CYS A 78 -14.43 -5.50 13.89
C CYS A 78 -14.31 -3.98 13.79
N ASP A 79 -13.10 -3.47 13.56
CA ASP A 79 -12.86 -2.04 13.47
C ASP A 79 -12.04 -1.70 12.24
N CYS A 80 -12.04 -0.41 11.88
CA CYS A 80 -11.23 0.12 10.79
C CYS A 80 -10.69 1.46 11.22
N LYS A 81 -9.43 1.75 10.89
CA LYS A 81 -8.77 2.98 11.33
C LYS A 81 -7.51 3.24 10.51
N LEU A 82 -6.82 4.33 10.83
CA LEU A 82 -5.60 4.74 10.14
C LEU A 82 -4.39 4.12 10.84
N PRO A 83 -3.53 3.38 10.13
CA PRO A 83 -2.36 2.74 10.70
C PRO A 83 -1.32 3.74 11.19
N ASN A 84 -0.37 3.24 11.98
CA ASN A 84 0.68 4.03 12.60
C ASN A 84 1.80 4.44 11.63
N SER A 85 1.57 4.31 10.32
CA SER A 85 2.60 4.54 9.31
C SER A 85 2.07 5.31 8.11
N LYS A 86 0.93 5.97 8.24
CA LYS A 86 0.30 6.69 7.13
C LYS A 86 -0.28 8.02 7.64
N GLN A 87 -0.82 8.84 6.73
CA GLN A 87 -1.41 10.13 7.08
C GLN A 87 -0.43 10.99 7.89
N SER A 88 0.88 10.77 7.70
CA SER A 88 1.92 11.42 8.49
C SER A 88 3.17 11.66 7.62
N GLN A 89 2.95 12.25 6.44
CA GLN A 89 4.00 12.56 5.49
C GLN A 89 3.67 13.88 4.78
N ASP A 90 4.54 14.33 3.86
CA ASP A 90 4.30 15.59 3.16
C ASP A 90 4.80 15.54 1.73
N GLU A 91 6.07 15.17 1.53
CA GLU A 91 6.65 15.14 0.21
C GLU A 91 7.91 14.25 0.13
N PRO A 92 8.17 13.66 -1.03
CA PRO A 92 9.37 12.88 -1.34
C PRO A 92 10.53 13.80 -1.74
N LEU A 93 11.57 13.21 -2.33
CA LEU A 93 12.73 13.93 -2.84
C LEU A 93 13.00 13.52 -4.28
N ARG A 94 13.93 14.21 -4.94
CA ARG A 94 14.25 13.92 -6.34
C ARG A 94 15.29 12.80 -6.44
N SER A 95 15.08 11.89 -7.40
CA SER A 95 15.95 10.76 -7.64
C SER A 95 15.45 9.94 -8.83
N ARG A 96 16.21 8.90 -9.20
CA ARG A 96 15.77 7.92 -10.18
C ARG A 96 15.52 6.56 -9.53
N LYS A 97 16.01 6.38 -8.30
CA LYS A 97 15.78 5.16 -7.55
C LYS A 97 14.74 5.40 -6.46
N VAL A 98 13.82 4.45 -6.32
CA VAL A 98 12.85 4.47 -5.24
C VAL A 98 12.70 3.07 -4.64
N PHE A 99 12.08 3.03 -3.47
CA PHE A 99 11.91 1.84 -2.67
C PHE A 99 10.47 1.37 -2.83
N VAL A 100 10.23 0.11 -2.49
CA VAL A 100 8.91 -0.49 -2.54
C VAL A 100 8.73 -1.27 -1.23
N GLY A 101 7.57 -1.16 -0.59
CA GLY A 101 7.37 -1.81 0.70
C GLY A 101 6.05 -2.57 0.79
N ARG A 102 5.88 -3.31 1.89
CA ARG A 102 4.73 -4.16 2.15
C ARG A 102 4.58 -5.20 1.03
N CYS A 103 5.66 -5.45 0.30
CA CYS A 103 5.71 -6.33 -0.85
C CYS A 103 5.20 -7.73 -0.52
N THR A 104 4.90 -8.51 -1.55
CA THR A 104 4.36 -9.87 -1.41
C THR A 104 4.91 -10.75 -2.51
N GLU A 105 4.76 -12.07 -2.33
CA GLU A 105 5.26 -13.04 -3.29
C GLU A 105 4.37 -13.08 -4.55
N ASP A 106 3.26 -12.33 -4.55
CA ASP A 106 2.35 -12.28 -5.69
C ASP A 106 2.98 -11.52 -6.86
N MET A 107 3.97 -10.68 -6.58
CA MET A 107 4.71 -9.95 -7.60
C MET A 107 6.20 -10.30 -7.60
N THR A 108 6.93 -9.73 -8.55
CA THR A 108 8.37 -9.96 -8.71
C THR A 108 9.00 -8.86 -9.55
N GLU A 109 10.30 -8.98 -9.84
CA GLU A 109 11.09 -7.97 -10.53
C GLU A 109 10.46 -7.50 -11.83
N ASP A 110 10.16 -8.44 -12.71
CA ASP A 110 9.55 -8.14 -14.01
C ASP A 110 8.17 -7.53 -13.85
N GLU A 111 7.36 -8.06 -12.93
CA GLU A 111 6.00 -7.58 -12.72
C GLU A 111 6.00 -6.12 -12.24
N LEU A 112 7.04 -5.73 -11.51
CA LEU A 112 7.20 -4.37 -11.04
C LEU A 112 7.57 -3.45 -12.19
N ARG A 113 8.62 -3.77 -12.96
CA ARG A 113 9.04 -2.97 -14.09
C ARG A 113 7.93 -2.87 -15.14
N GLU A 114 7.09 -3.89 -15.25
CA GLU A 114 6.03 -3.91 -16.25
C GLU A 114 4.87 -3.02 -15.83
N PHE A 115 4.81 -2.67 -14.54
CA PHE A 115 3.78 -1.81 -13.98
C PHE A 115 4.33 -0.40 -13.78
N PHE A 116 5.61 -0.25 -13.49
CA PHE A 116 6.22 1.06 -13.29
C PHE A 116 6.40 1.79 -14.63
N SER A 117 6.47 1.06 -15.74
CA SER A 117 6.67 1.65 -17.06
C SER A 117 5.47 2.49 -17.52
N GLN A 118 4.35 2.45 -16.81
CA GLN A 118 3.19 3.23 -17.18
C GLN A 118 3.40 4.72 -16.90
N TYR A 119 4.27 5.03 -15.92
CA TYR A 119 4.52 6.39 -15.50
C TYR A 119 5.61 7.06 -16.35
N GLY A 120 6.36 6.27 -17.13
CA GLY A 120 7.35 6.80 -18.04
C GLY A 120 8.19 5.67 -18.63
N ASP A 121 9.38 5.46 -18.08
CA ASP A 121 10.26 4.37 -18.51
C ASP A 121 11.07 3.86 -17.32
N VAL A 122 11.29 2.55 -17.28
CA VAL A 122 12.01 1.89 -16.19
C VAL A 122 13.33 1.35 -16.70
N MET A 123 14.38 1.48 -15.88
CA MET A 123 15.70 1.00 -16.24
C MET A 123 15.89 -0.42 -15.71
N ASP A 124 15.42 -0.68 -14.48
CA ASP A 124 15.58 -1.97 -13.83
C ASP A 124 14.78 -2.03 -12.53
N VAL A 125 14.72 -3.23 -11.93
CA VAL A 125 14.11 -3.49 -10.66
C VAL A 125 15.00 -4.46 -9.89
N PHE A 126 15.04 -4.33 -8.57
CA PHE A 126 15.86 -5.22 -7.75
C PHE A 126 15.11 -5.65 -6.50
N ILE A 127 15.41 -6.86 -6.04
CA ILE A 127 14.81 -7.46 -4.86
C ILE A 127 15.88 -8.35 -4.21
N PRO A 128 16.10 -8.22 -2.90
CA PRO A 128 17.06 -9.02 -2.16
C PRO A 128 16.54 -10.45 -2.00
N LYS A 129 17.29 -11.31 -1.32
CA LYS A 129 16.83 -12.67 -1.10
C LYS A 129 17.22 -13.20 0.28
N PRO A 130 16.47 -14.16 0.81
CA PRO A 130 15.25 -14.69 0.23
C PRO A 130 14.17 -13.60 0.25
N PHE A 131 12.96 -13.89 -0.24
CA PHE A 131 11.89 -12.91 -0.35
C PHE A 131 11.69 -12.14 0.97
N ARG A 132 11.47 -10.82 0.87
CA ARG A 132 11.31 -9.93 2.02
C ARG A 132 10.23 -8.90 1.73
N ALA A 133 9.92 -8.07 2.73
CA ALA A 133 8.80 -7.13 2.71
C ALA A 133 8.99 -5.94 1.76
N PHE A 134 9.99 -5.97 0.88
CA PHE A 134 10.32 -4.79 0.09
C PHE A 134 11.05 -5.13 -1.21
N ALA A 135 11.31 -4.07 -1.98
CA ALA A 135 11.96 -4.11 -3.28
C ALA A 135 12.44 -2.71 -3.64
N PHE A 136 13.00 -2.56 -4.84
CA PHE A 136 13.48 -1.30 -5.37
C PHE A 136 13.28 -1.24 -6.88
N VAL A 137 13.35 -0.03 -7.45
CA VAL A 137 13.23 0.16 -8.89
C VAL A 137 13.99 1.40 -9.31
N THR A 138 14.47 1.41 -10.56
CA THR A 138 15.15 2.57 -11.13
C THR A 138 14.39 3.06 -12.35
N PHE A 139 14.22 4.39 -12.46
CA PHE A 139 13.52 5.03 -13.55
C PHE A 139 14.51 5.71 -14.50
N ALA A 140 14.00 6.12 -15.67
CA ALA A 140 14.78 6.75 -16.70
C ALA A 140 14.96 8.25 -16.44
N ASP A 141 14.16 8.81 -15.54
CA ASP A 141 14.22 10.25 -15.26
C ASP A 141 14.20 10.56 -13.78
N ASP A 142 14.78 11.70 -13.41
CA ASP A 142 14.89 12.14 -12.03
C ASP A 142 13.59 12.80 -11.55
N GLN A 143 12.51 12.69 -12.33
CA GLN A 143 11.25 13.32 -11.99
C GLN A 143 10.09 12.32 -11.95
N ILE A 144 10.19 11.21 -12.69
CA ILE A 144 9.13 10.20 -12.69
C ILE A 144 9.09 9.49 -11.35
N ALA A 145 10.26 9.13 -10.80
CA ALA A 145 10.31 8.47 -9.52
C ALA A 145 9.94 9.42 -8.40
N GLN A 146 10.14 10.73 -8.63
CA GLN A 146 9.83 11.78 -7.67
C GLN A 146 8.34 12.12 -7.71
N SER A 147 7.63 11.77 -8.80
CA SER A 147 6.24 12.13 -8.98
C SER A 147 5.28 11.05 -8.48
N LEU A 148 5.80 9.89 -8.04
CA LEU A 148 4.94 8.84 -7.52
C LEU A 148 5.40 8.25 -6.20
N CYS A 149 6.51 8.76 -5.64
CA CYS A 149 6.99 8.30 -4.35
C CYS A 149 6.01 8.72 -3.24
N GLY A 150 5.79 7.83 -2.27
CA GLY A 150 4.92 8.10 -1.14
C GLY A 150 3.43 8.02 -1.49
N GLU A 151 3.09 7.59 -2.71
CA GLU A 151 1.72 7.57 -3.18
C GLU A 151 1.05 6.22 -2.89
N ASP A 152 1.76 5.31 -2.22
CA ASP A 152 1.28 3.97 -1.89
C ASP A 152 0.50 3.35 -3.05
N LEU A 153 1.24 2.99 -4.12
CA LEU A 153 0.68 2.47 -5.36
C LEU A 153 0.01 1.11 -5.13
N ILE A 154 -0.48 0.51 -6.22
CA ILE A 154 -1.12 -0.80 -6.20
C ILE A 154 -0.65 -1.62 -7.39
N ILE A 155 -0.37 -2.91 -7.17
CA ILE A 155 0.15 -3.79 -8.20
C ILE A 155 -0.66 -5.09 -8.20
N LYS A 156 -1.46 -5.30 -9.25
CA LYS A 156 -2.31 -6.47 -9.44
C LYS A 156 -3.27 -6.73 -8.29
N GLY A 157 -3.35 -5.80 -7.33
CA GLY A 157 -4.20 -5.95 -6.15
C GLY A 157 -3.39 -5.84 -4.86
N ILE A 158 -2.09 -5.60 -4.97
CA ILE A 158 -1.21 -5.47 -3.81
C ILE A 158 -0.80 -4.01 -3.65
N SER A 159 -1.34 -3.33 -2.65
CA SER A 159 -0.93 -1.98 -2.34
C SER A 159 0.53 -2.00 -1.88
N VAL A 160 1.41 -1.32 -2.61
CA VAL A 160 2.81 -1.22 -2.23
C VAL A 160 3.20 0.22 -1.88
N HIS A 161 3.90 0.35 -0.75
CA HIS A 161 4.32 1.63 -0.20
C HIS A 161 5.64 2.06 -0.84
N ILE A 162 5.55 2.82 -1.94
CA ILE A 162 6.73 3.40 -2.55
C ILE A 162 7.31 4.45 -1.61
N SER A 163 8.64 4.55 -1.56
CA SER A 163 9.30 5.52 -0.70
C SER A 163 10.67 5.90 -1.26
N ASN A 164 11.34 6.85 -0.61
CA ASN A 164 12.64 7.35 -1.03
C ASN A 164 13.73 6.32 -0.74
N ALA A 165 14.28 5.69 -1.78
CA ALA A 165 15.32 4.70 -1.62
C ALA A 165 16.58 5.32 -1.01
N GLU A 166 16.86 5.00 0.26
CA GLU A 166 18.07 5.38 0.94
C GLU A 166 19.22 4.64 0.27
N PRO A 167 20.08 5.33 -0.50
CA PRO A 167 21.11 4.68 -1.30
C PRO A 167 22.04 3.80 -0.49
N LYS A 168 22.36 2.62 -1.04
CA LYS A 168 23.40 1.75 -0.49
C LYS A 168 24.71 2.51 -0.34
N HIS A 169 25.02 3.39 -1.29
CA HIS A 169 26.27 4.13 -1.28
C HIS A 169 26.23 5.36 -2.19
N ASN A 170 25.40 5.36 -3.24
CA ASN A 170 25.28 6.48 -4.16
C ASN A 170 23.98 6.41 -4.94
N SER A 171 23.41 7.57 -5.28
CA SER A 171 22.18 7.67 -6.05
C SER A 171 21.98 9.12 -6.51
N ASN A 172 20.75 9.42 -6.97
CA ASN A 172 20.33 10.69 -7.57
C ASN A 172 21.26 11.24 -8.64
N ARG A 173 20.84 12.34 -9.28
CA ARG A 173 21.58 12.99 -10.36
C ARG A 173 21.40 14.50 -10.31
N GLN A 174 20.92 15.04 -9.19
CA GLN A 174 20.69 16.47 -9.00
C GLN A 174 21.97 17.28 -9.25
N GLY A 1 -15.95 27.82 1.72
CA GLY A 1 -16.14 26.37 1.84
C GLY A 1 -16.66 25.98 3.23
N SER A 2 -16.88 24.68 3.44
CA SER A 2 -17.38 24.17 4.70
C SER A 2 -16.88 22.75 4.97
N HIS A 3 -16.02 22.23 4.09
CA HIS A 3 -15.45 20.89 4.21
C HIS A 3 -14.03 20.87 3.68
N MET A 4 -13.31 19.77 3.94
CA MET A 4 -11.92 19.63 3.52
C MET A 4 -11.57 18.15 3.33
N ALA A 5 -10.35 17.88 2.86
CA ALA A 5 -9.85 16.54 2.66
C ALA A 5 -8.33 16.54 2.86
N SER A 6 -7.72 15.34 2.89
CA SER A 6 -6.29 15.20 3.14
C SER A 6 -5.72 14.01 2.36
N LYS A 7 -4.42 13.77 2.55
CA LYS A 7 -3.71 12.65 1.94
C LYS A 7 -4.40 11.33 2.23
N THR A 8 -4.28 10.37 1.31
CA THR A 8 -4.97 9.08 1.41
C THR A 8 -3.98 7.94 1.62
N SER A 9 -4.50 6.84 2.18
CA SER A 9 -3.73 5.63 2.45
C SER A 9 -4.70 4.49 2.79
N ASP A 10 -4.18 3.28 3.01
CA ASP A 10 -5.05 2.17 3.36
C ASP A 10 -5.43 2.25 4.83
N LEU A 11 -6.63 1.76 5.17
CA LEU A 11 -7.03 1.61 6.56
C LEU A 11 -6.78 0.16 6.97
N ILE A 12 -6.27 -0.01 8.19
CA ILE A 12 -6.12 -1.34 8.75
C ILE A 12 -7.50 -1.85 9.14
N VAL A 13 -7.67 -3.17 9.10
CA VAL A 13 -8.92 -3.82 9.46
C VAL A 13 -8.62 -4.80 10.59
N LEU A 14 -8.56 -4.27 11.81
CA LEU A 14 -8.23 -5.04 13.00
C LEU A 14 -9.46 -5.79 13.52
N GLY A 15 -9.24 -6.82 14.33
CA GLY A 15 -10.34 -7.51 15.00
C GLY A 15 -10.97 -8.61 14.18
N LEU A 16 -10.35 -9.01 13.06
CA LEU A 16 -10.91 -10.06 12.23
C LEU A 16 -11.06 -11.36 13.03
N PRO A 17 -12.04 -12.20 12.64
CA PRO A 17 -12.31 -13.49 13.27
C PRO A 17 -11.26 -14.54 12.90
N TRP A 18 -10.17 -14.13 12.26
CA TRP A 18 -9.06 -15.00 11.86
C TRP A 18 -9.50 -16.12 10.91
N LYS A 19 -10.68 -16.00 10.29
CA LYS A 19 -11.19 -17.01 9.36
C LYS A 19 -11.82 -16.41 8.10
N THR A 20 -12.31 -15.17 8.18
CA THR A 20 -12.92 -14.50 7.04
C THR A 20 -11.90 -14.32 5.91
N THR A 21 -12.36 -14.45 4.66
CA THR A 21 -11.49 -14.28 3.50
C THR A 21 -11.36 -12.81 3.14
N GLU A 22 -10.48 -12.50 2.19
CA GLU A 22 -10.13 -11.14 1.82
C GLU A 22 -11.25 -10.48 1.00
N GLN A 23 -11.83 -11.24 0.06
CA GLN A 23 -12.91 -10.71 -0.74
C GLN A 23 -14.04 -10.28 0.18
N ASP A 24 -14.42 -11.13 1.14
CA ASP A 24 -15.54 -10.85 2.04
C ASP A 24 -15.41 -9.50 2.72
N LEU A 25 -14.18 -9.02 2.92
CA LEU A 25 -13.99 -7.68 3.45
C LEU A 25 -14.50 -6.66 2.44
N LYS A 26 -14.16 -6.82 1.15
CA LYS A 26 -14.62 -5.85 0.15
C LYS A 26 -16.13 -5.94 -0.04
N GLU A 27 -16.69 -7.14 0.10
CA GLU A 27 -18.12 -7.39 -0.07
C GLU A 27 -18.96 -6.59 0.92
N TYR A 28 -18.34 -5.97 1.93
CA TYR A 28 -19.06 -5.16 2.91
C TYR A 28 -18.54 -3.73 2.93
N PHE A 29 -17.25 -3.53 2.65
CA PHE A 29 -16.67 -2.20 2.57
C PHE A 29 -17.33 -1.38 1.45
N SER A 30 -18.02 -2.04 0.51
CA SER A 30 -18.72 -1.37 -0.57
C SER A 30 -19.87 -0.50 -0.06
N THR A 31 -20.20 -0.59 1.23
CA THR A 31 -21.28 0.21 1.82
C THR A 31 -20.85 1.66 2.06
N PHE A 32 -19.58 1.99 1.79
CA PHE A 32 -19.07 3.35 2.02
C PHE A 32 -18.62 4.02 0.73
N GLY A 33 -18.15 3.24 -0.24
CA GLY A 33 -17.70 3.76 -1.53
C GLY A 33 -17.73 2.68 -2.60
N GLU A 34 -16.60 2.50 -3.29
CA GLU A 34 -16.50 1.55 -4.40
C GLU A 34 -15.35 0.57 -4.22
N VAL A 35 -14.59 0.73 -3.13
CA VAL A 35 -13.48 -0.14 -2.72
C VAL A 35 -12.55 -0.52 -3.86
N LEU A 36 -11.51 0.28 -4.07
CA LEU A 36 -10.54 0.00 -5.13
C LEU A 36 -9.92 -1.38 -4.91
N MET A 37 -9.66 -1.78 -3.67
CA MET A 37 -9.12 -3.11 -3.39
C MET A 37 -9.14 -3.44 -1.90
N VAL A 38 -8.77 -4.68 -1.58
CA VAL A 38 -8.60 -5.19 -0.22
C VAL A 38 -7.41 -6.14 -0.20
N GLN A 39 -6.76 -6.27 0.96
CA GLN A 39 -5.60 -7.13 1.10
C GLN A 39 -5.42 -7.55 2.56
N VAL A 40 -5.79 -8.78 2.89
CA VAL A 40 -5.60 -9.31 4.24
C VAL A 40 -4.11 -9.43 4.49
N LYS A 41 -3.67 -9.02 5.67
CA LYS A 41 -2.26 -9.03 6.02
C LYS A 41 -2.03 -9.78 7.34
N LYS A 42 -0.98 -10.61 7.34
CA LYS A 42 -0.61 -11.47 8.46
C LYS A 42 0.80 -12.01 8.23
N ASP A 43 1.22 -13.00 9.03
CA ASP A 43 2.58 -13.52 9.00
C ASP A 43 2.87 -14.26 7.69
N LEU A 44 4.13 -14.62 7.47
CA LEU A 44 4.57 -15.33 6.28
C LEU A 44 5.03 -16.74 6.64
N LYS A 45 5.31 -16.99 7.92
CA LYS A 45 5.74 -18.29 8.40
C LYS A 45 4.68 -18.98 9.26
N THR A 46 3.68 -18.24 9.69
CA THR A 46 2.55 -18.77 10.45
C THR A 46 1.22 -18.49 9.75
N GLY A 47 1.19 -17.41 8.97
CA GLY A 47 -0.02 -16.96 8.31
C GLY A 47 -1.07 -16.51 9.33
N HIS A 48 -0.66 -16.26 10.57
CA HIS A 48 -1.59 -16.10 11.69
C HIS A 48 -1.14 -15.13 12.78
N SER A 49 -0.29 -14.14 12.51
CA SER A 49 0.28 -13.34 13.59
C SER A 49 -0.01 -11.84 13.52
N LYS A 50 -0.87 -11.37 12.61
CA LYS A 50 -1.29 -9.97 12.64
C LYS A 50 -2.81 -9.82 12.61
N GLY A 51 -3.52 -10.89 12.21
CA GLY A 51 -4.97 -10.97 12.26
C GLY A 51 -5.70 -9.74 11.75
N PHE A 52 -5.21 -9.10 10.68
CA PHE A 52 -5.84 -7.88 10.19
C PHE A 52 -5.83 -7.81 8.67
N GLY A 53 -6.29 -6.70 8.12
CA GLY A 53 -6.33 -6.50 6.68
C GLY A 53 -6.12 -5.05 6.30
N PHE A 54 -6.20 -4.80 5.01
CA PHE A 54 -6.14 -3.47 4.45
C PHE A 54 -7.25 -3.32 3.41
N VAL A 55 -7.76 -2.10 3.34
CA VAL A 55 -8.75 -1.70 2.34
C VAL A 55 -8.38 -0.34 1.76
N ARG A 56 -8.77 -0.11 0.50
CA ARG A 56 -8.50 1.12 -0.21
C ARG A 56 -9.76 1.58 -0.93
N PHE A 57 -9.98 2.90 -0.98
CA PHE A 57 -11.16 3.51 -1.56
C PHE A 57 -10.78 4.57 -2.60
N THR A 58 -11.77 5.01 -3.37
CA THR A 58 -11.57 5.96 -4.46
C THR A 58 -11.36 7.39 -3.96
N GLU A 59 -11.71 7.65 -2.70
CA GLU A 59 -11.57 8.97 -2.10
C GLU A 59 -11.15 8.92 -0.64
N TYR A 60 -10.81 10.09 -0.09
CA TYR A 60 -10.35 10.22 1.29
C TYR A 60 -11.52 10.20 2.26
N GLU A 61 -12.64 10.82 1.88
CA GLU A 61 -13.82 10.85 2.72
C GLU A 61 -14.25 9.44 3.11
N THR A 62 -14.21 8.52 2.15
CA THR A 62 -14.59 7.14 2.38
C THR A 62 -13.60 6.44 3.32
N GLN A 63 -12.56 7.16 3.73
CA GLN A 63 -11.51 6.62 4.57
C GLN A 63 -11.58 7.27 5.95
N VAL A 64 -12.54 8.18 6.16
CA VAL A 64 -12.68 8.86 7.43
C VAL A 64 -14.08 8.67 8.04
N LYS A 65 -15.02 8.09 7.29
CA LYS A 65 -16.34 7.78 7.82
C LYS A 65 -16.41 6.33 8.29
N VAL A 66 -15.54 5.46 7.77
CA VAL A 66 -15.43 4.08 8.23
C VAL A 66 -14.91 4.02 9.66
N MET A 67 -13.92 4.85 9.97
CA MET A 67 -13.28 4.85 11.28
C MET A 67 -14.14 5.55 12.31
N SER A 68 -15.31 6.08 11.90
CA SER A 68 -16.23 6.73 12.83
C SER A 68 -16.90 5.71 13.74
N GLN A 69 -16.87 4.43 13.38
CA GLN A 69 -17.48 3.39 14.19
C GLN A 69 -16.97 2.00 13.80
N ARG A 70 -17.46 0.97 14.49
CA ARG A 70 -17.08 -0.41 14.27
C ARG A 70 -17.88 -1.01 13.12
N HIS A 71 -17.60 -2.27 12.79
CA HIS A 71 -18.28 -2.97 11.71
C HIS A 71 -18.42 -4.46 12.04
N MET A 72 -19.43 -5.12 11.45
CA MET A 72 -19.66 -6.53 11.69
C MET A 72 -19.25 -7.33 10.45
N ILE A 73 -18.25 -8.18 10.62
CA ILE A 73 -17.73 -9.03 9.57
C ILE A 73 -17.90 -10.50 9.94
N ASP A 74 -18.63 -11.22 9.09
CA ASP A 74 -18.91 -12.65 9.25
C ASP A 74 -19.56 -13.00 10.59
N GLY A 75 -20.00 -11.99 11.33
CA GLY A 75 -20.65 -12.17 12.62
C GLY A 75 -19.71 -11.80 13.77
N ARG A 76 -18.68 -11.00 13.49
CA ARG A 76 -17.67 -10.60 14.46
C ARG A 76 -17.47 -9.09 14.37
N TRP A 77 -17.42 -8.42 15.52
CA TRP A 77 -17.16 -7.00 15.57
C TRP A 77 -15.67 -6.74 15.32
N CYS A 78 -15.40 -5.85 14.38
CA CYS A 78 -14.05 -5.48 14.00
C CYS A 78 -13.93 -3.97 13.90
N ASP A 79 -12.72 -3.45 13.65
CA ASP A 79 -12.49 -2.01 13.61
C ASP A 79 -11.68 -1.62 12.38
N CYS A 80 -11.76 -0.33 12.00
CA CYS A 80 -10.98 0.21 10.91
C CYS A 80 -10.43 1.58 11.35
N LYS A 81 -9.16 1.84 11.02
CA LYS A 81 -8.50 3.07 11.44
C LYS A 81 -7.26 3.33 10.59
N LEU A 82 -6.55 4.41 10.88
CA LEU A 82 -5.36 4.82 10.14
C LEU A 82 -4.13 4.20 10.82
N PRO A 83 -3.29 3.45 10.08
CA PRO A 83 -2.11 2.80 10.62
C PRO A 83 -1.06 3.78 11.15
N ASN A 84 -0.12 3.25 11.92
CA ASN A 84 0.94 3.97 12.60
C ASN A 84 2.07 4.40 11.66
N SER A 85 1.87 4.28 10.34
CA SER A 85 2.93 4.53 9.36
C SER A 85 2.43 5.31 8.17
N LYS A 86 1.28 5.98 8.29
CA LYS A 86 0.67 6.71 7.18
C LYS A 86 0.10 8.03 7.69
N GLN A 87 -0.43 8.86 6.79
CA GLN A 87 -1.00 10.16 7.14
C GLN A 87 -0.01 10.99 7.97
N SER A 88 1.29 10.76 7.77
CA SER A 88 2.34 11.38 8.57
C SER A 88 3.60 11.61 7.74
N GLN A 89 3.43 12.21 6.57
CA GLN A 89 4.53 12.53 5.67
C GLN A 89 4.29 13.88 5.01
N ASP A 90 5.31 14.46 4.39
CA ASP A 90 5.23 15.78 3.80
C ASP A 90 5.88 15.85 2.42
N GLU A 91 7.08 15.30 2.25
CA GLU A 91 7.74 15.31 0.94
C GLU A 91 8.88 14.29 0.84
N PRO A 92 9.06 13.71 -0.35
CA PRO A 92 10.17 12.83 -0.71
C PRO A 92 11.40 13.64 -1.13
N LEU A 93 12.37 12.97 -1.75
CA LEU A 93 13.58 13.58 -2.29
C LEU A 93 13.77 13.20 -3.77
N ARG A 94 14.76 13.81 -4.42
CA ARG A 94 15.00 13.56 -5.84
C ARG A 94 15.83 12.31 -6.05
N SER A 95 15.49 11.52 -7.07
CA SER A 95 16.21 10.31 -7.42
C SER A 95 15.67 9.73 -8.73
N ARG A 96 16.37 8.73 -9.28
CA ARG A 96 15.90 7.94 -10.42
C ARG A 96 15.39 6.60 -9.95
N LYS A 97 15.57 6.28 -8.66
CA LYS A 97 15.13 5.01 -8.09
C LYS A 97 14.06 5.24 -7.04
N VAL A 98 13.27 4.20 -6.80
CA VAL A 98 12.25 4.21 -5.76
C VAL A 98 12.33 2.91 -4.97
N PHE A 99 11.92 2.98 -3.70
CA PHE A 99 11.86 1.82 -2.83
C PHE A 99 10.43 1.30 -2.90
N VAL A 100 10.25 0.02 -2.61
CA VAL A 100 8.92 -0.57 -2.54
C VAL A 100 8.83 -1.36 -1.25
N GLY A 101 7.70 -1.28 -0.56
CA GLY A 101 7.52 -1.94 0.72
C GLY A 101 6.19 -2.67 0.82
N ARG A 102 6.00 -3.38 1.94
CA ARG A 102 4.84 -4.22 2.22
C ARG A 102 4.64 -5.26 1.11
N CYS A 103 5.70 -5.53 0.35
CA CYS A 103 5.69 -6.41 -0.81
C CYS A 103 5.20 -7.81 -0.46
N THR A 104 4.85 -8.59 -1.49
CA THR A 104 4.36 -9.95 -1.33
C THR A 104 4.90 -10.84 -2.45
N GLU A 105 4.75 -12.15 -2.28
CA GLU A 105 5.19 -13.12 -3.27
C GLU A 105 4.24 -13.16 -4.49
N ASP A 106 3.11 -12.46 -4.40
CA ASP A 106 2.12 -12.46 -5.48
C ASP A 106 2.63 -11.74 -6.73
N MET A 107 3.54 -10.77 -6.55
CA MET A 107 4.11 -10.02 -7.65
C MET A 107 5.58 -10.38 -7.89
N THR A 108 6.18 -9.78 -8.92
CA THR A 108 7.59 -10.03 -9.27
C THR A 108 8.19 -8.90 -10.09
N GLU A 109 9.51 -8.97 -10.31
CA GLU A 109 10.31 -7.95 -10.97
C GLU A 109 9.67 -7.41 -12.24
N ASP A 110 9.32 -8.31 -13.15
CA ASP A 110 8.70 -7.93 -14.41
C ASP A 110 7.37 -7.26 -14.18
N GLU A 111 6.55 -7.77 -13.26
CA GLU A 111 5.23 -7.22 -13.02
C GLU A 111 5.30 -5.83 -12.42
N LEU A 112 6.33 -5.55 -11.61
CA LEU A 112 6.58 -4.22 -11.12
C LEU A 112 6.82 -3.28 -12.30
N ARG A 113 7.90 -3.49 -13.06
CA ARG A 113 8.22 -2.69 -14.23
C ARG A 113 7.03 -2.54 -15.18
N GLU A 114 6.17 -3.55 -15.27
CA GLU A 114 5.05 -3.55 -16.20
C GLU A 114 3.93 -2.63 -15.74
N PHE A 115 3.99 -2.22 -14.49
CA PHE A 115 2.99 -1.36 -13.88
C PHE A 115 3.59 0.02 -13.54
N PHE A 116 4.89 0.09 -13.25
CA PHE A 116 5.54 1.37 -12.99
C PHE A 116 5.73 2.17 -14.28
N SER A 117 5.75 1.49 -15.44
CA SER A 117 5.96 2.16 -16.73
C SER A 117 4.78 3.01 -17.16
N GLN A 118 3.63 2.92 -16.48
CA GLN A 118 2.47 3.72 -16.86
C GLN A 118 2.69 5.19 -16.53
N TYR A 119 3.54 5.46 -15.53
CA TYR A 119 3.81 6.82 -15.05
C TYR A 119 4.93 7.50 -15.83
N GLY A 120 5.66 6.75 -16.65
CA GLY A 120 6.71 7.29 -17.51
C GLY A 120 7.43 6.15 -18.22
N ASP A 121 8.63 5.81 -17.76
CA ASP A 121 9.40 4.71 -18.31
C ASP A 121 10.28 4.11 -17.21
N VAL A 122 10.41 2.79 -17.21
CA VAL A 122 11.19 2.06 -16.22
C VAL A 122 12.47 1.53 -16.85
N MET A 123 13.58 1.62 -16.12
CA MET A 123 14.87 1.15 -16.59
C MET A 123 15.10 -0.29 -16.15
N ASP A 124 14.70 -0.61 -14.92
CA ASP A 124 14.90 -1.94 -14.35
C ASP A 124 14.19 -2.08 -13.01
N VAL A 125 14.16 -3.30 -12.49
CA VAL A 125 13.60 -3.63 -11.18
C VAL A 125 14.58 -4.53 -10.46
N PHE A 126 14.60 -4.48 -9.14
CA PHE A 126 15.45 -5.33 -8.34
C PHE A 126 14.69 -5.89 -7.16
N ILE A 127 14.82 -7.20 -6.94
CA ILE A 127 14.20 -7.91 -5.84
C ILE A 127 15.18 -9.00 -5.39
N PRO A 128 15.61 -8.96 -4.12
CA PRO A 128 16.56 -9.93 -3.57
C PRO A 128 15.87 -11.27 -3.34
N LYS A 129 16.65 -12.31 -3.05
CA LYS A 129 16.09 -13.63 -2.81
C LYS A 129 16.62 -14.23 -1.50
N PRO A 130 15.78 -15.00 -0.81
CA PRO A 130 14.37 -15.22 -1.16
C PRO A 130 13.56 -13.95 -0.90
N PHE A 131 12.27 -13.98 -1.22
CA PHE A 131 11.39 -12.82 -1.11
C PHE A 131 11.43 -12.19 0.28
N ARG A 132 11.19 -10.88 0.33
CA ARG A 132 11.16 -10.08 1.54
C ARG A 132 10.09 -9.00 1.41
N ALA A 133 9.88 -8.22 2.48
CA ALA A 133 8.83 -7.22 2.54
C ALA A 133 9.06 -6.01 1.62
N PHE A 134 10.04 -6.07 0.72
CA PHE A 134 10.39 -4.91 -0.07
C PHE A 134 10.97 -5.25 -1.44
N ALA A 135 11.21 -4.20 -2.22
CA ALA A 135 11.75 -4.26 -3.57
C ALA A 135 12.25 -2.88 -3.96
N PHE A 136 12.77 -2.73 -5.19
CA PHE A 136 13.22 -1.46 -5.73
C PHE A 136 12.98 -1.41 -7.24
N VAL A 137 12.87 -0.20 -7.80
CA VAL A 137 12.67 -0.01 -9.22
C VAL A 137 13.39 1.25 -9.67
N THR A 138 13.87 1.28 -10.92
CA THR A 138 14.54 2.45 -11.47
C THR A 138 13.73 3.05 -12.61
N PHE A 139 13.77 4.39 -12.72
CA PHE A 139 13.05 5.14 -13.73
C PHE A 139 13.99 5.84 -14.69
N ALA A 140 13.43 6.32 -15.81
CA ALA A 140 14.17 6.96 -16.88
C ALA A 140 14.36 8.45 -16.62
N ASP A 141 13.67 8.98 -15.61
CA ASP A 141 13.78 10.38 -15.28
C ASP A 141 13.88 10.56 -13.77
N ASP A 142 14.57 11.64 -13.35
CA ASP A 142 14.81 11.92 -11.96
C ASP A 142 13.63 12.66 -11.33
N GLN A 143 12.52 12.76 -12.07
CA GLN A 143 11.34 13.47 -11.61
C GLN A 143 10.16 12.50 -11.49
N ILE A 144 10.17 11.40 -12.24
CA ILE A 144 9.11 10.40 -12.13
C ILE A 144 9.25 9.68 -10.80
N ALA A 145 10.48 9.34 -10.41
CA ALA A 145 10.75 8.65 -9.16
C ALA A 145 10.72 9.61 -7.97
N GLN A 146 10.39 10.88 -8.21
CA GLN A 146 10.26 11.91 -7.19
C GLN A 146 8.80 12.39 -7.13
N SER A 147 7.95 11.83 -7.99
CA SER A 147 6.54 12.17 -8.06
C SER A 147 5.68 10.89 -8.01
N LEU A 148 6.31 9.77 -7.63
CA LEU A 148 5.63 8.49 -7.47
C LEU A 148 5.95 7.89 -6.09
N CYS A 149 6.89 8.52 -5.38
CA CYS A 149 7.29 8.10 -4.04
C CYS A 149 6.31 8.65 -3.01
N GLY A 150 6.07 7.88 -1.94
CA GLY A 150 5.12 8.24 -0.90
C GLY A 150 3.66 8.09 -1.35
N GLU A 151 3.40 7.54 -2.54
CA GLU A 151 2.06 7.48 -3.09
C GLU A 151 1.34 6.17 -2.74
N ASP A 152 2.01 5.24 -2.05
CA ASP A 152 1.48 3.93 -1.69
C ASP A 152 0.61 3.33 -2.79
N LEU A 153 1.28 2.86 -3.86
CA LEU A 153 0.65 2.34 -5.07
C LEU A 153 -0.03 0.99 -4.83
N ILE A 154 -0.51 0.37 -5.91
CA ILE A 154 -1.18 -0.93 -5.87
C ILE A 154 -0.72 -1.77 -7.05
N ILE A 155 -0.51 -3.07 -6.83
CA ILE A 155 -0.05 -3.98 -7.86
C ILE A 155 -0.92 -5.24 -7.86
N LYS A 156 -1.75 -5.39 -8.90
CA LYS A 156 -2.68 -6.51 -9.09
C LYS A 156 -3.66 -6.72 -7.94
N GLY A 157 -3.66 -5.81 -6.96
CA GLY A 157 -4.52 -5.92 -5.78
C GLY A 157 -3.71 -5.87 -4.49
N ILE A 158 -2.38 -5.68 -4.60
CA ILE A 158 -1.50 -5.60 -3.45
C ILE A 158 -1.05 -4.15 -3.30
N SER A 159 -1.58 -3.46 -2.30
CA SER A 159 -1.11 -2.12 -1.99
C SER A 159 0.35 -2.21 -1.55
N VAL A 160 1.23 -1.53 -2.28
CA VAL A 160 2.64 -1.49 -1.91
C VAL A 160 3.08 -0.04 -1.67
N HIS A 161 3.76 0.15 -0.54
CA HIS A 161 4.29 1.44 -0.17
C HIS A 161 5.47 1.76 -1.08
N ILE A 162 5.73 3.05 -1.31
CA ILE A 162 6.84 3.51 -2.11
C ILE A 162 7.54 4.59 -1.30
N SER A 163 8.87 4.60 -1.33
CA SER A 163 9.63 5.55 -0.54
C SER A 163 10.97 5.88 -1.20
N ASN A 164 11.77 6.69 -0.51
CA ASN A 164 13.05 7.17 -0.99
C ASN A 164 14.12 6.08 -0.87
N ALA A 165 14.45 5.43 -1.98
CA ALA A 165 15.47 4.39 -1.99
C ALA A 165 16.82 4.97 -1.60
N GLU A 166 17.28 4.67 -0.38
CA GLU A 166 18.59 5.08 0.09
C GLU A 166 19.63 4.32 -0.73
N PRO A 167 20.48 5.00 -1.50
CA PRO A 167 21.40 4.37 -2.43
C PRO A 167 22.51 3.63 -1.69
N LYS A 168 22.60 2.31 -1.90
CA LYS A 168 23.72 1.53 -1.41
C LYS A 168 24.79 1.47 -2.50
N HIS A 169 26.06 1.30 -2.09
CA HIS A 169 27.22 1.29 -2.97
C HIS A 169 27.24 2.50 -3.94
N ASN A 170 26.45 3.53 -3.65
CA ASN A 170 26.32 4.71 -4.51
C ASN A 170 25.94 5.91 -3.64
N SER A 171 25.79 7.08 -4.28
CA SER A 171 25.41 8.31 -3.59
C SER A 171 24.71 9.29 -4.54
N ASN A 172 24.13 10.34 -3.96
CA ASN A 172 23.45 11.38 -4.72
C ASN A 172 24.44 12.24 -5.52
N ARG A 173 23.91 13.19 -6.29
CA ARG A 173 24.68 14.09 -7.13
C ARG A 173 24.11 15.51 -7.02
N GLN A 174 23.52 15.83 -5.86
CA GLN A 174 22.85 17.09 -5.60
C GLN A 174 23.28 17.65 -4.26
N GLY A 1 -16.06 26.54 2.15
CA GLY A 1 -15.42 25.39 2.80
C GLY A 1 -15.79 25.33 4.28
N SER A 2 -16.02 24.12 4.79
CA SER A 2 -16.42 23.89 6.18
C SER A 2 -15.79 22.62 6.75
N HIS A 3 -14.84 22.02 6.01
CA HIS A 3 -14.18 20.77 6.40
C HIS A 3 -12.73 20.76 5.95
N MET A 4 -12.09 19.60 6.08
CA MET A 4 -10.69 19.39 5.77
C MET A 4 -10.49 18.04 5.07
N ALA A 5 -9.27 17.77 4.62
CA ALA A 5 -8.94 16.49 4.00
C ALA A 5 -7.43 16.27 3.98
N SER A 6 -7.02 15.07 3.57
CA SER A 6 -5.61 14.66 3.52
C SER A 6 -5.40 13.70 2.36
N LYS A 7 -4.17 13.20 2.20
CA LYS A 7 -3.88 12.20 1.19
C LYS A 7 -4.68 10.93 1.45
N THR A 8 -4.67 10.00 0.49
CA THR A 8 -5.40 8.75 0.61
C THR A 8 -4.43 7.59 0.85
N SER A 9 -4.91 6.58 1.55
CA SER A 9 -4.13 5.39 1.88
C SER A 9 -5.08 4.29 2.32
N ASP A 10 -4.55 3.08 2.57
CA ASP A 10 -5.41 2.01 3.02
C ASP A 10 -5.69 2.17 4.51
N LEU A 11 -6.85 1.68 4.96
CA LEU A 11 -7.15 1.58 6.38
C LEU A 11 -6.87 0.17 6.84
N ILE A 12 -6.25 0.04 8.02
CA ILE A 12 -6.08 -1.27 8.62
C ILE A 12 -7.43 -1.77 9.08
N VAL A 13 -7.55 -3.09 9.15
CA VAL A 13 -8.75 -3.75 9.68
C VAL A 13 -8.26 -4.63 10.82
N LEU A 14 -8.79 -4.40 12.02
CA LEU A 14 -8.26 -5.01 13.23
C LEU A 14 -9.38 -5.71 13.99
N GLY A 15 -9.08 -6.87 14.58
CA GLY A 15 -10.06 -7.62 15.35
C GLY A 15 -10.60 -8.81 14.57
N LEU A 16 -9.99 -9.16 13.44
CA LEU A 16 -10.45 -10.27 12.62
C LEU A 16 -10.60 -11.54 13.46
N PRO A 17 -11.61 -12.37 13.16
CA PRO A 17 -11.90 -13.61 13.85
C PRO A 17 -10.88 -14.72 13.54
N TRP A 18 -9.76 -14.36 12.92
CA TRP A 18 -8.68 -15.27 12.57
C TRP A 18 -9.12 -16.37 11.59
N LYS A 19 -10.32 -16.23 10.98
CA LYS A 19 -10.85 -17.23 10.05
C LYS A 19 -11.53 -16.61 8.83
N THR A 20 -11.86 -15.31 8.88
CA THR A 20 -12.39 -14.59 7.73
C THR A 20 -11.39 -14.57 6.58
N THR A 21 -11.84 -14.17 5.39
CA THR A 21 -10.98 -14.09 4.21
C THR A 21 -11.00 -12.67 3.63
N GLU A 22 -10.15 -12.43 2.64
CA GLU A 22 -9.88 -11.11 2.10
C GLU A 22 -11.09 -10.56 1.34
N GLN A 23 -11.69 -11.40 0.49
CA GLN A 23 -12.85 -10.95 -0.26
C GLN A 23 -13.94 -10.54 0.73
N ASP A 24 -14.21 -11.37 1.74
CA ASP A 24 -15.27 -11.11 2.71
C ASP A 24 -15.17 -9.72 3.33
N LEU A 25 -13.96 -9.17 3.44
CA LEU A 25 -13.80 -7.80 3.90
C LEU A 25 -14.41 -6.86 2.87
N LYS A 26 -14.13 -7.07 1.58
CA LYS A 26 -14.67 -6.16 0.57
C LYS A 26 -16.18 -6.31 0.45
N GLU A 27 -16.69 -7.53 0.67
CA GLU A 27 -18.11 -7.83 0.57
C GLU A 27 -18.95 -7.02 1.55
N TYR A 28 -18.31 -6.32 2.49
CA TYR A 28 -19.01 -5.47 3.44
C TYR A 28 -18.52 -4.03 3.35
N PHE A 29 -17.24 -3.82 3.03
CA PHE A 29 -16.70 -2.48 2.85
C PHE A 29 -17.38 -1.74 1.70
N SER A 30 -18.05 -2.48 0.80
CA SER A 30 -18.75 -1.88 -0.34
C SER A 30 -19.96 -1.07 0.10
N THR A 31 -20.26 -1.03 1.40
CA THR A 31 -21.38 -0.25 1.93
C THR A 31 -21.00 1.22 2.12
N PHE A 32 -19.72 1.58 1.93
CA PHE A 32 -19.26 2.95 2.14
C PHE A 32 -18.86 3.63 0.82
N GLY A 33 -18.41 2.84 -0.15
CA GLY A 33 -18.00 3.36 -1.46
C GLY A 33 -18.07 2.27 -2.52
N GLU A 34 -16.96 2.05 -3.22
CA GLU A 34 -16.89 1.07 -4.30
C GLU A 34 -15.71 0.11 -4.13
N VAL A 35 -14.91 0.33 -3.07
CA VAL A 35 -13.76 -0.49 -2.69
C VAL A 35 -12.89 -0.88 -3.88
N LEU A 36 -11.86 -0.06 -4.17
CA LEU A 36 -10.94 -0.37 -5.24
C LEU A 36 -10.31 -1.75 -5.04
N MET A 37 -10.04 -2.11 -3.78
CA MET A 37 -9.48 -3.42 -3.46
C MET A 37 -9.37 -3.64 -1.95
N VAL A 38 -8.95 -4.85 -1.59
CA VAL A 38 -8.67 -5.29 -0.23
C VAL A 38 -7.43 -6.16 -0.25
N GLN A 39 -6.75 -6.28 0.89
CA GLN A 39 -5.53 -7.06 0.98
C GLN A 39 -5.27 -7.44 2.43
N VAL A 40 -5.61 -8.68 2.81
CA VAL A 40 -5.37 -9.18 4.15
C VAL A 40 -3.88 -9.34 4.36
N LYS A 41 -3.42 -9.03 5.57
CA LYS A 41 -2.04 -9.23 5.95
C LYS A 41 -1.91 -10.11 7.20
N LYS A 42 -0.89 -10.96 7.14
CA LYS A 42 -0.62 -12.01 8.10
C LYS A 42 0.88 -12.30 8.18
N ASP A 43 1.24 -13.28 9.01
CA ASP A 43 2.62 -13.64 9.28
C ASP A 43 3.25 -14.36 8.08
N LEU A 44 4.59 -14.46 8.09
CA LEU A 44 5.34 -15.06 6.98
C LEU A 44 6.21 -16.21 7.48
N LYS A 45 6.46 -16.25 8.79
CA LYS A 45 7.24 -17.30 9.42
C LYS A 45 6.37 -18.27 10.21
N THR A 46 5.11 -17.89 10.40
CA THR A 46 4.10 -18.73 11.03
C THR A 46 2.88 -18.89 10.14
N GLY A 47 2.56 -17.85 9.35
CA GLY A 47 1.39 -17.82 8.48
C GLY A 47 0.10 -17.98 9.28
N HIS A 48 0.18 -17.84 10.61
CA HIS A 48 -1.00 -17.97 11.47
C HIS A 48 -1.94 -16.81 11.24
N SER A 49 -1.34 -15.61 11.20
CA SER A 49 -1.96 -14.33 10.92
C SER A 49 -1.73 -13.37 12.08
N LYS A 50 -1.19 -12.19 11.77
CA LYS A 50 -1.13 -11.09 12.73
C LYS A 50 -2.55 -10.67 13.10
N GLY A 51 -3.52 -11.03 12.27
CA GLY A 51 -4.92 -10.80 12.55
C GLY A 51 -5.44 -9.50 11.93
N PHE A 52 -4.88 -9.05 10.80
CA PHE A 52 -5.32 -7.76 10.28
C PHE A 52 -5.46 -7.75 8.76
N GLY A 53 -6.02 -6.67 8.24
CA GLY A 53 -6.19 -6.50 6.80
C GLY A 53 -6.05 -5.05 6.39
N PHE A 54 -6.18 -4.84 5.08
CA PHE A 54 -6.19 -3.52 4.50
C PHE A 54 -7.29 -3.43 3.45
N VAL A 55 -7.91 -2.25 3.40
CA VAL A 55 -8.91 -1.91 2.38
C VAL A 55 -8.60 -0.54 1.80
N ARG A 56 -8.99 -0.33 0.53
CA ARG A 56 -8.75 0.92 -0.19
C ARG A 56 -9.98 1.30 -0.99
N PHE A 57 -10.22 2.61 -1.09
CA PHE A 57 -11.43 3.16 -1.68
C PHE A 57 -11.09 4.19 -2.76
N THR A 58 -12.11 4.59 -3.53
CA THR A 58 -11.96 5.52 -4.65
C THR A 58 -11.77 6.96 -4.21
N GLU A 59 -12.12 7.27 -2.96
CA GLU A 59 -11.99 8.60 -2.41
C GLU A 59 -11.54 8.62 -0.96
N TYR A 60 -11.21 9.81 -0.47
CA TYR A 60 -10.70 9.99 0.89
C TYR A 60 -11.84 10.01 1.90
N GLU A 61 -12.97 10.60 1.53
CA GLU A 61 -14.13 10.63 2.43
C GLU A 61 -14.51 9.24 2.87
N THR A 62 -14.48 8.28 1.94
CA THR A 62 -14.84 6.90 2.23
C THR A 62 -13.82 6.26 3.16
N GLN A 63 -12.77 7.00 3.51
CA GLN A 63 -11.69 6.51 4.33
C GLN A 63 -11.71 7.20 5.68
N VAL A 64 -12.69 8.11 5.90
CA VAL A 64 -12.80 8.82 7.16
C VAL A 64 -14.16 8.63 7.81
N LYS A 65 -15.12 8.03 7.10
CA LYS A 65 -16.41 7.72 7.70
C LYS A 65 -16.46 6.29 8.23
N VAL A 66 -15.59 5.41 7.71
CA VAL A 66 -15.46 4.05 8.21
C VAL A 66 -14.91 4.05 9.63
N MET A 67 -13.91 4.90 9.89
CA MET A 67 -13.23 4.97 11.17
C MET A 67 -14.07 5.71 12.20
N SER A 68 -15.25 6.20 11.81
CA SER A 68 -16.15 6.87 12.74
C SER A 68 -16.79 5.88 13.70
N GLN A 69 -16.74 4.58 13.40
CA GLN A 69 -17.31 3.56 14.27
C GLN A 69 -16.77 2.17 13.92
N ARG A 70 -17.24 1.16 14.66
CA ARG A 70 -16.83 -0.23 14.48
C ARG A 70 -17.65 -0.89 13.38
N HIS A 71 -17.35 -2.16 13.10
CA HIS A 71 -18.03 -2.91 12.05
C HIS A 71 -18.13 -4.38 12.44
N MET A 72 -19.12 -5.08 11.90
CA MET A 72 -19.31 -6.50 12.17
C MET A 72 -18.88 -7.31 10.96
N ILE A 73 -17.85 -8.12 11.13
CA ILE A 73 -17.31 -8.98 10.09
C ILE A 73 -17.44 -10.44 10.47
N ASP A 74 -18.18 -11.19 9.65
CA ASP A 74 -18.43 -12.62 9.82
C ASP A 74 -19.07 -12.96 11.17
N GLY A 75 -19.49 -11.95 11.92
CA GLY A 75 -20.12 -12.12 13.23
C GLY A 75 -19.20 -11.69 14.36
N ARG A 76 -18.19 -10.87 14.06
CA ARG A 76 -17.19 -10.41 15.01
C ARG A 76 -16.99 -8.92 14.86
N TRP A 77 -17.00 -8.21 15.99
CA TRP A 77 -16.77 -6.78 16.01
C TRP A 77 -15.30 -6.48 15.75
N CYS A 78 -15.06 -5.60 14.78
CA CYS A 78 -13.72 -5.20 14.37
C CYS A 78 -13.67 -3.68 14.18
N ASP A 79 -12.47 -3.15 13.93
CA ASP A 79 -12.28 -1.71 13.78
C ASP A 79 -11.51 -1.40 12.50
N CYS A 80 -11.58 -0.14 12.06
CA CYS A 80 -10.83 0.33 10.92
C CYS A 80 -10.30 1.73 11.23
N LYS A 81 -9.04 1.99 10.85
CA LYS A 81 -8.38 3.24 11.18
C LYS A 81 -7.17 3.48 10.28
N LEU A 82 -6.48 4.60 10.49
CA LEU A 82 -5.32 4.99 9.70
C LEU A 82 -4.05 4.42 10.37
N PRO A 83 -3.24 3.65 9.63
CA PRO A 83 -2.03 3.04 10.17
C PRO A 83 -0.95 4.07 10.52
N ASN A 84 0.06 3.59 11.24
CA ASN A 84 1.20 4.35 11.72
C ASN A 84 2.23 4.62 10.62
N SER A 85 1.84 4.52 9.36
CA SER A 85 2.78 4.62 8.24
C SER A 85 2.27 5.51 7.09
N LYS A 86 1.13 6.20 7.29
CA LYS A 86 0.56 7.08 6.27
C LYS A 86 -0.06 8.31 6.91
N GLN A 87 -0.62 9.21 6.08
CA GLN A 87 -1.22 10.46 6.53
C GLN A 87 -0.24 11.26 7.40
N SER A 88 1.07 11.09 7.16
CA SER A 88 2.12 11.71 7.95
C SER A 88 3.36 11.97 7.10
N GLN A 89 3.16 12.60 5.94
CA GLN A 89 4.23 12.91 5.01
C GLN A 89 4.00 14.29 4.37
N ASP A 90 4.92 14.74 3.51
CA ASP A 90 4.81 16.04 2.87
C ASP A 90 5.37 16.01 1.45
N GLU A 91 6.60 15.50 1.31
CA GLU A 91 7.27 15.46 0.02
C GLU A 91 8.40 14.42 0.00
N PRO A 92 8.65 13.81 -1.17
CA PRO A 92 9.74 12.88 -1.41
C PRO A 92 11.02 13.65 -1.76
N LEU A 93 12.03 12.93 -2.29
CA LEU A 93 13.29 13.52 -2.71
C LEU A 93 13.66 13.06 -4.12
N ARG A 94 14.73 13.64 -4.67
CA ARG A 94 15.16 13.42 -6.04
C ARG A 94 15.81 12.06 -6.28
N SER A 95 15.90 11.68 -7.56
CA SER A 95 16.60 10.53 -8.12
C SER A 95 15.71 9.78 -9.12
N ARG A 96 16.30 8.90 -9.93
CA ARG A 96 15.56 8.05 -10.86
C ARG A 96 15.18 6.74 -10.20
N LYS A 97 15.86 6.37 -9.11
CA LYS A 97 15.57 5.14 -8.39
C LYS A 97 14.57 5.43 -7.28
N VAL A 98 13.70 4.45 -7.02
CA VAL A 98 12.76 4.51 -5.91
C VAL A 98 12.64 3.13 -5.27
N PHE A 99 12.05 3.08 -4.08
CA PHE A 99 11.90 1.87 -3.31
C PHE A 99 10.45 1.41 -3.41
N VAL A 100 10.21 0.13 -3.11
CA VAL A 100 8.87 -0.44 -3.11
C VAL A 100 8.73 -1.24 -1.82
N GLY A 101 7.56 -1.20 -1.18
CA GLY A 101 7.36 -1.90 0.08
C GLY A 101 6.01 -2.59 0.14
N ARG A 102 5.80 -3.36 1.23
CA ARG A 102 4.62 -4.18 1.45
C ARG A 102 4.42 -5.16 0.29
N CYS A 103 5.50 -5.42 -0.45
CA CYS A 103 5.49 -6.26 -1.65
C CYS A 103 4.98 -7.67 -1.34
N THR A 104 4.59 -8.41 -2.38
CA THR A 104 4.04 -9.74 -2.26
C THR A 104 4.49 -10.60 -3.43
N GLU A 105 4.35 -11.92 -3.28
CA GLU A 105 4.75 -12.86 -4.33
C GLU A 105 3.77 -12.84 -5.51
N ASP A 106 2.68 -12.07 -5.40
CA ASP A 106 1.71 -11.94 -6.48
C ASP A 106 2.29 -11.13 -7.64
N MET A 107 3.30 -10.31 -7.37
CA MET A 107 4.01 -9.55 -8.38
C MET A 107 5.49 -9.93 -8.45
N THR A 108 6.20 -9.34 -9.41
CA THR A 108 7.62 -9.61 -9.64
C THR A 108 8.25 -8.49 -10.47
N GLU A 109 9.52 -8.65 -10.83
CA GLU A 109 10.31 -7.64 -11.53
C GLU A 109 9.64 -7.11 -12.80
N ASP A 110 9.28 -8.02 -13.70
CA ASP A 110 8.64 -7.67 -14.96
C ASP A 110 7.27 -7.04 -14.72
N GLU A 111 6.50 -7.57 -13.77
CA GLU A 111 5.16 -7.07 -13.49
C GLU A 111 5.22 -5.63 -12.96
N LEU A 112 6.30 -5.29 -12.26
CA LEU A 112 6.51 -3.96 -11.75
C LEU A 112 6.84 -3.00 -12.90
N ARG A 113 7.84 -3.33 -13.72
CA ARG A 113 8.20 -2.49 -14.85
C ARG A 113 7.03 -2.32 -15.82
N GLU A 114 6.17 -3.33 -15.92
CA GLU A 114 5.04 -3.30 -16.84
C GLU A 114 3.92 -2.39 -16.32
N PHE A 115 3.96 -2.11 -15.01
CA PHE A 115 2.99 -1.24 -14.37
C PHE A 115 3.57 0.15 -14.14
N PHE A 116 4.88 0.26 -13.91
CA PHE A 116 5.52 1.54 -13.69
C PHE A 116 5.66 2.33 -15.00
N SER A 117 5.65 1.65 -16.15
CA SER A 117 5.80 2.32 -17.44
C SER A 117 4.61 3.20 -17.80
N GLN A 118 3.52 3.16 -17.01
CA GLN A 118 2.36 3.99 -17.29
C GLN A 118 2.63 5.46 -16.96
N TYR A 119 3.55 5.69 -16.02
CA TYR A 119 3.87 7.04 -15.56
C TYR A 119 4.94 7.71 -16.42
N GLY A 120 5.62 6.94 -17.27
CA GLY A 120 6.60 7.48 -18.20
C GLY A 120 7.33 6.34 -18.91
N ASP A 121 8.55 6.04 -18.46
CA ASP A 121 9.33 4.93 -18.97
C ASP A 121 10.20 4.36 -17.85
N VAL A 122 10.39 3.04 -17.87
CA VAL A 122 11.17 2.33 -16.86
C VAL A 122 12.48 1.83 -17.46
N MET A 123 13.56 1.84 -16.66
CA MET A 123 14.85 1.35 -17.09
C MET A 123 15.05 -0.09 -16.64
N ASP A 124 14.66 -0.40 -15.39
CA ASP A 124 14.83 -1.72 -14.82
C ASP A 124 14.15 -1.84 -13.47
N VAL A 125 14.10 -3.07 -12.93
CA VAL A 125 13.54 -3.37 -11.63
C VAL A 125 14.46 -4.40 -10.97
N PHE A 126 14.57 -4.34 -9.64
CA PHE A 126 15.40 -5.28 -8.90
C PHE A 126 14.69 -5.75 -7.64
N ILE A 127 14.90 -7.03 -7.30
CA ILE A 127 14.34 -7.66 -6.12
C ILE A 127 15.36 -8.69 -5.62
N PRO A 128 15.71 -8.66 -4.32
CA PRO A 128 16.63 -9.62 -3.72
C PRO A 128 15.93 -10.97 -3.54
N LYS A 129 16.66 -11.98 -3.06
CA LYS A 129 16.06 -13.29 -2.82
C LYS A 129 16.64 -13.96 -1.57
N PRO A 130 15.88 -14.87 -0.94
CA PRO A 130 14.51 -15.22 -1.29
C PRO A 130 13.58 -14.02 -1.09
N PHE A 131 12.33 -14.13 -1.56
CA PHE A 131 11.40 -13.02 -1.60
C PHE A 131 11.32 -12.23 -0.29
N ARG A 132 11.12 -10.92 -0.37
CA ARG A 132 11.06 -10.02 0.78
C ARG A 132 9.93 -9.00 0.60
N ALA A 133 9.63 -8.24 1.66
CA ALA A 133 8.52 -7.29 1.67
C ALA A 133 8.79 -6.05 0.83
N PHE A 134 9.83 -6.04 -0.01
CA PHE A 134 10.24 -4.83 -0.70
C PHE A 134 10.91 -5.12 -2.04
N ALA A 135 11.28 -4.05 -2.73
CA ALA A 135 11.86 -4.08 -4.07
C ALA A 135 12.36 -2.69 -4.45
N PHE A 136 12.86 -2.55 -5.67
CA PHE A 136 13.35 -1.28 -6.20
C PHE A 136 13.06 -1.20 -7.70
N VAL A 137 13.07 0.01 -8.25
CA VAL A 137 12.87 0.23 -9.67
C VAL A 137 13.58 1.50 -10.09
N THR A 138 14.02 1.56 -11.35
CA THR A 138 14.67 2.74 -11.90
C THR A 138 13.83 3.29 -13.05
N PHE A 139 13.60 4.60 -13.05
CA PHE A 139 12.84 5.28 -14.08
C PHE A 139 13.77 5.93 -15.10
N ALA A 140 13.19 6.38 -16.22
CA ALA A 140 13.93 7.00 -17.31
C ALA A 140 14.22 8.47 -17.00
N ASP A 141 13.55 9.03 -15.98
CA ASP A 141 13.73 10.44 -15.65
C ASP A 141 13.77 10.62 -14.13
N ASP A 142 14.44 11.69 -13.70
CA ASP A 142 14.60 12.01 -12.29
C ASP A 142 13.41 12.80 -11.76
N GLN A 143 12.36 12.94 -12.58
CA GLN A 143 11.17 13.68 -12.18
C GLN A 143 9.96 12.75 -12.10
N ILE A 144 9.96 11.63 -12.83
CA ILE A 144 8.89 10.65 -12.76
C ILE A 144 8.95 9.95 -11.40
N ALA A 145 10.15 9.58 -10.98
CA ALA A 145 10.38 8.93 -9.70
C ALA A 145 10.11 9.90 -8.55
N GLN A 146 10.58 11.14 -8.70
CA GLN A 146 10.43 12.18 -7.69
C GLN A 146 8.98 12.66 -7.60
N SER A 147 8.10 12.13 -8.45
CA SER A 147 6.69 12.47 -8.47
C SER A 147 5.81 11.23 -8.35
N LEU A 148 6.43 10.08 -8.06
CA LEU A 148 5.71 8.84 -7.81
C LEU A 148 6.00 8.32 -6.40
N CYS A 149 7.02 8.87 -5.76
CA CYS A 149 7.40 8.51 -4.41
C CYS A 149 6.32 8.95 -3.41
N GLY A 150 6.05 8.10 -2.41
CA GLY A 150 5.09 8.37 -1.36
C GLY A 150 3.64 8.35 -1.84
N GLU A 151 3.38 7.87 -3.06
CA GLU A 151 2.03 7.89 -3.64
C GLU A 151 1.20 6.66 -3.25
N ASP A 152 1.77 5.74 -2.48
CA ASP A 152 1.09 4.52 -2.03
C ASP A 152 0.25 3.88 -3.16
N LEU A 153 0.95 3.32 -4.15
CA LEU A 153 0.37 2.79 -5.38
C LEU A 153 -0.40 1.49 -5.14
N ILE A 154 -0.88 0.90 -6.24
CA ILE A 154 -1.56 -0.40 -6.25
C ILE A 154 -1.10 -1.17 -7.49
N ILE A 155 -0.92 -2.49 -7.34
CA ILE A 155 -0.45 -3.34 -8.43
C ILE A 155 -1.29 -4.62 -8.48
N LYS A 156 -2.12 -4.74 -9.51
CA LYS A 156 -3.01 -5.88 -9.76
C LYS A 156 -3.93 -6.20 -8.58
N GLY A 157 -3.98 -5.32 -7.58
CA GLY A 157 -4.79 -5.55 -6.40
C GLY A 157 -3.94 -5.57 -5.13
N ILE A 158 -2.64 -5.27 -5.24
CA ILE A 158 -1.72 -5.23 -4.12
C ILE A 158 -1.26 -3.79 -3.92
N SER A 159 -1.76 -3.13 -2.88
CA SER A 159 -1.30 -1.82 -2.51
C SER A 159 0.17 -1.90 -2.11
N VAL A 160 1.03 -1.19 -2.84
CA VAL A 160 2.44 -1.10 -2.49
C VAL A 160 2.81 0.33 -2.11
N HIS A 161 3.87 0.46 -1.32
CA HIS A 161 4.26 1.74 -0.74
C HIS A 161 5.62 2.14 -1.30
N ILE A 162 5.61 3.04 -2.29
CA ILE A 162 6.83 3.58 -2.86
C ILE A 162 7.46 4.52 -1.84
N SER A 163 8.79 4.52 -1.77
CA SER A 163 9.52 5.35 -0.82
C SER A 163 10.82 5.82 -1.46
N ASN A 164 11.53 6.70 -0.73
CA ASN A 164 12.76 7.28 -1.21
C ASN A 164 13.90 6.27 -1.12
N ALA A 165 14.31 5.69 -2.25
CA ALA A 165 15.39 4.74 -2.27
C ALA A 165 16.68 5.41 -1.82
N GLU A 166 17.59 4.58 -1.31
CA GLU A 166 18.89 5.00 -0.83
C GLU A 166 19.91 3.92 -1.13
N PRO A 167 21.15 4.28 -1.45
CA PRO A 167 22.25 3.34 -1.55
C PRO A 167 22.31 2.42 -0.34
N LYS A 168 22.75 1.18 -0.56
CA LYS A 168 22.82 0.12 0.44
C LYS A 168 23.58 0.52 1.70
N HIS A 169 24.44 1.54 1.67
CA HIS A 169 25.26 1.88 2.84
C HIS A 169 25.83 3.30 2.83
N ASN A 170 25.32 4.22 2.00
CA ASN A 170 25.93 5.54 1.91
C ASN A 170 24.94 6.69 1.71
N SER A 171 23.65 6.38 1.59
CA SER A 171 22.57 7.33 1.33
C SER A 171 22.81 8.19 0.07
N ASN A 172 21.78 8.91 -0.36
CA ASN A 172 21.87 9.79 -1.52
C ASN A 172 22.75 11.01 -1.22
N ARG A 173 23.22 11.67 -2.27
CA ARG A 173 24.05 12.87 -2.15
C ARG A 173 23.78 13.84 -3.31
N GLN A 174 22.74 13.56 -4.10
CA GLN A 174 22.37 14.36 -5.27
C GLN A 174 22.01 15.78 -4.87
N GLY A 1 -19.40 26.00 6.47
CA GLY A 1 -18.49 24.85 6.60
C GLY A 1 -18.30 24.15 5.26
N SER A 2 -17.13 23.51 5.07
CA SER A 2 -16.81 22.80 3.84
C SER A 2 -15.89 21.60 4.11
N HIS A 3 -15.63 21.29 5.39
CA HIS A 3 -14.74 20.21 5.81
C HIS A 3 -13.34 20.34 5.19
N MET A 4 -12.51 19.32 5.39
CA MET A 4 -11.14 19.29 4.88
C MET A 4 -10.75 17.87 4.51
N ALA A 5 -9.53 17.69 3.99
CA ALA A 5 -9.02 16.39 3.59
C ALA A 5 -7.51 16.32 3.74
N SER A 6 -6.95 15.12 3.55
CA SER A 6 -5.53 14.84 3.69
C SER A 6 -5.11 13.78 2.68
N LYS A 7 -3.85 13.37 2.71
CA LYS A 7 -3.34 12.33 1.82
C LYS A 7 -4.11 11.02 2.04
N THR A 8 -4.04 10.11 1.07
CA THR A 8 -4.79 8.86 1.12
C THR A 8 -3.88 7.68 1.42
N SER A 9 -4.42 6.71 2.14
CA SER A 9 -3.70 5.53 2.58
C SER A 9 -4.68 4.38 2.78
N ASP A 10 -4.17 3.19 3.09
CA ASP A 10 -5.06 2.08 3.38
C ASP A 10 -5.51 2.17 4.83
N LEU A 11 -6.72 1.69 5.11
CA LEU A 11 -7.20 1.56 6.47
C LEU A 11 -6.97 0.13 6.94
N ILE A 12 -6.55 -0.01 8.20
CA ILE A 12 -6.41 -1.32 8.80
C ILE A 12 -7.80 -1.84 9.13
N VAL A 13 -7.93 -3.17 9.19
CA VAL A 13 -9.18 -3.83 9.53
C VAL A 13 -8.92 -4.73 10.73
N LEU A 14 -9.23 -4.20 11.92
CA LEU A 14 -8.90 -4.85 13.18
C LEU A 14 -10.11 -5.58 13.75
N GLY A 15 -9.89 -6.74 14.37
CA GLY A 15 -10.97 -7.48 15.01
C GLY A 15 -11.54 -8.58 14.13
N LEU A 16 -10.85 -8.94 13.04
CA LEU A 16 -11.31 -10.01 12.17
C LEU A 16 -11.46 -11.32 12.96
N PRO A 17 -12.37 -12.20 12.52
CA PRO A 17 -12.61 -13.50 13.13
C PRO A 17 -11.48 -14.50 12.84
N TRP A 18 -10.35 -14.01 12.32
CA TRP A 18 -9.17 -14.81 12.00
C TRP A 18 -9.45 -15.91 10.97
N LYS A 19 -10.60 -15.87 10.29
CA LYS A 19 -10.97 -16.89 9.32
C LYS A 19 -11.61 -16.35 8.04
N THR A 20 -12.14 -15.12 8.07
CA THR A 20 -12.74 -14.50 6.88
C THR A 20 -11.69 -14.34 5.79
N THR A 21 -12.09 -14.57 4.52
CA THR A 21 -11.20 -14.40 3.39
C THR A 21 -11.04 -12.92 3.05
N GLU A 22 -10.18 -12.61 2.08
CA GLU A 22 -9.83 -11.25 1.72
C GLU A 22 -10.91 -10.60 0.86
N GLN A 23 -11.44 -11.35 -0.10
CA GLN A 23 -12.47 -10.83 -0.97
C GLN A 23 -13.66 -10.41 -0.13
N ASP A 24 -14.10 -11.25 0.81
CA ASP A 24 -15.25 -10.97 1.65
C ASP A 24 -15.18 -9.60 2.32
N LEU A 25 -13.97 -9.10 2.58
CA LEU A 25 -13.83 -7.76 3.10
C LEU A 25 -14.27 -6.76 2.03
N LYS A 26 -13.82 -6.94 0.78
CA LYS A 26 -14.21 -5.99 -0.26
C LYS A 26 -15.69 -6.07 -0.57
N GLU A 27 -16.27 -7.27 -0.46
CA GLU A 27 -17.67 -7.52 -0.74
C GLU A 27 -18.61 -6.72 0.17
N TYR A 28 -18.06 -6.09 1.22
CA TYR A 28 -18.85 -5.28 2.13
C TYR A 28 -18.34 -3.85 2.19
N PHE A 29 -17.03 -3.65 2.00
CA PHE A 29 -16.45 -2.31 1.96
C PHE A 29 -16.99 -1.51 0.77
N SER A 30 -17.60 -2.18 -0.21
CA SER A 30 -18.20 -1.53 -1.36
C SER A 30 -19.40 -0.66 -0.97
N THR A 31 -19.83 -0.72 0.30
CA THR A 31 -20.95 0.08 0.79
C THR A 31 -20.54 1.54 1.01
N PHE A 32 -19.26 1.87 0.86
CA PHE A 32 -18.77 3.21 1.11
C PHE A 32 -18.22 3.88 -0.15
N GLY A 33 -17.68 3.08 -1.08
CA GLY A 33 -17.14 3.58 -2.34
C GLY A 33 -17.09 2.49 -3.39
N GLU A 34 -15.91 2.29 -3.98
CA GLU A 34 -15.72 1.33 -5.06
C GLU A 34 -14.57 0.36 -4.77
N VAL A 35 -13.90 0.54 -3.63
CA VAL A 35 -12.82 -0.31 -3.12
C VAL A 35 -11.80 -0.69 -4.19
N LEU A 36 -10.75 0.11 -4.34
CA LEU A 36 -9.69 -0.19 -5.29
C LEU A 36 -9.10 -1.57 -5.03
N MET A 37 -8.93 -1.94 -3.75
CA MET A 37 -8.43 -3.27 -3.40
C MET A 37 -8.58 -3.57 -1.91
N VAL A 38 -8.21 -4.80 -1.56
CA VAL A 38 -8.16 -5.29 -0.19
C VAL A 38 -6.98 -6.24 -0.05
N GLN A 39 -6.42 -6.36 1.15
CA GLN A 39 -5.27 -7.23 1.37
C GLN A 39 -5.19 -7.64 2.84
N VAL A 40 -5.65 -8.84 3.16
CA VAL A 40 -5.53 -9.37 4.52
C VAL A 40 -4.04 -9.51 4.82
N LYS A 41 -3.66 -9.08 6.03
CA LYS A 41 -2.26 -9.08 6.42
C LYS A 41 -2.06 -9.82 7.73
N LYS A 42 -0.97 -10.59 7.75
CA LYS A 42 -0.58 -11.48 8.84
C LYS A 42 0.92 -11.75 8.73
N ASP A 43 1.43 -12.68 9.54
CA ASP A 43 2.87 -12.94 9.60
C ASP A 43 3.36 -13.63 8.33
N LEU A 44 4.68 -13.78 8.20
CA LEU A 44 5.31 -14.40 7.05
C LEU A 44 5.91 -15.73 7.48
N LYS A 45 5.98 -15.96 8.79
CA LYS A 45 6.54 -17.17 9.35
C LYS A 45 5.47 -18.03 10.06
N THR A 46 4.29 -17.45 10.31
CA THR A 46 3.17 -18.14 10.92
C THR A 46 1.91 -18.04 10.06
N GLY A 47 1.78 -16.94 9.31
CA GLY A 47 0.59 -16.68 8.53
C GLY A 47 -0.59 -16.28 9.40
N HIS A 48 -0.35 -15.91 10.67
CA HIS A 48 -1.44 -15.67 11.61
C HIS A 48 -1.21 -14.56 12.66
N SER A 49 -0.02 -13.98 12.75
CA SER A 49 0.33 -13.13 13.89
C SER A 49 -0.10 -11.67 13.82
N LYS A 50 -0.84 -11.21 12.81
CA LYS A 50 -1.26 -9.80 12.80
C LYS A 50 -2.78 -9.63 12.83
N GLY A 51 -3.52 -10.72 12.61
CA GLY A 51 -4.97 -10.76 12.78
C GLY A 51 -5.73 -9.60 12.16
N PHE A 52 -5.25 -9.02 11.05
CA PHE A 52 -5.88 -7.84 10.50
C PHE A 52 -5.85 -7.82 8.98
N GLY A 53 -6.32 -6.71 8.39
CA GLY A 53 -6.34 -6.55 6.94
C GLY A 53 -6.16 -5.10 6.54
N PHE A 54 -6.20 -4.89 5.23
CA PHE A 54 -6.11 -3.57 4.64
C PHE A 54 -7.17 -3.45 3.56
N VAL A 55 -7.71 -2.23 3.45
CA VAL A 55 -8.61 -1.84 2.39
C VAL A 55 -8.21 -0.46 1.87
N ARG A 56 -8.48 -0.20 0.58
CA ARG A 56 -8.13 1.04 -0.07
C ARG A 56 -9.25 1.45 -1.01
N PHE A 57 -9.46 2.76 -1.15
CA PHE A 57 -10.58 3.34 -1.88
C PHE A 57 -10.12 4.39 -2.88
N THR A 58 -11.04 4.82 -3.75
CA THR A 58 -10.77 5.76 -4.82
C THR A 58 -10.61 7.20 -4.33
N GLU A 59 -11.09 7.49 -3.12
CA GLU A 59 -11.02 8.82 -2.54
C GLU A 59 -10.73 8.81 -1.05
N TYR A 60 -10.45 10.00 -0.50
CA TYR A 60 -10.09 10.15 0.90
C TYR A 60 -11.34 10.15 1.79
N GLU A 61 -12.43 10.75 1.32
CA GLU A 61 -13.67 10.78 2.07
C GLU A 61 -14.11 9.37 2.45
N THR A 62 -13.97 8.43 1.51
CA THR A 62 -14.36 7.05 1.73
C THR A 62 -13.44 6.37 2.73
N GLN A 63 -12.44 7.12 3.23
CA GLN A 63 -11.44 6.60 4.14
C GLN A 63 -11.61 7.26 5.50
N VAL A 64 -12.60 8.15 5.63
CA VAL A 64 -12.85 8.83 6.91
C VAL A 64 -14.27 8.61 7.41
N LYS A 65 -15.16 8.05 6.58
CA LYS A 65 -16.50 7.72 7.01
C LYS A 65 -16.58 6.28 7.51
N VAL A 66 -15.66 5.42 7.05
CA VAL A 66 -15.56 4.04 7.53
C VAL A 66 -15.13 4.01 8.98
N MET A 67 -14.12 4.81 9.33
CA MET A 67 -13.56 4.85 10.67
C MET A 67 -14.49 5.60 11.63
N SER A 68 -15.62 6.11 11.13
CA SER A 68 -16.57 6.81 11.97
C SER A 68 -17.32 5.85 12.88
N GLN A 69 -17.34 4.56 12.53
CA GLN A 69 -18.06 3.55 13.31
C GLN A 69 -17.63 2.13 12.93
N ARG A 70 -18.05 1.15 13.74
CA ARG A 70 -17.66 -0.24 13.59
C ARG A 70 -18.38 -0.92 12.42
N HIS A 71 -18.02 -2.16 12.15
CA HIS A 71 -18.59 -2.92 11.05
C HIS A 71 -18.71 -4.40 11.44
N MET A 72 -19.64 -5.11 10.80
CA MET A 72 -19.83 -6.53 11.06
C MET A 72 -19.36 -7.33 9.86
N ILE A 73 -18.35 -8.18 10.09
CA ILE A 73 -17.81 -9.06 9.07
C ILE A 73 -17.97 -10.52 9.49
N ASP A 74 -18.64 -11.29 8.63
CA ASP A 74 -18.88 -12.72 8.81
C ASP A 74 -19.55 -13.05 10.14
N GLY A 75 -20.08 -12.03 10.81
CA GLY A 75 -20.79 -12.19 12.08
C GLY A 75 -19.91 -11.78 13.26
N ARG A 76 -18.87 -10.98 13.02
CA ARG A 76 -17.94 -10.53 14.03
C ARG A 76 -17.74 -9.02 13.91
N TRP A 77 -17.82 -8.33 15.04
CA TRP A 77 -17.59 -6.90 15.07
C TRP A 77 -16.10 -6.60 14.93
N CYS A 78 -15.80 -5.67 14.02
CA CYS A 78 -14.45 -5.20 13.74
C CYS A 78 -14.43 -3.68 13.63
N ASP A 79 -13.24 -3.10 13.46
CA ASP A 79 -13.07 -1.67 13.34
C ASP A 79 -12.14 -1.36 12.17
N CYS A 80 -12.18 -0.11 11.70
CA CYS A 80 -11.29 0.35 10.64
C CYS A 80 -10.74 1.72 11.02
N LYS A 81 -9.46 1.95 10.75
CA LYS A 81 -8.79 3.20 11.12
C LYS A 81 -7.51 3.38 10.32
N LEU A 82 -6.78 4.47 10.61
CA LEU A 82 -5.56 4.83 9.92
C LEU A 82 -4.37 4.25 10.69
N PRO A 83 -3.50 3.46 10.04
CA PRO A 83 -2.36 2.83 10.69
C PRO A 83 -1.33 3.84 11.18
N ASN A 84 -0.42 3.34 12.03
CA ASN A 84 0.61 4.11 12.72
C ASN A 84 1.77 4.54 11.82
N SER A 85 1.63 4.46 10.50
CA SER A 85 2.72 4.70 9.57
C SER A 85 2.32 5.58 8.38
N LYS A 86 1.14 6.20 8.43
CA LYS A 86 0.65 7.04 7.34
C LYS A 86 -0.04 8.29 7.90
N GLN A 87 -0.53 9.16 7.00
CA GLN A 87 -1.14 10.43 7.38
C GLN A 87 -0.21 11.24 8.29
N SER A 88 1.10 11.02 8.16
CA SER A 88 2.11 11.62 9.01
C SER A 88 3.38 11.93 8.21
N GLN A 89 3.19 12.50 7.03
CA GLN A 89 4.27 12.82 6.10
C GLN A 89 4.03 14.18 5.44
N ASP A 90 4.95 14.61 4.58
CA ASP A 90 4.84 15.91 3.92
C ASP A 90 5.36 15.86 2.49
N GLU A 91 6.60 15.37 2.34
CA GLU A 91 7.23 15.29 1.03
C GLU A 91 8.41 14.31 1.02
N PRO A 92 8.65 13.66 -0.13
CA PRO A 92 9.79 12.79 -0.37
C PRO A 92 11.02 13.59 -0.78
N LEU A 93 12.03 12.92 -1.32
CA LEU A 93 13.25 13.56 -1.80
C LEU A 93 13.56 13.14 -3.24
N ARG A 94 14.55 13.80 -3.86
CA ARG A 94 14.89 13.54 -5.25
C ARG A 94 15.76 12.30 -5.41
N SER A 95 15.54 11.57 -6.50
CA SER A 95 16.31 10.38 -6.84
C SER A 95 15.86 9.81 -8.19
N ARG A 96 16.51 8.73 -8.65
CA ARG A 96 16.08 7.97 -9.83
C ARG A 96 15.70 6.56 -9.43
N LYS A 97 15.80 6.23 -8.14
CA LYS A 97 15.40 4.94 -7.62
C LYS A 97 14.40 5.14 -6.50
N VAL A 98 13.52 4.15 -6.33
CA VAL A 98 12.53 4.18 -5.27
C VAL A 98 12.57 2.86 -4.50
N PHE A 99 12.09 2.90 -3.26
CA PHE A 99 12.04 1.73 -2.41
C PHE A 99 10.59 1.27 -2.37
N VAL A 100 10.37 -0.02 -2.08
CA VAL A 100 9.03 -0.57 -1.99
C VAL A 100 8.89 -1.33 -0.68
N GLY A 101 7.70 -1.32 -0.09
CA GLY A 101 7.46 -2.02 1.17
C GLY A 101 6.13 -2.76 1.15
N ARG A 102 5.91 -3.57 2.19
CA ARG A 102 4.74 -4.42 2.36
C ARG A 102 4.60 -5.41 1.20
N CYS A 103 5.69 -5.62 0.46
CA CYS A 103 5.74 -6.47 -0.71
C CYS A 103 5.32 -7.91 -0.38
N THR A 104 4.95 -8.68 -1.40
CA THR A 104 4.53 -10.06 -1.24
C THR A 104 5.07 -10.90 -2.38
N GLU A 105 5.06 -12.22 -2.19
CA GLU A 105 5.59 -13.15 -3.18
C GLU A 105 4.62 -13.28 -4.37
N ASP A 106 3.47 -12.62 -4.31
CA ASP A 106 2.48 -12.66 -5.39
C ASP A 106 2.97 -11.89 -6.62
N MET A 107 3.87 -10.93 -6.42
CA MET A 107 4.45 -10.15 -7.52
C MET A 107 5.93 -10.47 -7.72
N THR A 108 6.55 -9.84 -8.73
CA THR A 108 7.95 -10.07 -9.05
C THR A 108 8.55 -8.89 -9.82
N GLU A 109 9.87 -8.92 -10.00
CA GLU A 109 10.66 -7.84 -10.55
C GLU A 109 10.07 -7.22 -11.80
N ASP A 110 9.77 -8.03 -12.80
CA ASP A 110 9.22 -7.53 -14.05
C ASP A 110 7.83 -6.96 -13.85
N GLU A 111 7.02 -7.61 -13.02
CA GLU A 111 5.66 -7.18 -12.77
C GLU A 111 5.63 -5.81 -12.10
N LEU A 112 6.62 -5.52 -11.24
CA LEU A 112 6.80 -4.19 -10.71
C LEU A 112 7.07 -3.22 -11.86
N ARG A 113 8.17 -3.42 -12.59
CA ARG A 113 8.50 -2.64 -13.77
C ARG A 113 7.34 -2.49 -14.75
N GLU A 114 6.47 -3.49 -14.86
CA GLU A 114 5.37 -3.49 -15.82
C GLU A 114 4.22 -2.59 -15.35
N PHE A 115 4.21 -2.26 -14.06
CA PHE A 115 3.20 -1.40 -13.46
C PHE A 115 3.79 -0.02 -13.21
N PHE A 116 5.08 0.08 -12.92
CA PHE A 116 5.72 1.35 -12.65
C PHE A 116 5.98 2.14 -13.93
N SER A 117 6.02 1.47 -15.09
CA SER A 117 6.25 2.15 -16.37
C SER A 117 5.07 3.03 -16.79
N GLN A 118 3.93 2.95 -16.11
CA GLN A 118 2.78 3.77 -16.49
C GLN A 118 3.01 5.22 -16.11
N TYR A 119 3.84 5.47 -15.10
CA TYR A 119 4.12 6.80 -14.59
C TYR A 119 5.22 7.49 -15.40
N GLY A 120 5.93 6.75 -16.25
CA GLY A 120 6.91 7.31 -17.16
C GLY A 120 7.68 6.21 -17.87
N ASP A 121 8.85 5.87 -17.35
CA ASP A 121 9.67 4.79 -17.87
C ASP A 121 10.50 4.18 -16.74
N VAL A 122 10.68 2.86 -16.78
CA VAL A 122 11.43 2.12 -15.76
C VAL A 122 12.70 1.55 -16.37
N MET A 123 13.81 1.69 -15.65
CA MET A 123 15.11 1.22 -16.11
C MET A 123 15.34 -0.21 -15.66
N ASP A 124 14.95 -0.54 -14.42
CA ASP A 124 15.15 -1.87 -13.88
C ASP A 124 14.45 -2.04 -12.54
N VAL A 125 14.44 -3.27 -12.03
CA VAL A 125 13.90 -3.61 -10.73
C VAL A 125 14.84 -4.59 -10.05
N PHE A 126 14.90 -4.55 -8.72
CA PHE A 126 15.74 -5.46 -7.97
C PHE A 126 15.06 -5.91 -6.68
N ILE A 127 15.21 -7.21 -6.39
CA ILE A 127 14.67 -7.84 -5.19
C ILE A 127 15.67 -8.92 -4.77
N PRO A 128 16.30 -8.79 -3.59
CA PRO A 128 17.25 -9.77 -3.08
C PRO A 128 16.53 -11.04 -2.65
N LYS A 129 17.29 -12.09 -2.32
CA LYS A 129 16.70 -13.38 -1.98
C LYS A 129 17.16 -13.84 -0.59
N PRO A 130 16.35 -14.64 0.09
CA PRO A 130 15.01 -15.03 -0.34
C PRO A 130 14.05 -13.84 -0.25
N PHE A 131 12.84 -14.02 -0.80
CA PHE A 131 11.82 -12.99 -0.86
C PHE A 131 11.54 -12.37 0.50
N ARG A 132 11.36 -11.05 0.55
CA ARG A 132 11.11 -10.30 1.78
C ARG A 132 10.12 -9.16 1.52
N ALA A 133 9.77 -8.44 2.59
CA ALA A 133 8.74 -7.42 2.62
C ALA A 133 9.07 -6.13 1.84
N PHE A 134 10.08 -6.14 0.97
CA PHE A 134 10.54 -4.93 0.30
C PHE A 134 11.10 -5.19 -1.09
N ALA A 135 11.59 -4.11 -1.73
CA ALA A 135 12.09 -4.13 -3.10
C ALA A 135 12.62 -2.74 -3.49
N PHE A 136 13.13 -2.62 -4.72
CA PHE A 136 13.55 -1.36 -5.31
C PHE A 136 13.22 -1.34 -6.79
N VAL A 137 13.07 -0.14 -7.36
CA VAL A 137 12.83 0.04 -8.78
C VAL A 137 13.55 1.31 -9.24
N THR A 138 14.08 1.31 -10.46
CA THR A 138 14.77 2.47 -11.01
C THR A 138 13.94 3.11 -12.10
N PHE A 139 14.02 4.44 -12.23
CA PHE A 139 13.28 5.20 -13.21
C PHE A 139 14.22 5.98 -14.13
N ALA A 140 13.66 6.46 -15.24
CA ALA A 140 14.41 7.14 -16.29
C ALA A 140 14.52 8.64 -16.02
N ASP A 141 13.76 9.14 -15.04
CA ASP A 141 13.76 10.55 -14.71
C ASP A 141 13.86 10.74 -13.20
N ASP A 142 14.46 11.86 -12.80
CA ASP A 142 14.70 12.15 -11.39
C ASP A 142 13.50 12.87 -10.78
N GLN A 143 12.36 12.88 -11.50
CA GLN A 143 11.14 13.51 -11.02
C GLN A 143 10.03 12.47 -10.86
N ILE A 144 10.10 11.36 -11.61
CA ILE A 144 9.12 10.29 -11.48
C ILE A 144 9.34 9.56 -10.16
N ALA A 145 10.60 9.36 -9.78
CA ALA A 145 10.96 8.67 -8.55
C ALA A 145 10.92 9.63 -7.34
N GLN A 146 10.44 10.85 -7.55
CA GLN A 146 10.31 11.86 -6.50
C GLN A 146 8.85 12.31 -6.36
N SER A 147 7.95 11.75 -7.17
CA SER A 147 6.53 12.06 -7.12
C SER A 147 5.71 10.81 -6.83
N LEU A 148 6.32 9.64 -7.00
CA LEU A 148 5.69 8.36 -6.73
C LEU A 148 5.87 7.97 -5.26
N CYS A 149 6.84 8.58 -4.59
CA CYS A 149 7.20 8.26 -3.23
C CYS A 149 6.11 8.69 -2.24
N GLY A 150 5.85 7.84 -1.25
CA GLY A 150 4.86 8.08 -0.21
C GLY A 150 3.41 8.08 -0.69
N GLU A 151 3.16 7.65 -1.94
CA GLU A 151 1.82 7.74 -2.52
C GLU A 151 0.94 6.54 -2.19
N ASP A 152 1.52 5.44 -1.71
CA ASP A 152 0.85 4.16 -1.47
C ASP A 152 0.01 3.69 -2.67
N LEU A 153 0.50 2.67 -3.38
CA LEU A 153 -0.09 2.24 -4.65
C LEU A 153 -0.44 0.76 -4.61
N ILE A 154 -0.84 0.18 -5.75
CA ILE A 154 -1.33 -1.20 -5.80
C ILE A 154 -0.73 -1.93 -7.00
N ILE A 155 -0.43 -3.22 -6.82
CA ILE A 155 0.12 -4.08 -7.86
C ILE A 155 -0.66 -5.39 -7.88
N LYS A 156 -1.46 -5.60 -8.93
CA LYS A 156 -2.32 -6.76 -9.14
C LYS A 156 -3.32 -7.02 -8.02
N GLY A 157 -3.39 -6.11 -7.04
CA GLY A 157 -4.28 -6.25 -5.90
C GLY A 157 -3.51 -6.21 -4.59
N ILE A 158 -2.18 -6.06 -4.64
CA ILE A 158 -1.33 -5.97 -3.48
C ILE A 158 -0.93 -4.53 -3.28
N SER A 159 -1.48 -3.89 -2.24
CA SER A 159 -1.10 -2.53 -1.91
C SER A 159 0.36 -2.49 -1.45
N VAL A 160 1.17 -1.72 -2.17
CA VAL A 160 2.57 -1.50 -1.83
C VAL A 160 2.74 -0.12 -1.19
N HIS A 161 3.94 0.13 -0.64
CA HIS A 161 4.25 1.37 0.06
C HIS A 161 5.60 1.88 -0.42
N ILE A 162 5.59 2.73 -1.44
CA ILE A 162 6.82 3.32 -1.96
C ILE A 162 7.40 4.28 -0.94
N SER A 163 8.73 4.36 -0.89
CA SER A 163 9.41 5.24 0.04
C SER A 163 10.76 5.68 -0.55
N ASN A 164 11.50 6.48 0.22
CA ASN A 164 12.72 7.11 -0.25
C ASN A 164 13.89 6.11 -0.22
N ALA A 165 14.28 5.60 -1.39
CA ALA A 165 15.41 4.69 -1.47
C ALA A 165 16.68 5.41 -1.04
N GLU A 166 17.67 4.61 -0.70
CA GLU A 166 18.98 5.06 -0.25
C GLU A 166 20.04 4.19 -0.92
N PRO A 167 20.88 4.76 -1.79
CA PRO A 167 21.87 3.99 -2.53
C PRO A 167 22.95 3.44 -1.60
N LYS A 168 23.27 2.15 -1.78
CA LYS A 168 24.32 1.45 -1.05
C LYS A 168 25.62 1.36 -1.85
N HIS A 169 25.70 2.05 -2.99
CA HIS A 169 26.90 2.03 -3.83
C HIS A 169 27.08 3.36 -4.58
N ASN A 170 26.30 4.38 -4.23
CA ASN A 170 26.30 5.67 -4.90
C ASN A 170 25.77 6.74 -3.94
N SER A 171 25.72 7.99 -4.39
CA SER A 171 25.17 9.11 -3.63
C SER A 171 24.53 10.12 -4.57
N ASN A 172 23.71 11.02 -4.02
CA ASN A 172 23.07 12.07 -4.78
C ASN A 172 24.09 13.12 -5.25
N ARG A 173 23.64 14.07 -6.06
CA ARG A 173 24.46 15.13 -6.62
C ARG A 173 23.75 16.48 -6.50
N GLN A 174 22.86 16.60 -5.51
CA GLN A 174 22.04 17.79 -5.31
C GLN A 174 22.00 18.16 -3.83
N GLY A 1 -19.57 27.80 5.25
CA GLY A 1 -18.67 27.02 6.12
C GLY A 1 -17.30 26.87 5.50
N SER A 2 -16.58 25.82 5.88
CA SER A 2 -15.23 25.55 5.39
C SER A 2 -15.01 24.04 5.29
N HIS A 3 -13.90 23.63 4.67
CA HIS A 3 -13.57 22.22 4.47
C HIS A 3 -12.05 22.03 4.55
N MET A 4 -11.62 20.77 4.60
CA MET A 4 -10.21 20.41 4.67
C MET A 4 -9.99 19.02 4.07
N ALA A 5 -8.72 18.63 3.91
CA ALA A 5 -8.35 17.33 3.38
C ALA A 5 -6.94 16.94 3.87
N SER A 6 -6.54 15.70 3.61
CA SER A 6 -5.24 15.18 4.00
C SER A 6 -4.86 14.01 3.09
N LYS A 7 -3.61 13.56 3.17
CA LYS A 7 -3.12 12.43 2.38
C LYS A 7 -3.95 11.19 2.67
N THR A 8 -3.99 10.26 1.71
CA THR A 8 -4.79 9.05 1.82
C THR A 8 -3.91 7.87 2.24
N SER A 9 -4.55 6.84 2.81
CA SER A 9 -3.87 5.68 3.37
C SER A 9 -4.79 4.46 3.33
N ASP A 10 -4.23 3.26 3.53
CA ASP A 10 -5.05 2.08 3.69
C ASP A 10 -5.48 1.97 5.15
N LEU A 11 -6.76 1.70 5.41
CA LEU A 11 -7.20 1.46 6.78
C LEU A 11 -6.91 0.02 7.15
N ILE A 12 -6.35 -0.19 8.34
CA ILE A 12 -6.21 -1.52 8.89
C ILE A 12 -7.60 -2.01 9.27
N VAL A 13 -7.83 -3.31 9.14
CA VAL A 13 -9.09 -3.95 9.49
C VAL A 13 -8.81 -5.00 10.57
N LEU A 14 -8.66 -4.52 11.81
CA LEU A 14 -8.33 -5.34 12.95
C LEU A 14 -9.54 -6.12 13.45
N GLY A 15 -9.31 -7.24 14.13
CA GLY A 15 -10.38 -7.97 14.81
C GLY A 15 -11.10 -8.98 13.91
N LEU A 16 -10.50 -9.38 12.80
CA LEU A 16 -11.10 -10.36 11.91
C LEU A 16 -11.34 -11.68 12.65
N PRO A 17 -12.36 -12.45 12.25
CA PRO A 17 -12.70 -13.75 12.82
C PRO A 17 -11.71 -14.83 12.40
N TRP A 18 -10.57 -14.45 11.80
CA TRP A 18 -9.51 -15.36 11.37
C TRP A 18 -9.97 -16.36 10.31
N LYS A 19 -11.15 -16.15 9.71
CA LYS A 19 -11.68 -17.07 8.70
C LYS A 19 -12.35 -16.37 7.52
N THR A 20 -12.75 -15.10 7.67
CA THR A 20 -13.36 -14.35 6.57
C THR A 20 -12.36 -14.18 5.43
N THR A 21 -12.84 -14.28 4.19
CA THR A 21 -12.00 -14.11 3.01
C THR A 21 -11.78 -12.62 2.73
N GLU A 22 -10.95 -12.32 1.73
CA GLU A 22 -10.53 -10.97 1.41
C GLU A 22 -11.65 -10.19 0.70
N GLN A 23 -12.30 -10.82 -0.29
CA GLN A 23 -13.33 -10.12 -1.01
C GLN A 23 -14.46 -9.76 -0.06
N ASP A 24 -14.85 -10.66 0.85
CA ASP A 24 -15.93 -10.40 1.79
C ASP A 24 -15.74 -9.08 2.54
N LEU A 25 -14.49 -8.63 2.71
CA LEU A 25 -14.26 -7.31 3.28
C LEU A 25 -14.72 -6.25 2.28
N LYS A 26 -14.35 -6.38 1.00
CA LYS A 26 -14.80 -5.39 0.01
C LYS A 26 -16.31 -5.46 -0.22
N GLU A 27 -16.91 -6.65 -0.07
CA GLU A 27 -18.35 -6.86 -0.22
C GLU A 27 -19.17 -6.04 0.78
N TYR A 28 -18.51 -5.44 1.77
CA TYR A 28 -19.20 -4.61 2.75
C TYR A 28 -18.61 -3.20 2.82
N PHE A 29 -17.31 -3.06 2.53
CA PHE A 29 -16.69 -1.74 2.48
C PHE A 29 -17.26 -0.90 1.35
N SER A 30 -17.93 -1.53 0.38
CA SER A 30 -18.56 -0.81 -0.72
C SER A 30 -19.73 0.06 -0.24
N THR A 31 -20.06 0.00 1.05
CA THR A 31 -21.13 0.80 1.64
C THR A 31 -20.71 2.26 1.84
N PHE A 32 -19.42 2.58 1.66
CA PHE A 32 -18.92 3.92 1.91
C PHE A 32 -18.50 4.65 0.65
N GLY A 33 -18.06 3.89 -0.37
CA GLY A 33 -17.60 4.46 -1.63
C GLY A 33 -17.60 3.42 -2.73
N GLU A 34 -16.44 3.17 -3.34
CA GLU A 34 -16.33 2.25 -4.47
C GLU A 34 -15.22 1.20 -4.28
N VAL A 35 -14.48 1.31 -3.16
CA VAL A 35 -13.41 0.39 -2.76
C VAL A 35 -12.48 0.00 -3.91
N LEU A 36 -11.39 0.76 -4.09
CA LEU A 36 -10.42 0.45 -5.12
C LEU A 36 -9.90 -0.98 -4.96
N MET A 37 -9.65 -1.43 -3.73
CA MET A 37 -9.21 -2.80 -3.49
C MET A 37 -9.22 -3.16 -2.01
N VAL A 38 -8.90 -4.42 -1.72
CA VAL A 38 -8.73 -4.96 -0.37
C VAL A 38 -7.59 -5.98 -0.39
N GLN A 39 -6.95 -6.18 0.77
CA GLN A 39 -5.85 -7.11 0.89
C GLN A 39 -5.71 -7.56 2.35
N VAL A 40 -6.19 -8.77 2.66
CA VAL A 40 -6.05 -9.33 4.00
C VAL A 40 -4.56 -9.57 4.26
N LYS A 41 -4.10 -9.23 5.45
CA LYS A 41 -2.70 -9.36 5.79
C LYS A 41 -2.49 -10.14 7.07
N LYS A 42 -1.42 -10.95 7.06
CA LYS A 42 -1.04 -11.87 8.12
C LYS A 42 0.44 -12.21 7.98
N ASP A 43 0.92 -13.18 8.75
CA ASP A 43 2.33 -13.53 8.79
C ASP A 43 2.76 -14.19 7.48
N LEU A 44 4.07 -14.37 7.31
CA LEU A 44 4.65 -14.96 6.10
C LEU A 44 5.12 -16.37 6.40
N LYS A 45 5.20 -16.71 7.69
CA LYS A 45 5.69 -18.00 8.15
C LYS A 45 4.60 -18.81 8.87
N THR A 46 3.49 -18.15 9.20
CA THR A 46 2.33 -18.79 9.83
C THR A 46 1.05 -18.53 9.05
N GLY A 47 0.99 -17.38 8.35
CA GLY A 47 -0.21 -16.97 7.66
C GLY A 47 -1.36 -16.74 8.63
N HIS A 48 -1.05 -16.51 9.91
CA HIS A 48 -2.06 -16.49 10.97
C HIS A 48 -1.74 -15.57 12.15
N SER A 49 -0.82 -14.61 12.02
CA SER A 49 -0.35 -13.88 13.20
C SER A 49 -0.49 -12.36 13.12
N LYS A 50 -1.31 -11.81 12.21
CA LYS A 50 -1.61 -10.39 12.29
C LYS A 50 -3.13 -10.14 12.30
N GLY A 51 -3.90 -11.16 11.94
CA GLY A 51 -5.37 -11.15 12.07
C GLY A 51 -6.04 -9.88 11.56
N PHE A 52 -5.52 -9.27 10.50
CA PHE A 52 -6.08 -8.00 10.04
C PHE A 52 -6.10 -7.90 8.52
N GLY A 53 -6.57 -6.77 8.00
CA GLY A 53 -6.63 -6.53 6.58
C GLY A 53 -6.33 -5.10 6.23
N PHE A 54 -6.36 -4.82 4.94
CA PHE A 54 -6.19 -3.48 4.42
C PHE A 54 -7.22 -3.25 3.33
N VAL A 55 -7.75 -2.03 3.33
CA VAL A 55 -8.71 -1.57 2.31
C VAL A 55 -8.31 -0.20 1.79
N ARG A 56 -8.67 0.09 0.54
CA ARG A 56 -8.35 1.34 -0.14
C ARG A 56 -9.58 1.86 -0.86
N PHE A 57 -9.74 3.19 -0.87
CA PHE A 57 -10.90 3.86 -1.45
C PHE A 57 -10.46 4.94 -2.44
N THR A 58 -11.42 5.47 -3.20
CA THR A 58 -11.17 6.44 -4.25
C THR A 58 -10.92 7.85 -3.71
N GLU A 59 -11.30 8.09 -2.46
CA GLU A 59 -11.14 9.40 -1.84
C GLU A 59 -10.75 9.29 -0.36
N TYR A 60 -10.42 10.44 0.24
CA TYR A 60 -9.97 10.50 1.62
C TYR A 60 -11.14 10.46 2.58
N GLU A 61 -12.24 11.14 2.23
CA GLU A 61 -13.42 11.14 3.09
C GLU A 61 -13.87 9.72 3.38
N THR A 62 -13.85 8.86 2.34
CA THR A 62 -14.27 7.49 2.47
C THR A 62 -13.32 6.69 3.36
N GLN A 63 -12.27 7.34 3.86
CA GLN A 63 -11.26 6.68 4.69
C GLN A 63 -11.33 7.23 6.11
N VAL A 64 -12.21 8.20 6.36
CA VAL A 64 -12.29 8.81 7.68
C VAL A 64 -13.66 8.58 8.32
N LYS A 65 -14.64 8.14 7.53
CA LYS A 65 -15.96 7.82 8.07
C LYS A 65 -16.07 6.37 8.54
N VAL A 66 -15.25 5.46 7.99
CA VAL A 66 -15.24 4.08 8.43
C VAL A 66 -14.60 4.01 9.82
N MET A 67 -13.54 4.78 10.05
CA MET A 67 -12.83 4.78 11.33
C MET A 67 -13.62 5.53 12.41
N SER A 68 -14.78 6.09 12.06
CA SER A 68 -15.61 6.79 13.01
C SER A 68 -16.26 5.82 14.00
N GLN A 69 -16.33 4.52 13.64
CA GLN A 69 -16.95 3.51 14.50
C GLN A 69 -16.57 2.10 14.07
N ARG A 70 -17.05 1.11 14.83
CA ARG A 70 -16.81 -0.31 14.56
C ARG A 70 -17.71 -0.83 13.45
N HIS A 71 -17.51 -2.10 13.09
CA HIS A 71 -18.29 -2.75 12.04
C HIS A 71 -18.45 -4.23 12.36
N MET A 72 -19.47 -4.87 11.78
CA MET A 72 -19.70 -6.29 11.97
C MET A 72 -19.45 -7.02 10.67
N ILE A 73 -18.49 -7.94 10.69
CA ILE A 73 -18.15 -8.77 9.54
C ILE A 73 -18.29 -10.24 9.89
N ASP A 74 -19.06 -10.95 9.06
CA ASP A 74 -19.31 -12.39 9.18
C ASP A 74 -19.86 -12.78 10.55
N GLY A 75 -20.32 -11.78 11.33
CA GLY A 75 -20.88 -12.01 12.65
C GLY A 75 -19.85 -11.76 13.74
N ARG A 76 -18.80 -10.99 13.44
CA ARG A 76 -17.72 -10.68 14.36
C ARG A 76 -17.47 -9.18 14.34
N TRP A 77 -17.39 -8.58 15.53
CA TRP A 77 -17.09 -7.17 15.65
C TRP A 77 -15.61 -6.95 15.34
N CYS A 78 -15.35 -5.97 14.48
CA CYS A 78 -14.01 -5.59 14.07
C CYS A 78 -13.89 -4.07 14.09
N ASP A 79 -12.70 -3.55 13.79
CA ASP A 79 -12.47 -2.11 13.80
C ASP A 79 -11.67 -1.72 12.58
N CYS A 80 -11.81 -0.45 12.18
CA CYS A 80 -11.04 0.12 11.10
C CYS A 80 -10.46 1.45 11.58
N LYS A 81 -9.21 1.71 11.24
CA LYS A 81 -8.50 2.90 11.67
C LYS A 81 -7.27 3.11 10.80
N LEU A 82 -6.47 4.13 11.12
CA LEU A 82 -5.25 4.42 10.39
C LEU A 82 -4.06 3.88 11.18
N PRO A 83 -3.10 3.25 10.47
CA PRO A 83 -1.99 2.53 11.07
C PRO A 83 -0.88 3.45 11.57
N ASN A 84 0.09 2.84 12.26
CA ASN A 84 1.23 3.49 12.88
C ASN A 84 2.35 3.82 11.89
N SER A 85 2.03 3.89 10.60
CA SER A 85 3.05 4.13 9.58
C SER A 85 2.58 5.07 8.47
N LYS A 86 1.37 5.62 8.60
CA LYS A 86 0.77 6.46 7.55
C LYS A 86 0.23 7.79 8.09
N GLN A 87 -0.32 8.59 7.19
CA GLN A 87 -0.86 9.92 7.47
C GLN A 87 0.16 10.78 8.22
N SER A 88 1.46 10.55 7.97
CA SER A 88 2.55 11.20 8.68
C SER A 88 3.74 11.43 7.75
N GLN A 89 3.46 12.01 6.58
CA GLN A 89 4.46 12.31 5.56
C GLN A 89 4.14 13.65 4.90
N ASP A 90 4.98 14.10 3.96
CA ASP A 90 4.75 15.38 3.30
C ASP A 90 5.20 15.37 1.84
N GLU A 91 6.46 14.98 1.60
CA GLU A 91 7.01 14.97 0.26
C GLU A 91 8.26 14.09 0.14
N PRO A 92 8.48 13.50 -1.03
CA PRO A 92 9.66 12.72 -1.37
C PRO A 92 10.82 13.62 -1.83
N LEU A 93 11.84 13.01 -2.46
CA LEU A 93 12.98 13.72 -3.01
C LEU A 93 13.23 13.27 -4.45
N ARG A 94 14.16 13.93 -5.15
CA ARG A 94 14.44 13.62 -6.54
C ARG A 94 15.35 12.39 -6.67
N SER A 95 15.07 11.55 -7.66
CA SER A 95 15.85 10.36 -7.95
C SER A 95 15.31 9.62 -9.17
N ARG A 96 15.97 8.55 -9.59
CA ARG A 96 15.44 7.61 -10.58
C ARG A 96 15.23 6.24 -9.95
N LYS A 97 15.88 5.98 -8.81
CA LYS A 97 15.63 4.77 -8.05
C LYS A 97 14.66 5.07 -6.93
N VAL A 98 13.79 4.11 -6.63
CA VAL A 98 12.89 4.21 -5.49
C VAL A 98 12.83 2.88 -4.75
N PHE A 99 12.28 2.92 -3.54
CA PHE A 99 12.19 1.76 -2.67
C PHE A 99 10.75 1.27 -2.69
N VAL A 100 10.57 -0.02 -2.38
CA VAL A 100 9.25 -0.63 -2.32
C VAL A 100 9.15 -1.40 -1.02
N GLY A 101 7.97 -1.36 -0.37
CA GLY A 101 7.78 -2.03 0.90
C GLY A 101 6.39 -2.66 1.00
N ARG A 102 6.15 -3.37 2.11
CA ARG A 102 4.89 -4.08 2.36
C ARG A 102 4.65 -5.13 1.28
N CYS A 103 5.72 -5.50 0.56
CA CYS A 103 5.69 -6.40 -0.58
C CYS A 103 5.15 -7.78 -0.19
N THR A 104 4.82 -8.59 -1.19
CA THR A 104 4.29 -9.94 -1.00
C THR A 104 4.82 -10.85 -2.10
N GLU A 105 4.68 -12.16 -1.91
CA GLU A 105 5.15 -13.14 -2.87
C GLU A 105 4.18 -13.25 -4.06
N ASP A 106 3.07 -12.51 -4.04
CA ASP A 106 2.10 -12.53 -5.13
C ASP A 106 2.66 -11.84 -6.37
N MET A 107 3.66 -10.97 -6.19
CA MET A 107 4.34 -10.30 -7.29
C MET A 107 5.82 -10.67 -7.34
N THR A 108 6.52 -10.12 -8.34
CA THR A 108 7.94 -10.38 -8.56
C THR A 108 8.56 -9.29 -9.43
N GLU A 109 9.83 -9.45 -9.78
CA GLU A 109 10.63 -8.46 -10.50
C GLU A 109 9.97 -8.00 -11.80
N ASP A 110 9.62 -8.96 -12.66
CA ASP A 110 8.98 -8.68 -13.93
C ASP A 110 7.59 -8.05 -13.73
N GLU A 111 6.82 -8.56 -12.78
CA GLU A 111 5.46 -8.06 -12.53
C GLU A 111 5.51 -6.60 -12.08
N LEU A 112 6.59 -6.20 -11.40
CA LEU A 112 6.78 -4.84 -10.94
C LEU A 112 7.10 -3.94 -12.13
N ARG A 113 8.13 -4.27 -12.93
CA ARG A 113 8.50 -3.47 -14.08
C ARG A 113 7.35 -3.39 -15.09
N GLU A 114 6.52 -4.43 -15.16
CA GLU A 114 5.42 -4.46 -16.11
C GLU A 114 4.28 -3.55 -15.67
N PHE A 115 4.26 -3.20 -14.38
CA PHE A 115 3.27 -2.32 -13.80
C PHE A 115 3.82 -0.91 -13.63
N PHE A 116 5.13 -0.76 -13.38
CA PHE A 116 5.74 0.53 -13.23
C PHE A 116 5.87 1.26 -14.57
N SER A 117 5.85 0.52 -15.68
CA SER A 117 5.99 1.11 -17.01
C SER A 117 4.80 1.98 -17.40
N GLN A 118 3.71 1.95 -16.62
CA GLN A 118 2.55 2.77 -16.93
C GLN A 118 2.81 4.25 -16.66
N TYR A 119 3.72 4.53 -15.73
CA TYR A 119 4.04 5.89 -15.32
C TYR A 119 5.08 6.54 -16.26
N GLY A 120 5.74 5.74 -17.10
CA GLY A 120 6.66 6.25 -18.10
C GLY A 120 7.49 5.12 -18.70
N ASP A 121 8.70 4.92 -18.17
CA ASP A 121 9.58 3.85 -18.62
C ASP A 121 10.42 3.34 -17.44
N VAL A 122 10.64 2.03 -17.41
CA VAL A 122 11.38 1.37 -16.34
C VAL A 122 12.70 0.84 -16.88
N MET A 123 13.78 1.01 -16.11
CA MET A 123 15.09 0.54 -16.50
C MET A 123 15.30 -0.88 -15.97
N ASP A 124 14.86 -1.14 -14.74
CA ASP A 124 15.03 -2.43 -14.09
C ASP A 124 14.29 -2.48 -12.76
N VAL A 125 14.25 -3.68 -12.16
CA VAL A 125 13.70 -3.92 -10.84
C VAL A 125 14.65 -4.87 -10.12
N PHE A 126 14.77 -4.71 -8.81
CA PHE A 126 15.67 -5.55 -8.02
C PHE A 126 15.02 -6.01 -6.73
N ILE A 127 15.28 -7.27 -6.36
CA ILE A 127 14.77 -7.89 -5.16
C ILE A 127 15.84 -8.87 -4.66
N PRO A 128 16.37 -8.68 -3.45
CA PRO A 128 17.36 -9.58 -2.88
C PRO A 128 16.68 -10.88 -2.45
N LYS A 129 17.46 -11.91 -2.10
CA LYS A 129 16.90 -13.20 -1.73
C LYS A 129 17.40 -13.64 -0.36
N PRO A 130 16.61 -14.45 0.35
CA PRO A 130 15.28 -14.90 -0.06
C PRO A 130 14.26 -13.76 0.02
N PHE A 131 13.04 -14.02 -0.46
CA PHE A 131 11.99 -13.03 -0.53
C PHE A 131 11.76 -12.34 0.82
N ARG A 132 11.54 -11.01 0.79
CA ARG A 132 11.25 -10.22 1.98
C ARG A 132 10.25 -9.12 1.64
N ALA A 133 9.82 -8.36 2.67
CA ALA A 133 8.77 -7.36 2.58
C ALA A 133 9.14 -6.11 1.76
N PHE A 134 10.19 -6.17 0.92
CA PHE A 134 10.65 -4.99 0.21
C PHE A 134 11.29 -5.32 -1.14
N ALA A 135 11.59 -4.26 -1.89
CA ALA A 135 12.16 -4.33 -3.22
C ALA A 135 12.64 -2.95 -3.66
N PHE A 136 13.12 -2.84 -4.90
CA PHE A 136 13.57 -1.60 -5.52
C PHE A 136 13.18 -1.59 -6.99
N VAL A 137 13.22 -0.42 -7.61
CA VAL A 137 12.98 -0.27 -9.04
C VAL A 137 13.71 0.98 -9.53
N THR A 138 14.09 0.98 -10.81
CA THR A 138 14.74 2.13 -11.43
C THR A 138 13.91 2.63 -12.61
N PHE A 139 13.78 3.95 -12.72
CA PHE A 139 13.03 4.60 -13.79
C PHE A 139 13.97 5.30 -14.78
N ALA A 140 13.41 5.70 -15.92
CA ALA A 140 14.16 6.35 -16.98
C ALA A 140 14.30 7.85 -16.75
N ASP A 141 13.49 8.41 -15.85
CA ASP A 141 13.49 9.86 -15.62
C ASP A 141 13.54 10.19 -14.14
N ASP A 142 14.12 11.35 -13.84
CA ASP A 142 14.27 11.85 -12.47
C ASP A 142 12.98 12.49 -11.96
N GLN A 143 11.89 12.38 -12.71
CA GLN A 143 10.63 13.01 -12.35
C GLN A 143 9.50 11.99 -12.20
N ILE A 144 9.62 10.82 -12.84
CA ILE A 144 8.61 9.79 -12.71
C ILE A 144 8.68 9.18 -11.31
N ALA A 145 9.90 8.90 -10.84
CA ALA A 145 10.12 8.34 -9.52
C ALA A 145 9.73 9.35 -8.45
N GLN A 146 10.10 10.62 -8.66
CA GLN A 146 9.87 11.70 -7.71
C GLN A 146 8.38 12.07 -7.63
N SER A 147 7.54 11.47 -8.49
CA SER A 147 6.12 11.79 -8.54
C SER A 147 5.26 10.57 -8.21
N LEU A 148 5.86 9.44 -7.85
CA LEU A 148 5.10 8.31 -7.33
C LEU A 148 5.62 7.80 -5.99
N CYS A 149 6.68 8.42 -5.47
CA CYS A 149 7.19 8.11 -4.14
C CYS A 149 6.17 8.50 -3.07
N GLY A 150 6.08 7.69 -2.01
CA GLY A 150 5.16 7.92 -0.91
C GLY A 150 3.67 7.79 -1.29
N GLU A 151 3.35 7.35 -2.50
CA GLU A 151 1.97 7.29 -2.97
C GLU A 151 1.31 5.96 -2.67
N ASP A 152 2.03 5.02 -2.05
CA ASP A 152 1.56 3.67 -1.75
C ASP A 152 0.70 3.10 -2.89
N LEU A 153 1.37 2.63 -3.93
CA LEU A 153 0.74 2.11 -5.14
C LEU A 153 0.00 0.80 -4.89
N ILE A 154 -0.52 0.20 -5.95
CA ILE A 154 -1.25 -1.07 -5.88
C ILE A 154 -0.82 -1.94 -7.05
N ILE A 155 -0.58 -3.23 -6.77
CA ILE A 155 -0.12 -4.17 -7.79
C ILE A 155 -0.96 -5.45 -7.73
N LYS A 156 -1.80 -5.64 -8.75
CA LYS A 156 -2.71 -6.78 -8.89
C LYS A 156 -3.63 -6.98 -7.69
N GLY A 157 -3.69 -6.00 -6.78
CA GLY A 157 -4.49 -6.10 -5.58
C GLY A 157 -3.65 -6.01 -4.32
N ILE A 158 -2.35 -5.78 -4.45
CA ILE A 158 -1.43 -5.67 -3.33
C ILE A 158 -0.99 -4.22 -3.21
N SER A 159 -1.49 -3.51 -2.20
CA SER A 159 -1.00 -2.17 -1.92
C SER A 159 0.45 -2.27 -1.49
N VAL A 160 1.35 -1.65 -2.25
CA VAL A 160 2.76 -1.62 -1.87
C VAL A 160 3.21 -0.17 -1.64
N HIS A 161 3.90 0.04 -0.52
CA HIS A 161 4.42 1.35 -0.17
C HIS A 161 5.62 1.65 -1.06
N ILE A 162 5.89 2.94 -1.27
CA ILE A 162 7.03 3.39 -2.04
C ILE A 162 7.70 4.48 -1.23
N SER A 163 9.03 4.50 -1.25
CA SER A 163 9.77 5.48 -0.46
C SER A 163 11.08 5.83 -1.13
N ASN A 164 11.85 6.69 -0.48
CA ASN A 164 13.09 7.22 -1.03
C ASN A 164 14.20 6.20 -0.85
N ALA A 165 14.60 5.54 -1.94
CA ALA A 165 15.70 4.61 -1.93
C ALA A 165 16.97 5.31 -1.44
N GLU A 166 17.87 4.51 -0.90
CA GLU A 166 19.14 4.94 -0.34
C GLU A 166 20.24 4.22 -1.08
N PRO A 167 20.72 4.79 -2.20
CA PRO A 167 21.62 4.12 -3.12
C PRO A 167 22.92 3.70 -2.44
N LYS A 168 23.15 2.39 -2.42
CA LYS A 168 24.32 1.76 -1.82
C LYS A 168 25.51 1.71 -2.79
N HIS A 169 25.42 2.35 -3.95
CA HIS A 169 26.51 2.37 -4.93
C HIS A 169 26.56 3.67 -5.73
N ASN A 170 25.65 4.61 -5.45
CA ASN A 170 25.57 5.89 -6.14
C ASN A 170 24.90 6.93 -5.25
N SER A 171 24.46 8.06 -5.82
CA SER A 171 23.78 9.10 -5.07
C SER A 171 22.65 9.72 -5.88
N ASN A 172 21.87 10.59 -5.22
CA ASN A 172 20.74 11.27 -5.82
C ASN A 172 21.18 12.42 -6.74
N ARG A 173 22.49 12.62 -6.90
CA ARG A 173 23.07 13.69 -7.70
C ARG A 173 22.35 15.03 -7.51
N GLN A 174 22.03 15.34 -6.24
CA GLN A 174 21.33 16.57 -5.87
C GLN A 174 21.97 17.81 -6.51
N GLY A 1 -21.62 26.29 6.75
CA GLY A 1 -21.21 24.96 6.25
C GLY A 1 -19.77 24.98 5.74
N SER A 2 -19.00 23.94 6.09
CA SER A 2 -17.60 23.83 5.70
C SER A 2 -17.23 22.37 5.46
N HIS A 3 -16.02 22.14 4.92
CA HIS A 3 -15.53 20.80 4.62
C HIS A 3 -14.01 20.80 4.68
N MET A 4 -13.39 19.61 4.60
CA MET A 4 -11.96 19.45 4.74
C MET A 4 -11.50 18.14 4.11
N ALA A 5 -10.17 18.00 3.94
CA ALA A 5 -9.57 16.78 3.43
C ALA A 5 -8.09 16.73 3.79
N SER A 6 -7.45 15.58 3.52
CA SER A 6 -6.04 15.38 3.78
C SER A 6 -5.52 14.27 2.85
N LYS A 7 -4.23 13.92 2.97
CA LYS A 7 -3.64 12.84 2.19
C LYS A 7 -4.41 11.54 2.44
N THR A 8 -4.33 10.60 1.48
CA THR A 8 -5.06 9.34 1.57
C THR A 8 -4.09 8.18 1.78
N SER A 9 -4.63 7.09 2.33
CA SER A 9 -3.86 5.88 2.62
C SER A 9 -4.83 4.73 2.88
N ASP A 10 -4.33 3.51 3.06
CA ASP A 10 -5.20 2.40 3.38
C ASP A 10 -5.58 2.46 4.85
N LEU A 11 -6.76 1.95 5.19
CA LEU A 11 -7.14 1.76 6.58
C LEU A 11 -6.87 0.32 6.96
N ILE A 12 -6.34 0.12 8.17
CA ILE A 12 -6.16 -1.20 8.70
C ILE A 12 -7.54 -1.73 9.10
N VAL A 13 -7.70 -3.04 9.01
CA VAL A 13 -8.94 -3.72 9.37
C VAL A 13 -8.63 -4.69 10.50
N LEU A 14 -8.56 -4.14 11.72
CA LEU A 14 -8.16 -4.87 12.91
C LEU A 14 -9.34 -5.67 13.47
N GLY A 15 -9.03 -6.72 14.23
CA GLY A 15 -10.03 -7.47 14.98
C GLY A 15 -10.88 -8.41 14.13
N LEU A 16 -10.60 -8.52 12.82
CA LEU A 16 -11.32 -9.46 11.99
C LEU A 16 -11.03 -10.89 12.49
N PRO A 17 -11.89 -11.87 12.17
CA PRO A 17 -11.71 -13.23 12.63
C PRO A 17 -10.62 -13.91 11.83
N TRP A 18 -10.52 -15.24 11.97
CA TRP A 18 -9.40 -16.01 11.43
C TRP A 18 -9.85 -16.97 10.33
N LYS A 19 -11.04 -16.72 9.76
CA LYS A 19 -11.63 -17.55 8.72
C LYS A 19 -12.18 -16.75 7.55
N THR A 20 -12.32 -15.43 7.70
CA THR A 20 -12.77 -14.54 6.63
C THR A 20 -11.72 -14.47 5.51
N THR A 21 -12.08 -13.87 4.38
CA THR A 21 -11.18 -13.71 3.25
C THR A 21 -11.16 -12.26 2.78
N GLU A 22 -10.28 -11.97 1.83
CA GLU A 22 -9.97 -10.61 1.40
C GLU A 22 -11.15 -9.99 0.66
N GLN A 23 -11.75 -10.75 -0.25
CA GLN A 23 -12.88 -10.24 -0.98
C GLN A 23 -13.99 -9.86 -0.01
N ASP A 24 -14.30 -10.74 0.95
CA ASP A 24 -15.38 -10.53 1.90
C ASP A 24 -15.27 -9.18 2.60
N LEU A 25 -14.05 -8.66 2.78
CA LEU A 25 -13.88 -7.32 3.33
C LEU A 25 -14.44 -6.30 2.34
N LYS A 26 -14.14 -6.45 1.05
CA LYS A 26 -14.63 -5.47 0.08
C LYS A 26 -16.13 -5.57 -0.10
N GLU A 27 -16.67 -6.78 0.02
CA GLU A 27 -18.10 -7.05 -0.14
C GLU A 27 -18.96 -6.28 0.86
N TYR A 28 -18.34 -5.68 1.87
CA TYR A 28 -19.07 -4.88 2.86
C TYR A 28 -18.54 -3.44 2.91
N PHE A 29 -17.26 -3.25 2.64
CA PHE A 29 -16.68 -1.91 2.58
C PHE A 29 -17.31 -1.06 1.48
N SER A 30 -17.98 -1.70 0.51
CA SER A 30 -18.65 -0.99 -0.58
C SER A 30 -19.85 -0.19 -0.10
N THR A 31 -20.17 -0.25 1.20
CA THR A 31 -21.28 0.50 1.78
C THR A 31 -20.90 1.96 2.06
N PHE A 32 -19.62 2.31 1.91
CA PHE A 32 -19.14 3.66 2.20
C PHE A 32 -18.70 4.41 0.94
N GLY A 33 -18.24 3.67 -0.07
CA GLY A 33 -17.79 4.26 -1.33
C GLY A 33 -17.84 3.22 -2.44
N GLU A 34 -16.71 3.02 -3.12
CA GLU A 34 -16.63 2.11 -4.26
C GLU A 34 -15.47 1.13 -4.13
N VAL A 35 -14.68 1.26 -3.05
CA VAL A 35 -13.57 0.38 -2.71
C VAL A 35 -12.68 0.03 -3.90
N LEU A 36 -11.64 0.85 -4.14
CA LEU A 36 -10.70 0.57 -5.21
C LEU A 36 -10.09 -0.81 -5.06
N MET A 37 -9.77 -1.22 -3.82
CA MET A 37 -9.22 -2.56 -3.60
C MET A 37 -9.18 -2.92 -2.12
N VAL A 38 -8.78 -4.16 -1.83
CA VAL A 38 -8.59 -4.69 -0.49
C VAL A 38 -7.38 -5.63 -0.50
N GLN A 39 -6.73 -5.79 0.67
CA GLN A 39 -5.56 -6.64 0.77
C GLN A 39 -5.42 -7.13 2.22
N VAL A 40 -5.81 -8.37 2.49
CA VAL A 40 -5.70 -8.94 3.82
C VAL A 40 -4.21 -9.10 4.14
N LYS A 41 -3.85 -8.82 5.39
CA LYS A 41 -2.44 -8.87 5.80
C LYS A 41 -2.25 -9.84 6.95
N LYS A 42 -1.23 -10.70 6.75
CA LYS A 42 -0.95 -11.87 7.57
C LYS A 42 0.54 -12.09 7.72
N ASP A 43 0.89 -13.10 8.53
CA ASP A 43 2.27 -13.48 8.83
C ASP A 43 3.00 -14.01 7.60
N LEU A 44 4.33 -14.10 7.70
CA LEU A 44 5.17 -14.53 6.59
C LEU A 44 6.03 -15.72 7.01
N LYS A 45 6.17 -15.94 8.33
CA LYS A 45 6.95 -17.04 8.87
C LYS A 45 6.07 -18.10 9.52
N THR A 46 4.79 -17.77 9.73
CA THR A 46 3.79 -18.69 10.24
C THR A 46 2.61 -18.80 9.28
N GLY A 47 2.34 -17.69 8.55
CA GLY A 47 1.23 -17.59 7.61
C GLY A 47 -0.11 -17.82 8.31
N HIS A 48 -0.14 -17.80 9.64
CA HIS A 48 -1.37 -18.05 10.40
C HIS A 48 -2.34 -16.89 10.22
N SER A 49 -1.78 -15.67 10.32
CA SER A 49 -2.44 -14.38 10.15
C SER A 49 -2.19 -13.53 11.38
N LYS A 50 -1.63 -12.34 11.17
CA LYS A 50 -1.50 -11.33 12.22
C LYS A 50 -2.88 -10.91 12.69
N GLY A 51 -3.90 -11.12 11.86
CA GLY A 51 -5.27 -10.86 12.23
C GLY A 51 -5.83 -9.57 11.64
N PHE A 52 -5.29 -9.05 10.52
CA PHE A 52 -5.83 -7.79 10.02
C PHE A 52 -5.81 -7.70 8.51
N GLY A 53 -6.29 -6.56 7.98
CA GLY A 53 -6.34 -6.33 6.55
C GLY A 53 -6.17 -4.87 6.19
N PHE A 54 -6.28 -4.61 4.89
CA PHE A 54 -6.23 -3.27 4.35
C PHE A 54 -7.33 -3.07 3.32
N VAL A 55 -7.83 -1.84 3.28
CA VAL A 55 -8.80 -1.38 2.28
C VAL A 55 -8.41 0.00 1.76
N ARG A 56 -8.81 0.31 0.53
CA ARG A 56 -8.53 1.59 -0.14
C ARG A 56 -9.78 2.03 -0.90
N PHE A 57 -10.01 3.34 -0.90
CA PHE A 57 -11.20 3.94 -1.48
C PHE A 57 -10.84 5.04 -2.47
N THR A 58 -11.85 5.50 -3.23
CA THR A 58 -11.67 6.50 -4.27
C THR A 58 -11.45 7.90 -3.73
N GLU A 59 -11.79 8.13 -2.46
CA GLU A 59 -11.66 9.43 -1.83
C GLU A 59 -11.21 9.33 -0.37
N TYR A 60 -10.87 10.49 0.20
CA TYR A 60 -10.39 10.57 1.58
C TYR A 60 -11.54 10.54 2.57
N GLU A 61 -12.67 11.17 2.23
CA GLU A 61 -13.82 11.19 3.11
C GLU A 61 -14.26 9.77 3.46
N THR A 62 -14.23 8.88 2.47
CA THR A 62 -14.63 7.49 2.66
C THR A 62 -13.64 6.76 3.58
N GLN A 63 -12.59 7.45 4.00
CA GLN A 63 -11.54 6.88 4.80
C GLN A 63 -11.57 7.50 6.21
N VAL A 64 -12.53 8.41 6.46
CA VAL A 64 -12.65 9.07 7.75
C VAL A 64 -14.05 8.90 8.35
N LYS A 65 -15.01 8.35 7.59
CA LYS A 65 -16.32 8.04 8.13
C LYS A 65 -16.42 6.59 8.58
N VAL A 66 -15.57 5.72 8.03
CA VAL A 66 -15.47 4.33 8.44
C VAL A 66 -14.94 4.23 9.88
N MET A 67 -13.94 5.04 10.21
CA MET A 67 -13.28 5.01 11.50
C MET A 67 -14.15 5.65 12.58
N SER A 68 -15.29 6.23 12.19
CA SER A 68 -16.19 6.85 13.15
C SER A 68 -16.90 5.81 14.02
N GLN A 69 -16.91 4.54 13.60
CA GLN A 69 -17.58 3.50 14.35
C GLN A 69 -17.14 2.11 13.87
N ARG A 70 -17.49 1.08 14.65
CA ARG A 70 -17.09 -0.30 14.38
C ARG A 70 -17.88 -0.92 13.24
N HIS A 71 -17.52 -2.15 12.89
CA HIS A 71 -18.16 -2.86 11.78
C HIS A 71 -18.24 -4.36 12.10
N MET A 72 -19.21 -5.04 11.50
CA MET A 72 -19.40 -6.47 11.70
C MET A 72 -19.00 -7.21 10.44
N ILE A 73 -17.97 -8.06 10.55
CA ILE A 73 -17.50 -8.88 9.45
C ILE A 73 -17.65 -10.36 9.78
N ASP A 74 -18.42 -11.06 8.93
CA ASP A 74 -18.67 -12.49 9.03
C ASP A 74 -19.27 -12.90 10.38
N GLY A 75 -19.68 -11.92 11.19
CA GLY A 75 -20.28 -12.16 12.49
C GLY A 75 -19.32 -11.81 13.62
N ARG A 76 -18.30 -10.98 13.33
CA ARG A 76 -17.30 -10.59 14.32
C ARG A 76 -17.11 -9.09 14.27
N TRP A 77 -17.13 -8.46 15.44
CA TRP A 77 -16.89 -7.03 15.55
C TRP A 77 -15.42 -6.74 15.30
N CYS A 78 -15.18 -5.77 14.42
CA CYS A 78 -13.85 -5.33 14.04
C CYS A 78 -13.80 -3.80 14.01
N ASP A 79 -12.63 -3.24 13.70
CA ASP A 79 -12.45 -1.79 13.64
C ASP A 79 -11.65 -1.42 12.40
N CYS A 80 -11.74 -0.14 12.02
CA CYS A 80 -10.97 0.38 10.91
C CYS A 80 -10.42 1.74 11.30
N LYS A 81 -9.14 1.97 11.00
CA LYS A 81 -8.46 3.19 11.40
C LYS A 81 -7.21 3.42 10.55
N LEU A 82 -6.49 4.50 10.85
CA LEU A 82 -5.23 4.84 10.19
C LEU A 82 -4.09 4.16 10.94
N PRO A 83 -3.13 3.55 10.22
CA PRO A 83 -2.00 2.85 10.81
C PRO A 83 -0.94 3.81 11.33
N ASN A 84 0.07 3.23 11.98
CA ASN A 84 1.19 3.93 12.58
C ASN A 84 2.26 4.33 11.56
N SER A 85 1.93 4.28 10.26
CA SER A 85 2.92 4.50 9.21
C SER A 85 2.36 5.34 8.06
N LYS A 86 1.24 6.04 8.27
CA LYS A 86 0.60 6.84 7.22
C LYS A 86 0.11 8.16 7.78
N GLN A 87 -0.40 9.04 6.89
CA GLN A 87 -0.91 10.35 7.27
C GLN A 87 0.11 11.15 8.08
N SER A 88 1.41 10.91 7.85
CA SER A 88 2.49 11.53 8.60
C SER A 88 3.71 11.75 7.71
N GLN A 89 3.49 12.39 6.55
CA GLN A 89 4.54 12.67 5.57
C GLN A 89 4.29 14.01 4.88
N ASP A 90 5.21 14.43 4.00
CA ASP A 90 5.07 15.71 3.31
C ASP A 90 5.65 15.65 1.89
N GLU A 91 6.88 15.18 1.76
CA GLU A 91 7.54 15.10 0.47
C GLU A 91 8.73 14.13 0.47
N PRO A 92 9.00 13.48 -0.68
CA PRO A 92 10.14 12.61 -0.91
C PRO A 92 11.38 13.43 -1.32
N LEU A 93 12.38 12.75 -1.88
CA LEU A 93 13.61 13.36 -2.38
C LEU A 93 13.87 12.93 -3.82
N ARG A 94 14.87 13.53 -4.46
CA ARG A 94 15.16 13.26 -5.86
C ARG A 94 15.99 12.01 -6.06
N SER A 95 15.67 11.24 -7.09
CA SER A 95 16.40 10.04 -7.46
C SER A 95 15.86 9.45 -8.77
N ARG A 96 16.55 8.45 -9.31
CA ARG A 96 16.07 7.64 -10.43
C ARG A 96 15.65 6.26 -9.93
N LYS A 97 15.81 6.00 -8.63
CA LYS A 97 15.43 4.76 -8.02
C LYS A 97 14.48 5.03 -6.87
N VAL A 98 13.62 4.06 -6.59
CA VAL A 98 12.73 4.13 -5.44
C VAL A 98 12.68 2.78 -4.74
N PHE A 99 12.27 2.80 -3.47
CA PHE A 99 12.15 1.62 -2.67
C PHE A 99 10.71 1.14 -2.77
N VAL A 100 10.48 -0.15 -2.51
CA VAL A 100 9.15 -0.71 -2.54
C VAL A 100 8.95 -1.49 -1.25
N GLY A 101 7.75 -1.42 -0.68
CA GLY A 101 7.45 -2.07 0.59
C GLY A 101 6.08 -2.70 0.59
N ARG A 102 5.76 -3.39 1.69
CA ARG A 102 4.53 -4.16 1.87
C ARG A 102 4.35 -5.20 0.77
N CYS A 103 5.46 -5.55 0.11
CA CYS A 103 5.49 -6.47 -1.01
C CYS A 103 4.97 -7.85 -0.60
N THR A 104 4.62 -8.68 -1.59
CA THR A 104 4.11 -10.03 -1.38
C THR A 104 4.63 -10.94 -2.47
N GLU A 105 4.52 -12.25 -2.26
CA GLU A 105 5.02 -13.23 -3.21
C GLU A 105 4.06 -13.37 -4.41
N ASP A 106 2.94 -12.66 -4.38
CA ASP A 106 1.96 -12.72 -5.46
C ASP A 106 2.47 -12.01 -6.72
N MET A 107 3.39 -11.05 -6.54
CA MET A 107 4.01 -10.33 -7.65
C MET A 107 5.49 -10.70 -7.81
N THR A 108 6.14 -10.13 -8.82
CA THR A 108 7.55 -10.39 -9.09
C THR A 108 8.19 -9.23 -9.88
N GLU A 109 9.48 -9.37 -10.19
CA GLU A 109 10.30 -8.35 -10.83
C GLU A 109 9.70 -7.83 -12.14
N ASP A 110 9.40 -8.75 -13.06
CA ASP A 110 8.84 -8.41 -14.35
C ASP A 110 7.47 -7.75 -14.20
N GLU A 111 6.63 -8.27 -13.30
CA GLU A 111 5.30 -7.72 -13.10
C GLU A 111 5.35 -6.32 -12.52
N LEU A 112 6.39 -6.01 -11.75
CA LEU A 112 6.59 -4.67 -11.21
C LEU A 112 6.94 -3.71 -12.34
N ARG A 113 7.95 -4.03 -13.15
CA ARG A 113 8.34 -3.20 -14.28
C ARG A 113 7.19 -3.05 -15.28
N GLU A 114 6.34 -4.07 -15.40
CA GLU A 114 5.23 -4.05 -16.34
C GLU A 114 4.11 -3.13 -15.87
N PHE A 115 4.14 -2.77 -14.58
CA PHE A 115 3.15 -1.90 -13.97
C PHE A 115 3.74 -0.52 -13.70
N PHE A 116 5.05 -0.42 -13.46
CA PHE A 116 5.71 0.85 -13.23
C PHE A 116 5.85 1.63 -14.53
N SER A 117 5.84 0.94 -15.68
CA SER A 117 6.03 1.58 -16.98
C SER A 117 4.87 2.48 -17.38
N GLN A 118 3.74 2.43 -16.68
CA GLN A 118 2.61 3.29 -17.01
C GLN A 118 2.87 4.73 -16.58
N TYR A 119 3.73 4.92 -15.58
CA TYR A 119 4.05 6.23 -15.06
C TYR A 119 5.14 6.92 -15.89
N GLY A 120 5.83 6.17 -16.75
CA GLY A 120 6.80 6.73 -17.68
C GLY A 120 7.58 5.63 -18.39
N ASP A 121 8.78 5.33 -17.90
CA ASP A 121 9.60 4.26 -18.43
C ASP A 121 10.46 3.67 -17.30
N VAL A 122 10.64 2.35 -17.33
CA VAL A 122 11.38 1.63 -16.29
C VAL A 122 12.70 1.11 -16.85
N MET A 123 13.76 1.18 -16.05
CA MET A 123 15.06 0.70 -16.45
C MET A 123 15.24 -0.75 -15.99
N ASP A 124 14.80 -1.05 -14.77
CA ASP A 124 14.93 -2.39 -14.18
C ASP A 124 14.19 -2.47 -12.85
N VAL A 125 14.11 -3.68 -12.30
CA VAL A 125 13.54 -3.96 -11.00
C VAL A 125 14.45 -4.97 -10.31
N PHE A 126 14.56 -4.87 -8.97
CA PHE A 126 15.44 -5.73 -8.21
C PHE A 126 14.78 -6.20 -6.93
N ILE A 127 14.99 -7.48 -6.60
CA ILE A 127 14.45 -8.10 -5.39
C ILE A 127 15.47 -9.11 -4.88
N PRO A 128 16.07 -8.89 -3.70
CA PRO A 128 17.04 -9.79 -3.09
C PRO A 128 16.35 -11.07 -2.62
N LYS A 129 17.12 -12.00 -2.03
CA LYS A 129 16.57 -13.27 -1.58
C LYS A 129 16.97 -13.59 -0.14
N PRO A 130 16.14 -14.37 0.56
CA PRO A 130 14.85 -14.85 0.09
C PRO A 130 13.82 -13.71 0.08
N PHE A 131 12.63 -14.00 -0.45
CA PHE A 131 11.56 -13.03 -0.56
C PHE A 131 11.25 -12.38 0.78
N ARG A 132 11.05 -11.05 0.77
CA ARG A 132 10.75 -10.27 1.96
C ARG A 132 9.78 -9.13 1.61
N ALA A 133 9.39 -8.37 2.63
CA ALA A 133 8.38 -7.31 2.54
C ALA A 133 8.81 -6.09 1.71
N PHE A 134 9.83 -6.21 0.85
CA PHE A 134 10.35 -5.07 0.12
C PHE A 134 10.92 -5.44 -1.25
N ALA A 135 11.38 -4.42 -1.98
CA ALA A 135 11.92 -4.51 -3.33
C ALA A 135 12.43 -3.13 -3.76
N PHE A 136 12.89 -3.03 -5.01
CA PHE A 136 13.34 -1.78 -5.60
C PHE A 136 12.98 -1.73 -7.08
N VAL A 137 13.07 -0.54 -7.67
CA VAL A 137 12.86 -0.35 -9.10
C VAL A 137 13.61 0.90 -9.54
N THR A 138 14.06 0.92 -10.81
CA THR A 138 14.73 2.08 -11.37
C THR A 138 13.90 2.68 -12.51
N PHE A 139 13.92 4.00 -12.62
CA PHE A 139 13.17 4.74 -13.64
C PHE A 139 14.11 5.48 -14.58
N ALA A 140 13.57 5.89 -15.73
CA ALA A 140 14.31 6.54 -16.80
C ALA A 140 14.45 8.03 -16.56
N ASP A 141 13.70 8.56 -15.59
CA ASP A 141 13.73 9.98 -15.28
C ASP A 141 13.83 10.20 -13.78
N ASP A 142 14.44 11.31 -13.39
CA ASP A 142 14.67 11.61 -11.98
C ASP A 142 13.45 12.29 -11.35
N GLN A 143 12.33 12.30 -12.08
CA GLN A 143 11.09 12.90 -11.61
C GLN A 143 9.99 11.83 -11.46
N ILE A 144 10.08 10.73 -12.21
CA ILE A 144 9.14 9.63 -12.08
C ILE A 144 9.42 8.87 -10.79
N ALA A 145 10.61 9.05 -10.22
CA ALA A 145 11.03 8.42 -8.97
C ALA A 145 11.13 9.45 -7.85
N GLN A 146 10.53 10.63 -8.06
CA GLN A 146 10.44 11.70 -7.07
C GLN A 146 9.00 12.20 -6.98
N SER A 147 8.10 11.64 -7.80
CA SER A 147 6.70 12.00 -7.83
C SER A 147 5.83 10.75 -7.71
N LEU A 148 6.46 9.63 -7.33
CA LEU A 148 5.79 8.35 -7.11
C LEU A 148 6.06 7.87 -5.68
N CYS A 149 7.05 8.49 -5.01
CA CYS A 149 7.44 8.13 -3.66
C CYS A 149 6.42 8.65 -2.65
N GLY A 150 6.13 7.85 -1.63
CA GLY A 150 5.16 8.18 -0.59
C GLY A 150 3.71 8.24 -1.10
N GLU A 151 3.45 7.89 -2.36
CA GLU A 151 2.12 8.03 -2.95
C GLU A 151 1.27 6.77 -2.79
N ASP A 152 1.87 5.68 -2.31
CA ASP A 152 1.29 4.35 -2.32
C ASP A 152 0.98 3.89 -3.75
N LEU A 153 0.93 2.58 -3.97
CA LEU A 153 0.58 1.99 -5.26
C LEU A 153 -0.21 0.69 -5.08
N ILE A 154 -0.64 0.09 -6.19
CA ILE A 154 -1.41 -1.14 -6.20
C ILE A 154 -0.92 -2.01 -7.36
N ILE A 155 -0.77 -3.31 -7.11
CA ILE A 155 -0.30 -4.25 -8.13
C ILE A 155 -1.16 -5.50 -8.12
N LYS A 156 -1.96 -5.67 -9.18
CA LYS A 156 -2.90 -6.78 -9.36
C LYS A 156 -3.90 -6.92 -8.21
N GLY A 157 -3.94 -5.95 -7.31
CA GLY A 157 -4.82 -5.98 -6.15
C GLY A 157 -4.03 -5.96 -4.84
N ILE A 158 -2.69 -5.93 -4.93
CA ILE A 158 -1.83 -5.88 -3.78
C ILE A 158 -1.40 -4.44 -3.57
N SER A 159 -1.95 -3.79 -2.54
CA SER A 159 -1.50 -2.47 -2.18
C SER A 159 -0.05 -2.55 -1.73
N VAL A 160 0.84 -1.83 -2.42
CA VAL A 160 2.22 -1.69 -2.01
C VAL A 160 2.53 -0.24 -1.72
N HIS A 161 3.76 0.04 -1.29
CA HIS A 161 4.17 1.37 -0.88
C HIS A 161 5.51 1.68 -1.49
N ILE A 162 5.75 2.96 -1.80
CA ILE A 162 7.01 3.41 -2.37
C ILE A 162 7.64 4.42 -1.43
N SER A 163 8.97 4.40 -1.35
CA SER A 163 9.71 5.28 -0.46
C SER A 163 11.07 5.61 -1.06
N ASN A 164 11.89 6.36 -0.30
CA ASN A 164 13.16 6.87 -0.78
C ASN A 164 14.25 5.79 -0.69
N ALA A 165 14.69 5.26 -1.84
CA ALA A 165 15.70 4.23 -1.87
C ALA A 165 17.03 4.77 -1.32
N GLU A 166 17.36 4.39 -0.08
CA GLU A 166 18.62 4.76 0.54
C GLU A 166 19.75 4.08 -0.25
N PRO A 167 20.90 4.74 -0.39
CA PRO A 167 22.02 4.19 -1.14
C PRO A 167 22.76 3.13 -0.34
N LYS A 168 23.08 2.00 -0.99
CA LYS A 168 23.96 0.96 -0.44
C LYS A 168 25.28 0.87 -1.20
N HIS A 169 25.39 1.53 -2.36
CA HIS A 169 26.59 1.55 -3.19
C HIS A 169 26.49 2.66 -4.23
N ASN A 170 25.65 3.66 -3.96
CA ASN A 170 25.30 4.71 -4.90
C ASN A 170 25.06 6.02 -4.14
N SER A 171 24.42 7.00 -4.79
CA SER A 171 24.11 8.27 -4.16
C SER A 171 22.84 8.90 -4.73
N ASN A 172 22.41 10.01 -4.16
CA ASN A 172 21.25 10.77 -4.61
C ASN A 172 21.54 11.52 -5.91
N ARG A 173 22.74 11.35 -6.47
CA ARG A 173 23.21 12.06 -7.65
C ARG A 173 23.17 13.58 -7.45
N GLN A 174 23.23 14.02 -6.20
CA GLN A 174 23.20 15.43 -5.82
C GLN A 174 24.14 15.66 -4.63
N GLY A 1 -19.42 14.87 2.73
CA GLY A 1 -19.62 16.26 3.15
C GLY A 1 -18.49 16.72 4.06
N SER A 2 -17.59 17.54 3.53
CA SER A 2 -16.42 18.01 4.24
C SER A 2 -16.03 19.41 3.77
N HIS A 3 -14.95 19.97 4.35
CA HIS A 3 -14.46 21.29 4.01
C HIS A 3 -12.93 21.28 3.97
N MET A 4 -12.32 20.10 4.12
CA MET A 4 -10.89 19.91 4.10
C MET A 4 -10.57 18.50 3.58
N ALA A 5 -9.28 18.22 3.36
CA ALA A 5 -8.82 16.93 2.88
C ALA A 5 -7.40 16.67 3.37
N SER A 6 -6.90 15.45 3.15
CA SER A 6 -5.57 15.04 3.56
C SER A 6 -5.07 13.90 2.68
N LYS A 7 -3.81 13.50 2.84
CA LYS A 7 -3.22 12.41 2.08
C LYS A 7 -4.00 11.12 2.30
N THR A 8 -3.88 10.17 1.36
CA THR A 8 -4.61 8.92 1.41
C THR A 8 -3.68 7.75 1.65
N SER A 9 -4.23 6.71 2.30
CA SER A 9 -3.51 5.50 2.67
C SER A 9 -4.52 4.37 2.84
N ASP A 10 -4.05 3.15 3.15
CA ASP A 10 -4.96 2.04 3.33
C ASP A 10 -5.50 2.04 4.77
N LEU A 11 -6.78 1.71 4.94
CA LEU A 11 -7.33 1.49 6.27
C LEU A 11 -6.88 0.10 6.72
N ILE A 12 -6.38 0.03 7.96
CA ILE A 12 -6.15 -1.25 8.60
C ILE A 12 -7.52 -1.76 9.02
N VAL A 13 -7.69 -3.09 9.02
CA VAL A 13 -8.97 -3.69 9.37
C VAL A 13 -8.73 -4.64 10.53
N LEU A 14 -8.97 -4.15 11.75
CA LEU A 14 -8.60 -4.83 12.97
C LEU A 14 -9.79 -5.54 13.60
N GLY A 15 -9.67 -6.86 13.85
CA GLY A 15 -10.71 -7.58 14.57
C GLY A 15 -11.28 -8.77 13.80
N LEU A 16 -10.60 -9.23 12.75
CA LEU A 16 -11.10 -10.36 11.97
C LEU A 16 -11.30 -11.59 12.86
N PRO A 17 -12.29 -12.43 12.54
CA PRO A 17 -12.61 -13.67 13.25
C PRO A 17 -11.58 -14.76 13.02
N TRP A 18 -10.41 -14.41 12.48
CA TRP A 18 -9.32 -15.33 12.20
C TRP A 18 -9.71 -16.41 11.18
N LYS A 19 -10.84 -16.23 10.48
CA LYS A 19 -11.30 -17.20 9.48
C LYS A 19 -11.87 -16.53 8.21
N THR A 20 -12.20 -15.23 8.28
CA THR A 20 -12.61 -14.47 7.10
C THR A 20 -11.49 -14.45 6.07
N THR A 21 -11.80 -14.03 4.83
CA THR A 21 -10.83 -13.95 3.75
C THR A 21 -10.77 -12.54 3.18
N GLU A 22 -9.86 -12.32 2.24
CA GLU A 22 -9.52 -11.00 1.74
C GLU A 22 -10.67 -10.41 0.93
N GLN A 23 -11.25 -11.19 0.02
CA GLN A 23 -12.33 -10.66 -0.78
C GLN A 23 -13.51 -10.32 0.13
N ASP A 24 -13.85 -11.20 1.07
CA ASP A 24 -14.98 -10.96 1.98
C ASP A 24 -14.91 -9.61 2.68
N LEU A 25 -13.71 -9.02 2.79
CA LEU A 25 -13.59 -7.65 3.27
C LEU A 25 -14.10 -6.69 2.18
N LYS A 26 -13.66 -6.87 0.93
CA LYS A 26 -14.10 -5.95 -0.13
C LYS A 26 -15.59 -6.10 -0.44
N GLU A 27 -16.13 -7.31 -0.26
CA GLU A 27 -17.54 -7.59 -0.48
C GLU A 27 -18.45 -6.74 0.42
N TYR A 28 -17.89 -6.07 1.42
CA TYR A 28 -18.67 -5.21 2.30
C TYR A 28 -18.14 -3.78 2.33
N PHE A 29 -16.83 -3.59 2.11
CA PHE A 29 -16.27 -2.25 2.05
C PHE A 29 -16.82 -1.46 0.87
N SER A 30 -17.43 -2.14 -0.11
CA SER A 30 -18.07 -1.49 -1.24
C SER A 30 -19.26 -0.62 -0.80
N THR A 31 -19.64 -0.69 0.49
CA THR A 31 -20.75 0.08 1.02
C THR A 31 -20.40 1.57 1.18
N PHE A 32 -19.12 1.93 1.00
CA PHE A 32 -18.68 3.31 1.20
C PHE A 32 -18.19 3.98 -0.08
N GLY A 33 -17.62 3.20 -1.00
CA GLY A 33 -17.09 3.73 -2.25
C GLY A 33 -17.04 2.64 -3.33
N GLU A 34 -15.87 2.44 -3.92
CA GLU A 34 -15.70 1.50 -5.02
C GLU A 34 -14.58 0.50 -4.77
N VAL A 35 -13.89 0.64 -3.63
CA VAL A 35 -12.82 -0.24 -3.16
C VAL A 35 -11.83 -0.63 -4.25
N LEU A 36 -10.77 0.17 -4.40
CA LEU A 36 -9.74 -0.10 -5.40
C LEU A 36 -9.15 -1.49 -5.18
N MET A 37 -8.94 -1.87 -3.91
CA MET A 37 -8.40 -3.19 -3.60
C MET A 37 -8.51 -3.53 -2.12
N VAL A 38 -8.13 -4.77 -1.78
CA VAL A 38 -8.02 -5.26 -0.42
C VAL A 38 -6.81 -6.19 -0.35
N GLN A 39 -6.21 -6.30 0.84
CA GLN A 39 -5.06 -7.14 1.04
C GLN A 39 -5.00 -7.60 2.49
N VAL A 40 -5.42 -8.84 2.76
CA VAL A 40 -5.40 -9.38 4.11
C VAL A 40 -3.95 -9.47 4.57
N LYS A 41 -3.71 -9.16 5.83
CA LYS A 41 -2.36 -9.19 6.37
C LYS A 41 -2.28 -9.96 7.69
N LYS A 42 -1.12 -10.63 7.84
CA LYS A 42 -0.85 -11.60 8.89
C LYS A 42 0.63 -11.57 9.29
N ASP A 43 1.01 -12.49 10.18
CA ASP A 43 2.34 -12.58 10.77
C ASP A 43 3.38 -12.98 9.71
N LEU A 44 4.67 -12.91 10.07
CA LEU A 44 5.77 -13.15 9.13
C LEU A 44 6.69 -14.25 9.67
N LYS A 45 6.62 -14.52 10.97
CA LYS A 45 7.45 -15.53 11.62
C LYS A 45 6.62 -16.68 12.19
N THR A 46 5.31 -16.46 12.29
CA THR A 46 4.37 -17.50 12.74
C THR A 46 3.35 -17.83 11.66
N GLY A 47 3.03 -16.84 10.82
CA GLY A 47 2.04 -16.96 9.76
C GLY A 47 0.66 -17.29 10.31
N HIS A 48 0.45 -17.18 11.63
CA HIS A 48 -0.83 -17.48 12.24
C HIS A 48 -1.85 -16.43 11.82
N SER A 49 -1.43 -15.17 11.89
CA SER A 49 -2.14 -13.96 11.53
C SER A 49 -2.20 -13.01 12.72
N LYS A 50 -2.02 -11.72 12.46
CA LYS A 50 -2.23 -10.68 13.44
C LYS A 50 -3.73 -10.44 13.59
N GLY A 51 -4.52 -10.97 12.65
CA GLY A 51 -5.96 -10.85 12.66
C GLY A 51 -6.43 -9.60 11.92
N PHE A 52 -5.73 -9.16 10.86
CA PHE A 52 -6.12 -7.90 10.26
C PHE A 52 -6.00 -7.89 8.74
N GLY A 53 -6.28 -6.75 8.14
CA GLY A 53 -6.20 -6.57 6.70
C GLY A 53 -5.99 -5.11 6.32
N PHE A 54 -5.98 -4.88 5.02
CA PHE A 54 -5.89 -3.54 4.46
C PHE A 54 -6.90 -3.41 3.34
N VAL A 55 -7.50 -2.22 3.25
CA VAL A 55 -8.41 -1.84 2.17
C VAL A 55 -8.09 -0.43 1.71
N ARG A 56 -8.37 -0.14 0.44
CA ARG A 56 -8.05 1.15 -0.16
C ARG A 56 -9.16 1.57 -1.11
N PHE A 57 -9.41 2.89 -1.17
CA PHE A 57 -10.51 3.46 -1.92
C PHE A 57 -10.03 4.54 -2.89
N THR A 58 -10.95 5.00 -3.73
CA THR A 58 -10.68 5.98 -4.79
C THR A 58 -10.54 7.41 -4.25
N GLU A 59 -10.99 7.64 -3.02
CA GLU A 59 -10.92 8.95 -2.40
C GLU A 59 -10.58 8.89 -0.91
N TYR A 60 -10.32 10.06 -0.33
CA TYR A 60 -9.92 10.19 1.06
C TYR A 60 -11.14 10.15 1.98
N GLU A 61 -12.25 10.74 1.55
CA GLU A 61 -13.47 10.73 2.36
C GLU A 61 -13.86 9.31 2.70
N THR A 62 -13.73 8.40 1.73
CA THR A 62 -14.09 7.01 1.92
C THR A 62 -13.15 6.30 2.90
N GLN A 63 -12.17 7.03 3.43
CA GLN A 63 -11.20 6.48 4.37
C GLN A 63 -11.34 7.18 5.72
N VAL A 64 -12.33 8.08 5.86
CA VAL A 64 -12.54 8.77 7.12
C VAL A 64 -13.97 8.56 7.65
N LYS A 65 -14.85 7.98 6.85
CA LYS A 65 -16.21 7.67 7.30
C LYS A 65 -16.33 6.23 7.81
N VAL A 66 -15.46 5.32 7.37
CA VAL A 66 -15.45 3.95 7.86
C VAL A 66 -14.93 3.95 9.29
N MET A 67 -13.89 4.74 9.58
CA MET A 67 -13.32 4.83 10.91
C MET A 67 -14.24 5.57 11.88
N SER A 68 -15.37 6.08 11.40
CA SER A 68 -16.30 6.80 12.24
C SER A 68 -16.99 5.86 13.24
N GLN A 69 -16.96 4.55 12.95
CA GLN A 69 -17.59 3.55 13.82
C GLN A 69 -17.08 2.15 13.50
N ARG A 70 -17.58 1.16 14.24
CA ARG A 70 -17.23 -0.25 14.07
C ARG A 70 -18.00 -0.88 12.92
N HIS A 71 -17.71 -2.14 12.63
CA HIS A 71 -18.36 -2.87 11.55
C HIS A 71 -18.48 -4.34 11.90
N MET A 72 -19.46 -5.03 11.31
CA MET A 72 -19.66 -6.45 11.54
C MET A 72 -19.29 -7.23 10.29
N ILE A 73 -18.27 -8.08 10.42
CA ILE A 73 -17.83 -8.94 9.34
C ILE A 73 -17.94 -10.40 9.74
N ASP A 74 -18.66 -11.16 8.91
CA ASP A 74 -18.88 -12.59 9.08
C ASP A 74 -19.49 -12.94 10.44
N GLY A 75 -19.98 -11.94 11.16
CA GLY A 75 -20.61 -12.12 12.46
C GLY A 75 -19.66 -11.75 13.59
N ARG A 76 -18.63 -10.95 13.31
CA ARG A 76 -17.63 -10.53 14.28
C ARG A 76 -17.42 -9.03 14.19
N TRP A 77 -17.40 -8.37 15.34
CA TRP A 77 -17.16 -6.93 15.41
C TRP A 77 -15.69 -6.64 15.18
N CYS A 78 -15.42 -5.69 14.28
CA CYS A 78 -14.09 -5.22 13.97
C CYS A 78 -14.10 -3.69 13.79
N ASP A 79 -12.93 -3.11 13.55
CA ASP A 79 -12.78 -1.67 13.37
C ASP A 79 -11.91 -1.37 12.17
N CYS A 80 -11.92 -0.12 11.73
CA CYS A 80 -11.09 0.35 10.64
C CYS A 80 -10.53 1.72 11.01
N LYS A 81 -9.29 1.99 10.63
CA LYS A 81 -8.60 3.22 11.00
C LYS A 81 -7.30 3.36 10.21
N LEU A 82 -6.56 4.44 10.49
CA LEU A 82 -5.23 4.68 9.92
C LEU A 82 -4.19 4.08 10.87
N PRO A 83 -3.17 3.40 10.33
CA PRO A 83 -2.12 2.76 11.11
C PRO A 83 -1.11 3.77 11.65
N ASN A 84 -0.20 3.27 12.48
CA ASN A 84 0.84 4.04 13.14
C ASN A 84 1.99 4.45 12.21
N SER A 85 1.81 4.29 10.89
CA SER A 85 2.87 4.51 9.92
C SER A 85 2.36 5.25 8.68
N LYS A 86 1.20 5.91 8.76
CA LYS A 86 0.60 6.61 7.63
C LYS A 86 0.02 7.94 8.07
N GLN A 87 -0.45 8.74 7.11
CA GLN A 87 -0.98 10.08 7.37
C GLN A 87 0.00 10.92 8.21
N SER A 88 1.31 10.65 8.07
CA SER A 88 2.35 11.28 8.85
C SER A 88 3.55 11.61 7.97
N GLN A 89 3.26 12.17 6.80
CA GLN A 89 4.26 12.53 5.79
C GLN A 89 3.80 13.80 5.08
N ASP A 90 4.58 14.28 4.11
CA ASP A 90 4.20 15.47 3.36
C ASP A 90 4.71 15.41 1.93
N GLU A 91 5.99 15.05 1.76
CA GLU A 91 6.61 14.97 0.44
C GLU A 91 7.86 14.08 0.46
N PRO A 92 8.14 13.40 -0.65
CA PRO A 92 9.34 12.62 -0.87
C PRO A 92 10.52 13.51 -1.27
N LEU A 93 11.59 12.90 -1.80
CA LEU A 93 12.77 13.62 -2.26
C LEU A 93 13.06 13.29 -3.73
N ARG A 94 14.00 14.03 -4.33
CA ARG A 94 14.35 13.85 -5.73
C ARG A 94 15.27 12.65 -5.92
N SER A 95 15.03 11.90 -7.01
CA SER A 95 15.85 10.75 -7.37
C SER A 95 15.30 10.12 -8.66
N ARG A 96 15.99 9.10 -9.18
CA ARG A 96 15.48 8.26 -10.27
C ARG A 96 15.35 6.82 -9.81
N LYS A 97 15.73 6.53 -8.57
CA LYS A 97 15.50 5.24 -7.94
C LYS A 97 14.51 5.41 -6.81
N VAL A 98 13.64 4.43 -6.62
CA VAL A 98 12.72 4.40 -5.49
C VAL A 98 12.64 2.97 -4.95
N PHE A 99 11.99 2.83 -3.80
CA PHE A 99 11.95 1.59 -3.05
C PHE A 99 10.51 1.15 -2.88
N VAL A 100 10.31 -0.14 -2.60
CA VAL A 100 8.98 -0.71 -2.40
C VAL A 100 8.96 -1.44 -1.06
N GLY A 101 7.83 -1.42 -0.35
CA GLY A 101 7.74 -2.04 0.97
C GLY A 101 6.46 -2.85 1.12
N ARG A 102 6.42 -3.66 2.19
CA ARG A 102 5.34 -4.62 2.48
C ARG A 102 5.04 -5.48 1.25
N CYS A 103 6.07 -5.69 0.42
CA CYS A 103 5.99 -6.44 -0.81
C CYS A 103 5.47 -7.86 -0.57
N THR A 104 5.10 -8.57 -1.64
CA THR A 104 4.56 -9.91 -1.56
C THR A 104 5.10 -10.77 -2.71
N GLU A 105 4.94 -12.08 -2.59
CA GLU A 105 5.38 -13.02 -3.62
C GLU A 105 4.42 -13.05 -4.80
N ASP A 106 3.28 -12.33 -4.69
CA ASP A 106 2.27 -12.31 -5.73
C ASP A 106 2.75 -11.57 -6.99
N MET A 107 3.69 -10.63 -6.83
CA MET A 107 4.24 -9.88 -7.96
C MET A 107 5.71 -10.22 -8.22
N THR A 108 6.29 -9.60 -9.25
CA THR A 108 7.68 -9.81 -9.62
C THR A 108 8.26 -8.62 -10.38
N GLU A 109 9.53 -8.72 -10.77
CA GLU A 109 10.30 -7.64 -11.38
C GLU A 109 9.64 -7.07 -12.62
N ASP A 110 9.32 -7.93 -13.59
CA ASP A 110 8.69 -7.53 -14.83
C ASP A 110 7.32 -6.90 -14.58
N GLU A 111 6.53 -7.48 -13.67
CA GLU A 111 5.19 -6.98 -13.39
C GLU A 111 5.24 -5.59 -12.76
N LEU A 112 6.31 -5.30 -12.01
CA LEU A 112 6.50 -3.99 -11.42
C LEU A 112 6.78 -2.98 -12.53
N ARG A 113 7.78 -3.24 -13.38
CA ARG A 113 8.11 -2.33 -14.47
C ARG A 113 6.94 -2.15 -15.41
N GLU A 114 6.09 -3.17 -15.56
CA GLU A 114 4.96 -3.13 -16.49
C GLU A 114 3.83 -2.27 -15.94
N PHE A 115 3.86 -2.02 -14.63
CA PHE A 115 2.89 -1.19 -13.96
C PHE A 115 3.47 0.21 -13.68
N PHE A 116 4.79 0.30 -13.49
CA PHE A 116 5.44 1.58 -13.25
C PHE A 116 5.55 2.39 -14.55
N SER A 117 5.50 1.73 -15.71
CA SER A 117 5.63 2.42 -16.99
C SER A 117 4.44 3.34 -17.31
N GLN A 118 3.36 3.26 -16.53
CA GLN A 118 2.21 4.11 -16.78
C GLN A 118 2.49 5.56 -16.38
N TYR A 119 3.41 5.75 -15.42
CA TYR A 119 3.75 7.06 -14.91
C TYR A 119 4.78 7.77 -15.78
N GLY A 120 5.46 7.05 -16.68
CA GLY A 120 6.37 7.65 -17.64
C GLY A 120 7.17 6.58 -18.36
N ASP A 121 8.39 6.32 -17.87
CA ASP A 121 9.27 5.30 -18.45
C ASP A 121 10.11 4.68 -17.35
N VAL A 122 10.32 3.36 -17.43
CA VAL A 122 11.06 2.59 -16.43
C VAL A 122 12.35 2.08 -17.04
N MET A 123 13.44 2.14 -16.27
CA MET A 123 14.74 1.68 -16.72
C MET A 123 14.95 0.23 -16.33
N ASP A 124 14.54 -0.13 -15.10
CA ASP A 124 14.71 -1.48 -14.59
C ASP A 124 14.02 -1.65 -13.24
N VAL A 125 13.99 -2.89 -12.74
CA VAL A 125 13.45 -3.25 -11.44
C VAL A 125 14.39 -4.29 -10.84
N PHE A 126 14.56 -4.27 -9.52
CA PHE A 126 15.44 -5.21 -8.86
C PHE A 126 14.80 -5.74 -7.58
N ILE A 127 15.03 -7.04 -7.32
CA ILE A 127 14.53 -7.74 -6.15
C ILE A 127 15.59 -8.78 -5.74
N PRO A 128 16.08 -8.73 -4.49
CA PRO A 128 17.04 -9.69 -3.99
C PRO A 128 16.35 -11.02 -3.69
N LYS A 129 17.15 -12.08 -3.43
CA LYS A 129 16.59 -13.39 -3.15
C LYS A 129 17.10 -13.92 -1.82
N PRO A 130 16.28 -14.72 -1.12
CA PRO A 130 14.90 -15.00 -1.48
C PRO A 130 14.03 -13.76 -1.22
N PHE A 131 12.73 -13.87 -1.53
CA PHE A 131 11.81 -12.76 -1.36
C PHE A 131 11.85 -12.19 0.05
N ARG A 132 11.63 -10.88 0.16
CA ARG A 132 11.62 -10.13 1.42
C ARG A 132 10.59 -9.00 1.33
N ALA A 133 10.52 -8.18 2.38
CA ALA A 133 9.51 -7.15 2.52
C ALA A 133 9.59 -6.01 1.49
N PHE A 134 10.48 -6.11 0.49
CA PHE A 134 10.78 -4.95 -0.32
C PHE A 134 11.25 -5.29 -1.74
N ALA A 135 11.56 -4.21 -2.48
CA ALA A 135 12.02 -4.23 -3.85
C ALA A 135 12.49 -2.82 -4.23
N PHE A 136 12.93 -2.63 -5.48
CA PHE A 136 13.36 -1.35 -5.99
C PHE A 136 12.98 -1.21 -7.46
N VAL A 137 12.95 0.02 -7.97
CA VAL A 137 12.72 0.29 -9.38
C VAL A 137 13.45 1.57 -9.77
N THR A 138 13.86 1.65 -11.03
CA THR A 138 14.51 2.84 -11.56
C THR A 138 13.67 3.45 -12.68
N PHE A 139 13.61 4.78 -12.70
CA PHE A 139 12.84 5.54 -13.69
C PHE A 139 13.78 6.34 -14.59
N ALA A 140 13.24 6.84 -15.69
CA ALA A 140 13.99 7.58 -16.71
C ALA A 140 14.07 9.06 -16.36
N ASP A 141 13.27 9.51 -15.41
CA ASP A 141 13.22 10.91 -15.05
C ASP A 141 13.26 11.11 -13.54
N ASP A 142 13.84 12.22 -13.11
CA ASP A 142 13.99 12.54 -11.70
C ASP A 142 12.70 13.11 -11.11
N GLN A 143 11.66 13.29 -11.92
CA GLN A 143 10.40 13.83 -11.45
C GLN A 143 9.37 12.72 -11.22
N ILE A 144 9.47 11.62 -11.96
CA ILE A 144 8.52 10.52 -11.79
C ILE A 144 8.75 9.82 -10.46
N ALA A 145 10.03 9.56 -10.14
CA ALA A 145 10.42 8.92 -8.89
C ALA A 145 10.33 9.89 -7.70
N GLN A 146 9.77 11.07 -7.92
CA GLN A 146 9.64 12.11 -6.91
C GLN A 146 8.19 12.58 -6.82
N SER A 147 7.29 11.98 -7.61
CA SER A 147 5.88 12.36 -7.65
C SER A 147 4.94 11.17 -7.43
N LEU A 148 5.47 9.99 -7.08
CA LEU A 148 4.63 8.86 -6.70
C LEU A 148 5.12 8.14 -5.45
N CYS A 149 6.25 8.59 -4.88
CA CYS A 149 6.77 8.00 -3.66
C CYS A 149 5.85 8.34 -2.48
N GLY A 150 5.69 7.39 -1.55
CA GLY A 150 4.86 7.55 -0.37
C GLY A 150 3.35 7.53 -0.69
N GLU A 151 2.95 7.28 -1.94
CA GLU A 151 1.55 7.33 -2.34
C GLU A 151 0.83 6.01 -2.14
N ASP A 152 1.50 5.00 -1.56
CA ASP A 152 0.95 3.67 -1.36
C ASP A 152 0.22 3.16 -2.61
N LEU A 153 0.98 2.83 -3.65
CA LEU A 153 0.44 2.37 -4.92
C LEU A 153 -0.25 1.02 -4.77
N ILE A 154 -0.74 0.47 -5.88
CA ILE A 154 -1.42 -0.83 -5.92
C ILE A 154 -0.93 -1.61 -7.13
N ILE A 155 -0.68 -2.91 -6.95
CA ILE A 155 -0.20 -3.77 -8.02
C ILE A 155 -1.00 -5.08 -8.02
N LYS A 156 -1.85 -5.26 -9.03
CA LYS A 156 -2.73 -6.40 -9.21
C LYS A 156 -3.65 -6.67 -8.02
N GLY A 157 -3.68 -5.77 -7.05
CA GLY A 157 -4.47 -5.92 -5.85
C GLY A 157 -3.61 -5.92 -4.59
N ILE A 158 -2.30 -5.68 -4.74
CA ILE A 158 -1.37 -5.62 -3.62
C ILE A 158 -0.95 -4.16 -3.45
N SER A 159 -1.44 -3.51 -2.41
CA SER A 159 -0.97 -2.17 -2.11
C SER A 159 0.49 -2.22 -1.68
N VAL A 160 1.35 -1.52 -2.42
CA VAL A 160 2.76 -1.45 -2.09
C VAL A 160 3.15 -0.05 -1.62
N HIS A 161 3.92 -0.01 -0.51
CA HIS A 161 4.37 1.23 0.10
C HIS A 161 5.66 1.70 -0.55
N ILE A 162 5.54 2.47 -1.63
CA ILE A 162 6.71 3.05 -2.27
C ILE A 162 7.37 4.02 -1.30
N SER A 163 8.70 4.09 -1.30
CA SER A 163 9.41 4.99 -0.40
C SER A 163 10.73 5.43 -1.03
N ASN A 164 11.44 6.33 -0.35
CA ASN A 164 12.67 6.93 -0.83
C ASN A 164 13.83 5.95 -0.76
N ALA A 165 14.26 5.42 -1.91
CA ALA A 165 15.40 4.52 -1.96
C ALA A 165 16.65 5.25 -1.45
N GLU A 166 17.60 4.45 -0.98
CA GLU A 166 18.86 4.91 -0.43
C GLU A 166 19.96 3.95 -0.85
N PRO A 167 20.98 4.41 -1.58
CA PRO A 167 22.08 3.58 -2.03
C PRO A 167 22.69 2.77 -0.88
N LYS A 168 23.19 1.56 -1.20
CA LYS A 168 23.78 0.66 -0.23
C LYS A 168 24.85 1.30 0.65
N HIS A 169 25.52 2.37 0.20
CA HIS A 169 26.64 2.93 0.94
C HIS A 169 26.89 4.41 0.64
N ASN A 170 25.98 5.07 -0.07
CA ASN A 170 26.16 6.46 -0.47
C ASN A 170 24.81 7.17 -0.59
N SER A 171 24.80 8.38 -1.16
CA SER A 171 23.59 9.19 -1.28
C SER A 171 23.59 9.94 -2.60
N ASN A 172 22.51 10.71 -2.84
CA ASN A 172 22.36 11.52 -4.04
C ASN A 172 23.55 12.46 -4.26
N ARG A 173 23.65 13.03 -5.47
CA ARG A 173 24.78 13.85 -5.88
C ARG A 173 24.32 15.09 -6.66
N GLN A 174 23.05 15.47 -6.50
CA GLN A 174 22.49 16.65 -7.17
C GLN A 174 23.35 17.89 -6.94
N GLY A 1 -14.41 15.56 10.47
CA GLY A 1 -13.72 16.44 9.52
C GLY A 1 -14.58 16.69 8.29
N SER A 2 -14.88 17.97 8.02
CA SER A 2 -15.73 18.36 6.89
C SER A 2 -15.24 19.66 6.26
N HIS A 3 -14.03 20.10 6.60
CA HIS A 3 -13.48 21.37 6.13
C HIS A 3 -11.99 21.26 5.81
N MET A 4 -11.43 20.05 5.86
CA MET A 4 -10.03 19.79 5.58
C MET A 4 -9.85 18.38 5.03
N ALA A 5 -8.65 18.07 4.56
CA ALA A 5 -8.31 16.75 4.03
C ALA A 5 -6.81 16.50 4.15
N SER A 6 -6.40 15.26 3.85
CA SER A 6 -5.00 14.84 3.93
C SER A 6 -4.72 13.79 2.85
N LYS A 7 -3.47 13.31 2.78
CA LYS A 7 -3.09 12.26 1.85
C LYS A 7 -3.90 10.99 2.09
N THR A 8 -3.88 10.06 1.13
CA THR A 8 -4.69 8.85 1.20
C THR A 8 -3.81 7.63 1.47
N SER A 9 -4.38 6.66 2.20
CA SER A 9 -3.68 5.45 2.60
C SER A 9 -4.70 4.35 2.84
N ASP A 10 -4.24 3.10 3.05
CA ASP A 10 -5.17 2.04 3.38
C ASP A 10 -5.56 2.18 4.86
N LEU A 11 -6.76 1.74 5.21
CA LEU A 11 -7.17 1.61 6.60
C LEU A 11 -6.97 0.17 7.05
N ILE A 12 -6.53 -0.01 8.28
CA ILE A 12 -6.42 -1.34 8.86
C ILE A 12 -7.81 -1.83 9.23
N VAL A 13 -7.99 -3.15 9.23
CA VAL A 13 -9.25 -3.80 9.54
C VAL A 13 -9.00 -4.82 10.65
N LEU A 14 -8.87 -4.31 11.88
CA LEU A 14 -8.55 -5.09 13.05
C LEU A 14 -9.72 -5.96 13.50
N GLY A 15 -9.43 -7.03 14.24
CA GLY A 15 -10.47 -7.81 14.90
C GLY A 15 -10.94 -9.03 14.10
N LEU A 16 -10.19 -9.48 13.09
CA LEU A 16 -10.65 -10.59 12.25
C LEU A 16 -11.06 -11.79 13.11
N PRO A 17 -12.18 -12.44 12.76
CA PRO A 17 -12.67 -13.64 13.42
C PRO A 17 -11.85 -14.86 13.01
N TRP A 18 -10.73 -14.64 12.31
CA TRP A 18 -9.80 -15.67 11.87
C TRP A 18 -10.46 -16.68 10.92
N LYS A 19 -11.64 -16.34 10.37
CA LYS A 19 -12.35 -17.19 9.44
C LYS A 19 -12.92 -16.42 8.24
N THR A 20 -13.05 -15.10 8.34
CA THR A 20 -13.45 -14.27 7.21
C THR A 20 -12.40 -14.35 6.09
N THR A 21 -12.72 -13.81 4.92
CA THR A 21 -11.80 -13.78 3.79
C THR A 21 -11.64 -12.35 3.27
N GLU A 22 -10.70 -12.16 2.34
CA GLU A 22 -10.29 -10.85 1.88
C GLU A 22 -11.41 -10.16 1.09
N GLN A 23 -12.04 -10.90 0.17
CA GLN A 23 -13.09 -10.28 -0.61
C GLN A 23 -14.23 -9.88 0.31
N ASP A 24 -14.61 -10.73 1.27
CA ASP A 24 -15.72 -10.41 2.17
C ASP A 24 -15.58 -9.03 2.81
N LEU A 25 -14.35 -8.54 2.99
CA LEU A 25 -14.15 -7.18 3.44
C LEU A 25 -14.62 -6.21 2.35
N LYS A 26 -14.20 -6.41 1.10
CA LYS A 26 -14.62 -5.50 0.04
C LYS A 26 -16.12 -5.60 -0.26
N GLU A 27 -16.70 -6.79 -0.07
CA GLU A 27 -18.13 -7.03 -0.27
C GLU A 27 -19.00 -6.15 0.62
N TYR A 28 -18.40 -5.48 1.60
CA TYR A 28 -19.15 -4.61 2.50
C TYR A 28 -18.56 -3.20 2.53
N PHE A 29 -17.25 -3.05 2.33
CA PHE A 29 -16.63 -1.73 2.29
C PHE A 29 -17.15 -0.92 1.11
N SER A 30 -17.78 -1.57 0.13
CA SER A 30 -18.38 -0.89 -1.01
C SER A 30 -19.55 0.01 -0.60
N THR A 31 -19.96 -0.04 0.67
CA THR A 31 -21.05 0.78 1.18
C THR A 31 -20.61 2.23 1.42
N PHE A 32 -19.31 2.53 1.24
CA PHE A 32 -18.79 3.87 1.49
C PHE A 32 -18.23 4.52 0.23
N GLY A 33 -17.73 3.71 -0.70
CA GLY A 33 -17.17 4.19 -1.95
C GLY A 33 -17.20 3.11 -3.02
N GLU A 34 -16.05 2.83 -3.63
CA GLU A 34 -15.94 1.88 -4.73
C GLU A 34 -14.85 0.84 -4.49
N VAL A 35 -14.12 0.98 -3.37
CA VAL A 35 -13.06 0.07 -2.92
C VAL A 35 -12.12 -0.36 -4.04
N LEU A 36 -11.03 0.38 -4.22
CA LEU A 36 -10.03 0.06 -5.23
C LEU A 36 -9.50 -1.35 -5.00
N MET A 37 -9.33 -1.74 -3.73
CA MET A 37 -8.87 -3.09 -3.40
C MET A 37 -8.94 -3.36 -1.90
N VAL A 38 -8.64 -4.61 -1.54
CA VAL A 38 -8.51 -5.09 -0.17
C VAL A 38 -7.36 -6.08 -0.13
N GLN A 39 -6.74 -6.24 1.05
CA GLN A 39 -5.61 -7.14 1.21
C GLN A 39 -5.50 -7.57 2.67
N VAL A 40 -5.94 -8.79 2.98
CA VAL A 40 -5.82 -9.32 4.33
C VAL A 40 -4.35 -9.50 4.65
N LYS A 41 -3.97 -9.11 5.87
CA LYS A 41 -2.56 -9.15 6.27
C LYS A 41 -2.38 -9.96 7.56
N LYS A 42 -1.33 -10.78 7.55
CA LYS A 42 -1.00 -11.73 8.62
C LYS A 42 0.44 -12.21 8.45
N ASP A 43 0.83 -13.21 9.24
CA ASP A 43 2.19 -13.73 9.28
C ASP A 43 2.59 -14.38 7.95
N LEU A 44 3.85 -14.83 7.85
CA LEU A 44 4.37 -15.42 6.62
C LEU A 44 4.63 -16.91 6.81
N LYS A 45 4.79 -17.36 8.06
CA LYS A 45 5.01 -18.77 8.35
C LYS A 45 3.85 -19.39 9.14
N THR A 46 2.97 -18.55 9.70
CA THR A 46 1.80 -19.01 10.43
C THR A 46 0.51 -18.59 9.74
N GLY A 47 0.54 -17.47 9.02
CA GLY A 47 -0.65 -16.91 8.39
C GLY A 47 -1.70 -16.53 9.43
N HIS A 48 -1.28 -16.36 10.69
CA HIS A 48 -2.21 -16.22 11.81
C HIS A 48 -1.76 -15.26 12.91
N SER A 49 -0.83 -14.32 12.64
CA SER A 49 -0.24 -13.54 13.72
C SER A 49 -0.43 -12.03 13.62
N LYS A 50 -1.27 -11.51 12.70
CA LYS A 50 -1.59 -10.08 12.72
C LYS A 50 -3.09 -9.84 12.74
N GLY A 51 -3.88 -10.87 12.42
CA GLY A 51 -5.34 -10.86 12.53
C GLY A 51 -6.00 -9.59 12.02
N PHE A 52 -5.50 -9.00 10.93
CA PHE A 52 -6.07 -7.76 10.42
C PHE A 52 -6.06 -7.73 8.90
N GLY A 53 -6.60 -6.65 8.33
CA GLY A 53 -6.63 -6.47 6.89
C GLY A 53 -6.37 -5.04 6.51
N PHE A 54 -6.38 -4.81 5.20
CA PHE A 54 -6.23 -3.49 4.64
C PHE A 54 -7.29 -3.30 3.55
N VAL A 55 -7.82 -2.09 3.49
CA VAL A 55 -8.73 -1.66 2.45
C VAL A 55 -8.31 -0.29 1.94
N ARG A 56 -8.55 -0.03 0.64
CA ARG A 56 -8.14 1.20 -0.01
C ARG A 56 -9.25 1.69 -0.92
N PHE A 57 -9.40 3.02 -1.01
CA PHE A 57 -10.51 3.67 -1.68
C PHE A 57 -10.03 4.71 -2.69
N THR A 58 -10.97 5.19 -3.52
CA THR A 58 -10.71 6.13 -4.59
C THR A 58 -10.52 7.57 -4.09
N GLU A 59 -10.98 7.85 -2.87
CA GLU A 59 -10.90 9.17 -2.28
C GLU A 59 -10.56 9.13 -0.79
N TYR A 60 -10.27 10.30 -0.23
CA TYR A 60 -9.88 10.43 1.17
C TYR A 60 -11.08 10.48 2.08
N GLU A 61 -12.16 11.12 1.66
CA GLU A 61 -13.38 11.19 2.47
C GLU A 61 -13.85 9.79 2.82
N THR A 62 -13.79 8.87 1.86
CA THR A 62 -14.23 7.50 2.08
C THR A 62 -13.34 6.78 3.10
N GLN A 63 -12.29 7.46 3.56
CA GLN A 63 -11.29 6.88 4.44
C GLN A 63 -11.38 7.55 5.81
N VAL A 64 -12.32 8.48 5.99
CA VAL A 64 -12.48 9.18 7.26
C VAL A 64 -13.89 9.04 7.81
N LYS A 65 -14.85 8.56 7.00
CA LYS A 65 -16.19 8.30 7.47
C LYS A 65 -16.33 6.86 7.98
N VAL A 66 -15.48 5.95 7.49
CA VAL A 66 -15.44 4.57 7.97
C VAL A 66 -14.97 4.50 9.41
N MET A 67 -13.90 5.24 9.73
CA MET A 67 -13.29 5.24 11.05
C MET A 67 -14.14 6.03 12.04
N SER A 68 -15.27 6.61 11.59
CA SER A 68 -16.14 7.37 12.47
C SER A 68 -16.87 6.43 13.44
N GLN A 69 -16.96 5.14 13.10
CA GLN A 69 -17.68 4.17 13.93
C GLN A 69 -17.35 2.74 13.50
N ARG A 70 -17.76 1.76 14.31
CA ARG A 70 -17.47 0.34 14.07
C ARG A 70 -18.37 -0.24 12.98
N HIS A 71 -18.11 -1.51 12.63
CA HIS A 71 -18.86 -2.20 11.60
C HIS A 71 -18.96 -3.68 11.94
N MET A 72 -19.98 -4.35 11.41
CA MET A 72 -20.16 -5.78 11.63
C MET A 72 -19.81 -6.52 10.35
N ILE A 73 -18.84 -7.43 10.47
CA ILE A 73 -18.37 -8.25 9.36
C ILE A 73 -18.43 -9.73 9.74
N ASP A 74 -19.12 -10.51 8.91
CA ASP A 74 -19.29 -11.94 9.07
C ASP A 74 -19.90 -12.33 10.42
N GLY A 75 -20.48 -11.35 11.12
CA GLY A 75 -21.08 -11.56 12.42
C GLY A 75 -20.10 -11.27 13.55
N ARG A 76 -19.13 -10.40 13.27
CA ARG A 76 -18.11 -9.99 14.23
C ARG A 76 -17.98 -8.48 14.17
N TRP A 77 -17.59 -7.89 15.30
CA TRP A 77 -17.30 -6.48 15.39
C TRP A 77 -15.84 -6.23 15.08
N CYS A 78 -15.61 -5.32 14.15
CA CYS A 78 -14.27 -4.90 13.73
C CYS A 78 -14.03 -3.42 14.04
N ASP A 79 -12.82 -2.95 13.72
CA ASP A 79 -12.50 -1.54 13.78
C ASP A 79 -11.71 -1.19 12.54
N CYS A 80 -11.89 0.03 12.02
CA CYS A 80 -11.16 0.50 10.87
C CYS A 80 -10.58 1.86 11.19
N LYS A 81 -9.28 2.02 10.94
CA LYS A 81 -8.57 3.24 11.31
C LYS A 81 -7.29 3.41 10.49
N LEU A 82 -6.54 4.48 10.78
CA LEU A 82 -5.32 4.82 10.07
C LEU A 82 -4.13 4.21 10.84
N PRO A 83 -3.30 3.37 10.19
CA PRO A 83 -2.18 2.71 10.84
C PRO A 83 -1.07 3.68 11.25
N ASN A 84 -0.20 3.17 12.13
CA ASN A 84 0.91 3.89 12.73
C ASN A 84 2.06 4.19 11.77
N SER A 85 1.85 4.02 10.46
CA SER A 85 2.93 4.14 9.47
C SER A 85 2.50 4.95 8.25
N LYS A 86 1.35 5.63 8.33
CA LYS A 86 0.80 6.39 7.21
C LYS A 86 0.34 7.76 7.70
N GLN A 87 -0.19 8.59 6.79
CA GLN A 87 -0.67 9.92 7.12
C GLN A 87 0.38 10.74 7.89
N SER A 88 1.66 10.49 7.59
CA SER A 88 2.78 11.09 8.29
C SER A 88 3.96 11.31 7.35
N GLN A 89 3.70 11.93 6.21
CA GLN A 89 4.70 12.22 5.18
C GLN A 89 4.43 13.57 4.54
N ASP A 90 5.28 14.00 3.59
CA ASP A 90 5.11 15.29 2.94
C ASP A 90 5.56 15.25 1.48
N GLU A 91 6.82 14.82 1.26
CA GLU A 91 7.39 14.78 -0.08
C GLU A 91 8.60 13.85 -0.15
N PRO A 92 8.84 13.27 -1.33
CA PRO A 92 10.01 12.45 -1.64
C PRO A 92 11.21 13.33 -2.03
N LEU A 93 12.23 12.72 -2.63
CA LEU A 93 13.42 13.41 -3.11
C LEU A 93 13.70 13.03 -4.56
N ARG A 94 14.66 13.69 -5.21
CA ARG A 94 14.99 13.40 -6.59
C ARG A 94 15.92 12.20 -6.69
N SER A 95 15.64 11.32 -7.66
CA SER A 95 16.40 10.09 -7.88
C SER A 95 15.83 9.31 -9.06
N ARG A 96 16.42 8.15 -9.37
CA ARG A 96 15.86 7.22 -10.36
C ARG A 96 15.58 5.86 -9.72
N LYS A 97 16.25 5.55 -8.61
CA LYS A 97 15.93 4.37 -7.83
C LYS A 97 14.71 4.63 -6.97
N VAL A 98 13.97 3.56 -6.66
CA VAL A 98 12.86 3.62 -5.72
C VAL A 98 12.90 2.36 -4.85
N PHE A 99 12.16 2.41 -3.74
CA PHE A 99 12.05 1.31 -2.81
C PHE A 99 10.58 0.92 -2.73
N VAL A 100 10.33 -0.34 -2.42
CA VAL A 100 8.97 -0.87 -2.32
C VAL A 100 8.80 -1.52 -0.96
N GLY A 101 7.62 -1.40 -0.35
CA GLY A 101 7.37 -1.98 0.96
C GLY A 101 6.06 -2.74 1.01
N ARG A 102 5.86 -3.50 2.09
CA ARG A 102 4.69 -4.35 2.31
C ARG A 102 4.52 -5.36 1.19
N CYS A 103 5.61 -5.64 0.48
CA CYS A 103 5.61 -6.54 -0.68
C CYS A 103 5.09 -7.93 -0.30
N THR A 104 4.69 -8.71 -1.31
CA THR A 104 4.12 -10.03 -1.12
C THR A 104 4.59 -10.98 -2.22
N GLU A 105 4.32 -12.28 -2.04
CA GLU A 105 4.71 -13.29 -3.01
C GLU A 105 3.79 -13.27 -4.24
N ASP A 106 2.71 -12.49 -4.20
CA ASP A 106 1.78 -12.39 -5.31
C ASP A 106 2.42 -11.65 -6.50
N MET A 107 3.45 -10.84 -6.24
CA MET A 107 4.21 -10.16 -7.28
C MET A 107 5.68 -10.58 -7.27
N THR A 108 6.43 -10.03 -8.23
CA THR A 108 7.85 -10.35 -8.40
C THR A 108 8.54 -9.27 -9.23
N GLU A 109 9.83 -9.47 -9.52
CA GLU A 109 10.68 -8.52 -10.23
C GLU A 109 10.05 -8.05 -11.55
N ASP A 110 9.72 -9.00 -12.41
CA ASP A 110 9.12 -8.71 -13.70
C ASP A 110 7.77 -8.01 -13.54
N GLU A 111 6.94 -8.47 -12.61
CA GLU A 111 5.61 -7.92 -12.41
C GLU A 111 5.68 -6.46 -11.96
N LEU A 112 6.73 -6.12 -11.21
CA LEU A 112 6.95 -4.76 -10.74
C LEU A 112 7.29 -3.87 -11.92
N ARG A 113 8.40 -4.15 -12.63
CA ARG A 113 8.76 -3.42 -13.83
C ARG A 113 7.60 -3.32 -14.82
N GLU A 114 6.76 -4.35 -14.92
CA GLU A 114 5.69 -4.38 -15.91
C GLU A 114 4.54 -3.46 -15.51
N PHE A 115 4.46 -3.13 -14.22
CA PHE A 115 3.45 -2.25 -13.69
C PHE A 115 4.00 -0.83 -13.54
N PHE A 116 5.31 -0.68 -13.32
CA PHE A 116 5.93 0.63 -13.18
C PHE A 116 6.13 1.30 -14.54
N SER A 117 6.17 0.51 -15.62
CA SER A 117 6.36 1.06 -16.96
C SER A 117 5.17 1.89 -17.43
N GLN A 118 4.07 1.91 -16.67
CA GLN A 118 2.91 2.72 -17.05
C GLN A 118 3.17 4.20 -16.79
N TYR A 119 4.04 4.50 -15.83
CA TYR A 119 4.34 5.87 -15.42
C TYR A 119 5.45 6.49 -16.28
N GLY A 120 6.15 5.67 -17.06
CA GLY A 120 7.16 6.15 -17.99
C GLY A 120 7.92 4.96 -18.58
N ASP A 121 9.13 4.73 -18.09
CA ASP A 121 9.95 3.60 -18.51
C ASP A 121 10.80 3.12 -17.34
N VAL A 122 11.00 1.80 -17.27
CA VAL A 122 11.76 1.16 -16.20
C VAL A 122 13.05 0.58 -16.75
N MET A 123 14.12 0.63 -15.95
CA MET A 123 15.42 0.10 -16.35
C MET A 123 15.60 -1.31 -15.82
N ASP A 124 15.23 -1.56 -14.56
CA ASP A 124 15.43 -2.86 -13.93
C ASP A 124 14.72 -2.93 -12.57
N VAL A 125 14.67 -4.14 -12.02
CA VAL A 125 14.12 -4.40 -10.70
C VAL A 125 15.06 -5.34 -9.95
N PHE A 126 15.13 -5.19 -8.64
CA PHE A 126 15.97 -6.04 -7.81
C PHE A 126 15.25 -6.43 -6.52
N ILE A 127 15.37 -7.71 -6.16
CA ILE A 127 14.80 -8.27 -4.93
C ILE A 127 15.74 -9.37 -4.44
N PRO A 128 16.19 -9.31 -3.18
CA PRO A 128 17.02 -10.34 -2.58
C PRO A 128 16.20 -11.59 -2.29
N LYS A 129 16.86 -12.73 -2.08
CA LYS A 129 16.16 -13.99 -1.84
C LYS A 129 16.56 -14.58 -0.49
N PRO A 130 15.63 -15.32 0.16
CA PRO A 130 14.26 -15.52 -0.29
C PRO A 130 13.46 -14.23 -0.14
N PHE A 131 12.18 -14.26 -0.52
CA PHE A 131 11.31 -13.09 -0.49
C PHE A 131 11.32 -12.39 0.87
N ARG A 132 11.08 -11.07 0.84
CA ARG A 132 11.05 -10.20 2.01
C ARG A 132 9.97 -9.13 1.82
N ALA A 133 9.75 -8.30 2.84
CA ALA A 133 8.67 -7.31 2.84
C ALA A 133 8.92 -6.13 1.90
N PHE A 134 9.91 -6.22 1.00
CA PHE A 134 10.31 -5.07 0.22
C PHE A 134 10.99 -5.46 -1.10
N ALA A 135 11.36 -4.44 -1.88
CA ALA A 135 12.00 -4.57 -3.18
C ALA A 135 12.59 -3.21 -3.58
N PHE A 136 13.22 -3.17 -4.75
CA PHE A 136 13.77 -1.93 -5.33
C PHE A 136 13.60 -1.96 -6.84
N VAL A 137 13.53 -0.78 -7.45
CA VAL A 137 13.37 -0.64 -8.89
C VAL A 137 14.11 0.59 -9.38
N THR A 138 14.53 0.59 -10.65
CA THR A 138 15.18 1.74 -11.25
C THR A 138 14.38 2.25 -12.44
N PHE A 139 14.20 3.57 -12.52
CA PHE A 139 13.45 4.22 -13.59
C PHE A 139 14.38 4.85 -14.61
N ALA A 140 13.82 5.26 -15.76
CA ALA A 140 14.54 5.77 -16.90
C ALA A 140 14.74 7.28 -16.80
N ASP A 141 14.04 7.91 -15.84
CA ASP A 141 14.11 9.34 -15.65
C ASP A 141 14.23 9.67 -14.17
N ASP A 142 14.67 10.88 -13.88
CA ASP A 142 14.91 11.34 -12.52
C ASP A 142 13.79 12.26 -12.07
N GLN A 143 12.62 12.10 -12.71
CA GLN A 143 11.42 12.84 -12.36
C GLN A 143 10.25 11.87 -12.15
N ILE A 144 10.30 10.68 -12.76
CA ILE A 144 9.25 9.68 -12.59
C ILE A 144 9.30 9.10 -11.18
N ALA A 145 10.50 8.75 -10.69
CA ALA A 145 10.64 8.19 -9.36
C ALA A 145 10.30 9.24 -8.31
N GLN A 146 10.72 10.49 -8.57
CA GLN A 146 10.44 11.62 -7.68
C GLN A 146 8.96 12.00 -7.70
N SER A 147 8.16 11.34 -8.56
CA SER A 147 6.73 11.60 -8.69
C SER A 147 5.93 10.32 -8.48
N LEU A 148 6.60 9.25 -8.02
CA LEU A 148 5.94 7.99 -7.71
C LEU A 148 6.25 7.55 -6.27
N CYS A 149 7.29 8.14 -5.67
CA CYS A 149 7.64 7.86 -4.30
C CYS A 149 6.59 8.41 -3.34
N GLY A 150 6.32 7.67 -2.26
CA GLY A 150 5.35 8.05 -1.25
C GLY A 150 3.89 7.93 -1.72
N GLU A 151 3.64 7.40 -2.92
CA GLU A 151 2.29 7.36 -3.49
C GLU A 151 1.48 6.15 -3.04
N ASP A 152 2.07 5.24 -2.26
CA ASP A 152 1.42 4.04 -1.76
C ASP A 152 0.54 3.39 -2.84
N LEU A 153 1.19 2.84 -3.85
CA LEU A 153 0.59 2.29 -5.06
C LEU A 153 -0.19 1.01 -4.80
N ILE A 154 -0.68 0.40 -5.89
CA ILE A 154 -1.42 -0.86 -5.87
C ILE A 154 -0.92 -1.71 -7.04
N ILE A 155 -0.70 -3.01 -6.79
CA ILE A 155 -0.21 -3.92 -7.81
C ILE A 155 -1.05 -5.19 -7.82
N LYS A 156 -1.86 -5.35 -8.87
CA LYS A 156 -2.76 -6.50 -9.08
C LYS A 156 -3.72 -6.73 -7.91
N GLY A 157 -3.80 -5.77 -6.98
CA GLY A 157 -4.65 -5.88 -5.80
C GLY A 157 -3.84 -5.82 -4.52
N ILE A 158 -2.52 -5.63 -4.62
CA ILE A 158 -1.63 -5.56 -3.48
C ILE A 158 -1.17 -4.12 -3.31
N SER A 159 -1.70 -3.42 -2.31
CA SER A 159 -1.20 -2.10 -1.98
C SER A 159 0.24 -2.23 -1.53
N VAL A 160 1.16 -1.56 -2.22
CA VAL A 160 2.55 -1.52 -1.80
C VAL A 160 3.00 -0.08 -1.61
N HIS A 161 3.75 0.14 -0.53
CA HIS A 161 4.31 1.46 -0.26
C HIS A 161 5.50 1.68 -1.18
N ILE A 162 5.86 2.95 -1.39
CA ILE A 162 7.02 3.32 -2.17
C ILE A 162 7.73 4.41 -1.39
N SER A 163 9.06 4.37 -1.37
CA SER A 163 9.83 5.35 -0.62
C SER A 163 11.20 5.57 -1.27
N ASN A 164 11.99 6.44 -0.64
CA ASN A 164 13.28 6.85 -1.15
C ASN A 164 14.34 5.78 -0.86
N ALA A 165 14.76 5.05 -1.89
CA ALA A 165 15.77 4.01 -1.75
C ALA A 165 17.08 4.60 -1.25
N GLU A 166 17.44 4.28 0.00
CA GLU A 166 18.71 4.67 0.59
C GLU A 166 19.82 3.97 -0.18
N PRO A 167 20.62 4.72 -0.96
CA PRO A 167 21.53 4.13 -1.92
C PRO A 167 22.73 3.43 -1.26
N LYS A 168 22.92 2.15 -1.60
CA LYS A 168 24.12 1.39 -1.26
C LYS A 168 25.41 2.18 -1.41
N HIS A 169 25.54 2.98 -2.48
CA HIS A 169 26.75 3.74 -2.74
C HIS A 169 26.49 4.95 -3.64
N ASN A 170 25.36 4.97 -4.35
CA ASN A 170 24.99 6.10 -5.18
C ASN A 170 24.62 7.32 -4.32
N SER A 171 24.25 8.42 -4.94
CA SER A 171 23.80 9.60 -4.23
C SER A 171 22.78 10.39 -5.05
N ASN A 172 22.16 11.38 -4.40
CA ASN A 172 21.16 12.24 -5.01
C ASN A 172 21.79 13.40 -5.77
N ARG A 173 23.13 13.48 -5.79
CA ARG A 173 23.89 14.59 -6.36
C ARG A 173 23.32 15.96 -5.98
N GLN A 174 22.69 16.04 -4.80
CA GLN A 174 22.09 17.26 -4.26
C GLN A 174 22.33 17.33 -2.75
N GLY A 1 -20.03 27.17 -1.17
CA GLY A 1 -19.80 25.84 -0.57
C GLY A 1 -18.36 25.39 -0.80
N SER A 2 -17.81 24.65 0.17
CA SER A 2 -16.45 24.13 0.09
C SER A 2 -16.33 22.88 0.96
N HIS A 3 -15.18 22.20 0.87
CA HIS A 3 -14.90 20.98 1.63
C HIS A 3 -13.40 20.84 1.84
N MET A 4 -12.97 19.73 2.44
CA MET A 4 -11.58 19.50 2.79
C MET A 4 -11.20 18.04 2.54
N ALA A 5 -9.90 17.76 2.63
CA ALA A 5 -9.37 16.42 2.48
C ALA A 5 -7.89 16.41 2.88
N SER A 6 -7.26 15.22 2.87
CA SER A 6 -5.86 15.08 3.23
C SER A 6 -5.25 13.86 2.56
N LYS A 7 -3.97 13.60 2.84
CA LYS A 7 -3.24 12.46 2.29
C LYS A 7 -3.99 11.16 2.55
N THR A 8 -3.90 10.21 1.61
CA THR A 8 -4.66 8.98 1.67
C THR A 8 -3.78 7.78 1.96
N SER A 9 -4.37 6.76 2.56
CA SER A 9 -3.69 5.55 2.97
C SER A 9 -4.72 4.41 3.09
N ASP A 10 -4.26 3.19 3.37
CA ASP A 10 -5.18 2.08 3.55
C ASP A 10 -5.65 2.03 5.00
N LEU A 11 -6.90 1.64 5.24
CA LEU A 11 -7.38 1.39 6.59
C LEU A 11 -6.95 -0.01 6.99
N ILE A 12 -6.44 -0.16 8.22
CA ILE A 12 -6.25 -1.50 8.76
C ILE A 12 -7.60 -2.03 9.15
N VAL A 13 -7.74 -3.36 9.16
CA VAL A 13 -8.99 -4.03 9.51
C VAL A 13 -8.69 -5.03 10.63
N LEU A 14 -8.60 -4.49 11.85
CA LEU A 14 -8.27 -5.27 13.04
C LEU A 14 -9.50 -6.02 13.56
N GLY A 15 -9.28 -7.14 14.25
CA GLY A 15 -10.36 -7.85 14.92
C GLY A 15 -11.01 -8.93 14.08
N LEU A 16 -10.37 -9.36 13.00
CA LEU A 16 -10.91 -10.41 12.15
C LEU A 16 -11.08 -11.71 12.97
N PRO A 17 -12.07 -12.55 12.60
CA PRO A 17 -12.33 -13.83 13.23
C PRO A 17 -11.30 -14.90 12.87
N TRP A 18 -10.18 -14.48 12.27
CA TRP A 18 -9.09 -15.36 11.85
C TRP A 18 -9.54 -16.44 10.85
N LYS A 19 -10.73 -16.28 10.26
CA LYS A 19 -11.26 -17.24 9.31
C LYS A 19 -11.94 -16.58 8.10
N THR A 20 -12.24 -15.28 8.19
CA THR A 20 -12.73 -14.51 7.04
C THR A 20 -11.68 -14.48 5.94
N THR A 21 -12.06 -14.03 4.73
CA THR A 21 -11.15 -13.95 3.60
C THR A 21 -11.09 -12.51 3.07
N GLU A 22 -10.17 -12.27 2.15
CA GLU A 22 -9.83 -10.94 1.67
C GLU A 22 -10.97 -10.32 0.88
N GLN A 23 -11.57 -11.11 -0.02
CA GLN A 23 -12.66 -10.61 -0.82
C GLN A 23 -13.80 -10.20 0.10
N ASP A 24 -14.15 -11.06 1.06
CA ASP A 24 -15.27 -10.79 1.97
C ASP A 24 -15.17 -9.42 2.62
N LEU A 25 -13.96 -8.91 2.84
CA LEU A 25 -13.80 -7.56 3.35
C LEU A 25 -14.30 -6.56 2.31
N LYS A 26 -13.92 -6.74 1.02
CA LYS A 26 -14.33 -5.76 0.02
C LYS A 26 -15.83 -5.85 -0.25
N GLU A 27 -16.40 -7.05 -0.12
CA GLU A 27 -17.83 -7.31 -0.33
C GLU A 27 -18.71 -6.50 0.61
N TYR A 28 -18.13 -5.88 1.63
CA TYR A 28 -18.87 -5.04 2.56
C TYR A 28 -18.31 -3.62 2.62
N PHE A 29 -17.01 -3.45 2.39
CA PHE A 29 -16.41 -2.13 2.38
C PHE A 29 -16.97 -1.26 1.25
N SER A 30 -17.62 -1.88 0.26
CA SER A 30 -18.26 -1.16 -0.83
C SER A 30 -19.42 -0.29 -0.32
N THR A 31 -19.79 -0.42 0.96
CA THR A 31 -20.86 0.36 1.55
C THR A 31 -20.48 1.83 1.77
N PHE A 32 -19.20 2.17 1.55
CA PHE A 32 -18.73 3.53 1.79
C PHE A 32 -18.27 4.24 0.52
N GLY A 33 -17.73 3.49 -0.43
CA GLY A 33 -17.22 4.04 -1.68
C GLY A 33 -17.21 3.00 -2.79
N GLU A 34 -16.04 2.79 -3.42
CA GLU A 34 -15.92 1.88 -4.55
C GLU A 34 -14.80 0.87 -4.36
N VAL A 35 -14.08 0.96 -3.23
CA VAL A 35 -13.02 0.05 -2.80
C VAL A 35 -12.06 -0.31 -3.93
N LEU A 36 -10.99 0.48 -4.08
CA LEU A 36 -9.98 0.21 -5.10
C LEU A 36 -9.40 -1.19 -4.93
N MET A 37 -9.19 -1.62 -3.67
CA MET A 37 -8.67 -2.96 -3.42
C MET A 37 -8.77 -3.35 -1.94
N VAL A 38 -8.40 -4.60 -1.65
CA VAL A 38 -8.28 -5.13 -0.31
C VAL A 38 -7.09 -6.09 -0.27
N GLN A 39 -6.49 -6.26 0.90
CA GLN A 39 -5.34 -7.13 1.06
C GLN A 39 -5.24 -7.60 2.51
N VAL A 40 -5.66 -8.84 2.79
CA VAL A 40 -5.55 -9.40 4.12
C VAL A 40 -4.07 -9.56 4.45
N LYS A 41 -3.69 -9.25 5.69
CA LYS A 41 -2.30 -9.35 6.09
C LYS A 41 -2.15 -10.12 7.40
N LYS A 42 -1.11 -10.98 7.42
CA LYS A 42 -0.81 -11.89 8.51
C LYS A 42 0.65 -12.33 8.42
N ASP A 43 1.00 -13.38 9.17
CA ASP A 43 2.36 -13.91 9.23
C ASP A 43 2.77 -14.58 7.91
N LEU A 44 3.94 -15.21 7.89
CA LEU A 44 4.44 -15.90 6.70
C LEU A 44 4.78 -17.36 6.98
N LYS A 45 5.03 -17.69 8.25
CA LYS A 45 5.35 -19.05 8.67
C LYS A 45 4.25 -19.63 9.55
N THR A 46 3.31 -18.79 9.98
CA THR A 46 2.16 -19.21 10.77
C THR A 46 0.87 -18.87 10.05
N GLY A 47 0.88 -17.82 9.24
CA GLY A 47 -0.30 -17.31 8.57
C GLY A 47 -1.37 -16.87 9.58
N HIS A 48 -0.96 -16.60 10.81
CA HIS A 48 -1.90 -16.41 11.92
C HIS A 48 -1.46 -15.38 12.96
N SER A 49 -0.57 -14.44 12.63
CA SER A 49 0.01 -13.58 13.66
C SER A 49 -0.18 -12.08 13.47
N LYS A 50 -1.01 -11.62 12.52
CA LYS A 50 -1.35 -10.19 12.50
C LYS A 50 -2.86 -9.98 12.53
N GLY A 51 -3.62 -11.05 12.24
CA GLY A 51 -5.07 -11.08 12.37
C GLY A 51 -5.78 -9.85 11.82
N PHE A 52 -5.27 -9.26 10.74
CA PHE A 52 -5.86 -8.03 10.24
C PHE A 52 -5.84 -7.96 8.72
N GLY A 53 -6.35 -6.86 8.18
CA GLY A 53 -6.38 -6.66 6.74
C GLY A 53 -6.13 -5.21 6.38
N PHE A 54 -6.17 -4.95 5.08
CA PHE A 54 -6.06 -3.62 4.54
C PHE A 54 -7.12 -3.42 3.47
N VAL A 55 -7.69 -2.23 3.44
CA VAL A 55 -8.63 -1.80 2.42
C VAL A 55 -8.29 -0.37 1.99
N ARG A 56 -8.57 -0.05 0.72
CA ARG A 56 -8.25 1.25 0.16
C ARG A 56 -9.37 1.72 -0.76
N PHE A 57 -9.61 3.04 -0.77
CA PHE A 57 -10.71 3.65 -1.49
C PHE A 57 -10.21 4.74 -2.44
N THR A 58 -11.13 5.25 -3.27
CA THR A 58 -10.84 6.25 -4.29
C THR A 58 -10.65 7.65 -3.73
N GLU A 59 -11.09 7.87 -2.48
CA GLU A 59 -10.98 9.15 -1.84
C GLU A 59 -10.60 9.05 -0.36
N TYR A 60 -10.31 10.20 0.24
CA TYR A 60 -9.88 10.30 1.63
C TYR A 60 -11.05 10.24 2.59
N GLU A 61 -12.17 10.88 2.22
CA GLU A 61 -13.36 10.87 3.06
C GLU A 61 -13.78 9.43 3.37
N THR A 62 -13.69 8.56 2.38
CA THR A 62 -14.06 7.17 2.53
C THR A 62 -13.11 6.41 3.46
N GLN A 63 -12.10 7.11 3.98
CA GLN A 63 -11.12 6.53 4.87
C GLN A 63 -11.21 7.19 6.25
N VAL A 64 -12.19 8.09 6.44
CA VAL A 64 -12.37 8.75 7.74
C VAL A 64 -13.78 8.55 8.28
N LYS A 65 -14.69 7.98 7.49
CA LYS A 65 -16.03 7.68 7.97
C LYS A 65 -16.18 6.22 8.43
N VAL A 66 -15.32 5.32 7.95
CA VAL A 66 -15.33 3.93 8.41
C VAL A 66 -14.77 3.88 9.84
N MET A 67 -13.73 4.66 10.12
CA MET A 67 -13.11 4.70 11.43
C MET A 67 -14.00 5.42 12.45
N SER A 68 -15.15 5.96 12.01
CA SER A 68 -16.06 6.65 12.90
C SER A 68 -16.73 5.68 13.87
N GLN A 69 -16.72 4.38 13.55
CA GLN A 69 -17.33 3.36 14.39
C GLN A 69 -16.85 1.96 14.00
N ARG A 70 -17.32 0.95 14.74
CA ARG A 70 -17.00 -0.45 14.50
C ARG A 70 -17.83 -1.02 13.35
N HIS A 71 -17.59 -2.29 13.00
CA HIS A 71 -18.29 -2.97 11.93
C HIS A 71 -18.40 -4.46 12.23
N MET A 72 -19.38 -5.13 11.62
CA MET A 72 -19.57 -6.56 11.82
C MET A 72 -19.21 -7.30 10.53
N ILE A 73 -18.19 -8.15 10.63
CA ILE A 73 -17.74 -8.97 9.51
C ILE A 73 -17.83 -10.44 9.88
N ASP A 74 -18.53 -11.21 9.03
CA ASP A 74 -18.73 -12.64 9.17
C ASP A 74 -19.33 -13.04 10.52
N GLY A 75 -19.85 -12.05 11.25
CA GLY A 75 -20.47 -12.28 12.55
C GLY A 75 -19.52 -11.95 13.70
N ARG A 76 -18.50 -11.13 13.44
CA ARG A 76 -17.50 -10.74 14.42
C ARG A 76 -17.30 -9.24 14.36
N TRP A 77 -17.28 -8.59 15.53
CA TRP A 77 -17.01 -7.18 15.63
C TRP A 77 -15.54 -6.91 15.36
N CYS A 78 -15.29 -5.95 14.48
CA CYS A 78 -13.96 -5.54 14.10
C CYS A 78 -13.87 -4.02 14.06
N ASP A 79 -12.68 -3.48 13.79
CA ASP A 79 -12.45 -2.04 13.74
C ASP A 79 -11.63 -1.68 12.51
N CYS A 80 -11.73 -0.42 12.09
CA CYS A 80 -10.97 0.09 10.98
C CYS A 80 -10.40 1.45 11.36
N LYS A 81 -9.13 1.70 11.00
CA LYS A 81 -8.42 2.92 11.39
C LYS A 81 -7.16 3.12 10.56
N LEU A 82 -6.40 4.17 10.88
CA LEU A 82 -5.12 4.45 10.24
C LEU A 82 -4.01 3.78 11.04
N PRO A 83 -3.06 3.12 10.38
CA PRO A 83 -1.95 2.41 10.99
C PRO A 83 -0.85 3.34 11.51
N ASN A 84 0.14 2.74 12.19
CA ASN A 84 1.28 3.41 12.78
C ASN A 84 2.40 3.66 11.76
N SER A 85 2.09 3.53 10.47
CA SER A 85 3.10 3.68 9.41
C SER A 85 2.56 4.49 8.22
N LYS A 86 1.50 5.28 8.43
CA LYS A 86 0.87 6.07 7.37
C LYS A 86 0.44 7.43 7.90
N GLN A 87 -0.11 8.27 7.02
CA GLN A 87 -0.56 9.61 7.36
C GLN A 87 0.51 10.39 8.13
N SER A 88 1.78 10.13 7.80
CA SER A 88 2.92 10.70 8.52
C SER A 88 4.06 11.03 7.56
N GLN A 89 3.71 11.68 6.44
CA GLN A 89 4.66 12.08 5.40
C GLN A 89 4.27 13.46 4.87
N ASP A 90 5.10 14.03 3.99
CA ASP A 90 4.83 15.36 3.45
C ASP A 90 5.31 15.49 2.01
N GLU A 91 6.58 15.12 1.78
CA GLU A 91 7.18 15.23 0.46
C GLU A 91 8.40 14.32 0.31
N PRO A 92 8.62 13.79 -0.90
CA PRO A 92 9.77 12.99 -1.26
C PRO A 92 10.97 13.87 -1.62
N LEU A 93 12.02 13.25 -2.17
CA LEU A 93 13.21 13.94 -2.66
C LEU A 93 13.50 13.54 -4.10
N ARG A 94 14.45 14.23 -4.74
CA ARG A 94 14.77 13.98 -6.14
C ARG A 94 15.69 12.79 -6.31
N SER A 95 15.39 11.96 -7.31
CA SER A 95 16.20 10.78 -7.65
C SER A 95 15.61 10.08 -8.88
N ARG A 96 16.29 9.04 -9.37
CA ARG A 96 15.75 8.14 -10.39
C ARG A 96 15.55 6.75 -9.81
N LYS A 97 16.10 6.49 -8.62
CA LYS A 97 15.89 5.24 -7.90
C LYS A 97 14.93 5.49 -6.76
N VAL A 98 14.03 4.52 -6.53
CA VAL A 98 13.10 4.58 -5.42
C VAL A 98 12.95 3.20 -4.79
N PHE A 99 12.34 3.19 -3.61
CA PHE A 99 12.16 2.00 -2.80
C PHE A 99 10.70 1.58 -2.86
N VAL A 100 10.43 0.33 -2.53
CA VAL A 100 9.06 -0.20 -2.48
C VAL A 100 8.88 -0.92 -1.15
N GLY A 101 7.70 -0.82 -0.55
CA GLY A 101 7.44 -1.44 0.74
C GLY A 101 6.13 -2.21 0.77
N ARG A 102 5.95 -2.98 1.86
CA ARG A 102 4.81 -3.87 2.08
C ARG A 102 4.64 -4.86 0.93
N CYS A 103 5.73 -5.11 0.20
CA CYS A 103 5.73 -5.98 -0.98
C CYS A 103 5.25 -7.39 -0.64
N THR A 104 4.85 -8.15 -1.66
CA THR A 104 4.33 -9.50 -1.50
C THR A 104 4.80 -10.41 -2.63
N GLU A 105 4.56 -11.71 -2.49
CA GLU A 105 4.95 -12.68 -3.50
C GLU A 105 3.99 -12.66 -4.70
N ASP A 106 2.89 -11.90 -4.60
CA ASP A 106 1.91 -11.82 -5.67
C ASP A 106 2.47 -11.04 -6.87
N MET A 107 3.53 -10.27 -6.64
CA MET A 107 4.22 -9.53 -7.70
C MET A 107 5.70 -9.90 -7.77
N THR A 108 6.39 -9.31 -8.75
CA THR A 108 7.81 -9.56 -8.97
C THR A 108 8.43 -8.43 -9.81
N GLU A 109 9.71 -8.56 -10.14
CA GLU A 109 10.49 -7.55 -10.84
C GLU A 109 9.83 -7.06 -12.12
N ASP A 110 9.51 -8.00 -13.01
CA ASP A 110 8.87 -7.68 -14.29
C ASP A 110 7.48 -7.08 -14.09
N GLU A 111 6.71 -7.62 -13.14
CA GLU A 111 5.36 -7.13 -12.87
C GLU A 111 5.38 -5.69 -12.38
N LEU A 112 6.45 -5.33 -11.66
CA LEU A 112 6.62 -3.98 -11.15
C LEU A 112 6.95 -3.02 -12.29
N ARG A 113 7.95 -3.36 -13.12
CA ARG A 113 8.32 -2.52 -14.25
C ARG A 113 7.16 -2.35 -15.21
N GLU A 114 6.27 -3.34 -15.28
CA GLU A 114 5.13 -3.30 -16.20
C GLU A 114 4.03 -2.38 -15.68
N PHE A 115 4.04 -2.12 -14.38
CA PHE A 115 3.09 -1.22 -13.74
C PHE A 115 3.72 0.17 -13.59
N PHE A 116 5.04 0.23 -13.42
CA PHE A 116 5.74 1.50 -13.26
C PHE A 116 5.88 2.24 -14.59
N SER A 117 5.82 1.53 -15.72
CA SER A 117 5.99 2.13 -17.03
C SER A 117 4.82 3.02 -17.43
N GLN A 118 3.71 3.01 -16.69
CA GLN A 118 2.57 3.84 -17.02
C GLN A 118 2.83 5.30 -16.70
N TYR A 119 3.74 5.56 -15.76
CA TYR A 119 4.04 6.92 -15.32
C TYR A 119 5.14 7.56 -16.15
N GLY A 120 5.87 6.78 -16.96
CA GLY A 120 6.88 7.31 -17.85
C GLY A 120 7.66 6.18 -18.52
N ASP A 121 8.88 5.93 -18.04
CA ASP A 121 9.71 4.84 -18.54
C ASP A 121 10.54 4.27 -17.40
N VAL A 122 10.71 2.95 -17.40
CA VAL A 122 11.44 2.24 -16.36
C VAL A 122 12.73 1.68 -16.92
N MET A 123 13.82 1.82 -16.16
CA MET A 123 15.12 1.31 -16.58
C MET A 123 15.28 -0.13 -16.10
N ASP A 124 14.85 -0.42 -14.87
CA ASP A 124 14.95 -1.74 -14.28
C ASP A 124 14.25 -1.80 -12.93
N VAL A 125 14.16 -3.01 -12.38
CA VAL A 125 13.61 -3.26 -11.05
C VAL A 125 14.54 -4.25 -10.37
N PHE A 126 14.66 -4.17 -9.04
CA PHE A 126 15.56 -5.03 -8.30
C PHE A 126 14.88 -5.61 -7.07
N ILE A 127 15.05 -6.92 -6.88
CA ILE A 127 14.50 -7.66 -5.75
C ILE A 127 15.46 -8.80 -5.41
N PRO A 128 15.99 -8.84 -4.18
CA PRO A 128 16.85 -9.91 -3.72
C PRO A 128 16.02 -11.17 -3.45
N LYS A 129 16.69 -12.31 -3.21
CA LYS A 129 15.97 -13.56 -2.97
C LYS A 129 16.43 -14.21 -1.68
N PRO A 130 15.51 -14.93 -1.00
CA PRO A 130 14.10 -15.04 -1.37
C PRO A 130 13.38 -13.72 -1.10
N PHE A 131 12.08 -13.68 -1.41
CA PHE A 131 11.26 -12.47 -1.30
C PHE A 131 11.35 -11.83 0.08
N ARG A 132 11.07 -10.52 0.10
CA ARG A 132 11.12 -9.68 1.29
C ARG A 132 9.99 -8.66 1.22
N ALA A 133 9.75 -7.93 2.31
CA ALA A 133 8.68 -6.93 2.39
C ALA A 133 8.98 -5.67 1.56
N PHE A 134 10.01 -5.69 0.71
CA PHE A 134 10.42 -4.50 0.00
C PHE A 134 11.12 -4.84 -1.33
N ALA A 135 11.50 -3.78 -2.04
CA ALA A 135 12.11 -3.86 -3.35
C ALA A 135 12.62 -2.48 -3.75
N PHE A 136 13.17 -2.37 -4.97
CA PHE A 136 13.64 -1.12 -5.53
C PHE A 136 13.36 -1.09 -7.03
N VAL A 137 13.37 0.11 -7.62
CA VAL A 137 13.15 0.29 -9.05
C VAL A 137 13.87 1.54 -9.53
N THR A 138 14.21 1.59 -10.82
CA THR A 138 14.87 2.73 -11.41
C THR A 138 14.05 3.28 -12.57
N PHE A 139 13.93 4.61 -12.65
CA PHE A 139 13.20 5.31 -13.70
C PHE A 139 14.14 6.03 -14.65
N ALA A 140 13.60 6.50 -15.78
CA ALA A 140 14.37 7.16 -16.81
C ALA A 140 14.57 8.64 -16.52
N ASP A 141 13.79 9.20 -15.58
CA ASP A 141 13.85 10.62 -15.29
C ASP A 141 13.89 10.89 -13.79
N ASP A 142 14.51 12.01 -13.43
CA ASP A 142 14.67 12.43 -12.05
C ASP A 142 13.40 13.11 -11.51
N GLN A 143 12.32 13.08 -12.28
CA GLN A 143 11.08 13.72 -11.89
C GLN A 143 9.91 12.73 -11.80
N ILE A 144 10.00 11.61 -12.51
CA ILE A 144 8.96 10.59 -12.45
C ILE A 144 9.00 9.91 -11.08
N ALA A 145 10.21 9.57 -10.62
CA ALA A 145 10.41 8.93 -9.33
C ALA A 145 10.04 9.90 -8.21
N GLN A 146 10.44 11.17 -8.36
CA GLN A 146 10.17 12.22 -7.38
C GLN A 146 8.68 12.59 -7.37
N SER A 147 7.88 12.01 -8.28
CA SER A 147 6.46 12.28 -8.37
C SER A 147 5.64 10.98 -8.23
N LEU A 148 6.33 9.89 -7.86
CA LEU A 148 5.68 8.60 -7.61
C LEU A 148 5.91 8.17 -6.15
N CYS A 149 6.90 8.77 -5.49
CA CYS A 149 7.22 8.47 -4.12
C CYS A 149 6.11 8.94 -3.18
N GLY A 150 5.83 8.14 -2.15
CA GLY A 150 4.82 8.44 -1.14
C GLY A 150 3.39 8.40 -1.66
N GLU A 151 3.17 7.97 -2.91
CA GLU A 151 1.83 7.99 -3.51
C GLU A 151 0.96 6.81 -3.07
N ASP A 152 1.47 5.91 -2.20
CA ASP A 152 0.73 4.75 -1.71
C ASP A 152 -0.15 4.11 -2.78
N LEU A 153 0.50 3.47 -3.76
CA LEU A 153 -0.17 2.99 -4.97
C LEU A 153 -0.68 1.56 -4.80
N ILE A 154 -1.15 0.95 -5.90
CA ILE A 154 -1.71 -0.39 -5.91
C ILE A 154 -1.19 -1.15 -7.13
N ILE A 155 -0.91 -2.44 -6.96
CA ILE A 155 -0.41 -3.30 -8.02
C ILE A 155 -1.18 -4.62 -8.01
N LYS A 156 -2.04 -4.82 -9.02
CA LYS A 156 -2.88 -6.00 -9.22
C LYS A 156 -3.77 -6.35 -8.02
N GLY A 157 -3.81 -5.48 -7.01
CA GLY A 157 -4.57 -5.72 -5.80
C GLY A 157 -3.70 -5.64 -4.54
N ILE A 158 -2.42 -5.32 -4.71
CA ILE A 158 -1.49 -5.18 -3.59
C ILE A 158 -1.10 -3.73 -3.45
N SER A 159 -1.56 -3.07 -2.39
CA SER A 159 -1.14 -1.72 -2.10
C SER A 159 0.35 -1.72 -1.77
N VAL A 160 1.13 -0.96 -2.55
CA VAL A 160 2.55 -0.79 -2.30
C VAL A 160 2.85 0.61 -1.82
N HIS A 161 4.01 0.79 -1.18
CA HIS A 161 4.41 2.06 -0.60
C HIS A 161 5.77 2.46 -1.18
N ILE A 162 5.74 3.19 -2.29
CA ILE A 162 6.97 3.71 -2.87
C ILE A 162 7.52 4.78 -1.93
N SER A 163 8.85 4.83 -1.80
CA SER A 163 9.51 5.79 -0.92
C SER A 163 10.90 6.12 -1.44
N ASN A 164 11.61 7.00 -0.73
CA ASN A 164 12.89 7.49 -1.18
C ASN A 164 13.98 6.47 -0.90
N ALA A 165 14.47 5.80 -1.95
CA ALA A 165 15.56 4.88 -1.82
C ALA A 165 16.78 5.61 -1.26
N GLU A 166 17.66 4.82 -0.65
CA GLU A 166 18.89 5.28 -0.02
C GLU A 166 19.99 4.35 -0.47
N PRO A 167 20.75 4.72 -1.51
CA PRO A 167 21.76 3.89 -2.11
C PRO A 167 22.64 3.19 -1.08
N LYS A 168 23.00 1.94 -1.38
CA LYS A 168 23.86 1.10 -0.55
C LYS A 168 25.09 1.80 0.04
N HIS A 169 25.54 2.91 -0.55
CA HIS A 169 26.73 3.61 -0.07
C HIS A 169 26.69 5.10 -0.42
N ASN A 170 25.52 5.64 -0.75
CA ASN A 170 25.40 7.04 -1.16
C ASN A 170 24.00 7.57 -0.87
N SER A 171 23.72 8.82 -1.27
CA SER A 171 22.41 9.45 -1.11
C SER A 171 22.10 10.29 -2.34
N ASN A 172 20.81 10.59 -2.55
CA ASN A 172 20.31 11.30 -3.73
C ASN A 172 20.83 10.68 -5.03
N ARG A 173 20.69 11.41 -6.14
CA ARG A 173 21.13 10.95 -7.45
C ARG A 173 21.66 12.13 -8.26
N GLN A 174 22.15 13.17 -7.56
CA GLN A 174 22.61 14.41 -8.15
C GLN A 174 23.93 14.84 -7.52
N GLY A 1 -13.04 28.31 4.00
CA GLY A 1 -13.16 26.84 3.97
C GLY A 1 -14.09 26.33 5.07
N SER A 2 -14.48 25.06 4.98
CA SER A 2 -15.36 24.43 5.95
C SER A 2 -15.05 22.93 6.08
N HIS A 3 -13.94 22.48 5.50
CA HIS A 3 -13.54 21.08 5.51
C HIS A 3 -12.03 20.96 5.39
N MET A 4 -11.52 19.72 5.44
CA MET A 4 -10.10 19.43 5.32
C MET A 4 -9.89 18.09 4.64
N ALA A 5 -8.63 17.78 4.29
CA ALA A 5 -8.27 16.52 3.65
C ALA A 5 -6.79 16.22 3.87
N SER A 6 -6.36 15.02 3.46
CA SER A 6 -4.98 14.57 3.56
C SER A 6 -4.73 13.50 2.51
N LYS A 7 -3.51 12.96 2.45
CA LYS A 7 -3.21 11.88 1.52
C LYS A 7 -4.05 10.65 1.85
N THR A 8 -4.05 9.66 0.94
CA THR A 8 -4.83 8.45 1.14
C THR A 8 -3.91 7.36 1.66
N SER A 9 -4.51 6.37 2.32
CA SER A 9 -3.80 5.29 2.97
C SER A 9 -4.68 4.06 3.01
N ASP A 10 -4.12 2.90 3.38
CA ASP A 10 -4.92 1.70 3.47
C ASP A 10 -5.44 1.56 4.90
N LEU A 11 -6.76 1.60 5.08
CA LEU A 11 -7.35 1.40 6.39
C LEU A 11 -7.09 -0.02 6.85
N ILE A 12 -6.72 -0.14 8.12
CA ILE A 12 -6.55 -1.43 8.75
C ILE A 12 -7.93 -1.95 9.15
N VAL A 13 -8.06 -3.27 9.24
CA VAL A 13 -9.31 -3.92 9.58
C VAL A 13 -9.06 -4.85 10.76
N LEU A 14 -9.32 -4.35 11.97
CA LEU A 14 -9.02 -5.05 13.20
C LEU A 14 -10.24 -5.85 13.66
N GLY A 15 -10.02 -6.88 14.49
CA GLY A 15 -11.10 -7.62 15.10
C GLY A 15 -11.73 -8.66 14.19
N LEU A 16 -11.07 -9.02 13.09
CA LEU A 16 -11.57 -10.05 12.19
C LEU A 16 -11.78 -11.36 12.95
N PRO A 17 -12.70 -12.21 12.49
CA PRO A 17 -13.00 -13.51 13.08
C PRO A 17 -11.93 -14.55 12.77
N TRP A 18 -10.79 -14.12 12.24
CA TRP A 18 -9.65 -14.98 11.89
C TRP A 18 -10.02 -16.08 10.90
N LYS A 19 -11.17 -15.97 10.23
CA LYS A 19 -11.61 -16.98 9.27
C LYS A 19 -12.24 -16.39 8.01
N THR A 20 -12.67 -15.12 8.06
CA THR A 20 -13.20 -14.47 6.86
C THR A 20 -12.10 -14.33 5.82
N THR A 21 -12.41 -14.56 4.55
CA THR A 21 -11.44 -14.43 3.47
C THR A 21 -11.26 -12.95 3.12
N GLU A 22 -10.34 -12.67 2.18
CA GLU A 22 -9.95 -11.32 1.83
C GLU A 22 -11.04 -10.63 0.99
N GLN A 23 -11.59 -11.34 0.01
CA GLN A 23 -12.61 -10.74 -0.83
C GLN A 23 -13.82 -10.39 0.03
N ASP A 24 -14.24 -11.28 0.92
CA ASP A 24 -15.40 -11.04 1.78
C ASP A 24 -15.29 -9.71 2.54
N LEU A 25 -14.09 -9.13 2.67
CA LEU A 25 -13.97 -7.78 3.21
C LEU A 25 -14.40 -6.79 2.13
N LYS A 26 -13.89 -6.94 0.89
CA LYS A 26 -14.26 -6.01 -0.18
C LYS A 26 -15.75 -6.09 -0.53
N GLU A 27 -16.33 -7.29 -0.40
CA GLU A 27 -17.75 -7.53 -0.67
C GLU A 27 -18.66 -6.67 0.22
N TYR A 28 -18.12 -6.04 1.25
CA TYR A 28 -18.90 -5.18 2.13
C TYR A 28 -18.36 -3.76 2.16
N PHE A 29 -17.05 -3.58 1.97
CA PHE A 29 -16.46 -2.25 1.92
C PHE A 29 -16.97 -1.46 0.72
N SER A 30 -17.57 -2.14 -0.26
CA SER A 30 -18.19 -1.49 -1.41
C SER A 30 -19.38 -0.62 -1.00
N THR A 31 -19.80 -0.68 0.28
CA THR A 31 -20.90 0.11 0.78
C THR A 31 -20.56 1.59 0.93
N PHE A 32 -19.29 1.97 0.73
CA PHE A 32 -18.86 3.36 0.88
C PHE A 32 -18.34 3.97 -0.41
N GLY A 33 -17.73 3.16 -1.27
CA GLY A 33 -17.16 3.63 -2.52
C GLY A 33 -17.05 2.50 -3.54
N GLU A 34 -15.86 2.28 -4.09
CA GLU A 34 -15.65 1.29 -5.15
C GLU A 34 -14.52 0.31 -4.83
N VAL A 35 -13.85 0.51 -3.68
CA VAL A 35 -12.79 -0.35 -3.15
C VAL A 35 -11.76 -0.75 -4.20
N LEU A 36 -10.68 0.04 -4.31
CA LEU A 36 -9.61 -0.27 -5.25
C LEU A 36 -9.05 -1.66 -4.97
N MET A 37 -8.93 -2.04 -3.69
CA MET A 37 -8.43 -3.37 -3.35
C MET A 37 -8.59 -3.68 -1.86
N VAL A 38 -8.25 -4.92 -1.51
CA VAL A 38 -8.18 -5.41 -0.13
C VAL A 38 -7.00 -6.36 -0.03
N GLN A 39 -6.41 -6.47 1.16
CA GLN A 39 -5.28 -7.34 1.39
C GLN A 39 -5.23 -7.74 2.86
N VAL A 40 -5.66 -8.97 3.18
CA VAL A 40 -5.61 -9.48 4.53
C VAL A 40 -4.15 -9.63 4.93
N LYS A 41 -3.82 -9.24 6.15
CA LYS A 41 -2.44 -9.24 6.62
C LYS A 41 -2.28 -10.05 7.90
N LYS A 42 -1.22 -10.86 7.93
CA LYS A 42 -0.91 -11.81 8.98
C LYS A 42 0.56 -12.20 8.92
N ASP A 43 0.96 -13.20 9.71
CA ASP A 43 2.34 -13.64 9.83
C ASP A 43 2.87 -14.23 8.52
N LEU A 44 4.16 -14.58 8.47
CA LEU A 44 4.78 -15.11 7.27
C LEU A 44 5.05 -16.59 7.40
N LYS A 45 5.11 -17.11 8.64
CA LYS A 45 5.34 -18.53 8.89
C LYS A 45 4.17 -19.21 9.58
N THR A 46 3.23 -18.42 10.12
CA THR A 46 2.04 -18.95 10.77
C THR A 46 0.78 -18.53 10.04
N GLY A 47 0.82 -17.38 9.36
CA GLY A 47 -0.35 -16.82 8.71
C GLY A 47 -1.45 -16.52 9.72
N HIS A 48 -1.09 -16.39 11.00
CA HIS A 48 -2.07 -16.31 12.08
C HIS A 48 -1.67 -15.38 13.23
N SER A 49 -0.85 -14.35 12.99
CA SER A 49 -0.33 -13.54 14.11
C SER A 49 -0.51 -12.03 13.97
N LYS A 50 -1.30 -11.53 13.00
CA LYS A 50 -1.63 -10.11 13.00
C LYS A 50 -3.15 -9.91 13.00
N GLY A 51 -3.91 -10.96 12.67
CA GLY A 51 -5.36 -10.97 12.79
C GLY A 51 -6.08 -9.77 12.19
N PHE A 52 -5.55 -9.17 11.12
CA PHE A 52 -6.13 -7.96 10.57
C PHE A 52 -6.04 -7.92 9.05
N GLY A 53 -6.46 -6.80 8.46
CA GLY A 53 -6.43 -6.64 7.02
C GLY A 53 -6.19 -5.20 6.62
N PHE A 54 -6.18 -4.97 5.30
CA PHE A 54 -6.06 -3.65 4.73
C PHE A 54 -7.07 -3.52 3.60
N VAL A 55 -7.66 -2.34 3.50
CA VAL A 55 -8.57 -1.96 2.42
C VAL A 55 -8.20 -0.58 1.90
N ARG A 56 -8.48 -0.31 0.61
CA ARG A 56 -8.14 0.95 -0.02
C ARG A 56 -9.24 1.37 -0.98
N PHE A 57 -9.42 2.67 -1.16
CA PHE A 57 -10.52 3.25 -1.91
C PHE A 57 -10.02 4.31 -2.90
N THR A 58 -10.92 4.72 -3.80
CA THR A 58 -10.61 5.66 -4.88
C THR A 58 -10.47 7.10 -4.40
N GLU A 59 -10.93 7.39 -3.18
CA GLU A 59 -10.86 8.72 -2.61
C GLU A 59 -10.57 8.68 -1.11
N TYR A 60 -10.30 9.87 -0.54
CA TYR A 60 -9.94 10.00 0.86
C TYR A 60 -11.17 10.03 1.76
N GLU A 61 -12.23 10.67 1.30
CA GLU A 61 -13.47 10.75 2.09
C GLU A 61 -13.96 9.36 2.43
N THR A 62 -13.89 8.45 1.47
CA THR A 62 -14.33 7.08 1.66
C THR A 62 -13.44 6.34 2.66
N GLN A 63 -12.41 7.02 3.16
CA GLN A 63 -11.45 6.43 4.07
C GLN A 63 -11.56 7.09 5.45
N VAL A 64 -12.49 8.03 5.61
CA VAL A 64 -12.67 8.72 6.88
C VAL A 64 -14.09 8.55 7.42
N LYS A 65 -15.02 8.03 6.60
CA LYS A 65 -16.37 7.77 7.06
C LYS A 65 -16.54 6.34 7.59
N VAL A 66 -15.68 5.41 7.17
CA VAL A 66 -15.71 4.04 7.69
C VAL A 66 -15.23 4.05 9.14
N MET A 67 -14.23 4.86 9.45
CA MET A 67 -13.66 4.94 10.79
C MET A 67 -14.61 5.64 11.76
N SER A 68 -15.73 6.18 11.26
CA SER A 68 -16.68 6.89 12.09
C SER A 68 -17.40 5.94 13.05
N GLN A 69 -17.36 4.63 12.77
CA GLN A 69 -18.01 3.62 13.60
C GLN A 69 -17.50 2.22 13.28
N ARG A 70 -17.99 1.24 14.02
CA ARG A 70 -17.65 -0.17 13.84
C ARG A 70 -18.44 -0.79 12.69
N HIS A 71 -18.19 -2.06 12.42
CA HIS A 71 -18.85 -2.78 11.34
C HIS A 71 -18.99 -4.25 11.69
N MET A 72 -19.94 -4.93 11.07
CA MET A 72 -20.16 -6.36 11.30
C MET A 72 -19.75 -7.14 10.07
N ILE A 73 -18.75 -8.01 10.25
CA ILE A 73 -18.27 -8.88 9.19
C ILE A 73 -18.44 -10.35 9.58
N ASP A 74 -19.13 -11.10 8.73
CA ASP A 74 -19.38 -12.53 8.90
C ASP A 74 -20.02 -12.86 10.24
N GLY A 75 -20.57 -11.84 10.91
CA GLY A 75 -21.24 -12.02 12.20
C GLY A 75 -20.32 -11.67 13.36
N ARG A 76 -19.27 -10.88 13.11
CA ARG A 76 -18.30 -10.49 14.12
C ARG A 76 -18.06 -8.99 14.04
N TRP A 77 -18.11 -8.33 15.20
CA TRP A 77 -17.83 -6.91 15.28
C TRP A 77 -16.35 -6.67 15.07
N CYS A 78 -16.03 -5.74 14.19
CA CYS A 78 -14.68 -5.36 13.83
C CYS A 78 -14.58 -3.83 13.78
N ASP A 79 -13.37 -3.32 13.53
CA ASP A 79 -13.13 -1.88 13.46
C ASP A 79 -12.27 -1.57 12.24
N CYS A 80 -12.36 -0.32 11.76
CA CYS A 80 -11.56 0.15 10.66
C CYS A 80 -11.05 1.54 11.00
N LYS A 81 -9.78 1.79 10.72
CA LYS A 81 -9.12 3.04 11.08
C LYS A 81 -7.81 3.18 10.31
N LEU A 82 -7.10 4.28 10.58
CA LEU A 82 -5.77 4.52 10.01
C LEU A 82 -4.73 3.87 10.92
N PRO A 83 -3.69 3.27 10.35
CA PRO A 83 -2.61 2.62 11.07
C PRO A 83 -1.63 3.63 11.65
N ASN A 84 -0.62 3.12 12.35
CA ASN A 84 0.40 3.92 13.01
C ASN A 84 1.63 4.15 12.12
N SER A 85 1.52 3.85 10.82
CA SER A 85 2.65 3.91 9.89
C SER A 85 2.24 4.46 8.52
N LYS A 86 1.19 5.30 8.46
CA LYS A 86 0.72 5.88 7.21
C LYS A 86 0.15 7.28 7.45
N GLN A 87 -0.37 7.93 6.40
CA GLN A 87 -0.93 9.28 6.50
C GLN A 87 0.04 10.26 7.19
N SER A 88 1.36 10.05 7.01
CA SER A 88 2.35 10.87 7.67
C SER A 88 3.61 11.03 6.81
N GLN A 89 3.63 12.10 6.00
CA GLN A 89 4.77 12.47 5.17
C GLN A 89 4.66 13.95 4.79
N ASP A 90 5.61 14.45 4.00
CA ASP A 90 5.59 15.84 3.54
C ASP A 90 6.11 15.95 2.12
N GLU A 91 7.31 15.41 1.89
CA GLU A 91 7.94 15.44 0.58
C GLU A 91 9.08 14.41 0.48
N PRO A 92 9.22 13.77 -0.68
CA PRO A 92 10.34 12.90 -1.01
C PRO A 92 11.54 13.72 -1.47
N LEU A 93 12.55 13.05 -2.05
CA LEU A 93 13.73 13.70 -2.61
C LEU A 93 13.93 13.27 -4.06
N ARG A 94 14.87 13.90 -4.76
CA ARG A 94 15.10 13.60 -6.16
C ARG A 94 16.00 12.38 -6.32
N SER A 95 15.67 11.52 -7.28
CA SER A 95 16.44 10.32 -7.58
C SER A 95 15.88 9.59 -8.80
N ARG A 96 16.51 8.46 -9.16
CA ARG A 96 15.97 7.55 -10.17
C ARG A 96 15.82 6.15 -9.60
N LYS A 97 16.22 5.95 -8.34
CA LYS A 97 16.00 4.71 -7.62
C LYS A 97 15.07 4.98 -6.45
N VAL A 98 14.14 4.06 -6.21
CA VAL A 98 13.24 4.16 -5.08
C VAL A 98 13.07 2.81 -4.42
N PHE A 99 12.52 2.83 -3.20
CA PHE A 99 12.35 1.65 -2.37
C PHE A 99 10.89 1.24 -2.41
N VAL A 100 10.62 -0.02 -2.09
CA VAL A 100 9.27 -0.55 -2.02
C VAL A 100 9.12 -1.30 -0.70
N GLY A 101 7.97 -1.18 -0.03
CA GLY A 101 7.79 -1.81 1.28
C GLY A 101 6.43 -2.49 1.42
N ARG A 102 6.27 -3.21 2.52
CA ARG A 102 5.10 -4.04 2.86
C ARG A 102 4.83 -5.05 1.74
N CYS A 103 5.87 -5.36 0.97
CA CYS A 103 5.80 -6.23 -0.20
C CYS A 103 5.26 -7.62 0.17
N THR A 104 4.90 -8.40 -0.85
CA THR A 104 4.37 -9.75 -0.68
C THR A 104 4.86 -10.65 -1.80
N GLU A 105 4.79 -11.96 -1.58
CA GLU A 105 5.26 -12.93 -2.55
C GLU A 105 4.26 -13.08 -3.71
N ASP A 106 3.13 -12.38 -3.66
CA ASP A 106 2.12 -12.43 -4.70
C ASP A 106 2.61 -11.74 -5.97
N MET A 107 3.61 -10.87 -5.85
CA MET A 107 4.23 -10.20 -7.00
C MET A 107 5.71 -10.58 -7.15
N THR A 108 6.35 -10.03 -8.17
CA THR A 108 7.76 -10.31 -8.45
C THR A 108 8.41 -9.18 -9.26
N GLU A 109 9.70 -9.34 -9.55
CA GLU A 109 10.53 -8.35 -10.22
C GLU A 109 9.94 -7.84 -11.53
N ASP A 110 9.63 -8.76 -12.43
CA ASP A 110 9.07 -8.44 -13.73
C ASP A 110 7.70 -7.77 -13.60
N GLU A 111 6.86 -8.27 -12.69
CA GLU A 111 5.52 -7.71 -12.52
C GLU A 111 5.58 -6.29 -11.97
N LEU A 112 6.60 -5.98 -11.17
CA LEU A 112 6.81 -4.65 -10.66
C LEU A 112 7.20 -3.72 -11.79
N ARG A 113 8.22 -4.10 -12.59
CA ARG A 113 8.65 -3.28 -13.71
C ARG A 113 7.53 -3.11 -14.73
N GLU A 114 6.64 -4.09 -14.86
CA GLU A 114 5.55 -4.03 -15.82
C GLU A 114 4.44 -3.10 -15.34
N PHE A 115 4.38 -2.89 -14.02
CA PHE A 115 3.41 -2.02 -13.41
C PHE A 115 3.97 -0.61 -13.24
N PHE A 116 5.28 -0.49 -12.97
CA PHE A 116 5.93 0.81 -12.81
C PHE A 116 6.06 1.53 -14.15
N SER A 117 6.07 0.80 -15.26
CA SER A 117 6.21 1.39 -16.59
C SER A 117 5.01 2.24 -16.99
N GLN A 118 3.92 2.21 -16.22
CA GLN A 118 2.75 3.01 -16.54
C GLN A 118 3.01 4.49 -16.27
N TYR A 119 3.92 4.79 -15.34
CA TYR A 119 4.22 6.16 -14.95
C TYR A 119 5.28 6.80 -15.85
N GLY A 120 5.95 6.01 -16.68
CA GLY A 120 6.91 6.52 -17.65
C GLY A 120 7.69 5.37 -18.28
N ASP A 121 8.90 5.12 -17.78
CA ASP A 121 9.73 4.03 -18.24
C ASP A 121 10.60 3.52 -17.08
N VAL A 122 10.81 2.20 -17.04
CA VAL A 122 11.56 1.54 -15.98
C VAL A 122 12.85 0.96 -16.53
N MET A 123 13.93 1.06 -15.75
CA MET A 123 15.23 0.53 -16.15
C MET A 123 15.39 -0.89 -15.62
N ASP A 124 14.97 -1.13 -14.37
CA ASP A 124 15.10 -2.44 -13.74
C ASP A 124 14.36 -2.48 -12.40
N VAL A 125 14.30 -3.67 -11.81
CA VAL A 125 13.72 -3.92 -10.49
C VAL A 125 14.63 -4.92 -9.79
N PHE A 126 14.77 -4.80 -8.47
CA PHE A 126 15.60 -5.72 -7.71
C PHE A 126 14.94 -6.11 -6.40
N ILE A 127 15.17 -7.38 -6.01
CA ILE A 127 14.65 -7.96 -4.78
C ILE A 127 15.68 -8.98 -4.30
N PRO A 128 16.16 -8.88 -3.06
CA PRO A 128 17.10 -9.83 -2.48
C PRO A 128 16.39 -11.15 -2.20
N LYS A 129 17.16 -12.20 -1.86
CA LYS A 129 16.58 -13.51 -1.59
C LYS A 129 17.06 -14.07 -0.25
N PRO A 130 16.23 -14.86 0.43
CA PRO A 130 14.86 -15.16 0.02
C PRO A 130 13.97 -13.92 0.18
N PHE A 131 12.69 -14.04 -0.17
CA PHE A 131 11.76 -12.92 -0.17
C PHE A 131 11.70 -12.21 1.19
N ARG A 132 11.51 -10.89 1.16
CA ARG A 132 11.46 -10.04 2.35
C ARG A 132 10.41 -8.95 2.16
N ALA A 133 10.19 -8.12 3.19
CA ALA A 133 9.12 -7.12 3.22
C ALA A 133 9.29 -5.97 2.24
N PHE A 134 10.23 -6.06 1.30
CA PHE A 134 10.59 -4.90 0.49
C PHE A 134 11.18 -5.28 -0.88
N ALA A 135 11.51 -4.25 -1.64
CA ALA A 135 12.06 -4.34 -2.99
C ALA A 135 12.59 -2.96 -3.41
N PHE A 136 13.09 -2.86 -4.65
CA PHE A 136 13.57 -1.63 -5.22
C PHE A 136 13.25 -1.58 -6.71
N VAL A 137 13.29 -0.38 -7.29
CA VAL A 137 13.08 -0.21 -8.72
C VAL A 137 13.85 1.02 -9.19
N THR A 138 14.28 1.00 -10.47
CA THR A 138 14.96 2.13 -11.08
C THR A 138 14.13 2.66 -12.24
N PHE A 139 14.03 3.99 -12.34
CA PHE A 139 13.28 4.66 -13.39
C PHE A 139 14.22 5.32 -14.41
N ALA A 140 13.66 5.72 -15.54
CA ALA A 140 14.39 6.28 -16.67
C ALA A 140 14.54 7.78 -16.54
N ASP A 141 13.82 8.37 -15.59
CA ASP A 141 13.86 9.81 -15.36
C ASP A 141 13.97 10.09 -13.87
N ASP A 142 14.37 11.32 -13.55
CA ASP A 142 14.62 11.75 -12.18
C ASP A 142 13.47 12.63 -11.70
N GLN A 143 12.32 12.51 -12.37
CA GLN A 143 11.10 13.22 -12.02
C GLN A 143 9.94 12.24 -11.84
N ILE A 144 10.05 11.05 -12.42
CA ILE A 144 9.04 10.01 -12.25
C ILE A 144 9.15 9.42 -10.84
N ALA A 145 10.37 9.11 -10.40
CA ALA A 145 10.61 8.52 -9.09
C ALA A 145 10.30 9.52 -7.99
N GLN A 146 10.71 10.77 -8.18
CA GLN A 146 10.50 11.85 -7.22
C GLN A 146 9.01 12.22 -7.13
N SER A 147 8.18 11.63 -7.99
CA SER A 147 6.75 11.91 -8.01
C SER A 147 5.94 10.62 -7.87
N LEU A 148 6.63 9.51 -7.53
CA LEU A 148 5.97 8.25 -7.22
C LEU A 148 6.24 7.86 -5.77
N CYS A 149 7.24 8.49 -5.16
CA CYS A 149 7.59 8.27 -3.77
C CYS A 149 6.45 8.70 -2.86
N GLY A 150 6.21 7.93 -1.80
CA GLY A 150 5.15 8.19 -0.82
C GLY A 150 3.74 8.17 -1.41
N GLU A 151 3.53 7.61 -2.61
CA GLU A 151 2.22 7.63 -3.25
C GLU A 151 1.30 6.45 -2.86
N ASP A 152 1.72 5.58 -1.95
CA ASP A 152 0.92 4.45 -1.47
C ASP A 152 0.25 3.69 -2.61
N LEU A 153 1.05 3.04 -3.46
CA LEU A 153 0.61 2.36 -4.68
C LEU A 153 -0.19 1.07 -4.41
N ILE A 154 -0.57 0.40 -5.49
CA ILE A 154 -1.25 -0.90 -5.49
C ILE A 154 -0.73 -1.73 -6.65
N ILE A 155 -0.59 -3.05 -6.47
CA ILE A 155 -0.11 -3.95 -7.50
C ILE A 155 -0.92 -5.24 -7.49
N LYS A 156 -1.73 -5.44 -8.54
CA LYS A 156 -2.62 -6.59 -8.72
C LYS A 156 -3.60 -6.81 -7.56
N GLY A 157 -3.63 -5.87 -6.61
CA GLY A 157 -4.48 -6.00 -5.42
C GLY A 157 -3.65 -5.99 -4.14
N ILE A 158 -2.35 -5.73 -4.25
CA ILE A 158 -1.44 -5.64 -3.11
C ILE A 158 -1.01 -4.20 -2.96
N SER A 159 -1.51 -3.50 -1.95
CA SER A 159 -1.03 -2.16 -1.67
C SER A 159 0.42 -2.22 -1.21
N VAL A 160 1.31 -1.58 -1.96
CA VAL A 160 2.71 -1.45 -1.59
C VAL A 160 3.06 0.02 -1.53
N HIS A 161 4.14 0.35 -0.82
CA HIS A 161 4.44 1.74 -0.56
C HIS A 161 5.86 2.08 -0.95
N ILE A 162 6.00 3.17 -1.71
CA ILE A 162 7.29 3.61 -2.21
C ILE A 162 7.89 4.60 -1.22
N SER A 163 9.22 4.58 -1.11
CA SER A 163 9.93 5.53 -0.26
C SER A 163 11.29 5.84 -0.86
N ASN A 164 12.05 6.71 -0.21
CA ASN A 164 13.32 7.19 -0.71
C ASN A 164 14.40 6.13 -0.50
N ALA A 165 14.82 5.46 -1.59
CA ALA A 165 15.88 4.48 -1.51
C ALA A 165 17.17 5.12 -1.00
N GLU A 166 18.05 4.26 -0.51
CA GLU A 166 19.33 4.63 0.07
C GLU A 166 20.39 3.69 -0.49
N PRO A 167 21.10 4.11 -1.56
CA PRO A 167 22.04 3.26 -2.26
C PRO A 167 23.19 2.83 -1.35
N LYS A 168 23.45 1.52 -1.32
CA LYS A 168 24.50 0.89 -0.52
C LYS A 168 25.80 0.73 -1.30
N HIS A 169 25.88 1.32 -2.49
CA HIS A 169 27.08 1.26 -3.33
C HIS A 169 27.28 2.54 -4.15
N ASN A 170 26.45 3.56 -3.91
CA ASN A 170 26.48 4.81 -4.66
C ASN A 170 25.87 5.93 -3.80
N SER A 171 25.79 7.14 -4.35
CA SER A 171 25.16 8.27 -3.68
C SER A 171 24.63 9.29 -4.69
N ASN A 172 23.88 10.27 -4.19
CA ASN A 172 23.35 11.35 -5.02
C ASN A 172 24.47 12.26 -5.51
N ARG A 173 24.15 13.14 -6.46
CA ARG A 173 25.06 14.13 -7.03
C ARG A 173 24.35 15.47 -7.16
N GLN A 174 23.16 15.56 -6.57
CA GLN A 174 22.32 16.75 -6.58
C GLN A 174 21.54 16.85 -5.27
N GLY A 1 -14.58 14.22 10.87
CA GLY A 1 -14.36 15.13 9.73
C GLY A 1 -15.30 14.82 8.58
N SER A 2 -16.07 15.81 8.15
CA SER A 2 -17.06 15.65 7.07
C SER A 2 -17.13 16.90 6.20
N HIS A 3 -16.13 17.79 6.31
CA HIS A 3 -16.12 19.06 5.59
C HIS A 3 -14.72 19.41 5.10
N MET A 4 -13.78 18.46 5.21
CA MET A 4 -12.39 18.65 4.81
C MET A 4 -11.81 17.32 4.33
N ALA A 5 -10.56 17.34 3.86
CA ALA A 5 -9.89 16.15 3.37
C ALA A 5 -8.38 16.24 3.60
N SER A 6 -7.68 15.12 3.39
CA SER A 6 -6.24 15.03 3.56
C SER A 6 -5.69 13.90 2.69
N LYS A 7 -4.39 13.62 2.79
CA LYS A 7 -3.75 12.54 2.06
C LYS A 7 -4.43 11.21 2.36
N THR A 8 -4.31 10.26 1.43
CA THR A 8 -5.02 8.97 1.53
C THR A 8 -4.04 7.83 1.74
N SER A 9 -4.53 6.79 2.43
CA SER A 9 -3.75 5.61 2.78
C SER A 9 -4.69 4.44 3.03
N ASP A 10 -4.15 3.25 3.30
CA ASP A 10 -5.00 2.10 3.57
C ASP A 10 -5.52 2.17 5.01
N LEU A 11 -6.74 1.67 5.22
CA LEU A 11 -7.30 1.53 6.55
C LEU A 11 -7.00 0.13 7.04
N ILE A 12 -6.57 0.01 8.30
CA ILE A 12 -6.41 -1.29 8.92
C ILE A 12 -7.80 -1.82 9.27
N VAL A 13 -7.95 -3.14 9.24
CA VAL A 13 -9.21 -3.79 9.56
C VAL A 13 -8.98 -4.72 10.76
N LEU A 14 -9.27 -4.21 11.95
CA LEU A 14 -8.94 -4.86 13.21
C LEU A 14 -10.12 -5.66 13.77
N GLY A 15 -9.83 -6.72 14.51
CA GLY A 15 -10.87 -7.48 15.20
C GLY A 15 -11.49 -8.58 14.33
N LEU A 16 -10.88 -8.91 13.19
CA LEU A 16 -11.39 -9.95 12.32
C LEU A 16 -11.50 -11.28 13.08
N PRO A 17 -12.43 -12.16 12.67
CA PRO A 17 -12.66 -13.46 13.28
C PRO A 17 -11.55 -14.47 12.96
N TRP A 18 -10.42 -14.00 12.42
CA TRP A 18 -9.28 -14.84 12.07
C TRP A 18 -9.61 -15.93 11.06
N LYS A 19 -10.77 -15.84 10.38
CA LYS A 19 -11.20 -16.84 9.41
C LYS A 19 -11.84 -16.24 8.16
N THR A 20 -12.30 -14.99 8.22
CA THR A 20 -12.82 -14.30 7.04
C THR A 20 -11.76 -14.20 5.95
N THR A 21 -12.18 -14.03 4.70
CA THR A 21 -11.27 -13.92 3.57
C THR A 21 -11.15 -12.46 3.12
N GLU A 22 -10.30 -12.23 2.11
CA GLU A 22 -9.96 -10.90 1.65
C GLU A 22 -11.09 -10.26 0.84
N GLN A 23 -11.67 -11.02 -0.10
CA GLN A 23 -12.73 -10.46 -0.89
C GLN A 23 -13.92 -10.12 0.01
N ASP A 24 -14.28 -11.00 0.95
CA ASP A 24 -15.41 -10.77 1.84
C ASP A 24 -15.34 -9.39 2.51
N LEU A 25 -14.14 -8.85 2.68
CA LEU A 25 -14.00 -7.48 3.14
C LEU A 25 -14.56 -6.55 2.07
N LYS A 26 -14.07 -6.67 0.82
CA LYS A 26 -14.53 -5.76 -0.22
C LYS A 26 -16.02 -5.93 -0.51
N GLU A 27 -16.54 -7.16 -0.34
CA GLU A 27 -17.96 -7.48 -0.52
C GLU A 27 -18.86 -6.69 0.42
N TYR A 28 -18.29 -6.00 1.42
CA TYR A 28 -19.09 -5.21 2.36
C TYR A 28 -18.56 -3.78 2.46
N PHE A 29 -17.26 -3.57 2.26
CA PHE A 29 -16.68 -2.24 2.29
C PHE A 29 -17.26 -1.38 1.15
N SER A 30 -17.82 -2.02 0.13
CA SER A 30 -18.45 -1.32 -0.99
C SER A 30 -19.66 -0.49 -0.56
N THR A 31 -20.10 -0.62 0.71
CA THR A 31 -21.22 0.15 1.23
C THR A 31 -20.86 1.61 1.52
N PHE A 32 -19.57 1.97 1.40
CA PHE A 32 -19.11 3.31 1.70
C PHE A 32 -18.59 4.04 0.45
N GLY A 33 -18.11 3.29 -0.54
CA GLY A 33 -17.57 3.85 -1.77
C GLY A 33 -17.55 2.80 -2.87
N GLU A 34 -16.37 2.54 -3.46
CA GLU A 34 -16.22 1.63 -4.58
C GLU A 34 -15.08 0.64 -4.39
N VAL A 35 -14.34 0.77 -3.29
CA VAL A 35 -13.22 -0.09 -2.89
C VAL A 35 -12.25 -0.39 -4.03
N LEU A 36 -11.19 0.41 -4.13
CA LEU A 36 -10.16 0.18 -5.14
C LEU A 36 -9.55 -1.21 -4.94
N MET A 37 -9.37 -1.63 -3.68
CA MET A 37 -8.85 -2.97 -3.38
C MET A 37 -8.92 -3.29 -1.90
N VAL A 38 -8.54 -4.53 -1.57
CA VAL A 38 -8.42 -5.04 -0.22
C VAL A 38 -7.21 -5.96 -0.18
N GLN A 39 -6.59 -6.11 0.99
CA GLN A 39 -5.41 -6.96 1.15
C GLN A 39 -5.29 -7.40 2.60
N VAL A 40 -5.69 -8.64 2.90
CA VAL A 40 -5.58 -9.20 4.23
C VAL A 40 -4.10 -9.27 4.60
N LYS A 41 -3.78 -8.85 5.82
CA LYS A 41 -2.41 -8.86 6.29
C LYS A 41 -2.30 -9.89 7.43
N LYS A 42 -1.45 -10.88 7.16
CA LYS A 42 -1.30 -12.09 7.94
C LYS A 42 0.18 -12.41 8.17
N ASP A 43 0.42 -13.54 8.85
CA ASP A 43 1.76 -14.01 9.13
C ASP A 43 2.44 -14.48 7.84
N LEU A 44 3.74 -14.77 7.90
CA LEU A 44 4.54 -15.11 6.74
C LEU A 44 5.21 -16.47 6.92
N LYS A 45 5.31 -16.94 8.17
CA LYS A 45 5.93 -18.21 8.50
C LYS A 45 4.95 -19.19 9.15
N THR A 46 3.80 -18.69 9.59
CA THR A 46 2.74 -19.52 10.16
C THR A 46 1.49 -19.46 9.31
N GLY A 47 1.28 -18.34 8.61
CA GLY A 47 0.12 -18.12 7.77
C GLY A 47 -1.18 -18.03 8.57
N HIS A 48 -1.09 -18.03 9.90
CA HIS A 48 -2.28 -18.01 10.75
C HIS A 48 -2.98 -16.66 10.66
N SER A 49 -2.16 -15.60 10.70
CA SER A 49 -2.52 -14.19 10.56
C SER A 49 -2.04 -13.37 11.75
N LYS A 50 -1.66 -12.11 11.50
CA LYS A 50 -1.35 -11.15 12.53
C LYS A 50 -2.64 -10.69 13.18
N GLY A 51 -3.75 -10.80 12.43
CA GLY A 51 -5.08 -10.52 12.94
C GLY A 51 -5.81 -9.43 12.17
N PHE A 52 -5.32 -8.97 11.01
CA PHE A 52 -5.97 -7.81 10.43
C PHE A 52 -5.91 -7.77 8.90
N GLY A 53 -6.42 -6.67 8.33
CA GLY A 53 -6.44 -6.50 6.88
C GLY A 53 -6.27 -5.05 6.48
N PHE A 54 -6.34 -4.81 5.18
CA PHE A 54 -6.27 -3.50 4.59
C PHE A 54 -7.34 -3.35 3.54
N VAL A 55 -7.88 -2.14 3.46
CA VAL A 55 -8.81 -1.72 2.41
C VAL A 55 -8.45 -0.33 1.93
N ARG A 56 -8.77 -0.04 0.65
CA ARG A 56 -8.49 1.24 0.02
C ARG A 56 -9.69 1.69 -0.80
N PHE A 57 -9.97 2.99 -0.75
CA PHE A 57 -11.10 3.60 -1.46
C PHE A 57 -10.62 4.66 -2.44
N THR A 58 -11.53 5.09 -3.31
CA THR A 58 -11.26 6.06 -4.38
C THR A 58 -11.09 7.47 -3.85
N GLU A 59 -11.51 7.71 -2.61
CA GLU A 59 -11.41 9.02 -1.97
C GLU A 59 -11.07 8.93 -0.48
N TYR A 60 -10.75 10.09 0.09
CA TYR A 60 -10.35 10.21 1.48
C TYR A 60 -11.57 10.20 2.40
N GLU A 61 -12.68 10.81 1.97
CA GLU A 61 -13.90 10.84 2.76
C GLU A 61 -14.32 9.42 3.12
N THR A 62 -14.21 8.50 2.17
CA THR A 62 -14.59 7.11 2.38
C THR A 62 -13.66 6.41 3.35
N GLN A 63 -12.66 7.14 3.86
CA GLN A 63 -11.68 6.61 4.79
C GLN A 63 -11.83 7.30 6.15
N VAL A 64 -12.82 8.18 6.28
CA VAL A 64 -13.05 8.88 7.55
C VAL A 64 -14.46 8.68 8.07
N LYS A 65 -15.36 8.11 7.26
CA LYS A 65 -16.71 7.79 7.71
C LYS A 65 -16.79 6.35 8.20
N VAL A 66 -15.90 5.47 7.71
CA VAL A 66 -15.80 4.10 8.15
C VAL A 66 -15.33 4.03 9.60
N MET A 67 -14.31 4.82 9.94
CA MET A 67 -13.73 4.83 11.27
C MET A 67 -14.64 5.54 12.26
N SER A 68 -15.77 6.08 11.81
CA SER A 68 -16.71 6.76 12.69
C SER A 68 -17.42 5.77 13.60
N GLN A 69 -17.44 4.48 13.21
CA GLN A 69 -18.13 3.46 13.99
C GLN A 69 -17.70 2.06 13.57
N ARG A 70 -18.08 1.05 14.36
CA ARG A 70 -17.70 -0.34 14.14
C ARG A 70 -18.49 -0.96 13.00
N HIS A 71 -18.15 -2.21 12.66
CA HIS A 71 -18.78 -2.93 11.57
C HIS A 71 -18.90 -4.41 11.92
N MET A 72 -19.86 -5.10 11.32
CA MET A 72 -20.05 -6.53 11.57
C MET A 72 -19.66 -7.30 10.31
N ILE A 73 -18.65 -8.15 10.45
CA ILE A 73 -18.18 -9.01 9.36
C ILE A 73 -18.23 -10.47 9.78
N ASP A 74 -18.89 -11.28 8.95
CA ASP A 74 -19.04 -12.71 9.15
C ASP A 74 -19.68 -13.06 10.50
N GLY A 75 -20.26 -12.05 11.17
CA GLY A 75 -20.90 -12.24 12.46
C GLY A 75 -19.97 -11.86 13.61
N ARG A 76 -18.96 -11.03 13.34
CA ARG A 76 -17.98 -10.60 14.33
C ARG A 76 -17.80 -9.10 14.23
N TRP A 77 -17.84 -8.43 15.39
CA TRP A 77 -17.61 -7.00 15.45
C TRP A 77 -16.13 -6.70 15.23
N CYS A 78 -15.88 -5.77 14.32
CA CYS A 78 -14.54 -5.32 13.96
C CYS A 78 -14.51 -3.80 13.86
N ASP A 79 -13.34 -3.23 13.61
CA ASP A 79 -13.17 -1.80 13.49
C ASP A 79 -12.26 -1.46 12.32
N CYS A 80 -12.28 -0.20 11.91
CA CYS A 80 -11.43 0.29 10.83
C CYS A 80 -10.88 1.66 11.22
N LYS A 81 -9.62 1.90 10.90
CA LYS A 81 -8.92 3.14 11.26
C LYS A 81 -7.65 3.28 10.42
N LEU A 82 -6.88 4.33 10.69
CA LEU A 82 -5.62 4.58 10.00
C LEU A 82 -4.47 4.04 10.86
N PRO A 83 -3.45 3.46 10.24
CA PRO A 83 -2.32 2.80 10.89
C PRO A 83 -1.31 3.78 11.47
N ASN A 84 -0.31 3.21 12.16
CA ASN A 84 0.74 3.93 12.85
C ASN A 84 1.90 4.35 11.93
N SER A 85 1.69 4.32 10.61
CA SER A 85 2.76 4.57 9.65
C SER A 85 2.33 5.46 8.48
N LYS A 86 1.16 6.09 8.60
CA LYS A 86 0.55 6.79 7.49
C LYS A 86 -0.07 8.11 7.93
N GLN A 87 -0.61 8.87 6.98
CA GLN A 87 -1.18 10.19 7.23
C GLN A 87 -0.18 11.11 7.95
N SER A 88 1.12 10.85 7.76
CA SER A 88 2.19 11.54 8.48
C SER A 88 3.43 11.70 7.60
N GLN A 89 3.25 12.25 6.40
CA GLN A 89 4.34 12.50 5.45
C GLN A 89 4.09 13.81 4.71
N ASP A 90 5.02 14.22 3.84
CA ASP A 90 4.91 15.48 3.13
C ASP A 90 5.47 15.40 1.72
N GLU A 91 6.74 14.99 1.60
CA GLU A 91 7.41 14.92 0.31
C GLU A 91 8.62 14.00 0.32
N PRO A 92 8.93 13.39 -0.84
CA PRO A 92 10.10 12.56 -1.07
C PRO A 92 11.33 13.40 -1.42
N LEU A 93 12.38 12.76 -1.96
CA LEU A 93 13.58 13.42 -2.41
C LEU A 93 13.90 13.03 -3.85
N ARG A 94 14.91 13.67 -4.46
CA ARG A 94 15.22 13.45 -5.86
C ARG A 94 16.14 12.25 -6.08
N SER A 95 16.00 11.64 -7.27
CA SER A 95 16.79 10.51 -7.78
C SER A 95 15.97 9.76 -8.83
N ARG A 96 16.61 8.87 -9.60
CA ARG A 96 15.91 8.02 -10.55
C ARG A 96 15.51 6.69 -9.93
N LYS A 97 16.18 6.30 -8.84
CA LYS A 97 15.86 5.06 -8.16
C LYS A 97 14.73 5.27 -7.17
N VAL A 98 14.06 4.17 -6.83
CA VAL A 98 13.03 4.14 -5.80
C VAL A 98 13.17 2.84 -5.01
N PHE A 99 12.45 2.78 -3.89
CA PHE A 99 12.42 1.61 -3.02
C PHE A 99 10.96 1.23 -2.81
N VAL A 100 10.71 -0.04 -2.50
CA VAL A 100 9.36 -0.54 -2.30
C VAL A 100 9.27 -1.19 -0.93
N GLY A 101 8.11 -1.12 -0.29
CA GLY A 101 7.92 -1.72 1.03
C GLY A 101 6.53 -2.31 1.17
N ARG A 102 6.35 -3.10 2.23
CA ARG A 102 5.10 -3.78 2.56
C ARG A 102 4.75 -4.78 1.43
N CYS A 103 5.76 -5.13 0.63
CA CYS A 103 5.64 -5.97 -0.56
C CYS A 103 5.09 -7.36 -0.23
N THR A 104 4.75 -8.11 -1.28
CA THR A 104 4.21 -9.46 -1.16
C THR A 104 4.76 -10.33 -2.29
N GLU A 105 4.55 -11.65 -2.18
CA GLU A 105 5.03 -12.60 -3.16
C GLU A 105 4.12 -12.66 -4.40
N ASP A 106 3.02 -11.89 -4.39
CA ASP A 106 2.07 -11.87 -5.50
C ASP A 106 2.66 -11.13 -6.70
N MET A 107 3.66 -10.28 -6.47
CA MET A 107 4.35 -9.57 -7.54
C MET A 107 5.82 -9.95 -7.63
N THR A 108 6.52 -9.38 -8.61
CA THR A 108 7.93 -9.67 -8.88
C THR A 108 8.56 -8.56 -9.70
N GLU A 109 9.83 -8.74 -10.10
CA GLU A 109 10.62 -7.77 -10.83
C GLU A 109 9.92 -7.24 -12.08
N ASP A 110 9.51 -8.15 -12.96
CA ASP A 110 8.84 -7.80 -14.20
C ASP A 110 7.51 -7.12 -13.92
N GLU A 111 6.73 -7.62 -12.96
CA GLU A 111 5.42 -7.08 -12.65
C GLU A 111 5.51 -5.65 -12.13
N LEU A 112 6.62 -5.33 -11.45
CA LEU A 112 6.86 -3.98 -10.95
C LEU A 112 7.13 -3.04 -12.13
N ARG A 113 8.18 -3.29 -12.91
CA ARG A 113 8.48 -2.51 -14.11
C ARG A 113 7.27 -2.38 -15.03
N GLU A 114 6.42 -3.41 -15.12
CA GLU A 114 5.30 -3.41 -16.05
C GLU A 114 4.18 -2.50 -15.58
N PHE A 115 4.20 -2.13 -14.30
CA PHE A 115 3.21 -1.27 -13.68
C PHE A 115 3.79 0.12 -13.45
N PHE A 116 5.12 0.23 -13.25
CA PHE A 116 5.76 1.51 -13.04
C PHE A 116 5.92 2.28 -14.35
N SER A 117 5.92 1.58 -15.48
CA SER A 117 6.09 2.20 -16.79
C SER A 117 4.89 3.05 -17.20
N GLN A 118 3.79 3.02 -16.44
CA GLN A 118 2.62 3.83 -16.79
C GLN A 118 2.86 5.29 -16.45
N TYR A 119 3.74 5.56 -15.48
CA TYR A 119 4.02 6.90 -15.01
C TYR A 119 5.13 7.57 -15.83
N GLY A 120 5.82 6.80 -16.67
CA GLY A 120 6.84 7.33 -17.56
C GLY A 120 7.56 6.20 -18.28
N ASP A 121 8.79 5.89 -17.85
CA ASP A 121 9.55 4.77 -18.38
C ASP A 121 10.44 4.20 -17.29
N VAL A 122 10.59 2.87 -17.30
CA VAL A 122 11.40 2.15 -16.31
C VAL A 122 12.66 1.60 -16.97
N MET A 123 13.77 1.65 -16.25
CA MET A 123 15.05 1.17 -16.76
C MET A 123 15.28 -0.27 -16.31
N ASP A 124 14.95 -0.59 -15.06
CA ASP A 124 15.17 -1.93 -14.50
C ASP A 124 14.53 -2.06 -13.13
N VAL A 125 14.50 -3.30 -12.62
CA VAL A 125 14.01 -3.62 -11.29
C VAL A 125 14.97 -4.60 -10.63
N PHE A 126 15.07 -4.53 -9.30
CA PHE A 126 15.92 -5.45 -8.56
C PHE A 126 15.25 -5.85 -7.26
N ILE A 127 15.42 -7.12 -6.87
CA ILE A 127 14.88 -7.67 -5.64
C ILE A 127 15.90 -8.66 -5.08
N PRO A 128 16.39 -8.42 -3.85
CA PRO A 128 17.35 -9.29 -3.18
C PRO A 128 16.66 -10.57 -2.71
N LYS A 129 17.39 -11.44 -1.99
CA LYS A 129 16.84 -12.71 -1.57
C LYS A 129 17.31 -13.10 -0.17
N PRO A 130 16.56 -13.98 0.52
CA PRO A 130 15.31 -14.54 0.05
C PRO A 130 14.22 -13.48 0.02
N PHE A 131 13.05 -13.82 -0.53
CA PHE A 131 11.93 -12.89 -0.67
C PHE A 131 11.60 -12.19 0.64
N ARG A 132 11.47 -10.87 0.59
CA ARG A 132 11.17 -10.03 1.74
C ARG A 132 10.22 -8.91 1.33
N ALA A 133 9.74 -8.15 2.31
CA ALA A 133 8.71 -7.13 2.13
C ALA A 133 9.20 -5.88 1.38
N PHE A 134 10.28 -5.96 0.58
CA PHE A 134 10.80 -4.79 -0.10
C PHE A 134 11.38 -5.11 -1.48
N ALA A 135 11.82 -4.05 -2.16
CA ALA A 135 12.36 -4.11 -3.51
C ALA A 135 12.92 -2.75 -3.92
N PHE A 136 13.47 -2.67 -5.13
CA PHE A 136 13.97 -1.44 -5.72
C PHE A 136 13.67 -1.40 -7.21
N VAL A 137 13.58 -0.19 -7.78
CA VAL A 137 13.34 0.01 -9.21
C VAL A 137 14.08 1.25 -9.68
N THR A 138 14.41 1.32 -10.97
CA THR A 138 15.04 2.49 -11.56
C THR A 138 14.17 3.07 -12.67
N PHE A 139 14.00 4.39 -12.68
CA PHE A 139 13.20 5.09 -13.68
C PHE A 139 14.12 5.79 -14.70
N ALA A 140 13.52 6.26 -15.79
CA ALA A 140 14.23 6.92 -16.88
C ALA A 140 14.50 8.39 -16.56
N ASP A 141 13.84 8.93 -15.54
CA ASP A 141 14.00 10.33 -15.17
C ASP A 141 14.08 10.50 -13.67
N ASP A 142 14.67 11.61 -13.24
CA ASP A 142 14.87 11.91 -11.83
C ASP A 142 13.68 12.67 -11.25
N GLN A 143 12.60 12.79 -12.03
CA GLN A 143 11.41 13.50 -11.61
C GLN A 143 10.20 12.59 -11.54
N ILE A 144 10.22 11.46 -12.27
CA ILE A 144 9.13 10.49 -12.20
C ILE A 144 9.19 9.77 -10.86
N ALA A 145 10.39 9.36 -10.43
CA ALA A 145 10.57 8.70 -9.15
C ALA A 145 10.30 9.66 -8.01
N GLN A 146 10.77 10.91 -8.14
CA GLN A 146 10.58 11.95 -7.15
C GLN A 146 9.10 12.39 -7.10
N SER A 147 8.27 11.83 -7.98
CA SER A 147 6.85 12.17 -8.06
C SER A 147 5.99 10.91 -7.94
N LEU A 148 6.62 9.78 -7.58
CA LEU A 148 5.92 8.53 -7.35
C LEU A 148 6.24 7.97 -5.96
N CYS A 149 7.28 8.49 -5.33
CA CYS A 149 7.66 8.08 -3.99
C CYS A 149 6.61 8.53 -2.97
N GLY A 150 6.38 7.70 -1.95
CA GLY A 150 5.41 7.96 -0.89
C GLY A 150 3.95 7.95 -1.36
N GLU A 151 3.68 7.61 -2.61
CA GLU A 151 2.33 7.68 -3.18
C GLU A 151 1.43 6.50 -2.77
N ASP A 152 1.90 5.59 -1.91
CA ASP A 152 1.13 4.44 -1.45
C ASP A 152 0.37 3.78 -2.61
N LEU A 153 1.12 3.26 -3.58
CA LEU A 153 0.59 2.72 -4.83
C LEU A 153 -0.18 1.41 -4.63
N ILE A 154 -0.64 0.82 -5.74
CA ILE A 154 -1.36 -0.44 -5.76
C ILE A 154 -0.87 -1.25 -6.93
N ILE A 155 -0.64 -2.55 -6.73
CA ILE A 155 -0.16 -3.45 -7.78
C ILE A 155 -0.99 -4.72 -7.79
N LYS A 156 -1.84 -4.86 -8.82
CA LYS A 156 -2.74 -5.98 -9.03
C LYS A 156 -3.67 -6.25 -7.84
N GLY A 157 -3.73 -5.32 -6.90
CA GLY A 157 -4.55 -5.46 -5.70
C GLY A 157 -3.70 -5.44 -4.44
N ILE A 158 -2.39 -5.23 -4.57
CA ILE A 158 -1.46 -5.18 -3.46
C ILE A 158 -1.02 -3.76 -3.23
N SER A 159 -1.47 -3.15 -2.13
CA SER A 159 -0.99 -1.84 -1.75
C SER A 159 0.50 -1.93 -1.44
N VAL A 160 1.31 -1.17 -2.17
CA VAL A 160 2.74 -1.08 -1.87
C VAL A 160 3.12 0.35 -1.49
N HIS A 161 4.19 0.46 -0.72
CA HIS A 161 4.63 1.73 -0.16
C HIS A 161 6.00 2.09 -0.72
N ILE A 162 5.99 2.85 -1.82
CA ILE A 162 7.23 3.34 -2.41
C ILE A 162 7.86 4.35 -1.46
N SER A 163 9.20 4.37 -1.39
CA SER A 163 9.91 5.29 -0.53
C SER A 163 11.27 5.61 -1.12
N ASN A 164 12.04 6.43 -0.41
CA ASN A 164 13.30 6.97 -0.90
C ASN A 164 14.43 5.97 -0.75
N ALA A 165 14.85 5.35 -1.87
CA ALA A 165 15.97 4.43 -1.88
C ALA A 165 17.24 5.14 -1.41
N GLU A 166 18.22 4.32 -1.04
CA GLU A 166 19.51 4.76 -0.55
C GLU A 166 20.58 3.91 -1.22
N PRO A 167 21.20 4.42 -2.29
CA PRO A 167 22.11 3.64 -3.12
C PRO A 167 23.32 3.15 -2.33
N LYS A 168 23.52 1.83 -2.39
CA LYS A 168 24.61 1.13 -1.71
C LYS A 168 25.86 1.00 -2.59
N HIS A 169 25.89 1.66 -3.75
CA HIS A 169 27.02 1.61 -4.67
C HIS A 169 27.17 2.90 -5.48
N ASN A 170 26.35 3.92 -5.19
CA ASN A 170 26.37 5.16 -5.94
C ASN A 170 25.86 6.31 -5.05
N SER A 171 25.89 7.54 -5.56
CA SER A 171 25.40 8.71 -4.85
C SER A 171 24.85 9.75 -5.82
N ASN A 172 24.08 10.72 -5.32
CA ASN A 172 23.59 11.82 -6.12
C ASN A 172 24.72 12.81 -6.43
N ARG A 173 24.44 13.78 -7.30
CA ARG A 173 25.42 14.80 -7.69
C ARG A 173 24.76 16.16 -7.88
N GLN A 174 23.48 16.26 -7.51
CA GLN A 174 22.69 17.47 -7.63
C GLN A 174 23.29 18.60 -6.78
N GLY A 1 -14.77 26.64 -3.89
CA GLY A 1 -14.39 25.30 -3.38
C GLY A 1 -15.23 24.93 -2.16
N SER A 2 -15.22 23.64 -1.81
CA SER A 2 -15.98 23.13 -0.66
C SER A 2 -15.32 21.86 -0.12
N HIS A 3 -15.83 21.37 1.02
CA HIS A 3 -15.32 20.19 1.72
C HIS A 3 -13.82 20.28 1.98
N MET A 4 -13.23 19.17 2.46
CA MET A 4 -11.81 19.09 2.78
C MET A 4 -11.31 17.67 2.53
N ALA A 5 -9.98 17.50 2.55
CA ALA A 5 -9.36 16.18 2.41
C ALA A 5 -7.91 16.22 2.87
N SER A 6 -7.25 15.06 2.86
CA SER A 6 -5.86 14.90 3.26
C SER A 6 -5.25 13.73 2.52
N LYS A 7 -3.97 13.42 2.77
CA LYS A 7 -3.32 12.28 2.15
C LYS A 7 -4.10 10.99 2.41
N THR A 8 -3.97 10.01 1.52
CA THR A 8 -4.70 8.76 1.61
C THR A 8 -3.75 7.59 1.82
N SER A 9 -4.25 6.57 2.51
CA SER A 9 -3.50 5.36 2.85
C SER A 9 -4.46 4.20 3.09
N ASP A 10 -3.93 3.01 3.34
CA ASP A 10 -4.77 1.84 3.59
C ASP A 10 -5.26 1.87 5.04
N LEU A 11 -6.56 1.62 5.25
CA LEU A 11 -7.11 1.47 6.58
C LEU A 11 -6.81 0.07 7.06
N ILE A 12 -6.46 -0.07 8.34
CA ILE A 12 -6.32 -1.38 8.93
C ILE A 12 -7.72 -1.91 9.24
N VAL A 13 -7.86 -3.23 9.24
CA VAL A 13 -9.12 -3.90 9.54
C VAL A 13 -8.89 -4.85 10.70
N LEU A 14 -9.06 -4.32 11.91
CA LEU A 14 -8.75 -5.02 13.15
C LEU A 14 -9.90 -5.90 13.62
N GLY A 15 -9.62 -6.83 14.54
CA GLY A 15 -10.64 -7.61 15.22
C GLY A 15 -11.31 -8.67 14.34
N LEU A 16 -10.68 -9.07 13.23
CA LEU A 16 -11.23 -10.11 12.37
C LEU A 16 -11.45 -11.40 13.15
N PRO A 17 -12.43 -12.22 12.74
CA PRO A 17 -12.78 -13.48 13.37
C PRO A 17 -11.75 -14.58 13.09
N TRP A 18 -10.58 -14.22 12.53
CA TRP A 18 -9.50 -15.16 12.23
C TRP A 18 -9.91 -16.24 11.22
N LYS A 19 -11.06 -16.10 10.55
CA LYS A 19 -11.54 -17.07 9.58
C LYS A 19 -12.12 -16.43 8.31
N THR A 20 -12.44 -15.14 8.35
CA THR A 20 -12.91 -14.40 7.18
C THR A 20 -11.81 -14.39 6.10
N THR A 21 -12.17 -13.99 4.88
CA THR A 21 -11.24 -13.90 3.76
C THR A 21 -11.16 -12.47 3.23
N GLU A 22 -10.22 -12.24 2.32
CA GLU A 22 -9.87 -10.91 1.85
C GLU A 22 -11.01 -10.27 1.06
N GLN A 23 -11.57 -11.03 0.11
CA GLN A 23 -12.64 -10.47 -0.67
C GLN A 23 -13.82 -10.12 0.23
N ASP A 24 -14.18 -11.00 1.17
CA ASP A 24 -15.31 -10.76 2.05
C ASP A 24 -15.24 -9.38 2.72
N LEU A 25 -14.04 -8.83 2.91
CA LEU A 25 -13.92 -7.46 3.40
C LEU A 25 -14.41 -6.50 2.33
N LYS A 26 -13.98 -6.66 1.07
CA LYS A 26 -14.45 -5.75 0.02
C LYS A 26 -15.94 -5.91 -0.26
N GLU A 27 -16.47 -7.14 -0.10
CA GLU A 27 -17.88 -7.45 -0.31
C GLU A 27 -18.80 -6.64 0.61
N TYR A 28 -18.24 -5.95 1.61
CA TYR A 28 -19.04 -5.15 2.53
C TYR A 28 -18.53 -3.71 2.59
N PHE A 29 -17.23 -3.50 2.40
CA PHE A 29 -16.67 -2.15 2.38
C PHE A 29 -17.27 -1.32 1.24
N SER A 30 -17.85 -1.98 0.23
CA SER A 30 -18.50 -1.30 -0.89
C SER A 30 -19.68 -0.42 -0.44
N THR A 31 -20.07 -0.49 0.84
CA THR A 31 -21.17 0.30 1.37
C THR A 31 -20.78 1.75 1.64
N PHE A 32 -19.49 2.09 1.51
CA PHE A 32 -19.00 3.43 1.80
C PHE A 32 -18.49 4.15 0.55
N GLY A 33 -18.01 3.39 -0.43
CA GLY A 33 -17.47 3.94 -1.67
C GLY A 33 -17.48 2.89 -2.77
N GLU A 34 -16.32 2.65 -3.37
CA GLU A 34 -16.18 1.70 -4.48
C GLU A 34 -15.06 0.70 -4.28
N VAL A 35 -14.32 0.83 -3.17
CA VAL A 35 -13.22 -0.05 -2.77
C VAL A 35 -12.26 -0.37 -3.91
N LEU A 36 -11.17 0.40 -4.02
CA LEU A 36 -10.16 0.16 -5.04
C LEU A 36 -9.59 -1.25 -4.87
N MET A 37 -9.34 -1.67 -3.63
CA MET A 37 -8.83 -3.02 -3.38
C MET A 37 -8.86 -3.37 -1.89
N VAL A 38 -8.48 -4.61 -1.58
CA VAL A 38 -8.32 -5.12 -0.23
C VAL A 38 -7.13 -6.07 -0.20
N GLN A 39 -6.49 -6.19 0.97
CA GLN A 39 -5.32 -7.02 1.13
C GLN A 39 -5.21 -7.48 2.58
N VAL A 40 -5.58 -8.73 2.86
CA VAL A 40 -5.51 -9.27 4.21
C VAL A 40 -4.04 -9.38 4.61
N LYS A 41 -3.75 -9.12 5.88
CA LYS A 41 -2.39 -9.20 6.39
C LYS A 41 -2.32 -10.16 7.57
N LYS A 42 -1.47 -11.18 7.37
CA LYS A 42 -1.36 -12.36 8.20
C LYS A 42 0.10 -12.71 8.46
N ASP A 43 0.31 -13.82 9.17
CA ASP A 43 1.63 -14.34 9.47
C ASP A 43 2.22 -14.97 8.21
N LEU A 44 3.51 -15.31 8.25
CA LEU A 44 4.26 -15.78 7.08
C LEU A 44 4.98 -17.10 7.38
N LYS A 45 5.13 -17.43 8.67
CA LYS A 45 5.78 -18.64 9.14
C LYS A 45 4.82 -19.53 9.91
N THR A 46 3.64 -18.99 10.25
CA THR A 46 2.56 -19.75 10.87
C THR A 46 1.32 -19.72 10.00
N GLY A 47 1.14 -18.62 9.24
CA GLY A 47 0.01 -18.45 8.34
C GLY A 47 -1.31 -18.35 9.09
N HIS A 48 -1.26 -18.24 10.43
CA HIS A 48 -2.47 -18.19 11.24
C HIS A 48 -3.16 -16.84 11.10
N SER A 49 -2.34 -15.78 11.08
CA SER A 49 -2.69 -14.38 10.85
C SER A 49 -2.25 -13.53 12.03
N LYS A 50 -1.78 -12.32 11.75
CA LYS A 50 -1.49 -11.33 12.77
C LYS A 50 -2.82 -10.87 13.37
N GLY A 51 -3.89 -10.94 12.57
CA GLY A 51 -5.23 -10.65 13.03
C GLY A 51 -5.92 -9.56 12.21
N PHE A 52 -5.38 -9.11 11.07
CA PHE A 52 -5.99 -7.93 10.46
C PHE A 52 -5.89 -7.90 8.94
N GLY A 53 -6.35 -6.79 8.34
CA GLY A 53 -6.33 -6.59 6.90
C GLY A 53 -6.14 -5.15 6.53
N PHE A 54 -6.18 -4.89 5.22
CA PHE A 54 -6.08 -3.57 4.65
C PHE A 54 -7.13 -3.40 3.57
N VAL A 55 -7.69 -2.20 3.52
CA VAL A 55 -8.63 -1.79 2.47
C VAL A 55 -8.27 -0.40 1.97
N ARG A 56 -8.65 -0.09 0.72
CA ARG A 56 -8.37 1.18 0.08
C ARG A 56 -9.58 1.63 -0.73
N PHE A 57 -9.87 2.93 -0.69
CA PHE A 57 -10.99 3.54 -1.38
C PHE A 57 -10.52 4.60 -2.37
N THR A 58 -11.44 5.03 -3.25
CA THR A 58 -11.16 5.97 -4.31
C THR A 58 -10.92 7.39 -3.80
N GLU A 59 -11.31 7.65 -2.55
CA GLU A 59 -11.16 8.95 -1.93
C GLU A 59 -10.79 8.87 -0.46
N TYR A 60 -10.42 10.02 0.12
CA TYR A 60 -10.01 10.12 1.50
C TYR A 60 -11.22 10.15 2.43
N GLU A 61 -12.31 10.79 2.01
CA GLU A 61 -13.52 10.86 2.80
C GLU A 61 -13.99 9.45 3.18
N THR A 62 -13.91 8.52 2.24
CA THR A 62 -14.33 7.15 2.46
C THR A 62 -13.40 6.41 3.42
N GLN A 63 -12.38 7.12 3.92
CA GLN A 63 -11.41 6.58 4.85
C GLN A 63 -11.53 7.28 6.20
N VAL A 64 -12.50 8.20 6.32
CA VAL A 64 -12.70 8.92 7.58
C VAL A 64 -14.13 8.78 8.10
N LYS A 65 -15.03 8.18 7.30
CA LYS A 65 -16.39 7.91 7.76
C LYS A 65 -16.54 6.46 8.24
N VAL A 66 -15.67 5.57 7.76
CA VAL A 66 -15.63 4.19 8.23
C VAL A 66 -15.16 4.12 9.67
N MET A 67 -14.16 4.92 10.02
CA MET A 67 -13.58 4.93 11.36
C MET A 67 -14.50 5.64 12.36
N SER A 68 -15.62 6.20 11.89
CA SER A 68 -16.56 6.87 12.77
C SER A 68 -17.29 5.87 13.65
N GLN A 69 -17.26 4.58 13.30
CA GLN A 69 -17.91 3.54 14.09
C GLN A 69 -17.38 2.15 13.72
N ARG A 70 -17.91 1.13 14.40
CA ARG A 70 -17.53 -0.26 14.19
C ARG A 70 -18.30 -0.87 13.02
N HIS A 71 -18.01 -2.13 12.71
CA HIS A 71 -18.65 -2.83 11.61
C HIS A 71 -18.79 -4.31 11.96
N MET A 72 -19.75 -4.99 11.33
CA MET A 72 -19.96 -6.41 11.56
C MET A 72 -19.52 -7.20 10.33
N ILE A 73 -18.51 -8.04 10.51
CA ILE A 73 -18.01 -8.91 9.47
C ILE A 73 -18.18 -10.37 9.85
N ASP A 74 -18.90 -11.11 9.00
CA ASP A 74 -19.14 -12.54 9.16
C ASP A 74 -19.78 -12.90 10.50
N GLY A 75 -20.27 -11.89 11.22
CA GLY A 75 -20.92 -12.07 12.51
C GLY A 75 -19.99 -11.71 13.67
N ARG A 76 -18.96 -10.89 13.39
CA ARG A 76 -17.97 -10.48 14.38
C ARG A 76 -17.76 -8.98 14.29
N TRP A 77 -17.83 -8.31 15.45
CA TRP A 77 -17.59 -6.89 15.53
C TRP A 77 -16.11 -6.62 15.33
N CYS A 78 -15.83 -5.68 14.43
CA CYS A 78 -14.48 -5.27 14.08
C CYS A 78 -14.41 -3.75 13.98
N ASP A 79 -13.21 -3.21 13.71
CA ASP A 79 -13.00 -1.78 13.59
C ASP A 79 -12.09 -1.49 12.40
N CYS A 80 -12.14 -0.23 11.94
CA CYS A 80 -11.33 0.23 10.82
C CYS A 80 -10.79 1.60 11.17
N LYS A 81 -9.52 1.83 10.86
CA LYS A 81 -8.84 3.08 11.21
C LYS A 81 -7.54 3.20 10.43
N LEU A 82 -6.75 4.25 10.71
CA LEU A 82 -5.46 4.46 10.07
C LEU A 82 -4.38 3.89 10.99
N PRO A 83 -3.34 3.28 10.40
CA PRO A 83 -2.27 2.61 11.12
C PRO A 83 -1.27 3.57 11.74
N ASN A 84 -0.34 3.00 12.50
CA ASN A 84 0.69 3.72 13.23
C ASN A 84 1.86 4.14 12.34
N SER A 85 1.70 4.07 11.02
CA SER A 85 2.79 4.34 10.08
C SER A 85 2.32 5.12 8.85
N LYS A 86 1.17 5.81 8.93
CA LYS A 86 0.59 6.53 7.81
C LYS A 86 0.04 7.88 8.24
N GLN A 87 -0.50 8.64 7.27
CA GLN A 87 -1.04 9.99 7.50
C GLN A 87 0.00 10.88 8.19
N SER A 88 1.28 10.64 7.88
CA SER A 88 2.39 11.34 8.52
C SER A 88 3.53 11.56 7.53
N GLN A 89 3.22 12.18 6.39
CA GLN A 89 4.18 12.46 5.32
C GLN A 89 4.05 13.89 4.84
N ASP A 90 5.00 14.33 4.01
CA ASP A 90 5.00 15.67 3.45
C ASP A 90 5.66 15.68 2.08
N GLU A 91 6.83 15.06 1.98
CA GLU A 91 7.58 15.01 0.73
C GLU A 91 8.72 13.98 0.78
N PRO A 92 9.02 13.34 -0.36
CA PRO A 92 10.16 12.46 -0.55
C PRO A 92 11.44 13.25 -0.88
N LEU A 93 12.47 12.55 -1.36
CA LEU A 93 13.73 13.15 -1.79
C LEU A 93 14.08 12.73 -3.20
N ARG A 94 15.13 13.34 -3.78
CA ARG A 94 15.46 13.12 -5.18
C ARG A 94 16.28 11.84 -5.40
N SER A 95 16.04 11.19 -6.54
CA SER A 95 16.79 10.04 -7.01
C SER A 95 16.18 9.54 -8.32
N ARG A 96 16.89 8.64 -9.01
CA ARG A 96 16.34 7.91 -10.16
C ARG A 96 15.78 6.57 -9.68
N LYS A 97 16.11 6.18 -8.44
CA LYS A 97 15.67 4.92 -7.87
C LYS A 97 14.59 5.16 -6.83
N VAL A 98 13.80 4.10 -6.58
CA VAL A 98 12.79 4.07 -5.55
C VAL A 98 12.90 2.77 -4.78
N PHE A 99 12.19 2.69 -3.66
CA PHE A 99 12.19 1.53 -2.80
C PHE A 99 10.74 1.11 -2.57
N VAL A 100 10.51 -0.16 -2.26
CA VAL A 100 9.18 -0.69 -2.05
C VAL A 100 9.12 -1.35 -0.67
N GLY A 101 7.98 -1.28 0.00
CA GLY A 101 7.80 -1.89 1.30
C GLY A 101 6.42 -2.51 1.43
N ARG A 102 6.25 -3.33 2.48
CA ARG A 102 5.01 -4.05 2.77
C ARG A 102 4.70 -5.03 1.61
N CYS A 103 5.73 -5.33 0.82
CA CYS A 103 5.64 -6.16 -0.38
C CYS A 103 5.13 -7.56 -0.07
N THR A 104 4.78 -8.31 -1.12
CA THR A 104 4.30 -9.68 -1.01
C THR A 104 4.88 -10.52 -2.13
N GLU A 105 4.77 -11.85 -1.98
CA GLU A 105 5.28 -12.78 -2.98
C GLU A 105 4.35 -12.87 -4.18
N ASP A 106 3.21 -12.16 -4.14
CA ASP A 106 2.23 -12.19 -5.22
C ASP A 106 2.74 -11.47 -6.46
N MET A 107 3.70 -10.55 -6.30
CA MET A 107 4.30 -9.82 -7.41
C MET A 107 5.76 -10.20 -7.61
N THR A 108 6.40 -9.60 -8.63
CA THR A 108 7.78 -9.88 -8.98
C THR A 108 8.42 -8.71 -9.73
N GLU A 109 9.70 -8.83 -10.07
CA GLU A 109 10.50 -7.79 -10.71
C GLU A 109 9.83 -7.22 -11.96
N ASP A 110 9.49 -8.08 -12.90
CA ASP A 110 8.86 -7.67 -14.15
C ASP A 110 7.52 -6.96 -13.90
N GLU A 111 6.72 -7.49 -12.98
CA GLU A 111 5.40 -6.93 -12.71
C GLU A 111 5.49 -5.55 -12.07
N LEU A 112 6.58 -5.27 -11.35
CA LEU A 112 6.80 -3.95 -10.77
C LEU A 112 7.06 -2.97 -11.91
N ARG A 113 8.11 -3.20 -12.70
CA ARG A 113 8.42 -2.41 -13.88
C ARG A 113 7.22 -2.23 -14.81
N GLU A 114 6.35 -3.23 -14.91
CA GLU A 114 5.24 -3.22 -15.85
C GLU A 114 4.11 -2.30 -15.38
N PHE A 115 4.15 -1.92 -14.11
CA PHE A 115 3.16 -1.06 -13.51
C PHE A 115 3.75 0.32 -13.20
N PHE A 116 5.06 0.40 -12.99
CA PHE A 116 5.72 1.67 -12.73
C PHE A 116 5.94 2.46 -14.01
N SER A 117 5.96 1.79 -15.17
CA SER A 117 6.19 2.47 -16.45
C SER A 117 5.04 3.38 -16.86
N GLN A 118 3.89 3.28 -16.19
CA GLN A 118 2.76 4.13 -16.54
C GLN A 118 3.01 5.59 -16.15
N TYR A 119 3.84 5.80 -15.13
CA TYR A 119 4.14 7.14 -14.63
C TYR A 119 5.25 7.83 -15.44
N GLY A 120 5.95 7.08 -16.29
CA GLY A 120 6.93 7.66 -17.19
C GLY A 120 7.69 6.55 -17.92
N ASP A 121 8.80 6.08 -17.32
CA ASP A 121 9.52 4.94 -17.85
C ASP A 121 10.39 4.31 -16.77
N VAL A 122 10.61 3.00 -16.88
CA VAL A 122 11.40 2.23 -15.93
C VAL A 122 12.63 1.67 -16.61
N MET A 123 13.77 1.70 -15.90
CA MET A 123 15.03 1.21 -16.42
C MET A 123 15.24 -0.24 -16.01
N ASP A 124 14.90 -0.58 -14.75
CA ASP A 124 15.10 -1.92 -14.23
C ASP A 124 14.44 -2.08 -12.85
N VAL A 125 14.39 -3.31 -12.36
CA VAL A 125 13.88 -3.64 -11.05
C VAL A 125 14.84 -4.62 -10.39
N PHE A 126 14.95 -4.56 -9.06
CA PHE A 126 15.85 -5.44 -8.33
C PHE A 126 15.21 -5.89 -7.02
N ILE A 127 15.41 -7.17 -6.68
CA ILE A 127 14.91 -7.76 -5.45
C ILE A 127 15.93 -8.80 -4.97
N PRO A 128 16.48 -8.64 -3.76
CA PRO A 128 17.42 -9.58 -3.18
C PRO A 128 16.69 -10.86 -2.75
N LYS A 129 17.41 -11.83 -2.19
CA LYS A 129 16.81 -13.10 -1.80
C LYS A 129 17.35 -13.60 -0.45
N PRO A 130 16.61 -14.47 0.24
CA PRO A 130 15.26 -14.92 -0.14
C PRO A 130 14.26 -13.77 -0.06
N PHE A 131 13.06 -14.00 -0.58
CA PHE A 131 12.02 -12.99 -0.67
C PHE A 131 11.75 -12.32 0.68
N ARG A 132 11.56 -10.99 0.67
CA ARG A 132 11.25 -10.19 1.84
C ARG A 132 10.26 -9.09 1.47
N ALA A 133 9.78 -8.35 2.48
CA ALA A 133 8.73 -7.35 2.35
C ALA A 133 9.16 -6.08 1.61
N PHE A 134 10.21 -6.12 0.78
CA PHE A 134 10.70 -4.93 0.11
C PHE A 134 11.29 -5.23 -1.28
N ALA A 135 11.64 -4.17 -2.00
CA ALA A 135 12.19 -4.22 -3.35
C ALA A 135 12.77 -2.85 -3.73
N PHE A 136 13.31 -2.76 -4.94
CA PHE A 136 13.83 -1.51 -5.50
C PHE A 136 13.54 -1.44 -7.00
N VAL A 137 13.44 -0.22 -7.55
CA VAL A 137 13.20 -0.02 -8.98
C VAL A 137 13.93 1.24 -9.43
N THR A 138 14.33 1.28 -10.70
CA THR A 138 14.98 2.46 -11.28
C THR A 138 14.10 3.07 -12.37
N PHE A 139 14.09 4.41 -12.45
CA PHE A 139 13.29 5.15 -13.41
C PHE A 139 14.20 5.90 -14.40
N ALA A 140 13.59 6.37 -15.50
CA ALA A 140 14.29 7.05 -16.58
C ALA A 140 14.52 8.52 -16.28
N ASP A 141 13.90 9.02 -15.21
CA ASP A 141 14.04 10.41 -14.82
C ASP A 141 14.17 10.52 -13.30
N ASP A 142 14.90 11.55 -12.85
CA ASP A 142 15.15 11.75 -11.44
C ASP A 142 13.99 12.48 -10.76
N GLN A 143 12.90 12.72 -11.51
CA GLN A 143 11.75 13.42 -10.99
C GLN A 143 10.55 12.48 -10.85
N ILE A 144 10.50 11.41 -11.66
CA ILE A 144 9.43 10.42 -11.55
C ILE A 144 9.61 9.64 -10.26
N ALA A 145 10.85 9.28 -9.94
CA ALA A 145 11.18 8.56 -8.72
C ALA A 145 11.20 9.48 -7.50
N GLN A 146 10.78 10.75 -7.68
CA GLN A 146 10.69 11.73 -6.63
C GLN A 146 9.26 12.29 -6.58
N SER A 147 8.38 11.78 -7.45
CA SER A 147 6.98 12.17 -7.51
C SER A 147 6.07 10.96 -7.38
N LEU A 148 6.65 9.82 -6.97
CA LEU A 148 5.93 8.56 -6.77
C LEU A 148 6.20 8.01 -5.37
N CYS A 149 7.24 8.53 -4.70
CA CYS A 149 7.63 8.07 -3.38
C CYS A 149 6.62 8.56 -2.34
N GLY A 150 6.28 7.68 -1.39
CA GLY A 150 5.33 7.97 -0.33
C GLY A 150 3.87 7.96 -0.78
N GLU A 151 3.58 7.63 -2.04
CA GLU A 151 2.24 7.74 -2.58
C GLU A 151 1.40 6.46 -2.38
N ASP A 152 1.91 5.50 -1.61
CA ASP A 152 1.23 4.24 -1.30
C ASP A 152 0.53 3.63 -2.53
N LEU A 153 1.36 3.14 -3.47
CA LEU A 153 0.92 2.59 -4.74
C LEU A 153 0.18 1.26 -4.54
N ILE A 154 -0.31 0.67 -5.64
CA ILE A 154 -1.02 -0.60 -5.60
C ILE A 154 -0.61 -1.44 -6.80
N ILE A 155 -0.44 -2.75 -6.59
CA ILE A 155 0.00 -3.66 -7.65
C ILE A 155 -0.85 -4.93 -7.63
N LYS A 156 -1.71 -5.09 -8.65
CA LYS A 156 -2.63 -6.20 -8.84
C LYS A 156 -3.57 -6.43 -7.66
N GLY A 157 -3.59 -5.51 -6.70
CA GLY A 157 -4.40 -5.65 -5.49
C GLY A 157 -3.54 -5.66 -4.23
N ILE A 158 -2.23 -5.39 -4.38
CA ILE A 158 -1.31 -5.33 -3.26
C ILE A 158 -0.86 -3.89 -3.09
N SER A 159 -1.39 -3.20 -2.07
CA SER A 159 -0.93 -1.87 -1.74
C SER A 159 0.52 -1.94 -1.28
N VAL A 160 1.42 -1.27 -2.00
CA VAL A 160 2.82 -1.22 -1.60
C VAL A 160 3.23 0.20 -1.24
N HIS A 161 4.08 0.31 -0.22
CA HIS A 161 4.55 1.58 0.29
C HIS A 161 5.87 1.94 -0.39
N ILE A 162 5.80 2.66 -1.51
CA ILE A 162 7.00 3.17 -2.15
C ILE A 162 7.60 4.21 -1.22
N SER A 163 8.93 4.25 -1.13
CA SER A 163 9.63 5.16 -0.23
C SER A 163 11.01 5.49 -0.77
N ASN A 164 11.79 6.23 0.03
CA ASN A 164 13.05 6.79 -0.40
C ASN A 164 14.17 5.77 -0.33
N ALA A 165 14.57 5.22 -1.48
CA ALA A 165 15.67 4.29 -1.54
C ALA A 165 16.95 4.96 -1.07
N GLU A 166 17.91 4.12 -0.71
CA GLU A 166 19.23 4.50 -0.24
C GLU A 166 20.24 3.69 -1.03
N PRO A 167 20.42 4.01 -2.33
CA PRO A 167 21.23 3.24 -3.24
C PRO A 167 22.69 3.22 -2.82
N LYS A 168 23.23 2.01 -2.68
CA LYS A 168 24.64 1.77 -2.44
C LYS A 168 25.51 2.10 -3.66
N HIS A 169 24.96 2.89 -4.59
CA HIS A 169 25.63 3.36 -5.80
C HIS A 169 24.90 4.62 -6.30
N ASN A 170 25.44 5.25 -7.35
CA ASN A 170 24.86 6.43 -8.02
C ASN A 170 24.64 7.65 -7.10
N SER A 171 25.11 7.57 -5.86
CA SER A 171 25.08 8.64 -4.86
C SER A 171 23.79 9.47 -4.83
N ASN A 172 22.63 8.88 -5.15
CA ASN A 172 21.36 9.60 -5.12
C ASN A 172 21.32 10.84 -6.03
N ARG A 173 22.36 11.07 -6.83
CA ARG A 173 22.53 12.24 -7.66
C ARG A 173 22.08 13.54 -6.98
N GLN A 174 22.38 13.66 -5.68
CA GLN A 174 22.07 14.85 -4.89
C GLN A 174 22.60 16.10 -5.56
N GLY A 1 -20.43 25.39 -4.36
CA GLY A 1 -20.05 25.10 -2.96
C GLY A 1 -18.55 24.86 -2.84
N SER A 2 -18.15 24.11 -1.80
CA SER A 2 -16.75 23.81 -1.53
C SER A 2 -16.62 22.43 -0.88
N HIS A 3 -15.39 21.93 -0.81
CA HIS A 3 -15.08 20.63 -0.24
C HIS A 3 -13.71 20.66 0.44
N MET A 4 -13.34 19.57 1.10
CA MET A 4 -12.05 19.45 1.78
C MET A 4 -11.55 18.01 1.72
N ALA A 5 -10.25 17.82 1.95
CA ALA A 5 -9.63 16.50 2.00
C ALA A 5 -8.22 16.61 2.57
N SER A 6 -7.54 15.47 2.71
CA SER A 6 -6.17 15.41 3.21
C SER A 6 -5.46 14.20 2.61
N LYS A 7 -4.20 14.00 3.01
CA LYS A 7 -3.39 12.87 2.56
C LYS A 7 -4.11 11.55 2.78
N THR A 8 -3.94 10.60 1.86
CA THR A 8 -4.64 9.32 1.91
C THR A 8 -3.67 8.18 2.14
N SER A 9 -4.21 7.08 2.64
CA SER A 9 -3.47 5.87 2.97
C SER A 9 -4.45 4.74 3.23
N ASP A 10 -3.96 3.52 3.53
CA ASP A 10 -4.86 2.41 3.79
C ASP A 10 -5.29 2.44 5.25
N LEU A 11 -6.49 1.94 5.53
CA LEU A 11 -6.94 1.75 6.90
C LEU A 11 -6.74 0.29 7.27
N ILE A 12 -6.30 0.06 8.51
CA ILE A 12 -6.17 -1.29 9.02
C ILE A 12 -7.56 -1.82 9.35
N VAL A 13 -7.68 -3.14 9.39
CA VAL A 13 -8.93 -3.83 9.72
C VAL A 13 -8.63 -4.80 10.86
N LEU A 14 -8.92 -4.37 12.09
CA LEU A 14 -8.55 -5.11 13.28
C LEU A 14 -9.71 -5.91 13.83
N GLY A 15 -9.43 -7.04 14.49
CA GLY A 15 -10.47 -7.83 15.14
C GLY A 15 -11.03 -8.93 14.23
N LEU A 16 -10.40 -9.17 13.08
CA LEU A 16 -10.86 -10.21 12.16
C LEU A 16 -10.87 -11.58 12.85
N PRO A 17 -11.74 -12.49 12.39
CA PRO A 17 -11.87 -13.84 12.94
C PRO A 17 -10.72 -14.75 12.53
N TRP A 18 -9.64 -14.19 11.98
CA TRP A 18 -8.47 -14.92 11.51
C TRP A 18 -8.80 -15.98 10.46
N LYS A 19 -9.99 -15.91 9.85
CA LYS A 19 -10.42 -16.90 8.86
C LYS A 19 -11.12 -16.30 7.64
N THR A 20 -11.62 -15.06 7.75
CA THR A 20 -12.24 -14.39 6.62
C THR A 20 -11.28 -14.30 5.44
N THR A 21 -11.81 -14.34 4.22
CA THR A 21 -11.01 -14.14 3.01
C THR A 21 -10.73 -12.64 2.85
N GLU A 22 -10.21 -12.23 1.70
CA GLU A 22 -9.88 -10.84 1.43
C GLU A 22 -11.02 -10.12 0.72
N GLN A 23 -11.63 -10.79 -0.26
CA GLN A 23 -12.69 -10.14 -1.01
C GLN A 23 -13.85 -9.82 -0.08
N ASP A 24 -14.24 -10.75 0.79
CA ASP A 24 -15.36 -10.54 1.71
C ASP A 24 -15.27 -9.19 2.43
N LEU A 25 -14.06 -8.67 2.64
CA LEU A 25 -13.91 -7.33 3.20
C LEU A 25 -14.38 -6.30 2.17
N LYS A 26 -13.90 -6.41 0.92
CA LYS A 26 -14.29 -5.44 -0.10
C LYS A 26 -15.77 -5.57 -0.48
N GLU A 27 -16.32 -6.78 -0.41
CA GLU A 27 -17.72 -7.06 -0.72
C GLU A 27 -18.67 -6.25 0.15
N TYR A 28 -18.17 -5.66 1.25
CA TYR A 28 -19.02 -4.88 2.13
C TYR A 28 -18.46 -3.47 2.33
N PHE A 29 -17.14 -3.29 2.26
CA PHE A 29 -16.56 -1.96 2.35
C PHE A 29 -17.02 -1.07 1.19
N SER A 30 -17.60 -1.67 0.15
CA SER A 30 -18.20 -0.95 -0.96
C SER A 30 -19.39 -0.10 -0.52
N THR A 31 -19.84 -0.26 0.73
CA THR A 31 -20.94 0.53 1.27
C THR A 31 -20.51 1.97 1.60
N PHE A 32 -19.21 2.27 1.48
CA PHE A 32 -18.68 3.59 1.80
C PHE A 32 -18.16 4.31 0.56
N GLY A 33 -17.66 3.56 -0.43
CA GLY A 33 -17.15 4.13 -1.66
C GLY A 33 -17.10 3.08 -2.77
N GLU A 34 -15.94 2.90 -3.38
CA GLU A 34 -15.77 1.97 -4.49
C GLU A 34 -14.62 0.99 -4.23
N VAL A 35 -13.92 1.16 -3.11
CA VAL A 35 -12.83 0.30 -2.64
C VAL A 35 -11.84 -0.06 -3.74
N LEU A 36 -10.79 0.77 -3.89
CA LEU A 36 -9.75 0.50 -4.87
C LEU A 36 -9.18 -0.89 -4.66
N MET A 37 -8.98 -1.31 -3.40
CA MET A 37 -8.48 -2.65 -3.12
C MET A 37 -8.61 -2.99 -1.63
N VAL A 38 -8.25 -4.24 -1.32
CA VAL A 38 -8.19 -4.78 0.03
C VAL A 38 -7.02 -5.77 0.09
N GLN A 39 -6.43 -5.94 1.27
CA GLN A 39 -5.31 -6.86 1.42
C GLN A 39 -5.22 -7.34 2.86
N VAL A 40 -5.70 -8.55 3.14
CA VAL A 40 -5.57 -9.15 4.45
C VAL A 40 -4.09 -9.34 4.72
N LYS A 41 -3.64 -8.88 5.88
CA LYS A 41 -2.22 -8.88 6.21
C LYS A 41 -1.95 -9.72 7.45
N LYS A 42 -0.87 -10.49 7.37
CA LYS A 42 -0.45 -11.47 8.36
C LYS A 42 1.04 -11.77 8.17
N ASP A 43 1.54 -12.78 8.88
CA ASP A 43 2.95 -13.11 8.88
C ASP A 43 3.39 -13.63 7.52
N LEU A 44 4.69 -13.73 7.30
CA LEU A 44 5.26 -14.16 6.03
C LEU A 44 5.74 -15.60 6.14
N LYS A 45 5.84 -16.11 7.37
CA LYS A 45 6.31 -17.45 7.65
C LYS A 45 5.26 -18.31 8.35
N THR A 46 4.20 -17.68 8.86
CA THR A 46 3.08 -18.38 9.51
C THR A 46 1.75 -18.05 8.85
N GLY A 47 1.65 -16.86 8.26
CA GLY A 47 0.40 -16.38 7.69
C GLY A 47 -0.68 -16.24 8.77
N HIS A 48 -0.28 -16.11 10.04
CA HIS A 48 -1.21 -16.17 11.16
C HIS A 48 -0.81 -15.29 12.35
N SER A 49 -0.05 -14.22 12.16
CA SER A 49 0.48 -13.47 13.30
C SER A 49 0.25 -11.96 13.27
N LYS A 50 -0.61 -11.42 12.39
CA LYS A 50 -0.96 -10.01 12.48
C LYS A 50 -2.47 -9.82 12.58
N GLY A 51 -3.26 -10.86 12.30
CA GLY A 51 -4.69 -10.89 12.54
C GLY A 51 -5.46 -9.69 11.99
N PHE A 52 -5.01 -9.08 10.89
CA PHE A 52 -5.64 -7.86 10.41
C PHE A 52 -5.66 -7.77 8.90
N GLY A 53 -6.08 -6.62 8.37
CA GLY A 53 -6.13 -6.37 6.94
C GLY A 53 -5.94 -4.91 6.63
N PHE A 54 -6.04 -4.61 5.33
CA PHE A 54 -5.97 -3.26 4.83
C PHE A 54 -7.05 -3.07 3.79
N VAL A 55 -7.60 -1.87 3.77
CA VAL A 55 -8.56 -1.43 2.76
C VAL A 55 -8.17 -0.02 2.28
N ARG A 56 -8.46 0.26 1.01
CA ARG A 56 -8.12 1.54 0.39
C ARG A 56 -9.25 1.97 -0.53
N PHE A 57 -9.44 3.30 -0.64
CA PHE A 57 -10.57 3.88 -1.33
C PHE A 57 -10.11 4.97 -2.32
N THR A 58 -11.04 5.41 -3.17
CA THR A 58 -10.78 6.39 -4.22
C THR A 58 -10.64 7.81 -3.70
N GLU A 59 -11.06 8.04 -2.45
CA GLU A 59 -10.98 9.35 -1.82
C GLU A 59 -10.64 9.27 -0.34
N TYR A 60 -10.36 10.43 0.25
CA TYR A 60 -9.97 10.54 1.64
C TYR A 60 -11.19 10.49 2.56
N GLU A 61 -12.29 11.12 2.15
CA GLU A 61 -13.51 11.12 2.94
C GLU A 61 -13.95 9.69 3.26
N THR A 62 -13.86 8.80 2.28
CA THR A 62 -14.24 7.42 2.46
C THR A 62 -13.31 6.69 3.42
N GLN A 63 -12.28 7.39 3.88
CA GLN A 63 -11.26 6.82 4.75
C GLN A 63 -11.40 7.43 6.16
N VAL A 64 -12.36 8.34 6.35
CA VAL A 64 -12.56 8.97 7.64
C VAL A 64 -13.98 8.75 8.17
N LYS A 65 -14.88 8.18 7.35
CA LYS A 65 -16.21 7.85 7.81
C LYS A 65 -16.33 6.38 8.22
N VAL A 66 -15.43 5.53 7.71
CA VAL A 66 -15.35 4.14 8.12
C VAL A 66 -14.89 4.02 9.57
N MET A 67 -13.89 4.82 9.95
CA MET A 67 -13.34 4.81 11.30
C MET A 67 -14.28 5.48 12.29
N SER A 68 -15.42 5.99 11.83
CA SER A 68 -16.39 6.62 12.71
C SER A 68 -17.09 5.58 13.57
N GLN A 69 -17.04 4.30 13.16
CA GLN A 69 -17.68 3.23 13.91
C GLN A 69 -17.10 1.86 13.51
N ARG A 70 -17.61 0.81 14.13
CA ARG A 70 -17.20 -0.57 13.90
C ARG A 70 -17.87 -1.15 12.66
N HIS A 71 -17.55 -2.41 12.35
CA HIS A 71 -18.09 -3.08 11.17
C HIS A 71 -18.26 -4.57 11.45
N MET A 72 -19.21 -5.21 10.77
CA MET A 72 -19.43 -6.64 10.93
C MET A 72 -19.00 -7.34 9.65
N ILE A 73 -17.96 -8.17 9.78
CA ILE A 73 -17.42 -8.93 8.66
C ILE A 73 -17.36 -10.40 9.03
N ASP A 74 -17.93 -11.22 8.14
CA ASP A 74 -18.01 -12.67 8.31
C ASP A 74 -18.76 -13.07 9.59
N GLY A 75 -19.48 -12.12 10.19
CA GLY A 75 -20.25 -12.36 11.40
C GLY A 75 -19.41 -12.07 12.64
N ARG A 76 -18.38 -11.23 12.50
CA ARG A 76 -17.47 -10.87 13.58
C ARG A 76 -17.28 -9.36 13.59
N TRP A 77 -17.41 -8.76 14.77
CA TRP A 77 -17.18 -7.33 14.93
C TRP A 77 -15.70 -7.02 14.81
N CYS A 78 -15.40 -6.04 13.95
CA CYS A 78 -14.06 -5.57 13.71
C CYS A 78 -14.05 -4.05 13.66
N ASP A 79 -12.85 -3.45 13.56
CA ASP A 79 -12.71 -2.01 13.56
C ASP A 79 -11.80 -1.59 12.40
N CYS A 80 -11.87 -0.31 12.03
CA CYS A 80 -11.01 0.24 10.99
C CYS A 80 -10.50 1.58 11.46
N LYS A 81 -9.22 1.86 11.21
CA LYS A 81 -8.58 3.09 11.68
C LYS A 81 -7.30 3.35 10.91
N LEU A 82 -6.61 4.44 11.26
CA LEU A 82 -5.38 4.85 10.60
C LEU A 82 -4.20 4.21 11.34
N PRO A 83 -3.32 3.49 10.63
CA PRO A 83 -2.18 2.82 11.25
C PRO A 83 -1.15 3.78 11.82
N ASN A 84 -0.24 3.21 12.61
CA ASN A 84 0.84 3.91 13.29
C ASN A 84 2.02 4.22 12.36
N SER A 85 1.80 4.16 11.04
CA SER A 85 2.87 4.35 10.07
C SER A 85 2.41 5.16 8.86
N LYS A 86 1.27 5.87 8.96
CA LYS A 86 0.72 6.63 7.84
C LYS A 86 0.16 7.95 8.35
N GLN A 87 -0.34 8.79 7.44
CA GLN A 87 -0.90 10.10 7.78
C GLN A 87 0.11 10.92 8.61
N SER A 88 1.41 10.66 8.39
CA SER A 88 2.48 11.28 9.17
C SER A 88 3.69 11.55 8.27
N GLN A 89 3.42 12.13 7.10
CA GLN A 89 4.43 12.49 6.12
C GLN A 89 4.03 13.81 5.43
N ASP A 90 4.94 14.39 4.64
CA ASP A 90 4.69 15.65 3.99
C ASP A 90 5.21 15.66 2.55
N GLU A 91 6.41 15.11 2.30
CA GLU A 91 6.96 15.05 0.95
C GLU A 91 8.12 14.06 0.86
N PRO A 92 8.30 13.44 -0.31
CA PRO A 92 9.44 12.58 -0.64
C PRO A 92 10.65 13.42 -1.05
N LEU A 93 11.65 12.77 -1.66
CA LEU A 93 12.85 13.45 -2.15
C LEU A 93 13.13 13.06 -3.61
N ARG A 94 14.08 13.73 -4.24
CA ARG A 94 14.38 13.53 -5.65
C ARG A 94 15.29 12.34 -5.88
N SER A 95 15.01 11.56 -6.93
CA SER A 95 15.80 10.41 -7.34
C SER A 95 15.18 9.74 -8.56
N ARG A 96 15.84 8.70 -9.09
CA ARG A 96 15.26 7.83 -10.10
C ARG A 96 15.03 6.44 -9.55
N LYS A 97 15.75 6.07 -8.48
CA LYS A 97 15.51 4.82 -7.78
C LYS A 97 14.56 5.10 -6.63
N VAL A 98 13.67 4.14 -6.36
CA VAL A 98 12.79 4.22 -5.20
C VAL A 98 12.67 2.84 -4.56
N PHE A 99 12.17 2.83 -3.32
CA PHE A 99 12.08 1.63 -2.52
C PHE A 99 10.64 1.17 -2.53
N VAL A 100 10.41 -0.10 -2.22
CA VAL A 100 9.06 -0.65 -2.14
C VAL A 100 8.97 -1.47 -0.87
N GLY A 101 7.79 -1.47 -0.23
CA GLY A 101 7.59 -2.17 1.02
C GLY A 101 6.21 -2.81 1.11
N ARG A 102 6.00 -3.58 2.18
CA ARG A 102 4.79 -4.38 2.42
C ARG A 102 4.58 -5.37 1.27
N CYS A 103 5.65 -5.64 0.50
CA CYS A 103 5.62 -6.47 -0.69
C CYS A 103 5.11 -7.87 -0.40
N THR A 104 4.72 -8.60 -1.44
CA THR A 104 4.17 -9.94 -1.32
C THR A 104 4.63 -10.79 -2.49
N GLU A 105 4.49 -12.11 -2.35
CA GLU A 105 4.90 -13.05 -3.39
C GLU A 105 3.87 -13.09 -4.53
N ASP A 106 2.76 -12.35 -4.39
CA ASP A 106 1.73 -12.29 -5.41
C ASP A 106 2.20 -11.52 -6.64
N MET A 107 3.28 -10.74 -6.49
CA MET A 107 3.90 -10.02 -7.60
C MET A 107 5.37 -10.42 -7.78
N THR A 108 6.01 -9.85 -8.79
CA THR A 108 7.42 -10.12 -9.09
C THR A 108 8.04 -8.95 -9.86
N GLU A 109 9.33 -9.10 -10.19
CA GLU A 109 10.15 -8.06 -10.80
C GLU A 109 9.53 -7.50 -12.10
N ASP A 110 9.25 -8.38 -13.04
CA ASP A 110 8.69 -7.99 -14.32
C ASP A 110 7.30 -7.36 -14.16
N GLU A 111 6.47 -7.91 -13.28
CA GLU A 111 5.14 -7.41 -13.06
C GLU A 111 5.15 -6.02 -12.42
N LEU A 112 6.19 -5.72 -11.65
CA LEU A 112 6.36 -4.40 -11.06
C LEU A 112 6.71 -3.40 -12.15
N ARG A 113 7.72 -3.70 -12.99
CA ARG A 113 8.10 -2.83 -14.08
C ARG A 113 6.95 -2.62 -15.06
N GLU A 114 6.06 -3.61 -15.17
CA GLU A 114 4.93 -3.55 -16.11
C GLU A 114 3.81 -2.68 -15.57
N PHE A 115 3.84 -2.40 -14.27
CA PHE A 115 2.86 -1.55 -13.61
C PHE A 115 3.45 -0.16 -13.37
N PHE A 116 4.75 -0.08 -13.08
CA PHE A 116 5.42 1.19 -12.83
C PHE A 116 5.56 2.00 -14.12
N SER A 117 5.58 1.34 -15.28
CA SER A 117 5.74 2.02 -16.56
C SER A 117 4.56 2.93 -16.92
N GLN A 118 3.44 2.82 -16.21
CA GLN A 118 2.28 3.65 -16.51
C GLN A 118 2.55 5.11 -16.17
N TYR A 119 3.45 5.36 -15.21
CA TYR A 119 3.76 6.71 -14.76
C TYR A 119 4.77 7.40 -15.67
N GLY A 120 5.44 6.64 -16.56
CA GLY A 120 6.34 7.22 -17.55
C GLY A 120 7.18 6.14 -18.21
N ASP A 121 8.28 5.76 -17.57
CA ASP A 121 9.10 4.65 -18.05
C ASP A 121 9.94 4.07 -16.92
N VAL A 122 10.24 2.77 -17.03
CA VAL A 122 11.00 2.03 -16.02
C VAL A 122 12.28 1.49 -16.63
N MET A 123 13.39 1.66 -15.91
CA MET A 123 14.68 1.17 -16.37
C MET A 123 14.88 -0.28 -15.92
N ASP A 124 14.46 -0.59 -14.69
CA ASP A 124 14.61 -1.93 -14.13
C ASP A 124 13.88 -2.04 -12.79
N VAL A 125 13.83 -3.26 -12.26
CA VAL A 125 13.28 -3.58 -10.96
C VAL A 125 14.21 -4.61 -10.32
N PHE A 126 14.37 -4.54 -9.00
CA PHE A 126 15.24 -5.47 -8.30
C PHE A 126 14.61 -5.97 -7.00
N ILE A 127 14.81 -7.26 -6.75
CA ILE A 127 14.31 -7.94 -5.56
C ILE A 127 15.33 -9.01 -5.18
N PRO A 128 15.97 -8.90 -4.01
CA PRO A 128 16.93 -9.88 -3.53
C PRO A 128 16.19 -11.15 -3.08
N LYS A 129 16.95 -12.22 -2.80
CA LYS A 129 16.35 -13.50 -2.44
C LYS A 129 16.90 -13.99 -1.11
N PRO A 130 16.11 -14.81 -0.39
CA PRO A 130 14.75 -15.19 -0.74
C PRO A 130 13.79 -14.00 -0.57
N PHE A 131 12.54 -14.19 -1.03
CA PHE A 131 11.54 -13.15 -1.04
C PHE A 131 11.36 -12.53 0.36
N ARG A 132 11.19 -11.21 0.39
CA ARG A 132 11.02 -10.44 1.63
C ARG A 132 10.04 -9.29 1.41
N ALA A 133 9.73 -8.58 2.50
CA ALA A 133 8.70 -7.55 2.55
C ALA A 133 9.04 -6.27 1.77
N PHE A 134 10.04 -6.29 0.88
CA PHE A 134 10.50 -5.09 0.20
C PHE A 134 11.04 -5.38 -1.20
N ALA A 135 11.55 -4.31 -1.84
CA ALA A 135 12.03 -4.33 -3.22
C ALA A 135 12.51 -2.93 -3.62
N PHE A 136 12.95 -2.80 -4.87
CA PHE A 136 13.37 -1.54 -5.48
C PHE A 136 12.91 -1.48 -6.93
N VAL A 137 12.94 -0.27 -7.51
CA VAL A 137 12.67 -0.05 -8.93
C VAL A 137 13.39 1.21 -9.38
N THR A 138 13.73 1.28 -10.67
CA THR A 138 14.38 2.45 -11.24
C THR A 138 13.53 3.04 -12.36
N PHE A 139 13.44 4.37 -12.40
CA PHE A 139 12.68 5.10 -13.41
C PHE A 139 13.60 5.82 -14.38
N ALA A 140 13.03 6.27 -15.50
CA ALA A 140 13.77 6.95 -16.56
C ALA A 140 13.95 8.43 -16.25
N ASP A 141 13.21 8.96 -15.29
CA ASP A 141 13.28 10.38 -14.96
C ASP A 141 13.34 10.62 -13.46
N ASP A 142 13.96 11.74 -13.07
CA ASP A 142 14.13 12.13 -11.67
C ASP A 142 12.89 12.82 -11.12
N GLN A 143 11.78 12.78 -11.87
CA GLN A 143 10.54 13.45 -11.47
C GLN A 143 9.37 12.48 -11.39
N ILE A 144 9.43 11.36 -12.11
CA ILE A 144 8.38 10.35 -12.04
C ILE A 144 8.44 9.65 -10.70
N ALA A 145 9.65 9.27 -10.28
CA ALA A 145 9.87 8.61 -9.01
C ALA A 145 9.50 9.54 -7.85
N GLN A 146 9.91 10.80 -7.95
CA GLN A 146 9.70 11.80 -6.91
C GLN A 146 8.23 12.23 -6.86
N SER A 147 7.40 11.74 -7.78
CA SER A 147 6.00 12.13 -7.88
C SER A 147 5.07 10.98 -7.52
N LEU A 148 5.62 9.79 -7.20
CA LEU A 148 4.79 8.69 -6.73
C LEU A 148 5.29 8.07 -5.42
N CYS A 149 6.38 8.60 -4.87
CA CYS A 149 6.89 8.13 -3.58
C CYS A 149 5.92 8.46 -2.45
N GLY A 150 5.84 7.58 -1.47
CA GLY A 150 4.96 7.73 -0.31
C GLY A 150 3.46 7.72 -0.65
N GLU A 151 3.08 7.39 -1.90
CA GLU A 151 1.69 7.43 -2.32
C GLU A 151 0.93 6.13 -2.01
N ASP A 152 1.59 5.14 -1.40
CA ASP A 152 0.98 3.83 -1.13
C ASP A 152 0.21 3.30 -2.34
N LEU A 153 0.95 2.93 -3.39
CA LEU A 153 0.37 2.47 -4.65
C LEU A 153 -0.35 1.13 -4.47
N ILE A 154 -0.89 0.59 -5.57
CA ILE A 154 -1.59 -0.68 -5.58
C ILE A 154 -1.17 -1.47 -6.82
N ILE A 155 -0.93 -2.77 -6.65
CA ILE A 155 -0.50 -3.64 -7.74
C ILE A 155 -1.29 -4.94 -7.71
N LYS A 156 -2.15 -5.14 -8.70
CA LYS A 156 -3.03 -6.30 -8.83
C LYS A 156 -3.92 -6.54 -7.61
N GLY A 157 -3.96 -5.56 -6.70
CA GLY A 157 -4.74 -5.66 -5.47
C GLY A 157 -3.84 -5.69 -4.24
N ILE A 158 -2.51 -5.56 -4.44
CA ILE A 158 -1.57 -5.52 -3.34
C ILE A 158 -1.11 -4.08 -3.16
N SER A 159 -1.56 -3.44 -2.08
CA SER A 159 -1.09 -2.12 -1.75
C SER A 159 0.38 -2.20 -1.38
N VAL A 160 1.22 -1.48 -2.14
CA VAL A 160 2.65 -1.40 -1.85
C VAL A 160 3.05 0.00 -1.42
N HIS A 161 3.98 0.07 -0.48
CA HIS A 161 4.44 1.32 0.13
C HIS A 161 5.75 1.75 -0.49
N ILE A 162 5.69 2.55 -1.56
CA ILE A 162 6.90 3.09 -2.16
C ILE A 162 7.50 4.10 -1.20
N SER A 163 8.82 4.20 -1.17
CA SER A 163 9.52 5.08 -0.26
C SER A 163 10.83 5.55 -0.88
N ASN A 164 11.59 6.34 -0.13
CA ASN A 164 12.79 6.99 -0.63
C ASN A 164 13.98 6.04 -0.59
N ALA A 165 14.37 5.49 -1.74
CA ALA A 165 15.51 4.60 -1.83
C ALA A 165 16.78 5.33 -1.44
N GLU A 166 17.78 4.52 -1.08
CA GLU A 166 19.10 4.98 -0.69
C GLU A 166 20.11 3.96 -1.24
N PRO A 167 21.13 4.40 -1.98
CA PRO A 167 22.20 3.54 -2.45
C PRO A 167 22.76 2.67 -1.32
N LYS A 168 23.25 1.49 -1.69
CA LYS A 168 23.86 0.52 -0.77
C LYS A 168 24.94 1.13 0.14
N HIS A 169 25.50 2.29 -0.21
CA HIS A 169 26.58 2.90 0.57
C HIS A 169 26.61 4.43 0.41
N ASN A 170 25.53 5.02 -0.07
CA ASN A 170 25.46 6.46 -0.31
C ASN A 170 24.01 6.94 -0.17
N SER A 171 23.74 8.21 -0.53
CA SER A 171 22.40 8.78 -0.45
C SER A 171 22.08 9.58 -1.70
N ASN A 172 20.78 9.65 -2.04
CA ASN A 172 20.24 10.31 -3.22
C ASN A 172 20.92 9.88 -4.53
N ARG A 173 20.50 10.49 -5.64
CA ARG A 173 21.05 10.21 -6.96
C ARG A 173 21.08 11.49 -7.82
N GLN A 174 20.82 12.64 -7.19
CA GLN A 174 20.80 13.94 -7.86
C GLN A 174 22.15 14.25 -8.51
N GLY A 1 -14.06 28.60 2.26
CA GLY A 1 -14.38 27.16 2.24
C GLY A 1 -14.98 26.70 3.56
N SER A 2 -15.34 25.42 3.64
CA SER A 2 -15.93 24.84 4.83
C SER A 2 -15.54 23.37 5.00
N HIS A 3 -14.60 22.89 4.19
CA HIS A 3 -14.12 21.50 4.24
C HIS A 3 -12.63 21.46 3.93
N MET A 4 -12.02 20.28 4.12
CA MET A 4 -10.60 20.08 3.88
C MET A 4 -10.34 18.62 3.48
N ALA A 5 -9.08 18.31 3.12
CA ALA A 5 -8.68 16.96 2.74
C ALA A 5 -7.20 16.74 3.06
N SER A 6 -6.77 15.49 2.94
CA SER A 6 -5.41 15.07 3.26
C SER A 6 -5.00 13.89 2.40
N LYS A 7 -3.75 13.45 2.54
CA LYS A 7 -3.25 12.24 1.87
C LYS A 7 -4.14 11.05 2.22
N THR A 8 -4.07 9.99 1.42
CA THR A 8 -4.86 8.79 1.66
C THR A 8 -3.95 7.65 2.14
N SER A 9 -4.57 6.65 2.76
CA SER A 9 -3.86 5.52 3.35
C SER A 9 -4.77 4.29 3.33
N ASP A 10 -4.23 3.12 3.67
CA ASP A 10 -5.04 1.92 3.72
C ASP A 10 -5.59 1.77 5.14
N LEU A 11 -6.91 1.67 5.30
CA LEU A 11 -7.49 1.41 6.60
C LEU A 11 -7.09 0.00 7.02
N ILE A 12 -6.68 -0.14 8.28
CA ILE A 12 -6.46 -1.43 8.87
C ILE A 12 -7.81 -1.96 9.32
N VAL A 13 -7.95 -3.29 9.38
CA VAL A 13 -9.17 -3.94 9.81
C VAL A 13 -8.82 -4.86 10.96
N LEU A 14 -9.35 -4.57 12.14
CA LEU A 14 -8.95 -5.25 13.36
C LEU A 14 -10.15 -5.98 13.95
N GLY A 15 -9.96 -7.22 14.41
CA GLY A 15 -11.01 -7.96 15.06
C GLY A 15 -11.57 -9.08 14.18
N LEU A 16 -10.85 -9.47 13.13
CA LEU A 16 -11.28 -10.54 12.25
C LEU A 16 -11.55 -11.81 13.06
N PRO A 17 -12.54 -12.62 12.64
CA PRO A 17 -12.89 -13.88 13.28
C PRO A 17 -11.87 -14.99 12.99
N TRP A 18 -10.71 -14.62 12.43
CA TRP A 18 -9.63 -15.54 12.10
C TRP A 18 -10.05 -16.62 11.09
N LYS A 19 -11.21 -16.45 10.44
CA LYS A 19 -11.72 -17.40 9.45
C LYS A 19 -12.26 -16.73 8.20
N THR A 20 -12.56 -15.42 8.26
CA THR A 20 -12.96 -14.65 7.10
C THR A 20 -11.83 -14.63 6.06
N THR A 21 -12.13 -14.18 4.84
CA THR A 21 -11.15 -14.08 3.76
C THR A 21 -11.05 -12.64 3.27
N GLU A 22 -10.08 -12.39 2.39
CA GLU A 22 -9.71 -11.06 1.96
C GLU A 22 -10.80 -10.41 1.12
N GLN A 23 -11.35 -11.16 0.15
CA GLN A 23 -12.39 -10.60 -0.67
C GLN A 23 -13.60 -10.27 0.18
N ASP A 24 -13.99 -11.16 1.10
CA ASP A 24 -15.14 -10.92 1.95
C ASP A 24 -15.11 -9.55 2.63
N LEU A 25 -13.91 -9.00 2.87
CA LEU A 25 -13.79 -7.64 3.37
C LEU A 25 -14.24 -6.67 2.29
N LYS A 26 -13.77 -6.82 1.05
CA LYS A 26 -14.20 -5.90 -0.01
C LYS A 26 -15.68 -6.06 -0.35
N GLU A 27 -16.21 -7.27 -0.20
CA GLU A 27 -17.62 -7.59 -0.44
C GLU A 27 -18.55 -6.77 0.46
N TYR A 28 -18.00 -6.09 1.47
CA TYR A 28 -18.81 -5.27 2.37
C TYR A 28 -18.30 -3.83 2.42
N PHE A 29 -16.99 -3.62 2.25
CA PHE A 29 -16.43 -2.28 2.23
C PHE A 29 -16.96 -1.46 1.06
N SER A 30 -17.54 -2.12 0.05
CA SER A 30 -18.17 -1.45 -1.07
C SER A 30 -19.37 -0.60 -0.62
N THR A 31 -19.77 -0.70 0.64
CA THR A 31 -20.89 0.07 1.19
C THR A 31 -20.54 1.54 1.38
N PHE A 32 -19.26 1.92 1.19
CA PHE A 32 -18.83 3.30 1.41
C PHE A 32 -18.35 3.97 0.12
N GLY A 33 -17.76 3.21 -0.79
CA GLY A 33 -17.25 3.74 -2.04
C GLY A 33 -17.18 2.66 -3.11
N GLU A 34 -16.00 2.47 -3.70
CA GLU A 34 -15.81 1.54 -4.80
C GLU A 34 -14.67 0.55 -4.53
N VAL A 35 -13.99 0.71 -3.38
CA VAL A 35 -12.91 -0.15 -2.89
C VAL A 35 -11.90 -0.53 -3.97
N LEU A 36 -10.83 0.26 -4.09
CA LEU A 36 -9.78 -0.01 -5.06
C LEU A 36 -9.20 -1.41 -4.83
N MET A 37 -9.03 -1.81 -3.57
CA MET A 37 -8.49 -3.13 -3.26
C MET A 37 -8.62 -3.48 -1.79
N VAL A 38 -8.22 -4.72 -1.46
CA VAL A 38 -8.12 -5.24 -0.10
C VAL A 38 -6.91 -6.16 -0.04
N GLN A 39 -6.30 -6.28 1.15
CA GLN A 39 -5.13 -7.11 1.33
C GLN A 39 -5.00 -7.54 2.79
N VAL A 40 -5.33 -8.80 3.08
CA VAL A 40 -5.24 -9.32 4.44
C VAL A 40 -3.78 -9.48 4.81
N LYS A 41 -3.45 -9.18 6.08
CA LYS A 41 -2.08 -9.29 6.57
C LYS A 41 -1.99 -10.17 7.81
N LYS A 42 -0.92 -10.96 7.85
CA LYS A 42 -0.61 -11.92 8.90
C LYS A 42 0.88 -12.26 8.86
N ASP A 43 1.30 -13.25 9.64
CA ASP A 43 2.69 -13.64 9.81
C ASP A 43 3.28 -14.24 8.52
N LEU A 44 4.56 -14.58 8.55
CA LEU A 44 5.26 -15.12 7.38
C LEU A 44 5.58 -16.60 7.58
N LYS A 45 5.61 -17.06 8.83
CA LYS A 45 5.87 -18.47 9.13
C LYS A 45 4.69 -19.15 9.82
N THR A 46 3.72 -18.37 10.29
CA THR A 46 2.52 -18.91 10.93
C THR A 46 1.26 -18.56 10.14
N GLY A 47 1.28 -17.43 9.43
CA GLY A 47 0.12 -16.93 8.73
C GLY A 47 -1.03 -16.65 9.69
N HIS A 48 -0.72 -16.45 10.98
CA HIS A 48 -1.73 -16.36 12.02
C HIS A 48 -1.40 -15.38 13.15
N SER A 49 -0.54 -14.39 12.93
CA SER A 49 -0.05 -13.57 14.03
C SER A 49 -0.19 -12.06 13.85
N LYS A 50 -0.92 -11.55 12.85
CA LYS A 50 -1.24 -10.12 12.81
C LYS A 50 -2.75 -9.91 12.85
N GLY A 51 -3.52 -10.97 12.57
CA GLY A 51 -4.97 -10.99 12.72
C GLY A 51 -5.69 -9.78 12.16
N PHE A 52 -5.20 -9.18 11.07
CA PHE A 52 -5.79 -7.95 10.57
C PHE A 52 -5.77 -7.88 9.06
N GLY A 53 -6.35 -6.82 8.50
CA GLY A 53 -6.38 -6.64 7.06
C GLY A 53 -6.19 -5.18 6.67
N PHE A 54 -6.17 -4.96 5.36
CA PHE A 54 -6.11 -3.63 4.79
C PHE A 54 -7.14 -3.51 3.68
N VAL A 55 -7.73 -2.32 3.59
CA VAL A 55 -8.64 -1.93 2.51
C VAL A 55 -8.30 -0.53 2.03
N ARG A 56 -8.60 -0.22 0.77
CA ARG A 56 -8.31 1.08 0.18
C ARG A 56 -9.43 1.51 -0.76
N PHE A 57 -9.64 2.83 -0.85
CA PHE A 57 -10.74 3.43 -1.59
C PHE A 57 -10.23 4.49 -2.57
N THR A 58 -11.13 4.96 -3.43
CA THR A 58 -10.84 5.92 -4.49
C THR A 58 -10.65 7.34 -3.96
N GLU A 59 -11.12 7.60 -2.74
CA GLU A 59 -11.03 8.92 -2.13
C GLU A 59 -10.71 8.85 -0.64
N TYR A 60 -10.42 10.02 -0.05
CA TYR A 60 -10.04 10.13 1.34
C TYR A 60 -11.26 10.11 2.25
N GLU A 61 -12.35 10.74 1.85
CA GLU A 61 -13.58 10.75 2.63
C GLU A 61 -14.01 9.32 2.96
N THR A 62 -13.91 8.43 1.98
CA THR A 62 -14.31 7.06 2.14
C THR A 62 -13.40 6.31 3.11
N GLN A 63 -12.39 7.00 3.64
CA GLN A 63 -11.44 6.41 4.57
C GLN A 63 -11.61 7.05 5.96
N VAL A 64 -12.55 8.00 6.09
CA VAL A 64 -12.73 8.68 7.38
C VAL A 64 -14.14 8.46 7.93
N LYS A 65 -15.04 7.90 7.12
CA LYS A 65 -16.38 7.57 7.59
C LYS A 65 -16.48 6.14 8.09
N VAL A 66 -15.60 5.24 7.62
CA VAL A 66 -15.57 3.86 8.09
C VAL A 66 -15.01 3.83 9.51
N MET A 67 -13.93 4.60 9.76
CA MET A 67 -13.33 4.67 11.09
C MET A 67 -14.21 5.40 12.08
N SER A 68 -15.35 5.94 11.63
CA SER A 68 -16.25 6.67 12.51
C SER A 68 -16.95 5.73 13.50
N GLN A 69 -16.96 4.42 13.21
CA GLN A 69 -17.60 3.43 14.07
C GLN A 69 -17.15 2.01 13.71
N ARG A 70 -17.66 1.03 14.47
CA ARG A 70 -17.37 -0.38 14.28
C ARG A 70 -18.18 -0.97 13.13
N HIS A 71 -17.93 -2.24 12.80
CA HIS A 71 -18.61 -2.92 11.70
C HIS A 71 -18.77 -4.40 12.03
N MET A 72 -19.73 -5.07 11.38
CA MET A 72 -19.95 -6.49 11.55
C MET A 72 -19.53 -7.23 10.29
N ILE A 73 -18.56 -8.12 10.45
CA ILE A 73 -18.09 -8.97 9.36
C ILE A 73 -18.23 -10.45 9.72
N ASP A 74 -18.92 -11.19 8.86
CA ASP A 74 -19.15 -12.62 8.99
C ASP A 74 -19.82 -13.00 10.32
N GLY A 75 -20.34 -12.00 11.04
CA GLY A 75 -21.01 -12.20 12.31
C GLY A 75 -20.08 -11.87 13.49
N ARG A 76 -19.04 -11.07 13.25
CA ARG A 76 -18.06 -10.71 14.26
C ARG A 76 -17.82 -9.21 14.21
N TRP A 77 -17.85 -8.57 15.38
CA TRP A 77 -17.59 -7.15 15.49
C TRP A 77 -16.11 -6.87 15.31
N CYS A 78 -15.81 -5.91 14.43
CA CYS A 78 -14.47 -5.47 14.12
C CYS A 78 -14.41 -3.95 14.03
N ASP A 79 -13.21 -3.40 13.82
CA ASP A 79 -13.00 -1.97 13.72
C ASP A 79 -12.12 -1.65 12.51
N CYS A 80 -12.16 -0.39 12.09
CA CYS A 80 -11.32 0.10 11.00
C CYS A 80 -10.77 1.46 11.42
N LYS A 81 -9.52 1.73 11.07
CA LYS A 81 -8.83 2.94 11.49
C LYS A 81 -7.54 3.16 10.69
N LEU A 82 -6.80 4.22 11.05
CA LEU A 82 -5.54 4.57 10.40
C LEU A 82 -4.40 3.88 11.15
N PRO A 83 -3.53 3.13 10.45
CA PRO A 83 -2.41 2.44 11.06
C PRO A 83 -1.33 3.38 11.59
N ASN A 84 -0.39 2.79 12.34
CA ASN A 84 0.72 3.48 12.99
C ASN A 84 1.89 3.71 12.04
N SER A 85 1.66 3.63 10.72
CA SER A 85 2.74 3.75 9.74
C SER A 85 2.35 4.60 8.54
N LYS A 86 1.23 5.34 8.58
CA LYS A 86 0.72 6.07 7.42
C LYS A 86 0.20 7.45 7.82
N GLN A 87 -0.38 8.16 6.84
CA GLN A 87 -0.94 9.51 7.02
C GLN A 87 0.07 10.46 7.70
N SER A 88 1.36 10.22 7.50
CA SER A 88 2.43 10.95 8.18
C SER A 88 3.64 11.17 7.26
N GLN A 89 3.38 11.72 6.07
CA GLN A 89 4.41 12.00 5.08
C GLN A 89 4.15 13.36 4.43
N ASP A 90 5.04 13.81 3.53
CA ASP A 90 4.88 15.13 2.92
C ASP A 90 5.36 15.15 1.47
N GLU A 91 6.62 14.76 1.24
CA GLU A 91 7.20 14.80 -0.09
C GLU A 91 8.41 13.87 -0.23
N PRO A 92 8.64 13.36 -1.45
CA PRO A 92 9.79 12.53 -1.81
C PRO A 92 11.00 13.39 -2.18
N LEU A 93 12.01 12.77 -2.79
CA LEU A 93 13.21 13.44 -3.26
C LEU A 93 13.59 12.98 -4.67
N ARG A 94 14.59 13.63 -5.26
CA ARG A 94 15.01 13.37 -6.63
C ARG A 94 15.83 12.09 -6.79
N SER A 95 15.91 11.59 -8.02
CA SER A 95 16.67 10.43 -8.49
C SER A 95 15.85 9.64 -9.51
N ARG A 96 16.44 8.60 -10.10
CA ARG A 96 15.76 7.69 -11.03
C ARG A 96 15.46 6.35 -10.37
N LYS A 97 16.12 6.06 -9.25
CA LYS A 97 15.85 4.85 -8.49
C LYS A 97 14.72 5.13 -7.50
N VAL A 98 13.95 4.08 -7.20
CA VAL A 98 12.85 4.13 -6.25
C VAL A 98 12.87 2.84 -5.43
N PHE A 99 12.10 2.83 -4.34
CA PHE A 99 12.07 1.74 -3.38
C PHE A 99 10.63 1.38 -3.05
N VAL A 100 10.40 0.13 -2.66
CA VAL A 100 9.06 -0.38 -2.38
C VAL A 100 9.03 -1.00 -0.98
N GLY A 101 7.88 -0.93 -0.31
CA GLY A 101 7.72 -1.52 1.01
C GLY A 101 6.37 -2.21 1.19
N ARG A 102 6.27 -3.00 2.28
CA ARG A 102 5.10 -3.83 2.60
C ARG A 102 4.86 -4.87 1.51
N CYS A 103 5.88 -5.11 0.67
CA CYS A 103 5.81 -5.98 -0.49
C CYS A 103 5.34 -7.39 -0.13
N THR A 104 4.98 -8.17 -1.15
CA THR A 104 4.48 -9.53 -0.99
C THR A 104 5.02 -10.42 -2.09
N GLU A 105 4.88 -11.74 -1.91
CA GLU A 105 5.34 -12.71 -2.89
C GLU A 105 4.36 -12.82 -4.06
N ASP A 106 3.22 -12.10 -3.98
CA ASP A 106 2.23 -12.12 -5.05
C ASP A 106 2.75 -11.38 -6.29
N MET A 107 3.76 -10.53 -6.09
CA MET A 107 4.42 -9.82 -7.19
C MET A 107 5.90 -10.19 -7.28
N THR A 108 6.56 -9.67 -8.30
CA THR A 108 7.98 -9.94 -8.55
C THR A 108 8.55 -8.88 -9.49
N GLU A 109 9.83 -9.02 -9.85
CA GLU A 109 10.58 -8.06 -10.64
C GLU A 109 9.87 -7.66 -11.93
N ASP A 110 9.51 -8.64 -12.74
CA ASP A 110 8.81 -8.42 -14.00
C ASP A 110 7.44 -7.80 -13.78
N GLU A 111 6.70 -8.29 -12.78
CA GLU A 111 5.35 -7.80 -12.50
C GLU A 111 5.38 -6.35 -12.08
N LEU A 112 6.48 -5.92 -11.44
CA LEU A 112 6.66 -4.55 -11.01
C LEU A 112 6.95 -3.65 -12.21
N ARG A 113 7.91 -4.03 -13.05
CA ARG A 113 8.26 -3.24 -14.22
C ARG A 113 7.07 -3.15 -15.19
N GLU A 114 6.21 -4.17 -15.19
CA GLU A 114 5.06 -4.22 -16.08
C GLU A 114 3.95 -3.29 -15.60
N PHE A 115 4.04 -2.86 -14.34
CA PHE A 115 3.09 -1.96 -13.73
C PHE A 115 3.68 -0.56 -13.56
N PHE A 116 4.99 -0.45 -13.38
CA PHE A 116 5.65 0.84 -13.26
C PHE A 116 5.74 1.53 -14.62
N SER A 117 5.69 0.77 -15.71
CA SER A 117 5.81 1.31 -17.05
C SER A 117 4.61 2.16 -17.47
N GLN A 118 3.53 2.17 -16.68
CA GLN A 118 2.35 2.96 -17.02
C GLN A 118 2.61 4.44 -16.77
N TYR A 119 3.53 4.76 -15.85
CA TYR A 119 3.84 6.11 -15.45
C TYR A 119 4.92 6.75 -16.35
N GLY A 120 5.60 5.94 -17.16
CA GLY A 120 6.57 6.44 -18.12
C GLY A 120 7.32 5.29 -18.77
N ASP A 121 8.56 5.05 -18.34
CA ASP A 121 9.37 3.94 -18.83
C ASP A 121 10.27 3.43 -17.70
N VAL A 122 10.44 2.11 -17.64
CA VAL A 122 11.22 1.45 -16.61
C VAL A 122 12.50 0.89 -17.21
N MET A 123 13.60 0.98 -16.46
CA MET A 123 14.88 0.46 -16.89
C MET A 123 15.09 -0.94 -16.33
N ASP A 124 14.70 -1.16 -15.08
CA ASP A 124 14.85 -2.45 -14.41
C ASP A 124 14.15 -2.45 -13.05
N VAL A 125 14.07 -3.63 -12.44
CA VAL A 125 13.54 -3.83 -11.10
C VAL A 125 14.44 -4.86 -10.41
N PHE A 126 14.66 -4.69 -9.11
CA PHE A 126 15.50 -5.61 -8.36
C PHE A 126 14.89 -5.95 -7.01
N ILE A 127 15.11 -7.19 -6.58
CA ILE A 127 14.65 -7.72 -5.32
C ILE A 127 15.71 -8.68 -4.79
N PRO A 128 16.30 -8.41 -3.62
CA PRO A 128 17.33 -9.26 -3.04
C PRO A 128 16.70 -10.55 -2.51
N LYS A 129 17.54 -11.51 -2.09
CA LYS A 129 17.06 -12.81 -1.65
C LYS A 129 17.59 -13.15 -0.25
N PRO A 130 16.85 -13.98 0.50
CA PRO A 130 15.52 -14.45 0.14
C PRO A 130 14.50 -13.30 0.20
N PHE A 131 13.27 -13.57 -0.26
CA PHE A 131 12.23 -12.58 -0.36
C PHE A 131 12.02 -11.83 0.96
N ARG A 132 11.80 -10.52 0.86
CA ARG A 132 11.51 -9.64 2.00
C ARG A 132 10.47 -8.61 1.59
N ALA A 133 9.96 -7.85 2.57
CA ALA A 133 8.87 -6.91 2.40
C ALA A 133 9.22 -5.66 1.58
N PHE A 134 10.29 -5.69 0.77
CA PHE A 134 10.73 -4.52 0.04
C PHE A 134 11.32 -4.88 -1.32
N ALA A 135 11.71 -3.85 -2.07
CA ALA A 135 12.23 -3.99 -3.43
C ALA A 135 12.77 -2.65 -3.92
N PHE A 136 13.25 -2.62 -5.17
CA PHE A 136 13.73 -1.42 -5.83
C PHE A 136 13.31 -1.44 -7.30
N VAL A 137 13.32 -0.25 -7.92
CA VAL A 137 13.06 -0.10 -9.35
C VAL A 137 13.82 1.09 -9.88
N THR A 138 14.16 1.07 -11.18
CA THR A 138 14.81 2.20 -11.83
C THR A 138 13.96 2.68 -13.00
N PHE A 139 13.82 4.01 -13.12
CA PHE A 139 13.04 4.65 -14.17
C PHE A 139 13.96 5.29 -15.20
N ALA A 140 13.37 5.68 -16.34
CA ALA A 140 14.10 6.27 -17.45
C ALA A 140 14.31 7.76 -17.25
N ASP A 141 13.60 8.37 -16.29
CA ASP A 141 13.69 9.79 -16.05
C ASP A 141 13.68 10.12 -14.57
N ASP A 142 14.34 11.23 -14.21
CA ASP A 142 14.45 11.66 -12.83
C ASP A 142 13.22 12.43 -12.38
N GLN A 143 12.22 12.55 -13.26
CA GLN A 143 10.98 13.24 -12.95
C GLN A 143 9.82 12.27 -12.76
N ILE A 144 9.93 11.06 -13.32
CA ILE A 144 8.91 10.04 -13.12
C ILE A 144 9.05 9.44 -11.73
N ALA A 145 10.28 9.11 -11.34
CA ALA A 145 10.55 8.52 -10.04
C ALA A 145 10.29 9.53 -8.92
N GLN A 146 10.71 10.77 -9.11
CA GLN A 146 10.54 11.85 -8.14
C GLN A 146 9.05 12.23 -8.01
N SER A 147 8.19 11.66 -8.84
CA SER A 147 6.76 11.94 -8.81
C SER A 147 5.96 10.65 -8.66
N LEU A 148 6.63 9.55 -8.34
CA LEU A 148 5.96 8.29 -8.03
C LEU A 148 6.34 7.83 -6.62
N CYS A 149 7.39 8.40 -6.06
CA CYS A 149 7.83 8.10 -4.71
C CYS A 149 6.77 8.57 -3.70
N GLY A 150 6.53 7.76 -2.65
CA GLY A 150 5.58 8.08 -1.60
C GLY A 150 4.12 8.07 -2.07
N GLU A 151 3.84 7.59 -3.28
CA GLU A 151 2.49 7.63 -3.83
C GLU A 151 1.62 6.48 -3.33
N ASP A 152 2.16 5.63 -2.45
CA ASP A 152 1.42 4.54 -1.84
C ASP A 152 0.58 3.78 -2.87
N LEU A 153 1.27 3.21 -3.86
CA LEU A 153 0.68 2.58 -5.04
C LEU A 153 -0.09 1.30 -4.68
N ILE A 154 -0.64 0.66 -5.72
CA ILE A 154 -1.33 -0.63 -5.62
C ILE A 154 -0.91 -1.49 -6.80
N ILE A 155 -0.63 -2.76 -6.54
CA ILE A 155 -0.15 -3.69 -7.56
C ILE A 155 -0.96 -4.98 -7.52
N LYS A 156 -1.82 -5.17 -8.53
CA LYS A 156 -2.69 -6.33 -8.68
C LYS A 156 -3.59 -6.59 -7.47
N GLY A 157 -3.63 -5.65 -6.53
CA GLY A 157 -4.40 -5.80 -5.31
C GLY A 157 -3.51 -5.71 -4.06
N ILE A 158 -2.23 -5.39 -4.25
CA ILE A 158 -1.29 -5.25 -3.14
C ILE A 158 -0.89 -3.78 -3.02
N SER A 159 -1.44 -3.07 -2.02
CA SER A 159 -1.02 -1.71 -1.75
C SER A 159 0.45 -1.74 -1.30
N VAL A 160 1.32 -1.09 -2.07
CA VAL A 160 2.73 -0.99 -1.68
C VAL A 160 3.11 0.47 -1.44
N HIS A 161 3.79 0.70 -0.32
CA HIS A 161 4.20 2.03 0.10
C HIS A 161 5.59 2.30 -0.48
N ILE A 162 5.61 3.07 -1.58
CA ILE A 162 6.84 3.47 -2.23
C ILE A 162 7.57 4.45 -1.33
N SER A 163 8.91 4.47 -1.41
CA SER A 163 9.70 5.39 -0.59
C SER A 163 10.98 5.76 -1.32
N ASN A 164 11.81 6.58 -0.66
CA ASN A 164 12.99 7.16 -1.28
C ASN A 164 14.16 6.19 -1.23
N ALA A 165 14.51 5.60 -2.38
CA ALA A 165 15.64 4.71 -2.47
C ALA A 165 16.93 5.45 -2.14
N GLU A 166 17.92 4.68 -1.74
CA GLU A 166 19.25 5.17 -1.38
C GLU A 166 20.26 4.13 -1.83
N PRO A 167 21.51 4.54 -2.12
CA PRO A 167 22.57 3.61 -2.48
C PRO A 167 22.92 2.73 -1.27
N LYS A 168 23.50 1.55 -1.55
CA LYS A 168 23.91 0.60 -0.53
C LYS A 168 24.84 1.22 0.52
N HIS A 169 25.50 2.34 0.16
CA HIS A 169 26.38 3.08 1.05
C HIS A 169 26.45 4.52 0.59
N ASN A 170 26.98 5.42 1.43
CA ASN A 170 26.99 6.85 1.17
C ASN A 170 25.56 7.38 0.91
N SER A 171 25.44 8.60 0.38
CA SER A 171 24.14 9.19 0.10
C SER A 171 24.24 10.23 -1.02
N ASN A 172 23.08 10.67 -1.51
CA ASN A 172 23.00 11.71 -2.51
C ASN A 172 23.44 13.05 -1.91
N ARG A 173 23.84 14.00 -2.76
CA ARG A 173 24.37 15.30 -2.32
C ARG A 173 23.85 16.44 -3.19
N GLN A 174 22.78 16.20 -3.94
CA GLN A 174 22.18 17.19 -4.82
C GLN A 174 21.85 18.48 -4.06
N GLY A 1 -19.91 14.49 5.51
CA GLY A 1 -18.44 14.52 5.30
C GLY A 1 -17.74 15.17 6.48
N SER A 2 -16.71 15.97 6.19
CA SER A 2 -15.93 16.65 7.23
C SER A 2 -15.42 18.01 6.74
N HIS A 3 -15.86 18.44 5.55
CA HIS A 3 -15.48 19.72 4.94
C HIS A 3 -13.96 19.88 4.73
N MET A 4 -13.19 18.81 4.89
CA MET A 4 -11.75 18.81 4.64
C MET A 4 -11.30 17.45 4.15
N ALA A 5 -10.04 17.36 3.71
CA ALA A 5 -9.45 16.11 3.25
C ALA A 5 -7.93 16.13 3.40
N SER A 6 -7.30 14.96 3.26
CA SER A 6 -5.86 14.80 3.38
C SER A 6 -5.38 13.67 2.48
N LYS A 7 -4.08 13.38 2.49
CA LYS A 7 -3.50 12.29 1.72
C LYS A 7 -4.15 10.97 2.10
N THR A 8 -4.23 10.04 1.13
CA THR A 8 -4.95 8.79 1.32
C THR A 8 -4.00 7.64 1.64
N SER A 9 -4.58 6.58 2.21
CA SER A 9 -3.88 5.37 2.59
C SER A 9 -4.91 4.27 2.88
N ASP A 10 -4.46 3.06 3.22
CA ASP A 10 -5.40 1.97 3.47
C ASP A 10 -5.86 2.03 4.92
N LEU A 11 -7.14 1.71 5.16
CA LEU A 11 -7.63 1.51 6.53
C LEU A 11 -7.21 0.12 6.96
N ILE A 12 -6.79 -0.01 8.22
CA ILE A 12 -6.58 -1.34 8.79
C ILE A 12 -7.96 -1.89 9.14
N VAL A 13 -8.09 -3.22 9.12
CA VAL A 13 -9.33 -3.89 9.45
C VAL A 13 -9.05 -4.86 10.61
N LEU A 14 -9.15 -4.34 11.82
CA LEU A 14 -8.82 -5.06 13.04
C LEU A 14 -10.00 -5.86 13.56
N GLY A 15 -9.74 -6.90 14.35
CA GLY A 15 -10.79 -7.64 15.03
C GLY A 15 -11.47 -8.69 14.15
N LEU A 16 -10.87 -9.03 13.01
CA LEU A 16 -11.42 -10.05 12.12
C LEU A 16 -11.54 -11.39 12.86
N PRO A 17 -12.46 -12.25 12.43
CA PRO A 17 -12.68 -13.59 12.98
C PRO A 17 -11.58 -14.58 12.57
N TRP A 18 -10.47 -14.06 12.01
CA TRP A 18 -9.33 -14.86 11.58
C TRP A 18 -9.70 -15.94 10.55
N LYS A 19 -10.88 -15.86 9.94
CA LYS A 19 -11.32 -16.83 8.95
C LYS A 19 -12.02 -16.21 7.75
N THR A 20 -12.48 -14.97 7.85
CA THR A 20 -13.08 -14.27 6.72
C THR A 20 -12.06 -14.11 5.60
N THR A 21 -12.49 -14.27 4.35
CA THR A 21 -11.61 -14.11 3.20
C THR A 21 -11.45 -12.63 2.85
N GLU A 22 -10.57 -12.32 1.90
CA GLU A 22 -10.20 -10.96 1.55
C GLU A 22 -11.32 -10.29 0.74
N GLN A 23 -11.87 -11.05 -0.22
CA GLN A 23 -12.93 -10.50 -1.05
C GLN A 23 -14.09 -10.08 -0.16
N ASP A 24 -14.51 -10.93 0.77
CA ASP A 24 -15.64 -10.66 1.65
C ASP A 24 -15.54 -9.30 2.33
N LEU A 25 -14.32 -8.81 2.56
CA LEU A 25 -14.16 -7.47 3.11
C LEU A 25 -14.60 -6.46 2.07
N LYS A 26 -14.20 -6.63 0.80
CA LYS A 26 -14.59 -5.64 -0.21
C LYS A 26 -16.09 -5.72 -0.50
N GLU A 27 -16.67 -6.91 -0.39
CA GLU A 27 -18.09 -7.15 -0.62
C GLU A 27 -18.99 -6.36 0.34
N TYR A 28 -18.39 -5.74 1.37
CA TYR A 28 -19.15 -4.92 2.31
C TYR A 28 -18.60 -3.51 2.40
N PHE A 29 -17.29 -3.33 2.18
CA PHE A 29 -16.68 -2.01 2.17
C PHE A 29 -17.22 -1.15 1.03
N SER A 30 -17.85 -1.77 0.03
CA SER A 30 -18.48 -1.06 -1.07
C SER A 30 -19.64 -0.20 -0.60
N THR A 31 -20.04 -0.31 0.67
CA THR A 31 -21.13 0.47 1.23
C THR A 31 -20.75 1.93 1.45
N PHE A 32 -19.46 2.28 1.26
CA PHE A 32 -18.98 3.63 1.50
C PHE A 32 -18.50 4.33 0.23
N GLY A 33 -17.96 3.57 -0.72
CA GLY A 33 -17.45 4.12 -1.97
C GLY A 33 -17.43 3.07 -3.06
N GLU A 34 -16.27 2.85 -3.68
CA GLU A 34 -16.13 1.92 -4.80
C GLU A 34 -15.01 0.90 -4.57
N VAL A 35 -14.30 1.04 -3.44
CA VAL A 35 -13.23 0.14 -3.00
C VAL A 35 -12.26 -0.21 -4.11
N LEU A 36 -11.18 0.57 -4.24
CA LEU A 36 -10.15 0.29 -5.23
C LEU A 36 -9.60 -1.11 -5.04
N MET A 37 -9.40 -1.55 -3.79
CA MET A 37 -8.90 -2.89 -3.52
C MET A 37 -9.00 -3.26 -2.04
N VAL A 38 -8.63 -4.51 -1.73
CA VAL A 38 -8.54 -5.04 -0.38
C VAL A 38 -7.35 -5.99 -0.33
N GLN A 39 -6.76 -6.16 0.86
CA GLN A 39 -5.62 -7.04 1.04
C GLN A 39 -5.53 -7.50 2.49
N VAL A 40 -5.96 -8.73 2.76
CA VAL A 40 -5.88 -9.28 4.11
C VAL A 40 -4.41 -9.47 4.45
N LYS A 41 -4.05 -9.14 5.69
CA LYS A 41 -2.66 -9.18 6.12
C LYS A 41 -2.47 -10.02 7.38
N LYS A 42 -1.42 -10.84 7.37
CA LYS A 42 -1.10 -11.82 8.40
C LYS A 42 0.39 -12.18 8.32
N ASP A 43 0.81 -13.19 9.08
CA ASP A 43 2.20 -13.59 9.19
C ASP A 43 2.71 -14.17 7.86
N LEU A 44 4.03 -14.32 7.75
CA LEU A 44 4.67 -14.79 6.54
C LEU A 44 5.04 -16.27 6.68
N LYS A 45 5.02 -16.76 7.92
CA LYS A 45 5.38 -18.14 8.24
C LYS A 45 4.25 -18.92 8.90
N THR A 46 3.20 -18.22 9.34
CA THR A 46 2.02 -18.84 9.93
C THR A 46 0.75 -18.45 9.18
N GLY A 47 0.74 -17.27 8.55
CA GLY A 47 -0.46 -16.75 7.92
C GLY A 47 -1.57 -16.51 8.95
N HIS A 48 -1.20 -16.39 10.24
CA HIS A 48 -2.17 -16.35 11.32
C HIS A 48 -1.74 -15.47 12.51
N SER A 49 -0.97 -14.40 12.30
CA SER A 49 -0.45 -13.65 13.44
C SER A 49 -0.60 -12.13 13.36
N LYS A 50 -1.33 -11.57 12.39
CA LYS A 50 -1.63 -10.14 12.43
C LYS A 50 -3.14 -9.91 12.52
N GLY A 51 -3.94 -10.95 12.24
CA GLY A 51 -5.38 -10.95 12.44
C GLY A 51 -6.10 -9.75 11.84
N PHE A 52 -5.59 -9.16 10.76
CA PHE A 52 -6.18 -7.94 10.24
C PHE A 52 -6.16 -7.87 8.72
N GLY A 53 -6.60 -6.74 8.18
CA GLY A 53 -6.62 -6.54 6.74
C GLY A 53 -6.42 -5.08 6.37
N PHE A 54 -6.46 -4.84 5.06
CA PHE A 54 -6.38 -3.51 4.51
C PHE A 54 -7.43 -3.34 3.42
N VAL A 55 -7.99 -2.14 3.37
CA VAL A 55 -8.91 -1.73 2.32
C VAL A 55 -8.56 -0.31 1.86
N ARG A 56 -8.84 -0.01 0.58
CA ARG A 56 -8.51 1.29 -0.01
C ARG A 56 -9.63 1.77 -0.91
N PHE A 57 -9.83 3.09 -0.94
CA PHE A 57 -10.93 3.71 -1.67
C PHE A 57 -10.44 4.78 -2.63
N THR A 58 -11.35 5.26 -3.48
CA THR A 58 -11.07 6.25 -4.52
C THR A 58 -10.86 7.65 -3.96
N GLU A 59 -11.30 7.89 -2.72
CA GLU A 59 -11.17 9.18 -2.07
C GLU A 59 -10.83 9.07 -0.60
N TYR A 60 -10.51 10.21 0.02
CA TYR A 60 -10.09 10.26 1.41
C TYR A 60 -11.28 10.27 2.36
N GLU A 61 -12.37 10.92 1.97
CA GLU A 61 -13.57 10.93 2.80
C GLU A 61 -14.02 9.51 3.11
N THR A 62 -13.93 8.64 2.11
CA THR A 62 -14.33 7.24 2.26
C THR A 62 -13.37 6.48 3.19
N GLN A 63 -12.36 7.17 3.73
CA GLN A 63 -11.40 6.58 4.63
C GLN A 63 -11.49 7.27 6.00
N VAL A 64 -12.48 8.15 6.18
CA VAL A 64 -12.69 8.79 7.48
C VAL A 64 -14.10 8.60 8.00
N LYS A 65 -15.01 8.03 7.19
CA LYS A 65 -16.36 7.74 7.66
C LYS A 65 -16.52 6.29 8.13
N VAL A 66 -15.67 5.38 7.66
CA VAL A 66 -15.69 4.00 8.12
C VAL A 66 -15.16 3.94 9.55
N MET A 67 -14.10 4.70 9.84
CA MET A 67 -13.50 4.75 11.17
C MET A 67 -14.39 5.49 12.17
N SER A 68 -15.53 6.03 11.71
CA SER A 68 -16.45 6.74 12.59
C SER A 68 -17.15 5.79 13.56
N GLN A 69 -17.12 4.48 13.25
CA GLN A 69 -17.75 3.47 14.09
C GLN A 69 -17.27 2.06 13.72
N ARG A 70 -17.78 1.06 14.45
CA ARG A 70 -17.45 -0.35 14.22
C ARG A 70 -18.26 -0.93 13.06
N HIS A 71 -18.00 -2.20 12.75
CA HIS A 71 -18.69 -2.89 11.65
C HIS A 71 -18.82 -4.38 11.97
N MET A 72 -19.79 -5.04 11.36
CA MET A 72 -19.99 -6.47 11.55
C MET A 72 -19.62 -7.21 10.28
N ILE A 73 -18.60 -8.07 10.40
CA ILE A 73 -18.13 -8.90 9.29
C ILE A 73 -18.22 -10.37 9.66
N ASP A 74 -18.92 -11.13 8.81
CA ASP A 74 -19.12 -12.57 8.94
C ASP A 74 -19.75 -12.95 10.28
N GLY A 75 -20.28 -11.96 11.01
CA GLY A 75 -20.92 -12.17 12.29
C GLY A 75 -19.98 -11.85 13.45
N ARG A 76 -18.97 -11.02 13.20
CA ARG A 76 -17.98 -10.64 14.21
C ARG A 76 -17.77 -9.13 14.15
N TRP A 77 -17.79 -8.49 15.33
CA TRP A 77 -17.52 -7.07 15.43
C TRP A 77 -16.04 -6.80 15.18
N CYS A 78 -15.79 -5.84 14.30
CA CYS A 78 -14.45 -5.42 13.91
C CYS A 78 -14.38 -3.89 13.87
N ASP A 79 -13.18 -3.36 13.61
CA ASP A 79 -12.97 -1.92 13.56
C ASP A 79 -12.10 -1.57 12.36
N CYS A 80 -12.18 -0.30 11.94
CA CYS A 80 -11.38 0.21 10.84
C CYS A 80 -10.82 1.57 11.24
N LYS A 81 -9.56 1.84 10.89
CA LYS A 81 -8.90 3.07 11.29
C LYS A 81 -7.61 3.31 10.50
N LEU A 82 -6.88 4.37 10.83
CA LEU A 82 -5.64 4.75 10.16
C LEU A 82 -4.47 4.07 10.86
N PRO A 83 -3.60 3.35 10.12
CA PRO A 83 -2.44 2.68 10.69
C PRO A 83 -1.38 3.65 11.19
N ASN A 84 -0.42 3.11 11.95
CA ASN A 84 0.64 3.87 12.60
C ASN A 84 1.76 4.29 11.63
N SER A 85 1.53 4.16 10.32
CA SER A 85 2.56 4.39 9.33
C SER A 85 2.06 5.16 8.11
N LYS A 86 0.91 5.86 8.25
CA LYS A 86 0.31 6.59 7.14
C LYS A 86 -0.15 7.97 7.59
N GLN A 87 -0.64 8.79 6.65
CA GLN A 87 -0.92 10.21 6.87
C GLN A 87 0.15 10.86 7.74
N SER A 88 1.42 10.47 7.53
CA SER A 88 2.54 10.90 8.36
C SER A 88 3.80 11.09 7.52
N GLN A 89 3.66 11.80 6.39
CA GLN A 89 4.75 12.09 5.48
C GLN A 89 4.56 13.50 4.91
N ASP A 90 5.51 13.98 4.09
CA ASP A 90 5.43 15.34 3.57
C ASP A 90 5.91 15.43 2.13
N GLU A 91 7.18 15.08 1.89
CA GLU A 91 7.75 15.20 0.56
C GLU A 91 8.99 14.30 0.38
N PRO A 92 9.19 13.78 -0.83
CA PRO A 92 10.33 12.96 -1.21
C PRO A 92 11.51 13.83 -1.66
N LEU A 93 12.51 13.21 -2.31
CA LEU A 93 13.68 13.88 -2.87
C LEU A 93 13.91 13.43 -4.32
N ARG A 94 14.86 14.07 -5.01
CA ARG A 94 15.15 13.74 -6.40
C ARG A 94 16.05 12.52 -6.52
N SER A 95 15.76 11.67 -7.51
CA SER A 95 16.53 10.46 -7.79
C SER A 95 15.95 9.72 -8.98
N ARG A 96 16.63 8.66 -9.42
CA ARG A 96 16.10 7.71 -10.41
C ARG A 96 15.84 6.36 -9.76
N LYS A 97 16.27 6.19 -8.51
CA LYS A 97 16.03 4.98 -7.74
C LYS A 97 15.11 5.28 -6.58
N VAL A 98 14.15 4.39 -6.34
CA VAL A 98 13.24 4.49 -5.21
C VAL A 98 13.07 3.11 -4.57
N PHE A 99 12.42 3.12 -3.41
CA PHE A 99 12.30 1.96 -2.55
C PHE A 99 10.83 1.53 -2.46
N VAL A 100 10.60 0.28 -2.09
CA VAL A 100 9.26 -0.27 -2.00
C VAL A 100 9.06 -0.93 -0.64
N GLY A 101 7.84 -0.89 -0.10
CA GLY A 101 7.54 -1.46 1.20
C GLY A 101 6.21 -2.21 1.22
N ARG A 102 5.97 -2.95 2.32
CA ARG A 102 4.81 -3.82 2.53
C ARG A 102 4.68 -4.84 1.39
N CYS A 103 5.78 -5.11 0.68
CA CYS A 103 5.82 -6.01 -0.47
C CYS A 103 5.30 -7.41 -0.09
N THR A 104 4.94 -8.20 -1.10
CA THR A 104 4.40 -9.54 -0.91
C THR A 104 4.90 -10.48 -1.99
N GLU A 105 4.64 -11.77 -1.83
CA GLU A 105 5.06 -12.79 -2.79
C GLU A 105 4.12 -12.84 -4.00
N ASP A 106 3.01 -12.09 -3.95
CA ASP A 106 2.04 -12.06 -5.04
C ASP A 106 2.61 -11.34 -6.28
N MET A 107 3.67 -10.55 -6.08
CA MET A 107 4.37 -9.88 -7.16
C MET A 107 5.84 -10.27 -7.20
N THR A 108 6.57 -9.73 -8.19
CA THR A 108 7.98 -9.99 -8.37
C THR A 108 8.62 -8.89 -9.20
N GLU A 109 9.92 -9.02 -9.50
CA GLU A 109 10.72 -8.01 -10.17
C GLU A 109 10.09 -7.49 -11.46
N ASP A 110 9.77 -8.41 -12.36
CA ASP A 110 9.20 -8.04 -13.65
C ASP A 110 7.81 -7.46 -13.50
N GLU A 111 7.00 -8.05 -12.62
CA GLU A 111 5.64 -7.59 -12.37
C GLU A 111 5.63 -6.15 -11.87
N LEU A 112 6.69 -5.74 -11.18
CA LEU A 112 6.85 -4.38 -10.71
C LEU A 112 7.23 -3.46 -11.87
N ARG A 113 8.25 -3.82 -12.64
CA ARG A 113 8.65 -3.03 -13.80
C ARG A 113 7.50 -2.89 -14.79
N GLU A 114 6.67 -3.93 -14.87
CA GLU A 114 5.56 -3.97 -15.83
C GLU A 114 4.41 -3.07 -15.39
N PHE A 115 4.45 -2.64 -14.12
CA PHE A 115 3.47 -1.74 -13.55
C PHE A 115 4.06 -0.34 -13.38
N PHE A 116 5.37 -0.24 -13.12
CA PHE A 116 6.03 1.06 -12.97
C PHE A 116 6.19 1.76 -14.32
N SER A 117 6.15 1.02 -15.43
CA SER A 117 6.33 1.59 -16.76
C SER A 117 5.15 2.46 -17.19
N GLN A 118 4.05 2.47 -16.44
CA GLN A 118 2.90 3.30 -16.80
C GLN A 118 3.18 4.77 -16.54
N TYR A 119 4.07 5.05 -15.59
CA TYR A 119 4.38 6.42 -15.18
C TYR A 119 5.49 7.03 -16.03
N GLY A 120 6.20 6.22 -16.80
CA GLY A 120 7.24 6.70 -17.71
C GLY A 120 7.98 5.53 -18.35
N ASP A 121 9.20 5.27 -17.88
CA ASP A 121 10.01 4.14 -18.34
C ASP A 121 10.84 3.60 -17.19
N VAL A 122 10.98 2.28 -17.13
CA VAL A 122 11.71 1.61 -16.06
C VAL A 122 13.01 1.03 -16.60
N MET A 123 14.10 1.17 -15.83
CA MET A 123 15.39 0.63 -16.21
C MET A 123 15.54 -0.78 -15.66
N ASP A 124 15.08 -0.99 -14.42
CA ASP A 124 15.20 -2.28 -13.75
C ASP A 124 14.42 -2.29 -12.44
N VAL A 125 14.34 -3.47 -11.82
CA VAL A 125 13.75 -3.69 -10.51
C VAL A 125 14.63 -4.71 -9.80
N PHE A 126 14.77 -4.58 -8.48
CA PHE A 126 15.62 -5.48 -7.72
C PHE A 126 14.93 -5.94 -6.44
N ILE A 127 15.09 -7.23 -6.13
CA ILE A 127 14.54 -7.86 -4.95
C ILE A 127 15.50 -8.95 -4.49
N PRO A 128 16.07 -8.83 -3.29
CA PRO A 128 16.93 -9.85 -2.71
C PRO A 128 16.09 -11.03 -2.25
N LYS A 129 16.72 -12.18 -1.97
CA LYS A 129 16.01 -13.39 -1.56
C LYS A 129 16.50 -13.86 -0.20
N PRO A 130 15.64 -14.58 0.55
CA PRO A 130 14.25 -14.86 0.19
C PRO A 130 13.41 -13.59 0.30
N PHE A 131 12.15 -13.67 -0.11
CA PHE A 131 11.24 -12.52 -0.11
C PHE A 131 11.14 -11.87 1.27
N ARG A 132 10.96 -10.55 1.27
CA ARG A 132 10.80 -9.74 2.47
C ARG A 132 9.87 -8.57 2.17
N ALA A 133 9.60 -7.74 3.19
CA ALA A 133 8.63 -6.65 3.11
C ALA A 133 9.07 -5.49 2.21
N PHE A 134 10.10 -5.65 1.37
CA PHE A 134 10.63 -4.54 0.61
C PHE A 134 11.21 -4.94 -0.75
N ALA A 135 11.60 -3.92 -1.52
CA ALA A 135 12.14 -4.03 -2.86
C ALA A 135 12.65 -2.67 -3.32
N PHE A 136 13.14 -2.60 -4.57
CA PHE A 136 13.64 -1.36 -5.17
C PHE A 136 13.30 -1.33 -6.65
N VAL A 137 13.40 -0.15 -7.26
CA VAL A 137 13.18 0.00 -8.71
C VAL A 137 13.98 1.20 -9.21
N THR A 138 14.36 1.17 -10.49
CA THR A 138 15.05 2.27 -11.13
C THR A 138 14.24 2.78 -12.33
N PHE A 139 14.18 4.10 -12.48
CA PHE A 139 13.48 4.78 -13.57
C PHE A 139 14.45 5.41 -14.54
N ALA A 140 13.93 5.82 -15.70
CA ALA A 140 14.72 6.39 -16.78
C ALA A 140 14.98 7.88 -16.55
N ASP A 141 14.22 8.51 -15.64
CA ASP A 141 14.36 9.94 -15.41
C ASP A 141 14.36 10.29 -13.93
N ASP A 142 15.01 11.40 -13.60
CA ASP A 142 15.15 11.89 -12.24
C ASP A 142 13.90 12.63 -11.77
N GLN A 143 12.81 12.55 -12.54
CA GLN A 143 11.57 13.24 -12.22
C GLN A 143 10.39 12.28 -12.14
N ILE A 144 10.48 11.12 -12.80
CA ILE A 144 9.41 10.13 -12.76
C ILE A 144 9.42 9.43 -11.40
N ALA A 145 10.60 9.19 -10.84
CA ALA A 145 10.72 8.52 -9.56
C ALA A 145 10.54 9.52 -8.41
N GLN A 146 10.89 10.80 -8.66
CA GLN A 146 10.76 11.86 -7.68
C GLN A 146 9.29 12.20 -7.42
N SER A 147 8.39 11.81 -8.34
CA SER A 147 6.96 12.09 -8.20
C SER A 147 6.18 10.85 -7.79
N LEU A 148 6.80 9.67 -7.93
CA LEU A 148 6.16 8.42 -7.57
C LEU A 148 6.45 8.01 -6.13
N CYS A 149 7.42 8.67 -5.48
CA CYS A 149 7.74 8.35 -4.10
C CYS A 149 6.62 8.81 -3.16
N GLY A 150 6.40 8.05 -2.09
CA GLY A 150 5.37 8.32 -1.10
C GLY A 150 3.95 8.18 -1.63
N GLU A 151 3.77 7.72 -2.87
CA GLU A 151 2.45 7.67 -3.50
C GLU A 151 1.60 6.48 -3.03
N ASP A 152 2.13 5.64 -2.14
CA ASP A 152 1.42 4.48 -1.60
C ASP A 152 0.63 3.75 -2.68
N LEU A 153 1.36 3.22 -3.68
CA LEU A 153 0.82 2.61 -4.88
C LEU A 153 0.05 1.32 -4.61
N ILE A 154 -0.45 0.70 -5.69
CA ILE A 154 -1.17 -0.57 -5.65
C ILE A 154 -0.72 -1.41 -6.85
N ILE A 155 -0.53 -2.71 -6.64
CA ILE A 155 -0.05 -3.61 -7.68
C ILE A 155 -0.89 -4.89 -7.67
N LYS A 156 -1.72 -5.07 -8.70
CA LYS A 156 -2.61 -6.21 -8.90
C LYS A 156 -3.55 -6.47 -7.73
N GLY A 157 -3.62 -5.54 -6.77
CA GLY A 157 -4.43 -5.69 -5.58
C GLY A 157 -3.58 -5.67 -4.31
N ILE A 158 -2.28 -5.38 -4.45
CA ILE A 158 -1.36 -5.30 -3.32
C ILE A 158 -0.90 -3.86 -3.18
N SER A 159 -1.46 -3.15 -2.20
CA SER A 159 -0.99 -1.81 -1.89
C SER A 159 0.46 -1.90 -1.42
N VAL A 160 1.37 -1.22 -2.12
CA VAL A 160 2.76 -1.15 -1.71
C VAL A 160 3.18 0.30 -1.54
N HIS A 161 3.89 0.57 -0.44
CA HIS A 161 4.40 1.90 -0.17
C HIS A 161 5.65 2.13 -1.01
N ILE A 162 6.02 3.39 -1.20
CA ILE A 162 7.22 3.76 -1.95
C ILE A 162 7.93 4.83 -1.14
N SER A 163 9.26 4.79 -1.13
CA SER A 163 10.03 5.74 -0.36
C SER A 163 11.37 6.05 -1.05
N ASN A 164 12.13 6.95 -0.44
CA ASN A 164 13.41 7.40 -0.97
C ASN A 164 14.49 6.34 -0.75
N ALA A 165 14.86 5.62 -1.81
CA ALA A 165 15.96 4.68 -1.76
C ALA A 165 17.23 5.40 -1.34
N GLU A 166 18.19 4.60 -0.87
CA GLU A 166 19.49 5.04 -0.43
C GLU A 166 20.51 4.19 -1.18
N PRO A 167 20.79 4.52 -2.44
CA PRO A 167 21.67 3.78 -3.31
C PRO A 167 22.96 3.37 -2.61
N LYS A 168 23.26 2.08 -2.71
CA LYS A 168 24.47 1.47 -2.20
C LYS A 168 25.69 2.39 -2.25
N HIS A 169 26.04 2.97 -1.11
CA HIS A 169 27.22 3.83 -0.95
C HIS A 169 27.37 4.87 -2.07
N ASN A 170 26.25 5.30 -2.67
CA ASN A 170 26.28 6.22 -3.81
C ASN A 170 24.99 7.03 -3.88
N SER A 171 24.36 7.30 -2.73
CA SER A 171 23.10 8.03 -2.67
C SER A 171 23.18 9.40 -3.34
N ASN A 172 22.00 9.90 -3.76
CA ASN A 172 21.77 11.16 -4.47
C ASN A 172 22.73 11.41 -5.64
N ARG A 173 22.61 12.59 -6.26
CA ARG A 173 23.41 12.98 -7.41
C ARG A 173 23.63 14.50 -7.42
N GLN A 174 23.41 15.16 -6.29
CA GLN A 174 23.51 16.61 -6.19
C GLN A 174 24.11 17.02 -4.84
#